data_2LL6
#
_entry.id   2LL6
#
loop_
_entity.id
_entity.type
_entity.pdbx_description
1 polymer Calmodulin
2 polymer 'Nitric oxide synthase, inducible'
#
loop_
_entity_poly.entity_id
_entity_poly.type
_entity_poly.pdbx_seq_one_letter_code
_entity_poly.pdbx_strand_id
1 'polypeptide(L)'
;ADQLTEEQIAEFKEAFSLFDKDGDGTITTKELGTVMRSLGQNPTEAELQDMINEVDADGNGTIDFPEFLTMMARKMKDTD
SEEEIREAFRVFDKDGNGYISAAELRHVMTNLGEKLTDEEVDEMIREADIDGDGQVNYEEFVQMMTAK
;
A
2 'polypeptide(L)' LKVLVKAVLFACMLMRK B
#
# COMPACT_ATOMS: atom_id res chain seq x y z
N ALA A 1 5.93 -13.10 -11.87
CA ALA A 1 5.14 -14.10 -12.65
C ALA A 1 3.92 -13.44 -13.31
N ASP A 2 3.24 -12.57 -12.57
CA ASP A 2 2.06 -11.87 -13.07
C ASP A 2 2.42 -10.45 -13.51
N GLN A 3 1.89 -10.05 -14.67
CA GLN A 3 2.16 -8.72 -15.23
C GLN A 3 0.91 -7.83 -15.15
N LEU A 4 1.15 -6.52 -15.05
CA LEU A 4 0.08 -5.52 -14.97
C LEU A 4 -0.27 -4.97 -16.36
N THR A 5 -1.56 -4.71 -16.58
CA THR A 5 -2.03 -4.18 -17.86
C THR A 5 -2.42 -2.71 -17.75
N GLU A 6 -2.95 -2.14 -18.86
CA GLU A 6 -3.37 -0.72 -18.93
C GLU A 6 -4.47 -0.38 -17.90
N GLU A 7 -5.17 -1.43 -17.48
CA GLU A 7 -6.27 -1.36 -16.50
C GLU A 7 -5.69 -1.25 -15.10
N GLN A 8 -4.68 -2.12 -14.87
CA GLN A 8 -3.92 -2.17 -13.64
C GLN A 8 -3.04 -0.93 -13.55
N ILE A 9 -2.74 -0.39 -14.74
CA ILE A 9 -1.94 0.82 -14.87
C ILE A 9 -2.72 2.06 -14.39
N ALA A 10 -4.05 2.04 -14.58
CA ALA A 10 -4.93 3.14 -14.16
C ALA A 10 -5.07 3.21 -12.65
N GLU A 11 -4.93 2.05 -11.98
CA GLU A 11 -5.02 1.94 -10.52
C GLU A 11 -3.76 2.47 -9.83
N PHE A 12 -2.63 2.40 -10.54
CA PHE A 12 -1.31 2.84 -10.08
C PHE A 12 -1.23 4.37 -10.10
N LYS A 13 -1.64 4.96 -11.24
CA LYS A 13 -1.67 6.42 -11.40
C LYS A 13 -2.68 6.99 -10.40
N GLU A 14 -3.76 6.21 -10.21
CA GLU A 14 -4.80 6.53 -9.24
C GLU A 14 -4.27 6.28 -7.83
N ALA A 15 -3.38 5.26 -7.70
CA ALA A 15 -2.77 4.94 -6.40
C ALA A 15 -1.67 5.96 -6.03
N PHE A 16 -1.13 6.63 -7.05
CA PHE A 16 -0.06 7.64 -6.89
C PHE A 16 -0.60 8.96 -6.31
N SER A 17 -1.91 9.21 -6.48
CA SER A 17 -2.54 10.46 -5.99
C SER A 17 -2.68 10.50 -4.47
N LEU A 18 -2.55 9.34 -3.81
CA LEU A 18 -2.62 9.26 -2.34
C LEU A 18 -1.32 9.81 -1.73
N PHE A 19 -0.20 9.48 -2.39
CA PHE A 19 1.13 9.94 -1.97
C PHE A 19 1.49 11.28 -2.63
N ASP A 20 0.72 11.67 -3.67
CA ASP A 20 0.97 12.90 -4.41
C ASP A 20 -0.22 13.86 -4.26
N LYS A 21 -0.28 14.50 -3.09
CA LYS A 21 -1.33 15.46 -2.76
C LYS A 21 -1.15 16.81 -3.49
N ASP A 22 -0.12 16.90 -4.34
CA ASP A 22 0.18 18.12 -5.11
C ASP A 22 -0.40 18.02 -6.53
N GLY A 23 -0.43 16.79 -7.09
CA GLY A 23 -0.94 16.57 -8.44
C GLY A 23 0.05 16.88 -9.55
N ASP A 24 1.35 16.76 -9.25
CA ASP A 24 2.41 17.02 -10.22
C ASP A 24 3.13 15.73 -10.64
N GLY A 25 2.99 14.69 -9.81
CA GLY A 25 3.62 13.41 -10.06
C GLY A 25 4.94 13.29 -9.35
N THR A 26 4.86 13.47 -8.06
CA THR A 26 5.99 13.42 -7.16
C THR A 26 5.58 12.93 -5.79
N ILE A 27 6.48 12.17 -5.17
CA ILE A 27 6.26 11.68 -3.83
C ILE A 27 7.49 12.10 -3.07
N THR A 28 7.37 13.28 -2.50
CA THR A 28 8.47 13.92 -1.83
C THR A 28 8.76 13.25 -0.50
N THR A 29 9.96 13.54 0.00
CA THR A 29 10.44 13.00 1.24
C THR A 29 9.51 13.22 2.42
N LYS A 30 8.87 14.40 2.46
CA LYS A 30 7.94 14.76 3.54
C LYS A 30 6.59 14.07 3.41
N GLU A 31 6.18 13.74 2.17
CA GLU A 31 4.91 13.05 1.90
C GLU A 31 4.98 11.56 2.25
N LEU A 32 6.18 10.97 2.11
CA LEU A 32 6.41 9.55 2.41
C LEU A 32 6.42 9.30 3.92
N GLY A 33 7.07 10.20 4.68
CA GLY A 33 7.11 10.06 6.13
C GLY A 33 5.78 10.37 6.79
N THR A 34 4.92 11.15 6.09
CA THR A 34 3.56 11.45 6.57
C THR A 34 2.78 10.14 6.62
N VAL A 35 3.17 9.25 5.71
CA VAL A 35 2.65 7.91 5.62
C VAL A 35 3.29 7.06 6.74
N MET A 36 4.53 7.44 7.11
CA MET A 36 5.32 6.77 8.16
C MET A 36 4.78 7.08 9.56
N ARG A 37 4.23 8.29 9.74
CA ARG A 37 3.68 8.72 11.04
C ARG A 37 2.29 8.10 11.30
N SER A 38 1.61 7.71 10.22
CA SER A 38 0.28 7.09 10.31
C SER A 38 0.41 5.56 10.46
N LEU A 39 1.62 5.05 10.22
CA LEU A 39 1.92 3.63 10.33
C LEU A 39 2.37 3.24 11.75
N GLY A 40 2.87 4.24 12.49
CA GLY A 40 3.33 4.02 13.86
C GLY A 40 4.85 4.00 13.98
N GLN A 41 5.53 4.72 13.07
CA GLN A 41 6.99 4.78 13.07
C GLN A 41 7.48 6.24 13.13
N ASN A 42 8.68 6.42 13.68
CA ASN A 42 9.30 7.75 13.81
C ASN A 42 10.17 8.05 12.58
N PRO A 43 9.77 9.01 11.68
CA PRO A 43 10.54 9.35 10.48
C PRO A 43 11.74 10.26 10.76
N THR A 44 12.89 9.89 10.20
CA THR A 44 14.12 10.65 10.35
C THR A 44 14.56 11.23 9.01
N GLU A 45 15.38 12.28 9.05
CA GLU A 45 15.87 12.93 7.82
C GLU A 45 16.85 12.05 7.03
N ALA A 46 17.50 11.11 7.75
CA ALA A 46 18.47 10.19 7.15
C ALA A 46 17.76 9.12 6.34
N GLU A 47 16.61 8.69 6.88
CA GLU A 47 15.78 7.64 6.30
C GLU A 47 14.95 8.14 5.11
N LEU A 48 14.35 9.31 5.28
CA LEU A 48 13.48 9.96 4.27
C LEU A 48 14.18 10.10 2.90
N GLN A 49 15.40 10.68 2.93
CA GLN A 49 16.21 10.89 1.71
C GLN A 49 16.82 9.58 1.20
N ASP A 50 16.98 8.62 2.11
CA ASP A 50 17.56 7.31 1.79
C ASP A 50 16.55 6.46 0.98
N MET A 51 15.28 6.54 1.36
CA MET A 51 14.19 5.79 0.69
C MET A 51 13.91 6.36 -0.71
N ILE A 52 13.98 7.70 -0.81
CA ILE A 52 13.75 8.41 -2.07
C ILE A 52 14.83 8.10 -3.12
N ASN A 53 16.10 8.23 -2.72
CA ASN A 53 17.23 8.01 -3.63
C ASN A 53 17.28 6.58 -4.23
N GLU A 54 16.37 5.73 -3.76
CA GLU A 54 16.25 4.36 -4.24
C GLU A 54 15.49 4.33 -5.58
N VAL A 55 14.40 5.11 -5.62
CA VAL A 55 13.56 5.21 -6.83
C VAL A 55 13.71 6.57 -7.51
N ASP A 56 14.00 7.63 -6.74
CA ASP A 56 14.20 8.98 -7.27
C ASP A 56 15.07 9.01 -8.55
N ALA A 57 14.43 9.36 -9.67
CA ALA A 57 15.12 9.45 -10.98
C ALA A 57 15.89 10.76 -11.13
N ASP A 58 15.34 11.84 -10.58
CA ASP A 58 15.95 13.18 -10.64
C ASP A 58 16.95 13.42 -9.51
N GLY A 59 16.64 12.90 -8.31
CA GLY A 59 17.51 13.05 -7.15
C GLY A 59 17.36 14.41 -6.47
N ASN A 60 16.13 14.72 -6.07
CA ASN A 60 15.82 15.99 -5.39
C ASN A 60 14.92 15.76 -4.15
N GLY A 61 14.63 14.49 -3.86
CA GLY A 61 13.79 14.12 -2.73
C GLY A 61 12.35 13.85 -3.14
N THR A 62 12.14 13.45 -4.39
CA THR A 62 10.83 13.17 -4.91
C THR A 62 10.85 11.96 -5.81
N ILE A 63 9.78 11.18 -5.73
CA ILE A 63 9.62 9.98 -6.52
C ILE A 63 8.60 10.26 -7.63
N ASP A 64 8.87 9.74 -8.83
CA ASP A 64 7.97 9.96 -9.95
C ASP A 64 7.14 8.72 -10.25
N PHE A 65 6.10 8.88 -11.08
CA PHE A 65 5.18 7.79 -11.46
C PHE A 65 5.82 6.70 -12.36
N PRO A 66 6.78 7.01 -13.30
CA PRO A 66 7.38 5.97 -14.17
C PRO A 66 8.19 4.90 -13.42
N GLU A 67 9.07 5.34 -12.51
CA GLU A 67 9.90 4.41 -11.72
C GLU A 67 9.15 3.82 -10.52
N PHE A 68 8.01 4.41 -10.15
CA PHE A 68 7.21 3.89 -9.03
C PHE A 68 6.69 2.50 -9.37
N LEU A 69 6.33 2.36 -10.64
CA LEU A 69 5.86 1.10 -11.22
C LEU A 69 7.03 0.13 -11.38
N THR A 70 8.24 0.72 -11.37
CA THR A 70 9.50 0.00 -11.53
C THR A 70 9.89 -0.82 -10.28
N MET A 71 9.59 -0.27 -9.09
CA MET A 71 9.93 -0.91 -7.81
C MET A 71 9.03 -2.12 -7.48
N MET A 72 7.72 -1.99 -7.69
CA MET A 72 6.76 -3.07 -7.37
C MET A 72 6.89 -4.29 -8.30
N ALA A 73 7.03 -4.03 -9.60
CA ALA A 73 7.13 -5.10 -10.62
C ALA A 73 8.48 -5.85 -10.56
N ARG A 74 9.48 -5.26 -9.87
CA ARG A 74 10.81 -5.86 -9.74
C ARG A 74 10.84 -7.05 -8.79
N LYS A 75 10.52 -6.80 -7.50
CA LYS A 75 10.51 -7.86 -6.48
C LYS A 75 9.29 -8.76 -6.57
N MET A 76 8.33 -8.39 -7.43
CA MET A 76 7.15 -9.21 -7.64
C MET A 76 7.45 -10.31 -8.66
N LYS A 77 8.73 -10.41 -9.05
CA LYS A 77 9.17 -11.41 -10.03
C LYS A 77 10.03 -12.52 -9.41
N ASP A 78 10.19 -12.51 -8.08
CA ASP A 78 11.02 -13.52 -7.40
C ASP A 78 10.19 -14.68 -6.85
N THR A 79 8.88 -14.51 -6.90
CA THR A 79 7.88 -15.49 -6.42
C THR A 79 7.99 -15.77 -4.92
N ASP A 80 9.01 -15.20 -4.28
CA ASP A 80 9.20 -15.31 -2.84
C ASP A 80 8.58 -14.07 -2.21
N SER A 81 7.63 -13.49 -2.97
CA SER A 81 6.91 -12.28 -2.60
C SER A 81 5.87 -12.52 -1.50
N GLU A 82 5.81 -13.76 -1.00
CA GLU A 82 4.88 -14.15 0.06
C GLU A 82 5.31 -13.57 1.42
N GLU A 83 6.60 -13.31 1.56
CA GLU A 83 7.17 -12.74 2.77
C GLU A 83 6.87 -11.23 2.89
N GLU A 84 6.61 -10.61 1.72
CA GLU A 84 6.30 -9.17 1.65
C GLU A 84 4.82 -8.91 1.99
N ILE A 85 3.95 -9.90 1.71
CA ILE A 85 2.51 -9.81 1.98
C ILE A 85 2.20 -9.90 3.45
N ARG A 86 3.10 -10.54 4.18
CA ARG A 86 2.98 -10.66 5.60
C ARG A 86 3.06 -9.28 6.24
N GLU A 87 3.63 -8.34 5.48
CA GLU A 87 3.78 -6.97 5.89
C GLU A 87 2.46 -6.19 5.77
N ALA A 88 1.68 -6.49 4.73
CA ALA A 88 0.39 -5.84 4.50
C ALA A 88 -0.67 -6.35 5.48
N PHE A 89 -0.51 -7.62 5.90
CA PHE A 89 -1.42 -8.28 6.84
C PHE A 89 -1.29 -7.75 8.26
N ARG A 90 -0.07 -7.41 8.65
CA ARG A 90 0.19 -6.89 9.99
C ARG A 90 -0.28 -5.43 10.14
N VAL A 91 -0.30 -4.69 9.03
CA VAL A 91 -0.76 -3.29 9.02
C VAL A 91 -2.30 -3.24 9.06
N PHE A 92 -2.95 -4.23 8.38
CA PHE A 92 -4.40 -4.32 8.34
C PHE A 92 -4.95 -5.04 9.57
N ASP A 93 -4.51 -6.28 9.73
CA ASP A 93 -4.92 -7.12 10.86
C ASP A 93 -3.84 -7.04 11.96
N LYS A 94 -4.01 -6.05 12.86
CA LYS A 94 -3.06 -5.79 13.95
C LYS A 94 -3.00 -6.90 15.02
N ASP A 95 -4.16 -7.41 15.43
CA ASP A 95 -4.22 -8.44 16.47
C ASP A 95 -4.26 -9.86 15.90
N GLY A 96 -4.09 -9.94 14.58
CA GLY A 96 -4.11 -11.21 13.84
C GLY A 96 -5.24 -12.13 14.19
N ASN A 97 -6.45 -11.76 13.81
CA ASN A 97 -7.62 -12.60 14.03
C ASN A 97 -7.67 -13.64 12.90
N GLY A 98 -6.50 -13.78 12.21
CA GLY A 98 -6.39 -14.69 11.08
C GLY A 98 -6.83 -14.05 9.77
N TYR A 99 -7.72 -13.05 9.89
CA TYR A 99 -8.27 -12.32 8.74
C TYR A 99 -8.39 -10.82 9.09
N ILE A 100 -8.81 -9.98 8.13
CA ILE A 100 -8.91 -8.54 8.37
C ILE A 100 -10.28 -8.12 8.89
N SER A 101 -10.30 -7.68 10.15
CA SER A 101 -11.53 -7.25 10.84
C SER A 101 -11.91 -5.81 10.46
N ALA A 102 -13.22 -5.52 10.56
CA ALA A 102 -13.78 -4.20 10.24
C ALA A 102 -13.37 -3.13 11.25
N ALA A 103 -13.17 -3.54 12.51
CA ALA A 103 -12.78 -2.64 13.59
C ALA A 103 -11.35 -2.10 13.42
N GLU A 104 -10.44 -2.97 12.97
CA GLU A 104 -9.05 -2.60 12.74
C GLU A 104 -8.86 -1.82 11.43
N LEU A 105 -9.65 -2.18 10.41
CA LEU A 105 -9.60 -1.51 9.10
C LEU A 105 -9.98 -0.04 9.23
N ARG A 106 -10.97 0.23 10.10
CA ARG A 106 -11.44 1.59 10.36
C ARG A 106 -10.32 2.47 10.90
N HIS A 107 -9.63 1.97 11.93
CA HIS A 107 -8.50 2.66 12.58
C HIS A 107 -7.41 3.05 11.59
N VAL A 108 -7.21 2.22 10.57
CA VAL A 108 -6.20 2.48 9.54
C VAL A 108 -6.62 3.66 8.66
N MET A 109 -7.91 3.74 8.47
CA MET A 109 -8.56 4.80 7.68
C MET A 109 -8.64 6.11 8.48
N THR A 110 -8.94 5.95 9.78
CA THR A 110 -9.07 7.07 10.72
C THR A 110 -7.70 7.64 11.12
N ASN A 111 -6.66 6.79 11.09
CA ASN A 111 -5.29 7.20 11.45
C ASN A 111 -4.64 8.05 10.35
N LEU A 112 -5.21 7.97 9.15
CA LEU A 112 -4.75 8.72 8.00
C LEU A 112 -5.28 10.16 7.99
N GLY A 113 -6.18 10.45 8.95
CA GLY A 113 -6.77 11.78 9.06
C GLY A 113 -8.07 11.92 8.27
N GLU A 114 -8.81 10.82 8.18
CA GLU A 114 -10.09 10.79 7.46
C GLU A 114 -11.16 10.05 8.27
N LYS A 115 -12.43 10.40 8.03
CA LYS A 115 -13.56 9.78 8.73
C LYS A 115 -14.48 9.08 7.74
N LEU A 116 -14.55 7.75 7.85
CA LEU A 116 -15.40 6.94 6.99
C LEU A 116 -16.42 6.14 7.80
N THR A 117 -17.52 5.75 7.14
CA THR A 117 -18.59 4.99 7.78
C THR A 117 -18.39 3.47 7.60
N ASP A 118 -19.17 2.69 8.36
CA ASP A 118 -19.11 1.22 8.32
C ASP A 118 -19.68 0.63 7.02
N GLU A 119 -20.59 1.40 6.39
CA GLU A 119 -21.24 1.01 5.13
C GLU A 119 -20.23 0.76 4.00
N GLU A 120 -19.12 1.51 4.02
CA GLU A 120 -18.06 1.39 3.01
C GLU A 120 -17.20 0.16 3.24
N VAL A 121 -17.08 -0.21 4.52
CA VAL A 121 -16.31 -1.37 4.97
C VAL A 121 -16.91 -2.68 4.42
N ASP A 122 -18.23 -2.69 4.25
CA ASP A 122 -18.97 -3.84 3.72
C ASP A 122 -18.57 -4.10 2.26
N GLU A 123 -18.20 -3.02 1.56
CA GLU A 123 -17.76 -3.05 0.16
C GLU A 123 -16.41 -3.75 0.00
N MET A 124 -15.55 -3.69 1.03
CA MET A 124 -14.22 -4.29 0.99
C MET A 124 -14.31 -5.80 1.14
N ILE A 125 -15.34 -6.20 1.89
CA ILE A 125 -15.62 -7.60 2.20
C ILE A 125 -16.19 -8.35 1.02
N ARG A 126 -17.09 -7.73 0.29
CA ARG A 126 -17.69 -8.35 -0.88
C ARG A 126 -16.65 -8.41 -2.02
N GLU A 127 -15.63 -7.57 -1.84
CA GLU A 127 -14.54 -7.41 -2.80
C GLU A 127 -13.42 -8.42 -2.56
N ALA A 128 -13.29 -8.89 -1.31
CA ALA A 128 -12.23 -9.83 -0.94
C ALA A 128 -12.75 -11.11 -0.27
N ASP A 129 -13.99 -11.11 0.25
CA ASP A 129 -14.53 -12.31 0.90
C ASP A 129 -15.27 -13.19 -0.10
N ILE A 130 -14.73 -14.39 -0.28
CA ILE A 130 -15.23 -15.41 -1.23
C ILE A 130 -16.44 -16.13 -0.67
N ASP A 131 -16.37 -16.43 0.62
CA ASP A 131 -17.43 -17.09 1.33
C ASP A 131 -18.16 -16.05 2.18
N GLY A 132 -17.68 -14.80 2.09
CA GLY A 132 -18.29 -13.68 2.81
C GLY A 132 -18.29 -13.84 4.31
N ASP A 133 -17.09 -13.91 4.88
CA ASP A 133 -16.91 -14.06 6.33
C ASP A 133 -16.87 -12.71 7.07
N GLY A 134 -16.81 -11.61 6.31
CA GLY A 134 -16.78 -10.26 6.89
C GLY A 134 -15.38 -9.77 7.23
N GLN A 135 -14.36 -10.63 7.07
CA GLN A 135 -12.97 -10.26 7.35
C GLN A 135 -12.07 -10.66 6.18
N VAL A 136 -10.88 -10.04 6.08
CA VAL A 136 -9.97 -10.33 4.95
C VAL A 136 -8.77 -11.21 5.32
N ASN A 137 -8.66 -12.35 4.63
CA ASN A 137 -7.57 -13.29 4.85
C ASN A 137 -6.40 -13.03 3.90
N TYR A 138 -5.25 -13.57 4.29
CA TYR A 138 -3.98 -13.46 3.57
C TYR A 138 -3.95 -14.24 2.24
N GLU A 139 -4.71 -15.34 2.20
CA GLU A 139 -4.78 -16.25 1.05
C GLU A 139 -5.58 -15.62 -0.07
N GLU A 140 -6.65 -14.94 0.35
CA GLU A 140 -7.51 -14.19 -0.55
C GLU A 140 -6.79 -12.90 -0.90
N PHE A 141 -6.04 -12.43 0.10
CA PHE A 141 -5.23 -11.22 0.00
C PHE A 141 -4.18 -11.32 -1.10
N VAL A 142 -3.59 -12.52 -1.22
CA VAL A 142 -2.58 -12.84 -2.21
C VAL A 142 -3.16 -12.73 -3.64
N GLN A 143 -4.37 -13.28 -3.79
CA GLN A 143 -5.11 -13.28 -5.05
C GLN A 143 -5.64 -11.89 -5.41
N MET A 144 -5.88 -11.06 -4.37
CA MET A 144 -6.41 -9.69 -4.53
C MET A 144 -5.46 -8.78 -5.34
N MET A 145 -4.18 -9.14 -5.41
CA MET A 145 -3.17 -8.35 -6.15
C MET A 145 -3.30 -8.53 -7.67
N THR A 146 -3.74 -9.72 -8.09
CA THR A 146 -3.92 -10.03 -9.51
C THR A 146 -5.37 -9.77 -9.98
N ALA A 147 -6.19 -9.17 -9.10
CA ALA A 147 -7.59 -8.85 -9.39
C ALA A 147 -7.71 -7.50 -10.09
N LYS A 148 -8.51 -7.48 -11.17
CA LYS A 148 -8.73 -6.26 -11.94
C LYS A 148 -10.08 -5.62 -11.58
N LEU B 1 -11.01 -4.09 -0.93
CA LEU B 1 -9.54 -3.86 -0.95
C LEU B 1 -8.94 -4.19 -2.30
N LYS B 2 -8.26 -3.20 -2.90
CA LYS B 2 -7.60 -3.34 -4.22
C LYS B 2 -6.63 -2.18 -4.48
N VAL B 3 -7.08 -0.98 -4.09
CA VAL B 3 -6.27 0.25 -4.25
C VAL B 3 -5.36 0.47 -3.05
N LEU B 4 -5.97 0.44 -1.86
CA LEU B 4 -5.26 0.63 -0.58
C LEU B 4 -4.28 -0.53 -0.28
N VAL B 5 -4.36 -1.61 -1.06
CA VAL B 5 -3.50 -2.80 -0.90
C VAL B 5 -2.12 -2.55 -1.53
N LYS B 6 -2.10 -1.76 -2.62
CA LYS B 6 -0.86 -1.43 -3.34
C LYS B 6 -0.02 -0.37 -2.60
N ALA B 7 -0.70 0.49 -1.83
CA ALA B 7 -0.03 1.56 -1.06
C ALA B 7 0.76 1.04 0.14
N VAL B 8 0.28 -0.06 0.74
CA VAL B 8 0.92 -0.68 1.92
C VAL B 8 2.19 -1.47 1.51
N LEU B 9 2.14 -2.11 0.33
CA LEU B 9 3.27 -2.90 -0.19
C LEU B 9 4.51 -2.04 -0.49
N PHE B 10 4.28 -0.78 -0.89
CA PHE B 10 5.37 0.16 -1.21
C PHE B 10 6.09 0.66 0.05
N ALA B 11 5.31 0.94 1.10
CA ALA B 11 5.86 1.44 2.38
C ALA B 11 6.62 0.35 3.15
N CYS B 12 6.23 -0.92 2.93
CA CYS B 12 6.88 -2.07 3.59
C CYS B 12 8.23 -2.42 2.96
N MET B 13 8.41 -2.05 1.68
CA MET B 13 9.66 -2.31 0.96
C MET B 13 10.68 -1.18 1.15
N LEU B 14 10.16 0.03 1.41
CA LEU B 14 11.01 1.21 1.61
C LEU B 14 11.40 1.39 3.08
N MET B 15 10.66 0.71 3.97
CA MET B 15 10.92 0.78 5.42
C MET B 15 11.88 -0.30 5.88
N ARG B 16 11.84 -1.47 5.22
CA ARG B 16 12.71 -2.60 5.54
C ARG B 16 14.06 -2.49 4.81
N LYS B 17 14.30 -1.32 4.19
CA LYS B 17 15.53 -1.06 3.45
C LYS B 17 16.50 -0.22 4.29
N ALA A 1 0.55 -14.20 -21.63
CA ALA A 1 0.73 -12.93 -20.88
C ALA A 1 1.25 -13.19 -19.47
N ASP A 2 2.05 -12.25 -18.96
CA ASP A 2 2.63 -12.35 -17.63
C ASP A 2 2.37 -11.09 -16.80
N GLN A 3 2.54 -9.92 -17.43
CA GLN A 3 2.33 -8.63 -16.78
C GLN A 3 1.22 -7.84 -17.47
N LEU A 4 0.52 -7.01 -16.69
CA LEU A 4 -0.57 -6.19 -17.20
C LEU A 4 -0.08 -4.80 -17.59
N THR A 5 -0.83 -4.13 -18.48
CA THR A 5 -0.48 -2.80 -18.97
C THR A 5 -1.36 -1.73 -18.32
N GLU A 6 -2.08 -1.00 -19.17
CA GLU A 6 -3.00 0.10 -18.76
C GLU A 6 -4.01 -0.30 -17.66
N GLU A 7 -4.08 -1.61 -17.37
CA GLU A 7 -5.00 -2.16 -16.35
C GLU A 7 -4.40 -1.92 -14.97
N GLN A 8 -3.18 -2.45 -14.81
CA GLN A 8 -2.40 -2.29 -13.59
C GLN A 8 -1.79 -0.90 -13.52
N ILE A 9 -1.55 -0.36 -14.73
CA ILE A 9 -0.97 0.97 -14.89
C ILE A 9 -1.94 2.08 -14.43
N ALA A 10 -3.25 1.84 -14.63
CA ALA A 10 -4.29 2.80 -14.23
C ALA A 10 -4.48 2.81 -12.70
N GLU A 11 -4.24 1.65 -12.07
CA GLU A 11 -4.34 1.50 -10.61
C GLU A 11 -3.15 2.12 -9.89
N PHE A 12 -2.04 2.24 -10.64
CA PHE A 12 -0.77 2.79 -10.18
C PHE A 12 -0.84 4.31 -10.07
N LYS A 13 -1.32 4.95 -11.15
CA LYS A 13 -1.51 6.40 -11.20
C LYS A 13 -2.60 6.79 -10.20
N GLU A 14 -3.58 5.87 -10.07
CA GLU A 14 -4.66 6.01 -9.12
C GLU A 14 -4.15 5.74 -7.71
N ALA A 15 -3.21 4.78 -7.60
CA ALA A 15 -2.60 4.45 -6.29
C ALA A 15 -1.58 5.51 -5.85
N PHE A 16 -1.09 6.29 -6.83
CA PHE A 16 -0.09 7.35 -6.60
C PHE A 16 -0.70 8.60 -5.95
N SER A 17 -2.03 8.74 -6.04
CA SER A 17 -2.74 9.91 -5.48
C SER A 17 -2.79 9.90 -3.95
N LEU A 18 -2.67 8.70 -3.34
CA LEU A 18 -2.67 8.57 -1.88
C LEU A 18 -1.39 9.16 -1.29
N PHE A 19 -0.29 8.94 -2.01
CA PHE A 19 1.03 9.46 -1.61
C PHE A 19 1.29 10.84 -2.20
N ASP A 20 0.54 11.20 -3.26
CA ASP A 20 0.67 12.49 -3.93
C ASP A 20 -0.62 13.28 -3.78
N LYS A 21 -0.76 13.92 -2.62
CA LYS A 21 -1.92 14.75 -2.28
C LYS A 21 -1.92 16.10 -3.03
N ASP A 22 -0.90 16.31 -3.87
CA ASP A 22 -0.77 17.55 -4.65
C ASP A 22 -1.34 17.38 -6.06
N GLY A 23 -1.22 16.15 -6.61
CA GLY A 23 -1.73 15.84 -7.95
C GLY A 23 -0.77 16.26 -9.07
N ASP A 24 0.53 16.25 -8.79
CA ASP A 24 1.55 16.62 -9.77
C ASP A 24 2.38 15.40 -10.20
N GLY A 25 2.32 14.34 -9.39
CA GLY A 25 3.06 13.11 -9.65
C GLY A 25 4.40 13.11 -8.99
N THR A 26 4.32 13.26 -7.67
CA THR A 26 5.47 13.31 -6.81
C THR A 26 5.15 12.75 -5.43
N ILE A 27 6.12 12.09 -4.84
CA ILE A 27 5.98 11.55 -3.50
C ILE A 27 7.17 12.10 -2.78
N THR A 28 6.91 13.21 -2.13
CA THR A 28 7.94 13.96 -1.47
C THR A 28 8.41 13.28 -0.21
N THR A 29 9.58 13.71 0.23
CA THR A 29 10.20 13.18 1.43
C THR A 29 9.32 13.39 2.67
N LYS A 30 8.58 14.50 2.67
CA LYS A 30 7.67 14.85 3.77
C LYS A 30 6.39 14.02 3.76
N GLU A 31 5.91 13.66 2.56
CA GLU A 31 4.69 12.84 2.39
C GLU A 31 4.94 11.36 2.70
N LEU A 32 6.20 10.92 2.58
CA LEU A 32 6.58 9.53 2.85
C LEU A 32 6.58 9.23 4.35
N GLY A 33 7.13 10.16 5.15
CA GLY A 33 7.15 9.97 6.60
C GLY A 33 5.77 10.15 7.23
N THR A 34 4.88 10.85 6.50
CA THR A 34 3.49 11.03 6.95
C THR A 34 2.82 9.67 6.95
N VAL A 35 3.29 8.84 6.01
CA VAL A 35 2.89 7.45 5.87
C VAL A 35 3.57 6.64 6.99
N MET A 36 4.75 7.14 7.42
CA MET A 36 5.55 6.51 8.48
C MET A 36 4.94 6.72 9.87
N ARG A 37 4.36 7.90 10.09
CA ARG A 37 3.74 8.24 11.38
C ARG A 37 2.39 7.54 11.58
N SER A 38 1.72 7.20 10.47
CA SER A 38 0.43 6.51 10.50
C SER A 38 0.62 4.99 10.47
N LEU A 39 1.86 4.57 10.17
CA LEU A 39 2.22 3.16 10.10
C LEU A 39 2.80 2.65 11.43
N GLY A 40 3.28 3.58 12.26
CA GLY A 40 3.86 3.23 13.56
C GLY A 40 5.37 3.32 13.57
N GLN A 41 5.94 4.11 12.65
CA GLN A 41 7.39 4.30 12.56
C GLN A 41 7.75 5.79 12.64
N ASN A 42 8.96 6.07 13.14
CA ASN A 42 9.43 7.45 13.27
C ASN A 42 10.29 7.85 12.06
N PRO A 43 9.84 8.85 11.24
CA PRO A 43 10.60 9.30 10.05
C PRO A 43 11.77 10.22 10.38
N THR A 44 12.93 9.94 9.77
CA THR A 44 14.13 10.75 9.96
C THR A 44 14.52 11.46 8.66
N GLU A 45 15.28 12.56 8.79
CA GLU A 45 15.68 13.38 7.64
C GLU A 45 16.63 12.66 6.68
N ALA A 46 17.67 12.00 7.21
CA ALA A 46 18.63 11.27 6.38
C ALA A 46 17.99 9.98 5.85
N GLU A 47 17.04 9.48 6.63
CA GLU A 47 16.29 8.28 6.35
C GLU A 47 15.20 8.49 5.28
N LEU A 48 14.67 9.72 5.20
CA LEU A 48 13.63 10.06 4.21
C LEU A 48 14.21 10.21 2.81
N GLN A 49 15.35 10.91 2.71
CA GLN A 49 16.05 11.12 1.44
C GLN A 49 16.77 9.86 0.97
N ASP A 50 16.94 8.91 1.89
CA ASP A 50 17.58 7.63 1.61
C ASP A 50 16.66 6.73 0.75
N MET A 51 15.38 6.68 1.14
CA MET A 51 14.36 5.89 0.43
C MET A 51 14.02 6.50 -0.93
N ILE A 52 14.01 7.84 -0.99
CA ILE A 52 13.70 8.60 -2.21
C ILE A 52 14.76 8.39 -3.31
N ASN A 53 16.03 8.59 -2.95
CA ASN A 53 17.15 8.47 -3.90
C ASN A 53 17.25 7.08 -4.55
N GLU A 54 16.44 6.14 -4.07
CA GLU A 54 16.38 4.79 -4.59
C GLU A 54 15.58 4.75 -5.90
N VAL A 55 14.46 5.46 -5.91
CA VAL A 55 13.58 5.54 -7.08
C VAL A 55 13.66 6.92 -7.74
N ASP A 56 13.90 7.97 -6.94
CA ASP A 56 14.03 9.35 -7.44
C ASP A 56 14.94 9.46 -8.68
N ALA A 57 14.35 9.82 -9.82
CA ALA A 57 15.09 10.00 -11.07
C ALA A 57 15.79 11.36 -11.13
N ASP A 58 15.16 12.37 -10.50
CA ASP A 58 15.69 13.73 -10.46
C ASP A 58 16.66 13.95 -9.29
N GLY A 59 16.34 13.36 -8.13
CA GLY A 59 17.18 13.47 -6.94
C GLY A 59 16.99 14.78 -6.19
N ASN A 60 15.75 15.06 -5.78
CA ASN A 60 15.41 16.29 -5.05
C ASN A 60 14.52 15.98 -3.83
N GLY A 61 14.25 14.68 -3.60
CA GLY A 61 13.41 14.26 -2.48
C GLY A 61 11.97 14.02 -2.90
N THR A 62 11.77 13.68 -4.19
CA THR A 62 10.45 13.42 -4.72
C THR A 62 10.50 12.25 -5.67
N ILE A 63 9.51 11.39 -5.56
CA ILE A 63 9.39 10.21 -6.39
C ILE A 63 8.31 10.41 -7.44
N ASP A 64 8.53 9.89 -8.64
CA ASP A 64 7.55 10.05 -9.72
C ASP A 64 6.81 8.75 -10.00
N PHE A 65 5.70 8.85 -10.76
CA PHE A 65 4.85 7.71 -11.10
C PHE A 65 5.49 6.69 -12.09
N PRO A 66 6.35 7.10 -13.08
CA PRO A 66 6.95 6.14 -14.05
C PRO A 66 7.90 5.14 -13.38
N GLU A 67 8.81 5.63 -12.52
CA GLU A 67 9.77 4.76 -11.83
C GLU A 67 9.17 4.07 -10.60
N PHE A 68 7.92 4.41 -10.25
CA PHE A 68 7.25 3.79 -9.10
C PHE A 68 6.94 2.33 -9.40
N LEU A 69 6.56 2.09 -10.65
CA LEU A 69 6.25 0.77 -11.18
C LEU A 69 7.54 -0.04 -11.37
N THR A 70 8.67 0.67 -11.33
CA THR A 70 10.00 0.12 -11.52
C THR A 70 10.43 -0.81 -10.36
N MET A 71 10.21 -0.35 -9.13
CA MET A 71 10.57 -1.11 -7.92
C MET A 71 9.64 -2.29 -7.64
N MET A 72 8.37 -2.17 -8.04
CA MET A 72 7.36 -3.22 -7.82
C MET A 72 7.60 -4.46 -8.69
N ALA A 73 7.76 -4.24 -10.00
CA ALA A 73 7.98 -5.32 -10.98
C ALA A 73 9.38 -5.96 -10.87
N ARG A 74 10.26 -5.37 -10.06
CA ARG A 74 11.64 -5.86 -9.89
C ARG A 74 11.68 -7.14 -9.04
N LYS A 75 11.48 -6.98 -7.72
CA LYS A 75 11.52 -8.12 -6.77
C LYS A 75 10.25 -8.98 -6.80
N MET A 76 9.31 -8.64 -7.70
CA MET A 76 8.07 -9.40 -7.83
C MET A 76 8.31 -10.69 -8.66
N LYS A 77 9.56 -10.89 -9.10
CA LYS A 77 9.91 -12.06 -9.92
C LYS A 77 10.81 -13.07 -9.16
N ASP A 78 10.93 -12.92 -7.83
CA ASP A 78 11.77 -13.82 -7.03
C ASP A 78 10.96 -14.92 -6.35
N THR A 79 9.65 -14.78 -6.45
CA THR A 79 8.65 -15.72 -5.87
C THR A 79 8.75 -15.84 -4.34
N ASP A 80 9.75 -15.17 -3.77
CA ASP A 80 9.94 -15.12 -2.32
C ASP A 80 9.30 -13.82 -1.85
N SER A 81 8.34 -13.34 -2.67
CA SER A 81 7.62 -12.11 -2.44
C SER A 81 6.56 -12.24 -1.33
N GLU A 82 6.45 -13.45 -0.77
CA GLU A 82 5.52 -13.74 0.33
C GLU A 82 5.96 -13.06 1.63
N GLU A 83 7.23 -12.67 1.66
CA GLU A 83 7.82 -11.99 2.81
C GLU A 83 7.37 -10.52 2.84
N GLU A 84 6.83 -10.05 1.70
CA GLU A 84 6.31 -8.70 1.56
C GLU A 84 4.88 -8.60 2.12
N ILE A 85 4.07 -9.65 1.85
CA ILE A 85 2.66 -9.69 2.30
C ILE A 85 2.54 -9.94 3.80
N ARG A 86 3.48 -10.70 4.39
CA ARG A 86 3.48 -10.95 5.83
C ARG A 86 3.46 -9.60 6.56
N GLU A 87 4.09 -8.60 5.90
CA GLU A 87 4.15 -7.23 6.37
C GLU A 87 2.84 -6.48 6.12
N ALA A 88 2.18 -6.80 5.00
CA ALA A 88 0.89 -6.18 4.64
C ALA A 88 -0.25 -6.69 5.52
N PHE A 89 -0.09 -7.92 6.02
CA PHE A 89 -1.07 -8.58 6.87
C PHE A 89 -1.12 -7.97 8.26
N ARG A 90 0.04 -7.63 8.80
CA ARG A 90 0.14 -7.05 10.13
C ARG A 90 -0.34 -5.59 10.17
N VAL A 91 -0.29 -4.91 9.01
CA VAL A 91 -0.77 -3.53 8.88
C VAL A 91 -2.31 -3.50 8.79
N PHE A 92 -2.88 -4.59 8.23
CA PHE A 92 -4.34 -4.71 8.09
C PHE A 92 -4.96 -5.27 9.37
N ASP A 93 -4.54 -6.47 9.77
CA ASP A 93 -5.03 -7.09 11.00
C ASP A 93 -4.02 -6.84 12.14
N LYS A 94 -4.27 -5.77 12.89
CA LYS A 94 -3.39 -5.35 14.00
C LYS A 94 -3.37 -6.35 15.17
N ASP A 95 -4.54 -6.85 15.56
CA ASP A 95 -4.64 -7.80 16.67
C ASP A 95 -4.63 -9.25 16.19
N GLY A 96 -4.58 -9.40 14.88
CA GLY A 96 -4.56 -10.71 14.20
C GLY A 96 -5.57 -11.69 14.72
N ASN A 97 -6.85 -11.44 14.42
CA ASN A 97 -7.91 -12.36 14.81
C ASN A 97 -7.91 -13.54 13.81
N GLY A 98 -6.75 -13.72 13.15
CA GLY A 98 -6.61 -14.77 12.14
C GLY A 98 -6.94 -14.27 10.75
N TYR A 99 -7.82 -13.24 10.70
CA TYR A 99 -8.26 -12.62 9.46
C TYR A 99 -8.27 -11.09 9.63
N ILE A 100 -8.93 -10.35 8.71
CA ILE A 100 -8.95 -8.89 8.81
C ILE A 100 -10.35 -8.33 9.10
N SER A 101 -10.52 -7.80 10.33
CA SER A 101 -11.79 -7.24 10.78
C SER A 101 -12.00 -5.83 10.25
N ALA A 102 -13.29 -5.45 10.10
CA ALA A 102 -13.69 -4.13 9.61
C ALA A 102 -13.37 -3.01 10.61
N ALA A 103 -13.42 -3.35 11.92
CA ALA A 103 -13.14 -2.40 13.00
C ALA A 103 -11.71 -1.87 12.95
N GLU A 104 -10.76 -2.75 12.59
CA GLU A 104 -9.34 -2.39 12.49
C GLU A 104 -9.06 -1.60 11.21
N LEU A 105 -9.78 -1.96 10.12
CA LEU A 105 -9.65 -1.28 8.82
C LEU A 105 -10.09 0.17 8.92
N ARG A 106 -11.14 0.42 9.74
CA ARG A 106 -11.67 1.75 9.95
C ARG A 106 -10.62 2.66 10.58
N HIS A 107 -9.99 2.17 11.66
CA HIS A 107 -8.93 2.89 12.39
C HIS A 107 -7.80 3.34 11.49
N VAL A 108 -7.48 2.53 10.47
CA VAL A 108 -6.44 2.83 9.51
C VAL A 108 -6.87 3.94 8.56
N MET A 109 -8.15 3.94 8.30
CA MET A 109 -8.82 4.92 7.42
C MET A 109 -9.01 6.26 8.15
N THR A 110 -9.42 6.15 9.42
CA THR A 110 -9.67 7.30 10.29
C THR A 110 -8.37 7.96 10.79
N ASN A 111 -7.29 7.17 10.86
CA ASN A 111 -5.99 7.66 11.34
C ASN A 111 -5.32 8.54 10.28
N LEU A 112 -5.77 8.42 9.03
CA LEU A 112 -5.27 9.18 7.91
C LEU A 112 -5.90 10.58 7.83
N GLY A 113 -6.86 10.84 8.73
CA GLY A 113 -7.55 12.13 8.77
C GLY A 113 -8.81 12.15 7.91
N GLU A 114 -9.54 11.04 7.91
CA GLU A 114 -10.79 10.92 7.14
C GLU A 114 -11.88 10.26 7.97
N LYS A 115 -13.14 10.60 7.66
CA LYS A 115 -14.30 10.05 8.36
C LYS A 115 -15.19 9.27 7.41
N LEU A 116 -15.40 7.98 7.74
CA LEU A 116 -16.22 7.09 6.93
C LEU A 116 -17.41 6.55 7.73
N THR A 117 -18.45 6.12 7.01
CA THR A 117 -19.67 5.57 7.63
C THR A 117 -19.62 4.05 7.67
N ASP A 118 -20.49 3.45 8.51
CA ASP A 118 -20.57 1.99 8.67
C ASP A 118 -21.19 1.30 7.45
N GLU A 119 -22.15 1.99 6.81
CA GLU A 119 -22.84 1.48 5.61
C GLU A 119 -21.88 1.25 4.43
N GLU A 120 -20.85 2.09 4.34
CA GLU A 120 -19.84 2.01 3.28
C GLU A 120 -18.85 0.87 3.53
N VAL A 121 -18.64 0.59 4.83
CA VAL A 121 -17.74 -0.47 5.30
C VAL A 121 -18.10 -1.83 4.70
N ASP A 122 -19.39 -2.17 4.70
CA ASP A 122 -19.90 -3.43 4.14
C ASP A 122 -19.50 -3.62 2.67
N GLU A 123 -19.37 -2.48 1.97
CA GLU A 123 -18.98 -2.44 0.56
C GLU A 123 -17.51 -2.85 0.35
N MET A 124 -16.66 -2.61 1.36
CA MET A 124 -15.23 -2.91 1.28
C MET A 124 -14.99 -4.41 1.40
N ILE A 125 -15.86 -5.05 2.15
CA ILE A 125 -15.82 -6.47 2.44
C ILE A 125 -16.30 -7.33 1.28
N ARG A 126 -17.25 -6.81 0.51
CA ARG A 126 -17.78 -7.52 -0.65
C ARG A 126 -16.72 -7.52 -1.76
N GLU A 127 -15.76 -6.62 -1.59
CA GLU A 127 -14.65 -6.42 -2.51
C GLU A 127 -13.50 -7.36 -2.17
N ALA A 128 -13.44 -7.76 -0.89
CA ALA A 128 -12.39 -8.66 -0.41
C ALA A 128 -12.94 -10.00 0.03
N ASP A 129 -14.11 -10.01 0.69
CA ASP A 129 -14.72 -11.26 1.16
C ASP A 129 -15.53 -11.93 0.06
N ILE A 130 -15.04 -13.11 -0.34
CA ILE A 130 -15.63 -13.92 -1.41
C ILE A 130 -16.88 -14.66 -0.97
N ASP A 131 -16.80 -15.17 0.25
CA ASP A 131 -17.90 -15.88 0.86
C ASP A 131 -18.58 -14.94 1.85
N GLY A 132 -18.03 -13.71 1.94
CA GLY A 132 -18.56 -12.67 2.81
C GLY A 132 -18.59 -13.05 4.27
N ASP A 133 -17.41 -13.32 4.83
CA ASP A 133 -17.26 -13.69 6.24
C ASP A 133 -17.13 -12.47 7.15
N GLY A 134 -16.98 -11.28 6.55
CA GLY A 134 -16.85 -10.04 7.30
C GLY A 134 -15.41 -9.70 7.72
N GLN A 135 -14.48 -10.63 7.46
CA GLN A 135 -13.06 -10.42 7.80
C GLN A 135 -12.16 -10.86 6.64
N VAL A 136 -10.97 -10.26 6.53
CA VAL A 136 -10.06 -10.60 5.41
C VAL A 136 -8.87 -11.47 5.83
N ASN A 137 -8.80 -12.65 5.22
CA ASN A 137 -7.73 -13.61 5.49
C ASN A 137 -6.58 -13.47 4.46
N TYR A 138 -5.49 -14.21 4.72
CA TYR A 138 -4.27 -14.21 3.87
C TYR A 138 -4.54 -14.79 2.46
N GLU A 139 -5.47 -15.71 2.39
CA GLU A 139 -5.83 -16.43 1.15
C GLU A 139 -6.63 -15.50 0.26
N GLU A 140 -7.44 -14.68 0.94
CA GLU A 140 -8.26 -13.66 0.31
C GLU A 140 -7.35 -12.50 -0.03
N PHE A 141 -6.34 -12.36 0.84
CA PHE A 141 -5.33 -11.32 0.73
C PHE A 141 -4.40 -11.54 -0.47
N VAL A 142 -3.91 -12.76 -0.62
CA VAL A 142 -3.03 -13.16 -1.71
C VAL A 142 -3.72 -12.98 -3.08
N GLN A 143 -4.99 -13.39 -3.12
CA GLN A 143 -5.84 -13.29 -4.33
C GLN A 143 -6.00 -11.84 -4.82
N MET A 144 -5.90 -10.88 -3.90
CA MET A 144 -6.03 -9.44 -4.21
C MET A 144 -4.94 -8.95 -5.17
N MET A 145 -3.75 -9.56 -5.09
CA MET A 145 -2.61 -9.19 -5.94
C MET A 145 -2.68 -9.89 -7.31
N THR A 146 -3.29 -11.08 -7.34
CA THR A 146 -3.42 -11.86 -8.56
C THR A 146 -4.77 -11.60 -9.26
N ALA A 147 -5.59 -10.73 -8.67
CA ALA A 147 -6.91 -10.39 -9.22
C ALA A 147 -6.82 -9.17 -10.15
N LYS A 148 -7.75 -9.12 -11.11
CA LYS A 148 -7.81 -8.01 -12.07
C LYS A 148 -8.79 -6.94 -11.62
N LEU B 1 -7.47 -3.81 0.77
CA LEU B 1 -8.75 -3.89 0.02
C LEU B 1 -8.52 -4.38 -1.41
N LYS B 2 -7.80 -3.57 -2.21
CA LYS B 2 -7.48 -3.91 -3.61
C LYS B 2 -6.41 -2.93 -4.13
N VAL B 3 -6.59 -1.65 -3.81
CA VAL B 3 -5.66 -0.59 -4.21
C VAL B 3 -4.78 -0.20 -3.03
N LEU B 4 -5.34 -0.32 -1.82
CA LEU B 4 -4.62 0.00 -0.57
C LEU B 4 -3.62 -1.09 -0.18
N VAL B 5 -3.66 -2.22 -0.90
CA VAL B 5 -2.77 -3.37 -0.64
C VAL B 5 -1.40 -3.13 -1.32
N LYS B 6 -1.43 -2.41 -2.45
CA LYS B 6 -0.22 -2.09 -3.22
C LYS B 6 0.60 -0.97 -2.55
N ALA B 7 -0.10 -0.10 -1.81
CA ALA B 7 0.52 1.04 -1.11
C ALA B 7 1.35 0.58 0.11
N VAL B 8 0.91 -0.49 0.77
CA VAL B 8 1.59 -1.04 1.96
C VAL B 8 2.87 -1.80 1.58
N LEU B 9 2.84 -2.48 0.43
CA LEU B 9 3.99 -3.26 -0.08
C LEU B 9 5.21 -2.38 -0.37
N PHE B 10 4.96 -1.12 -0.75
CA PHE B 10 6.03 -0.15 -1.06
C PHE B 10 6.75 0.33 0.20
N ALA B 11 5.97 0.59 1.27
CA ALA B 11 6.51 1.05 2.56
C ALA B 11 7.27 -0.06 3.30
N CYS B 12 6.87 -1.31 3.06
CA CYS B 12 7.49 -2.48 3.69
C CYS B 12 8.82 -2.85 3.04
N MET B 13 8.98 -2.47 1.76
CA MET B 13 10.20 -2.76 1.00
C MET B 13 11.23 -1.62 1.12
N LEU B 14 10.75 -0.40 1.41
CA LEU B 14 11.62 0.77 1.55
C LEU B 14 12.15 0.92 2.99
N MET B 15 11.59 0.13 3.92
CA MET B 15 12.00 0.18 5.33
C MET B 15 13.11 -0.84 5.61
N ARG B 16 13.12 -1.94 4.84
CA ARG B 16 14.13 -2.99 5.00
C ARG B 16 15.42 -2.65 4.23
N LYS B 17 15.45 -1.44 3.65
CA LYS B 17 16.61 -0.98 2.89
C LYS B 17 17.37 0.11 3.66
N ALA A 1 -7.64 -12.45 -21.87
CA ALA A 1 -6.50 -11.60 -21.45
C ALA A 1 -5.88 -12.09 -20.15
N ASP A 2 -4.56 -12.23 -20.15
CA ASP A 2 -3.83 -12.70 -18.96
C ASP A 2 -3.20 -11.52 -18.19
N GLN A 3 -2.55 -10.61 -18.94
CA GLN A 3 -1.91 -9.44 -18.33
C GLN A 3 -2.75 -8.19 -18.57
N LEU A 4 -2.73 -7.28 -17.59
CA LEU A 4 -3.47 -6.03 -17.68
C LEU A 4 -2.53 -4.84 -17.88
N THR A 5 -2.98 -3.86 -18.66
CA THR A 5 -2.19 -2.66 -18.96
C THR A 5 -2.73 -1.45 -18.22
N GLU A 6 -3.24 -0.49 -18.99
CA GLU A 6 -3.82 0.78 -18.49
C GLU A 6 -4.94 0.55 -17.44
N GLU A 7 -5.34 -0.71 -17.26
CA GLU A 7 -6.40 -1.10 -16.31
C GLU A 7 -5.82 -1.14 -14.90
N GLN A 8 -4.78 -1.97 -14.76
CA GLN A 8 -4.03 -2.13 -13.51
C GLN A 8 -3.10 -0.94 -13.32
N ILE A 9 -2.67 -0.37 -14.45
CA ILE A 9 -1.80 0.80 -14.47
C ILE A 9 -2.52 2.06 -13.97
N ALA A 10 -3.85 2.10 -14.18
CA ALA A 10 -4.68 3.24 -13.74
C ALA A 10 -4.85 3.25 -12.22
N GLU A 11 -4.66 2.07 -11.60
CA GLU A 11 -4.77 1.91 -10.14
C GLU A 11 -3.53 2.45 -9.43
N PHE A 12 -2.43 2.51 -10.20
CA PHE A 12 -1.12 3.00 -9.77
C PHE A 12 -1.12 4.52 -9.66
N LYS A 13 -1.59 5.18 -10.74
CA LYS A 13 -1.70 6.64 -10.78
C LYS A 13 -2.75 7.08 -9.76
N GLU A 14 -3.76 6.22 -9.61
CA GLU A 14 -4.82 6.40 -8.62
C GLU A 14 -4.27 6.11 -7.23
N ALA A 15 -3.35 5.12 -7.15
CA ALA A 15 -2.71 4.76 -5.86
C ALA A 15 -1.65 5.81 -5.46
N PHE A 16 -1.20 6.58 -6.46
CA PHE A 16 -0.19 7.63 -6.28
C PHE A 16 -0.76 8.88 -5.59
N SER A 17 -2.10 8.98 -5.54
CA SER A 17 -2.78 10.13 -4.93
C SER A 17 -2.68 10.16 -3.40
N LEU A 18 -2.69 8.97 -2.77
CA LEU A 18 -2.56 8.86 -1.31
C LEU A 18 -1.22 9.44 -0.83
N PHE A 19 -0.18 9.22 -1.65
CA PHE A 19 1.16 9.72 -1.35
C PHE A 19 1.39 11.11 -1.94
N ASP A 20 0.60 11.47 -2.98
CA ASP A 20 0.72 12.76 -3.65
C ASP A 20 -0.58 13.54 -3.47
N LYS A 21 -0.66 14.21 -2.33
CA LYS A 21 -1.82 15.05 -1.97
C LYS A 21 -1.86 16.38 -2.75
N ASP A 22 -0.85 16.58 -3.63
CA ASP A 22 -0.75 17.79 -4.44
C ASP A 22 -1.33 17.57 -5.85
N GLY A 23 -1.17 16.34 -6.36
CA GLY A 23 -1.68 15.99 -7.69
C GLY A 23 -0.78 16.44 -8.84
N ASP A 24 0.54 16.44 -8.59
CA ASP A 24 1.53 16.83 -9.60
C ASP A 24 2.36 15.63 -10.08
N GLY A 25 2.30 14.54 -9.30
CA GLY A 25 3.05 13.33 -9.61
C GLY A 25 4.39 13.33 -8.95
N THR A 26 4.34 13.47 -7.65
CA THR A 26 5.50 13.52 -6.80
C THR A 26 5.20 12.96 -5.42
N ILE A 27 6.18 12.29 -4.84
CA ILE A 27 6.04 11.76 -3.50
C ILE A 27 7.26 12.28 -2.80
N THR A 28 7.04 13.39 -2.13
CA THR A 28 8.10 14.10 -1.49
C THR A 28 8.56 13.40 -0.24
N THR A 29 9.71 13.85 0.24
CA THR A 29 10.33 13.29 1.41
C THR A 29 9.46 13.43 2.67
N LYS A 30 8.78 14.58 2.79
CA LYS A 30 7.90 14.86 3.94
C LYS A 30 6.56 14.09 3.86
N GLU A 31 6.10 13.81 2.64
CA GLU A 31 4.84 13.08 2.42
C GLU A 31 5.00 11.57 2.67
N LEU A 32 6.24 11.07 2.46
CA LEU A 32 6.56 9.66 2.67
C LEU A 32 6.63 9.31 4.16
N GLY A 33 7.25 10.19 4.95
CA GLY A 33 7.35 9.97 6.39
C GLY A 33 6.02 10.16 7.10
N THR A 34 5.11 10.93 6.46
CA THR A 34 3.76 11.14 7.01
C THR A 34 3.03 9.79 6.98
N VAL A 35 3.46 8.97 6.02
CA VAL A 35 2.99 7.61 5.86
C VAL A 35 3.68 6.74 6.93
N MET A 36 4.93 7.15 7.27
CA MET A 36 5.76 6.47 8.28
C MET A 36 5.19 6.63 9.69
N ARG A 37 4.66 7.83 9.98
CA ARG A 37 4.06 8.15 11.29
C ARG A 37 2.65 7.56 11.44
N SER A 38 2.00 7.31 10.29
CA SER A 38 0.65 6.72 10.27
C SER A 38 0.71 5.19 10.19
N LEU A 39 1.90 4.67 9.84
CA LEU A 39 2.14 3.22 9.73
C LEU A 39 2.59 2.62 11.06
N GLY A 40 3.11 3.48 11.95
CA GLY A 40 3.57 3.02 13.27
C GLY A 40 5.09 2.97 13.37
N GLN A 41 5.77 3.76 12.53
CA GLN A 41 7.24 3.80 12.53
C GLN A 41 7.75 5.22 12.71
N ASN A 42 8.92 5.36 13.35
CA ASN A 42 9.54 6.66 13.60
C ASN A 42 10.50 7.03 12.45
N PRO A 43 10.12 8.00 11.56
CA PRO A 43 10.97 8.40 10.42
C PRO A 43 12.11 9.36 10.82
N THR A 44 13.24 9.22 10.11
CA THR A 44 14.41 10.06 10.35
C THR A 44 14.68 10.96 9.14
N GLU A 45 15.54 11.98 9.32
CA GLU A 45 15.88 12.92 8.25
C GLU A 45 16.71 12.26 7.14
N ALA A 46 17.74 11.49 7.55
CA ALA A 46 18.59 10.76 6.61
C ALA A 46 17.84 9.57 6.00
N GLU A 47 16.85 9.07 6.76
CA GLU A 47 16.00 7.96 6.35
C GLU A 47 14.95 8.36 5.32
N LEU A 48 14.61 9.66 5.28
CA LEU A 48 13.61 10.20 4.35
C LEU A 48 14.17 10.30 2.92
N GLN A 49 15.35 10.92 2.79
CA GLN A 49 16.04 11.07 1.51
C GLN A 49 16.65 9.75 1.02
N ASP A 50 16.78 8.80 1.96
CA ASP A 50 17.35 7.48 1.67
C ASP A 50 16.37 6.64 0.83
N MET A 51 15.09 6.67 1.21
CA MET A 51 14.03 5.94 0.50
C MET A 51 13.74 6.54 -0.87
N ILE A 52 13.85 7.88 -0.95
CA ILE A 52 13.61 8.63 -2.19
C ILE A 52 14.66 8.33 -3.26
N ASN A 53 15.95 8.47 -2.91
CA ASN A 53 17.06 8.25 -3.86
C ASN A 53 17.09 6.83 -4.44
N GLU A 54 16.20 5.96 -3.92
CA GLU A 54 16.08 4.59 -4.38
C GLU A 54 15.30 4.53 -5.70
N VAL A 55 14.23 5.33 -5.77
CA VAL A 55 13.39 5.41 -6.96
C VAL A 55 13.53 6.76 -7.66
N ASP A 56 13.79 7.84 -6.89
CA ASP A 56 13.99 9.19 -7.43
C ASP A 56 14.92 9.21 -8.66
N ALA A 57 14.33 9.57 -9.82
CA ALA A 57 15.08 9.66 -11.07
C ALA A 57 15.85 10.99 -11.18
N ASP A 58 15.28 12.04 -10.56
CA ASP A 58 15.87 13.38 -10.57
C ASP A 58 16.84 13.58 -9.39
N GLY A 59 16.47 13.05 -8.21
CA GLY A 59 17.30 13.17 -7.02
C GLY A 59 17.17 14.52 -6.32
N ASN A 60 15.93 14.85 -5.94
CA ASN A 60 15.64 16.12 -5.24
C ASN A 60 14.74 15.90 -4.02
N GLY A 61 14.42 14.64 -3.73
CA GLY A 61 13.57 14.30 -2.60
C GLY A 61 12.12 14.07 -2.99
N THR A 62 11.89 13.73 -4.28
CA THR A 62 10.56 13.51 -4.78
C THR A 62 10.56 12.32 -5.73
N ILE A 63 9.54 11.49 -5.59
CA ILE A 63 9.38 10.30 -6.40
C ILE A 63 8.27 10.54 -7.44
N ASP A 64 8.45 10.00 -8.64
CA ASP A 64 7.46 10.18 -9.70
C ASP A 64 6.66 8.89 -9.95
N PHE A 65 5.55 9.03 -10.70
CA PHE A 65 4.65 7.90 -11.02
C PHE A 65 5.25 6.85 -12.00
N PRO A 66 6.11 7.22 -13.02
CA PRO A 66 6.67 6.23 -13.96
C PRO A 66 7.58 5.18 -13.31
N GLU A 67 8.50 5.64 -12.44
CA GLU A 67 9.43 4.73 -11.75
C GLU A 67 8.80 4.04 -10.53
N PHE A 68 7.58 4.46 -10.15
CA PHE A 68 6.89 3.85 -8.99
C PHE A 68 6.54 2.40 -9.31
N LEU A 69 6.14 2.18 -10.57
CA LEU A 69 5.81 0.87 -11.09
C LEU A 69 7.08 0.02 -11.28
N THR A 70 8.21 0.74 -11.27
CA THR A 70 9.54 0.16 -11.45
C THR A 70 10.01 -0.62 -10.21
N MET A 71 9.81 -0.02 -9.03
CA MET A 71 10.22 -0.62 -7.74
C MET A 71 9.32 -1.78 -7.30
N MET A 72 8.04 -1.75 -7.71
CA MET A 72 7.06 -2.78 -7.34
C MET A 72 7.34 -4.13 -8.05
N ALA A 73 7.43 -4.08 -9.38
CA ALA A 73 7.68 -5.27 -10.21
C ALA A 73 9.11 -5.83 -10.10
N ARG A 74 9.97 -5.17 -9.29
CA ARG A 74 11.36 -5.59 -9.12
C ARG A 74 11.51 -6.85 -8.28
N LYS A 75 11.35 -6.71 -6.95
CA LYS A 75 11.48 -7.83 -6.01
C LYS A 75 10.24 -8.74 -5.97
N MET A 76 9.25 -8.45 -6.82
CA MET A 76 8.04 -9.25 -6.90
C MET A 76 8.26 -10.49 -7.80
N LYS A 77 9.50 -10.68 -8.25
CA LYS A 77 9.84 -11.81 -9.13
C LYS A 77 10.71 -12.87 -8.43
N ASP A 78 10.86 -12.77 -7.10
CA ASP A 78 11.69 -13.73 -6.35
C ASP A 78 10.87 -14.82 -5.68
N THR A 79 9.56 -14.65 -5.74
CA THR A 79 8.55 -15.58 -5.16
C THR A 79 8.67 -15.72 -3.64
N ASP A 80 9.71 -15.11 -3.07
CA ASP A 80 9.93 -15.10 -1.63
C ASP A 80 9.32 -13.80 -1.10
N SER A 81 8.38 -13.28 -1.89
CA SER A 81 7.68 -12.02 -1.62
C SER A 81 6.65 -12.16 -0.49
N GLU A 82 6.50 -13.38 0.03
CA GLU A 82 5.57 -13.67 1.13
C GLU A 82 6.00 -12.99 2.43
N GLU A 83 7.28 -12.64 2.50
CA GLU A 83 7.85 -11.95 3.64
C GLU A 83 7.45 -10.47 3.64
N GLU A 84 6.96 -10.00 2.48
CA GLU A 84 6.48 -8.64 2.31
C GLU A 84 5.04 -8.48 2.81
N ILE A 85 4.20 -9.52 2.54
CA ILE A 85 2.78 -9.51 2.95
C ILE A 85 2.60 -9.73 4.45
N ARG A 86 3.51 -10.48 5.08
CA ARG A 86 3.45 -10.69 6.53
C ARG A 86 3.41 -9.32 7.23
N GLU A 87 4.05 -8.35 6.57
CA GLU A 87 4.09 -6.97 7.02
C GLU A 87 2.78 -6.23 6.73
N ALA A 88 2.14 -6.58 5.61
CA ALA A 88 0.87 -5.96 5.20
C ALA A 88 -0.29 -6.49 6.06
N PHE A 89 -0.18 -7.75 6.51
CA PHE A 89 -1.19 -8.41 7.33
C PHE A 89 -1.23 -7.87 8.75
N ARG A 90 -0.08 -7.50 9.29
CA ARG A 90 0.01 -6.97 10.64
C ARG A 90 -0.50 -5.53 10.73
N VAL A 91 -0.41 -4.79 9.62
CA VAL A 91 -0.91 -3.40 9.53
C VAL A 91 -2.45 -3.39 9.40
N PHE A 92 -2.99 -4.41 8.72
CA PHE A 92 -4.44 -4.53 8.50
C PHE A 92 -5.12 -5.22 9.68
N ASP A 93 -4.55 -6.36 10.09
CA ASP A 93 -5.05 -7.14 11.20
C ASP A 93 -4.27 -6.79 12.48
N LYS A 94 -4.68 -5.67 13.11
CA LYS A 94 -4.03 -5.15 14.32
C LYS A 94 -4.19 -6.02 15.57
N ASP A 95 -5.39 -6.60 15.76
CA ASP A 95 -5.67 -7.41 16.96
C ASP A 95 -5.77 -8.90 16.67
N GLY A 96 -5.41 -9.27 15.44
CA GLY A 96 -5.45 -10.66 14.98
C GLY A 96 -6.72 -11.41 15.30
N ASN A 97 -7.80 -11.04 14.62
CA ASN A 97 -9.07 -11.74 14.80
C ASN A 97 -9.03 -13.02 13.95
N GLY A 98 -7.79 -13.42 13.60
CA GLY A 98 -7.57 -14.59 12.75
C GLY A 98 -7.51 -14.21 11.28
N TYR A 99 -8.25 -13.15 10.92
CA TYR A 99 -8.32 -12.64 9.55
C TYR A 99 -8.39 -11.10 9.60
N ILE A 100 -8.84 -10.44 8.51
CA ILE A 100 -8.90 -8.98 8.48
C ILE A 100 -10.34 -8.44 8.58
N SER A 101 -10.70 -7.98 9.79
CA SER A 101 -12.05 -7.46 10.07
C SER A 101 -12.23 -6.02 9.57
N ALA A 102 -13.50 -5.64 9.38
CA ALA A 102 -13.89 -4.30 8.91
C ALA A 102 -13.62 -3.21 9.95
N ALA A 103 -13.72 -3.57 11.24
CA ALA A 103 -13.50 -2.64 12.35
C ALA A 103 -12.05 -2.13 12.39
N GLU A 104 -11.11 -3.02 12.08
CA GLU A 104 -9.67 -2.68 12.06
C GLU A 104 -9.30 -1.90 10.80
N LEU A 105 -10.01 -2.19 9.69
CA LEU A 105 -9.80 -1.50 8.40
C LEU A 105 -10.20 -0.04 8.50
N ARG A 106 -11.28 0.21 9.24
CA ARG A 106 -11.81 1.56 9.44
C ARG A 106 -10.81 2.47 10.16
N HIS A 107 -10.15 1.88 11.17
CA HIS A 107 -9.13 2.57 11.97
C HIS A 107 -7.91 2.98 11.15
N VAL A 108 -7.52 2.13 10.21
CA VAL A 108 -6.36 2.39 9.33
C VAL A 108 -6.70 3.46 8.30
N MET A 109 -7.95 3.46 7.92
CA MET A 109 -8.51 4.40 6.94
C MET A 109 -8.72 5.79 7.55
N THR A 110 -9.27 5.80 8.78
CA THR A 110 -9.56 7.03 9.52
C THR A 110 -8.29 7.66 10.11
N ASN A 111 -7.27 6.82 10.39
CA ASN A 111 -6.02 7.29 10.99
C ASN A 111 -5.18 8.08 9.99
N LEU A 112 -5.50 7.93 8.70
CA LEU A 112 -4.83 8.60 7.62
C LEU A 112 -5.31 10.04 7.44
N GLY A 113 -6.34 10.42 8.22
CA GLY A 113 -6.90 11.77 8.15
C GLY A 113 -8.06 11.88 7.19
N GLU A 114 -8.85 10.79 7.07
CA GLU A 114 -10.01 10.76 6.19
C GLU A 114 -11.20 10.12 6.90
N LYS A 115 -12.40 10.66 6.65
CA LYS A 115 -13.62 10.14 7.24
C LYS A 115 -14.40 9.29 6.24
N LEU A 116 -14.55 7.99 6.57
CA LEU A 116 -15.26 7.05 5.70
C LEU A 116 -16.46 6.44 6.42
N THR A 117 -17.45 6.01 5.63
CA THR A 117 -18.67 5.40 6.16
C THR A 117 -18.59 3.87 6.17
N ASP A 118 -19.43 3.24 6.99
CA ASP A 118 -19.48 1.78 7.12
C ASP A 118 -20.06 1.09 5.89
N GLU A 119 -20.98 1.78 5.20
CA GLU A 119 -21.64 1.26 3.98
C GLU A 119 -20.65 1.02 2.83
N GLU A 120 -19.63 1.89 2.73
CA GLU A 120 -18.61 1.80 1.68
C GLU A 120 -17.60 0.70 2.00
N VAL A 121 -17.39 0.47 3.29
CA VAL A 121 -16.48 -0.56 3.80
C VAL A 121 -16.91 -1.95 3.33
N ASP A 122 -18.23 -2.19 3.30
CA ASP A 122 -18.81 -3.46 2.85
C ASP A 122 -18.40 -3.78 1.41
N GLU A 123 -18.19 -2.71 0.62
CA GLU A 123 -17.77 -2.82 -0.77
C GLU A 123 -16.34 -3.38 -0.89
N MET A 124 -15.50 -3.09 0.12
CA MET A 124 -14.10 -3.56 0.13
C MET A 124 -14.04 -5.03 0.50
N ILE A 125 -14.97 -5.40 1.38
CA ILE A 125 -15.12 -6.75 1.90
C ILE A 125 -15.78 -7.68 0.91
N ARG A 126 -16.67 -7.14 0.11
CA ARG A 126 -17.35 -7.91 -0.92
C ARG A 126 -16.35 -8.20 -2.03
N GLU A 127 -15.30 -7.41 -2.03
CA GLU A 127 -14.23 -7.49 -3.00
C GLU A 127 -13.17 -8.50 -2.56
N ALA A 128 -13.05 -8.68 -1.22
CA ALA A 128 -12.07 -9.61 -0.66
C ALA A 128 -12.71 -10.79 0.06
N ASP A 129 -13.89 -10.58 0.70
CA ASP A 129 -14.54 -11.69 1.41
C ASP A 129 -15.38 -12.55 0.45
N ILE A 130 -14.86 -13.74 0.19
CA ILE A 130 -15.46 -14.72 -0.73
C ILE A 130 -16.65 -15.44 -0.09
N ASP A 131 -16.48 -15.75 1.18
CA ASP A 131 -17.50 -16.39 1.97
C ASP A 131 -18.26 -15.29 2.72
N GLY A 132 -17.81 -14.04 2.49
CA GLY A 132 -18.42 -12.86 3.08
C GLY A 132 -18.58 -12.91 4.58
N ASP A 133 -17.49 -13.23 5.28
CA ASP A 133 -17.48 -13.34 6.74
C ASP A 133 -17.14 -11.99 7.42
N GLY A 134 -16.74 -11.00 6.62
CA GLY A 134 -16.40 -9.68 7.14
C GLY A 134 -14.93 -9.55 7.57
N GLN A 135 -14.17 -10.65 7.44
CA GLN A 135 -12.76 -10.66 7.81
C GLN A 135 -11.93 -11.22 6.66
N VAL A 136 -10.73 -10.64 6.43
CA VAL A 136 -9.88 -11.07 5.30
C VAL A 136 -8.68 -11.91 5.72
N ASN A 137 -8.52 -13.03 5.03
CA ASN A 137 -7.42 -13.97 5.29
C ASN A 137 -6.24 -13.73 4.35
N TYR A 138 -5.09 -14.35 4.70
CA TYR A 138 -3.83 -14.26 3.94
C TYR A 138 -3.91 -14.90 2.55
N GLU A 139 -4.76 -15.92 2.44
CA GLU A 139 -4.94 -16.71 1.21
C GLU A 139 -5.71 -15.90 0.21
N GLU A 140 -6.67 -15.15 0.75
CA GLU A 140 -7.49 -14.23 -0.04
C GLU A 140 -6.66 -12.99 -0.30
N PHE A 141 -5.83 -12.69 0.70
CA PHE A 141 -4.92 -11.55 0.67
C PHE A 141 -3.79 -11.73 -0.35
N VAL A 142 -3.34 -12.98 -0.48
CA VAL A 142 -2.28 -13.39 -1.41
C VAL A 142 -2.65 -13.02 -2.86
N GLN A 143 -3.93 -13.25 -3.18
CA GLN A 143 -4.50 -12.96 -4.52
C GLN A 143 -4.36 -11.48 -4.89
N MET A 144 -4.33 -10.61 -3.87
CA MET A 144 -4.20 -9.15 -4.06
C MET A 144 -2.81 -8.77 -4.59
N MET A 145 -1.79 -9.47 -4.11
CA MET A 145 -0.40 -9.23 -4.53
C MET A 145 -0.03 -10.01 -5.80
N THR A 146 -0.75 -11.11 -6.05
CA THR A 146 -0.52 -11.96 -7.22
C THR A 146 -1.42 -11.56 -8.40
N ALA A 147 -2.18 -10.48 -8.24
CA ALA A 147 -3.09 -10.00 -9.29
C ALA A 147 -2.40 -8.97 -10.17
N LYS A 148 -2.25 -9.31 -11.45
CA LYS A 148 -1.61 -8.42 -12.42
C LYS A 148 -2.43 -8.34 -13.71
N LEU B 1 -10.55 -4.13 -1.30
CA LEU B 1 -9.09 -4.13 -1.07
C LEU B 1 -8.34 -4.51 -2.35
N LYS B 2 -7.67 -3.51 -2.96
CA LYS B 2 -6.90 -3.71 -4.20
C LYS B 2 -5.98 -2.52 -4.50
N VAL B 3 -6.50 -1.31 -4.24
CA VAL B 3 -5.75 -0.07 -4.50
C VAL B 3 -4.96 0.37 -3.26
N LEU B 4 -5.55 0.20 -2.08
CA LEU B 4 -4.90 0.59 -0.81
C LEU B 4 -4.05 -0.56 -0.21
N VAL B 5 -3.96 -1.66 -0.97
CA VAL B 5 -3.19 -2.84 -0.54
C VAL B 5 -1.73 -2.73 -1.04
N LYS B 6 -1.55 -2.06 -2.20
CA LYS B 6 -0.23 -1.85 -2.81
C LYS B 6 0.57 -0.76 -2.08
N ALA B 7 -0.15 0.20 -1.47
CA ALA B 7 0.46 1.32 -0.75
C ALA B 7 1.15 0.89 0.57
N VAL B 8 0.58 -0.14 1.21
CA VAL B 8 1.11 -0.66 2.49
C VAL B 8 2.39 -1.51 2.27
N LEU B 9 2.42 -2.24 1.14
CA LEU B 9 3.56 -3.09 0.78
C LEU B 9 4.79 -2.28 0.37
N PHE B 10 4.55 -1.09 -0.21
CA PHE B 10 5.63 -0.19 -0.68
C PHE B 10 6.51 0.34 0.46
N ALA B 11 5.89 0.55 1.64
CA ALA B 11 6.61 1.05 2.83
C ALA B 11 7.60 0.01 3.39
N CYS B 12 7.23 -1.27 3.27
CA CYS B 12 8.07 -2.38 3.75
C CYS B 12 9.25 -2.67 2.82
N MET B 13 9.14 -2.20 1.56
CA MET B 13 10.19 -2.39 0.55
C MET B 13 11.26 -1.31 0.62
N LEU B 14 10.85 -0.09 0.99
CA LEU B 14 11.77 1.06 1.10
C LEU B 14 12.35 1.19 2.52
N MET B 15 11.79 0.44 3.47
CA MET B 15 12.25 0.47 4.86
C MET B 15 13.33 -0.60 5.12
N ARG B 16 13.42 -1.58 4.22
CA ARG B 16 14.41 -2.67 4.34
C ARG B 16 15.76 -2.28 3.71
N LYS B 17 15.85 -1.04 3.19
CA LYS B 17 17.06 -0.54 2.56
C LYS B 17 17.69 0.57 3.41
N ALA A 1 -1.20 -14.10 -21.11
CA ALA A 1 -0.62 -12.88 -20.49
C ALA A 1 0.32 -13.25 -19.35
N ASP A 2 1.41 -12.49 -19.23
CA ASP A 2 2.41 -12.72 -18.17
C ASP A 2 2.70 -11.44 -17.39
N GLN A 3 2.85 -10.33 -18.11
CA GLN A 3 3.13 -9.03 -17.49
C GLN A 3 1.89 -8.13 -17.53
N LEU A 4 1.74 -7.31 -16.48
CA LEU A 4 0.62 -6.39 -16.36
C LEU A 4 1.07 -4.94 -16.57
N THR A 5 0.56 -4.33 -17.65
CA THR A 5 0.89 -2.94 -17.99
C THR A 5 -0.27 -1.99 -17.72
N GLU A 6 -0.91 -1.59 -18.80
CA GLU A 6 -2.07 -0.66 -18.80
C GLU A 6 -3.23 -1.14 -17.90
N GLU A 7 -3.15 -2.38 -17.41
CA GLU A 7 -4.19 -2.98 -16.57
C GLU A 7 -4.03 -2.48 -15.14
N GLN A 8 -2.85 -2.75 -14.59
CA GLN A 8 -2.46 -2.34 -13.24
C GLN A 8 -2.10 -0.86 -13.21
N ILE A 9 -1.65 -0.38 -14.38
CA ILE A 9 -1.25 1.03 -14.56
C ILE A 9 -2.35 2.02 -14.11
N ALA A 10 -3.61 1.65 -14.36
CA ALA A 10 -4.78 2.48 -14.00
C ALA A 10 -5.03 2.49 -12.50
N GLU A 11 -4.80 1.33 -11.86
CA GLU A 11 -4.99 1.17 -10.41
C GLU A 11 -3.83 1.78 -9.63
N PHE A 12 -2.66 1.82 -10.29
CA PHE A 12 -1.42 2.36 -9.75
C PHE A 12 -1.45 3.88 -9.74
N LYS A 13 -1.87 4.47 -10.88
CA LYS A 13 -2.01 5.92 -10.99
C LYS A 13 -3.10 6.38 -10.04
N GLU A 14 -4.11 5.51 -9.90
CA GLU A 14 -5.22 5.72 -8.97
C GLU A 14 -4.74 5.48 -7.55
N ALA A 15 -3.82 4.49 -7.38
CA ALA A 15 -3.25 4.18 -6.06
C ALA A 15 -2.21 5.23 -5.63
N PHE A 16 -1.72 6.00 -6.61
CA PHE A 16 -0.72 7.05 -6.40
C PHE A 16 -1.32 8.30 -5.73
N SER A 17 -2.65 8.46 -5.81
CA SER A 17 -3.35 9.62 -5.23
C SER A 17 -3.41 9.58 -3.69
N LEU A 18 -2.97 8.47 -3.10
CA LEU A 18 -2.95 8.32 -1.63
C LEU A 18 -1.78 9.12 -1.06
N PHE A 19 -0.61 8.97 -1.68
CA PHE A 19 0.61 9.68 -1.29
C PHE A 19 0.76 11.02 -2.02
N ASP A 20 -0.02 11.21 -3.12
CA ASP A 20 0.06 12.42 -3.93
C ASP A 20 -1.10 13.36 -3.59
N LYS A 21 -0.99 13.94 -2.39
CA LYS A 21 -1.99 14.89 -1.87
C LYS A 21 -1.90 16.27 -2.56
N ASP A 22 -0.93 16.42 -3.48
CA ASP A 22 -0.74 17.67 -4.21
C ASP A 22 -1.39 17.62 -5.59
N GLY A 23 -1.40 16.41 -6.20
CA GLY A 23 -2.01 16.21 -7.52
C GLY A 23 -1.10 16.62 -8.69
N ASP A 24 0.22 16.54 -8.48
CA ASP A 24 1.20 16.88 -9.51
C ASP A 24 1.95 15.64 -10.01
N GLY A 25 1.84 14.54 -9.26
CA GLY A 25 2.51 13.29 -9.59
C GLY A 25 3.88 13.20 -8.99
N THR A 26 3.89 13.41 -7.69
CA THR A 26 5.09 13.41 -6.89
C THR A 26 4.78 12.95 -5.47
N ILE A 27 5.72 12.21 -4.90
CA ILE A 27 5.60 11.75 -3.54
C ILE A 27 6.85 12.23 -2.88
N THR A 28 6.70 13.36 -2.23
CA THR A 28 7.80 14.04 -1.63
C THR A 28 8.28 13.34 -0.39
N THR A 29 9.49 13.67 0.01
CA THR A 29 10.12 13.09 1.17
C THR A 29 9.31 13.32 2.45
N LYS A 30 8.63 14.47 2.51
CA LYS A 30 7.79 14.84 3.66
C LYS A 30 6.46 14.08 3.68
N GLU A 31 5.85 13.95 2.49
CA GLU A 31 4.56 13.26 2.33
C GLU A 31 4.64 11.76 2.66
N LEU A 32 5.83 11.18 2.46
CA LEU A 32 6.07 9.75 2.74
C LEU A 32 6.15 9.49 4.24
N GLY A 33 6.87 10.35 4.96
CA GLY A 33 6.98 10.20 6.41
C GLY A 33 5.69 10.56 7.14
N THR A 34 4.87 11.43 6.51
CA THR A 34 3.58 11.81 7.08
C THR A 34 2.69 10.57 7.13
N VAL A 35 2.93 9.71 6.15
CA VAL A 35 2.29 8.41 6.04
C VAL A 35 2.95 7.46 7.05
N MET A 36 4.26 7.71 7.33
CA MET A 36 5.06 6.92 8.28
C MET A 36 4.64 7.14 9.73
N ARG A 37 4.10 8.34 10.02
CA ARG A 37 3.67 8.70 11.38
C ARG A 37 2.38 7.97 11.79
N SER A 38 1.58 7.57 10.78
CA SER A 38 0.33 6.83 11.02
C SER A 38 0.58 5.32 11.00
N LEU A 39 1.78 4.94 10.55
CA LEU A 39 2.19 3.53 10.47
C LEU A 39 2.97 3.11 11.72
N GLY A 40 3.50 4.09 12.45
CA GLY A 40 4.26 3.81 13.66
C GLY A 40 5.76 3.98 13.49
N GLN A 41 6.17 4.69 12.44
CA GLN A 41 7.59 4.94 12.16
C GLN A 41 7.87 6.44 12.05
N ASN A 42 8.99 6.86 12.65
CA ASN A 42 9.40 8.27 12.63
C ASN A 42 10.82 8.42 12.03
N PRO A 43 10.94 8.44 10.67
CA PRO A 43 12.25 8.59 9.99
C PRO A 43 12.73 10.04 9.95
N THR A 44 14.01 10.23 9.62
CA THR A 44 14.61 11.57 9.54
C THR A 44 14.77 12.00 8.06
N GLU A 45 15.26 13.24 7.84
CA GLU A 45 15.45 13.80 6.49
C GLU A 45 16.37 12.94 5.60
N ALA A 46 17.43 12.39 6.20
CA ALA A 46 18.38 11.52 5.48
C ALA A 46 17.74 10.17 5.18
N GLU A 47 16.78 9.80 6.05
CA GLU A 47 16.04 8.55 5.94
C GLU A 47 14.95 8.61 4.86
N LEU A 48 14.32 9.78 4.71
CA LEU A 48 13.27 10.00 3.71
C LEU A 48 13.87 10.13 2.31
N GLN A 49 15.04 10.79 2.24
CA GLN A 49 15.77 10.98 0.97
C GLN A 49 16.42 9.69 0.50
N ASP A 50 16.66 8.78 1.46
CA ASP A 50 17.25 7.47 1.18
C ASP A 50 16.25 6.57 0.44
N MET A 51 14.98 6.61 0.91
CA MET A 51 13.89 5.83 0.31
C MET A 51 13.50 6.36 -1.07
N ILE A 52 13.56 7.70 -1.22
CA ILE A 52 13.23 8.39 -2.46
C ILE A 52 14.22 8.10 -3.58
N ASN A 53 15.52 8.25 -3.29
CA ASN A 53 16.59 8.05 -4.28
C ASN A 53 16.62 6.63 -4.88
N GLU A 54 15.76 5.74 -4.35
CA GLU A 54 15.65 4.37 -4.82
C GLU A 54 14.79 4.33 -6.08
N VAL A 55 13.69 5.08 -6.06
CA VAL A 55 12.76 5.17 -7.20
C VAL A 55 12.90 6.51 -7.92
N ASP A 56 13.20 7.59 -7.18
CA ASP A 56 13.38 8.93 -7.75
C ASP A 56 14.26 8.94 -9.01
N ALA A 57 13.65 9.28 -10.14
CA ALA A 57 14.34 9.36 -11.43
C ALA A 57 15.10 10.69 -11.58
N ASP A 58 14.55 11.74 -10.95
CA ASP A 58 15.15 13.08 -10.98
C ASP A 58 16.18 13.29 -9.86
N GLY A 59 15.87 12.77 -8.66
CA GLY A 59 16.75 12.88 -7.50
C GLY A 59 16.65 14.23 -6.80
N ASN A 60 15.43 14.58 -6.36
CA ASN A 60 15.17 15.85 -5.67
C ASN A 60 14.32 15.64 -4.40
N GLY A 61 13.99 14.37 -4.11
CA GLY A 61 13.18 14.04 -2.94
C GLY A 61 11.72 13.84 -3.27
N THR A 62 11.44 13.48 -4.53
CA THR A 62 10.08 13.27 -4.99
C THR A 62 10.03 12.05 -5.89
N ILE A 63 8.99 11.25 -5.71
CA ILE A 63 8.79 10.05 -6.48
C ILE A 63 7.66 10.26 -7.48
N ASP A 64 7.80 9.68 -8.67
CA ASP A 64 6.79 9.82 -9.71
C ASP A 64 6.00 8.53 -9.90
N PHE A 65 4.84 8.64 -10.58
CA PHE A 65 3.94 7.50 -10.82
C PHE A 65 4.49 6.43 -11.81
N PRO A 66 5.29 6.78 -12.88
CA PRO A 66 5.80 5.78 -13.83
C PRO A 66 6.76 4.76 -13.19
N GLU A 67 7.73 5.25 -12.40
CA GLU A 67 8.70 4.39 -11.74
C GLU A 67 8.17 3.75 -10.45
N PHE A 68 6.93 4.08 -10.06
CA PHE A 68 6.33 3.51 -8.84
C PHE A 68 6.22 1.99 -8.92
N LEU A 69 5.60 1.52 -10.00
CA LEU A 69 5.41 0.09 -10.24
C LEU A 69 6.71 -0.61 -10.67
N THR A 70 7.76 0.20 -10.80
CA THR A 70 9.09 -0.27 -11.19
C THR A 70 9.79 -1.04 -10.05
N MET A 71 9.63 -0.54 -8.82
CA MET A 71 10.23 -1.15 -7.62
C MET A 71 9.49 -2.43 -7.19
N MET A 72 8.17 -2.46 -7.38
CA MET A 72 7.33 -3.61 -7.00
C MET A 72 7.58 -4.84 -7.88
N ALA A 73 7.67 -4.63 -9.20
CA ALA A 73 7.90 -5.70 -10.17
C ALA A 73 9.32 -6.29 -10.09
N ARG A 74 10.22 -5.58 -9.39
CA ARG A 74 11.62 -6.01 -9.24
C ARG A 74 11.78 -7.19 -8.28
N LYS A 75 11.44 -6.97 -7.00
CA LYS A 75 11.55 -8.02 -5.96
C LYS A 75 10.42 -9.04 -6.04
N MET A 76 9.42 -8.77 -6.89
CA MET A 76 8.30 -9.69 -7.08
C MET A 76 8.68 -10.79 -8.10
N LYS A 77 10.00 -10.88 -8.38
CA LYS A 77 10.51 -11.86 -9.34
C LYS A 77 11.30 -12.99 -8.66
N ASP A 78 11.30 -13.03 -7.32
CA ASP A 78 12.03 -14.07 -6.59
C ASP A 78 11.11 -15.12 -5.99
N THR A 79 9.81 -14.87 -6.15
CA THR A 79 8.72 -15.75 -5.66
C THR A 79 8.71 -15.92 -4.13
N ASP A 80 9.71 -15.32 -3.48
CA ASP A 80 9.81 -15.32 -2.03
C ASP A 80 9.22 -14.00 -1.54
N SER A 81 8.33 -13.46 -2.40
CA SER A 81 7.67 -12.18 -2.16
C SER A 81 6.57 -12.27 -1.10
N GLU A 82 6.35 -13.48 -0.59
CA GLU A 82 5.35 -13.75 0.46
C GLU A 82 5.79 -13.16 1.80
N GLU A 83 7.10 -12.89 1.91
CA GLU A 83 7.69 -12.29 3.09
C GLU A 83 7.35 -10.79 3.16
N GLU A 84 6.88 -10.26 2.02
CA GLU A 84 6.47 -8.86 1.90
C GLU A 84 5.05 -8.65 2.42
N ILE A 85 4.14 -9.60 2.09
CA ILE A 85 2.72 -9.54 2.50
C ILE A 85 2.54 -9.83 3.99
N ARG A 86 3.38 -10.69 4.57
CA ARG A 86 3.31 -10.99 6.00
C ARG A 86 3.39 -9.69 6.81
N GLU A 87 4.04 -8.70 6.19
CA GLU A 87 4.20 -7.37 6.75
C GLU A 87 2.94 -6.53 6.63
N ALA A 88 2.27 -6.62 5.46
CA ALA A 88 1.02 -5.88 5.21
C ALA A 88 -0.14 -6.45 6.03
N PHE A 89 0.07 -7.69 6.53
CA PHE A 89 -0.92 -8.40 7.33
C PHE A 89 -1.06 -7.80 8.74
N ARG A 90 0.06 -7.43 9.35
CA ARG A 90 0.04 -6.85 10.69
C ARG A 90 -0.49 -5.41 10.68
N VAL A 91 -0.31 -4.73 9.53
CA VAL A 91 -0.79 -3.36 9.34
C VAL A 91 -2.31 -3.35 9.10
N PHE A 92 -2.83 -4.43 8.49
CA PHE A 92 -4.26 -4.57 8.22
C PHE A 92 -4.98 -5.19 9.41
N ASP A 93 -4.62 -6.44 9.76
CA ASP A 93 -5.21 -7.13 10.89
C ASP A 93 -4.29 -6.99 12.12
N LYS A 94 -4.56 -5.96 12.94
CA LYS A 94 -3.76 -5.66 14.14
C LYS A 94 -3.89 -6.72 15.24
N ASP A 95 -5.10 -7.22 15.46
CA ASP A 95 -5.34 -8.24 16.50
C ASP A 95 -5.34 -9.65 15.92
N GLY A 96 -5.15 -9.70 14.61
CA GLY A 96 -5.12 -10.95 13.84
C GLY A 96 -6.23 -11.91 14.16
N ASN A 97 -7.45 -11.57 13.75
CA ASN A 97 -8.59 -12.44 13.93
C ASN A 97 -8.54 -13.55 12.86
N GLY A 98 -7.33 -13.75 12.31
CA GLY A 98 -7.12 -14.72 11.26
C GLY A 98 -7.25 -14.09 9.88
N TYR A 99 -8.09 -13.06 9.80
CA TYR A 99 -8.36 -12.32 8.56
C TYR A 99 -8.41 -10.81 8.88
N ILE A 100 -8.91 -9.97 7.95
CA ILE A 100 -8.98 -8.53 8.19
C ILE A 100 -10.43 -8.04 8.34
N SER A 101 -10.81 -7.74 9.58
CA SER A 101 -12.16 -7.29 9.93
C SER A 101 -12.34 -5.78 9.65
N ALA A 102 -13.62 -5.37 9.57
CA ALA A 102 -13.99 -3.97 9.31
C ALA A 102 -13.66 -3.04 10.49
N ALA A 103 -13.72 -3.58 11.71
CA ALA A 103 -13.44 -2.82 12.93
C ALA A 103 -11.98 -2.37 13.01
N GLU A 104 -11.06 -3.25 12.56
CA GLU A 104 -9.62 -2.97 12.57
C GLU A 104 -9.23 -2.06 11.41
N LEU A 105 -9.94 -2.20 10.27
CA LEU A 105 -9.71 -1.36 9.08
C LEU A 105 -10.00 0.11 9.37
N ARG A 106 -11.01 0.33 10.23
CA ARG A 106 -11.42 1.67 10.63
C ARG A 106 -10.27 2.41 11.32
N HIS A 107 -9.64 1.71 12.29
CA HIS A 107 -8.49 2.23 13.06
C HIS A 107 -7.36 2.73 12.16
N VAL A 108 -7.17 2.05 11.03
CA VAL A 108 -6.13 2.43 10.05
C VAL A 108 -6.53 3.70 9.30
N MET A 109 -7.82 3.83 9.13
CA MET A 109 -8.44 4.98 8.46
C MET A 109 -8.48 6.20 9.39
N THR A 110 -8.83 5.93 10.65
CA THR A 110 -8.93 6.95 11.70
C THR A 110 -7.55 7.41 12.21
N ASN A 111 -6.56 6.52 12.12
CA ASN A 111 -5.19 6.82 12.57
C ASN A 111 -4.47 7.77 11.60
N LEU A 112 -4.97 7.82 10.36
CA LEU A 112 -4.42 8.65 9.31
C LEU A 112 -4.91 10.10 9.44
N GLY A 113 -5.81 10.34 10.39
CA GLY A 113 -6.37 11.68 10.61
C GLY A 113 -7.60 11.96 9.77
N GLU A 114 -8.40 10.92 9.52
CA GLU A 114 -9.62 11.04 8.72
C GLU A 114 -10.79 10.32 9.39
N LYS A 115 -12.01 10.79 9.12
CA LYS A 115 -13.22 10.18 9.69
C LYS A 115 -14.22 9.82 8.60
N LEU A 116 -14.35 8.51 8.33
CA LEU A 116 -15.26 8.00 7.31
C LEU A 116 -16.29 7.05 7.94
N THR A 117 -17.42 6.87 7.24
CA THR A 117 -18.51 6.00 7.71
C THR A 117 -18.21 4.51 7.42
N ASP A 118 -18.96 3.62 8.09
CA ASP A 118 -18.81 2.17 7.95
C ASP A 118 -19.29 1.66 6.59
N GLU A 119 -20.23 2.41 5.98
CA GLU A 119 -20.81 2.07 4.67
C GLU A 119 -19.76 1.95 3.56
N GLU A 120 -18.69 2.77 3.68
CA GLU A 120 -17.59 2.77 2.70
C GLU A 120 -16.66 1.58 2.91
N VAL A 121 -16.57 1.16 4.17
CA VAL A 121 -15.76 0.02 4.58
C VAL A 121 -16.35 -1.31 4.06
N ASP A 122 -17.69 -1.41 4.14
CA ASP A 122 -18.44 -2.59 3.68
C ASP A 122 -18.16 -2.87 2.20
N GLU A 123 -17.88 -1.79 1.46
CA GLU A 123 -17.55 -1.85 0.04
C GLU A 123 -16.23 -2.59 -0.21
N MET A 124 -15.31 -2.53 0.76
CA MET A 124 -13.99 -3.17 0.64
C MET A 124 -14.12 -4.67 0.82
N ILE A 125 -15.10 -5.03 1.64
CA ILE A 125 -15.43 -6.40 1.99
C ILE A 125 -16.09 -7.16 0.85
N ARG A 126 -16.94 -6.47 0.10
CA ARG A 126 -17.61 -7.09 -1.03
C ARG A 126 -16.60 -7.30 -2.17
N GLU A 127 -15.50 -6.56 -2.06
CA GLU A 127 -14.41 -6.58 -3.03
C GLU A 127 -13.41 -7.68 -2.72
N ALA A 128 -13.31 -8.04 -1.43
CA ALA A 128 -12.37 -9.05 -0.98
C ALA A 128 -13.04 -10.30 -0.39
N ASP A 129 -14.24 -10.14 0.20
CA ASP A 129 -14.92 -11.31 0.80
C ASP A 129 -15.72 -12.09 -0.25
N ILE A 130 -15.21 -13.29 -0.53
CA ILE A 130 -15.78 -14.21 -1.54
C ILE A 130 -17.00 -14.92 -1.01
N ASP A 131 -16.92 -15.31 0.26
CA ASP A 131 -18.00 -15.98 0.95
C ASP A 131 -18.71 -14.94 1.82
N GLY A 132 -18.20 -13.69 1.76
CA GLY A 132 -18.76 -12.57 2.49
C GLY A 132 -18.81 -12.76 4.00
N ASP A 133 -17.62 -12.95 4.59
CA ASP A 133 -17.50 -13.17 6.04
C ASP A 133 -17.25 -11.85 6.80
N GLY A 134 -17.01 -10.76 6.07
CA GLY A 134 -16.76 -9.46 6.68
C GLY A 134 -15.31 -9.23 7.08
N GLN A 135 -14.45 -10.22 6.82
CA GLN A 135 -13.03 -10.13 7.15
C GLN A 135 -12.16 -10.46 5.93
N VAL A 136 -10.93 -9.93 5.90
CA VAL A 136 -10.04 -10.16 4.76
C VAL A 136 -8.92 -11.16 5.06
N ASN A 137 -8.93 -12.27 4.31
CA ASN A 137 -7.95 -13.33 4.48
C ASN A 137 -6.71 -13.14 3.59
N TYR A 138 -5.63 -13.84 3.96
CA TYR A 138 -4.32 -13.82 3.27
C TYR A 138 -4.37 -14.48 1.88
N GLU A 139 -5.26 -15.46 1.76
CA GLU A 139 -5.42 -16.26 0.53
C GLU A 139 -6.11 -15.43 -0.52
N GLU A 140 -7.05 -14.61 -0.03
CA GLU A 140 -7.79 -13.67 -0.85
C GLU A 140 -6.88 -12.48 -1.11
N PHE A 141 -6.06 -12.23 -0.08
CA PHE A 141 -5.07 -11.15 -0.08
C PHE A 141 -3.97 -11.36 -1.12
N VAL A 142 -3.51 -12.61 -1.22
CA VAL A 142 -2.46 -13.03 -2.16
C VAL A 142 -2.91 -12.77 -3.61
N GLN A 143 -4.17 -13.11 -3.88
CA GLN A 143 -4.79 -12.94 -5.22
C GLN A 143 -4.80 -11.47 -5.67
N MET A 144 -4.81 -10.55 -4.69
CA MET A 144 -4.81 -9.09 -4.96
C MET A 144 -3.53 -8.64 -5.66
N MET A 145 -2.43 -9.38 -5.46
CA MET A 145 -1.13 -9.05 -6.07
C MET A 145 -1.05 -9.57 -7.50
N THR A 146 -1.64 -10.74 -7.75
CA THR A 146 -1.64 -11.37 -9.07
C THR A 146 -2.93 -11.04 -9.86
N ALA A 147 -3.76 -10.16 -9.30
CA ALA A 147 -5.03 -9.76 -9.94
C ALA A 147 -4.82 -8.68 -11.00
N LYS A 148 -5.74 -8.64 -11.97
CA LYS A 148 -5.68 -7.67 -13.06
C LYS A 148 -6.51 -6.43 -12.75
N LEU B 1 -10.82 -4.29 -1.24
CA LEU B 1 -9.36 -4.09 -1.05
C LEU B 1 -8.60 -4.46 -2.32
N LYS B 2 -7.97 -3.45 -2.95
CA LYS B 2 -7.19 -3.62 -4.19
C LYS B 2 -6.19 -2.47 -4.35
N VAL B 3 -6.67 -1.25 -4.09
CA VAL B 3 -5.85 -0.03 -4.19
C VAL B 3 -5.01 0.18 -2.93
N LEU B 4 -5.70 0.13 -1.78
CA LEU B 4 -5.06 0.27 -0.46
C LEU B 4 -4.12 -0.90 -0.12
N VAL B 5 -4.22 -1.99 -0.93
CA VAL B 5 -3.38 -3.18 -0.73
C VAL B 5 -1.97 -2.95 -1.28
N LYS B 6 -1.88 -2.19 -2.38
CA LYS B 6 -0.60 -1.88 -3.03
C LYS B 6 0.17 -0.78 -2.28
N ALA B 7 -0.57 0.10 -1.58
CA ALA B 7 0.02 1.22 -0.82
C ALA B 7 0.74 0.75 0.45
N VAL B 8 0.20 -0.29 1.09
CA VAL B 8 0.79 -0.85 2.33
C VAL B 8 2.03 -1.71 2.02
N LEU B 9 2.01 -2.40 0.88
CA LEU B 9 3.12 -3.28 0.45
C LEU B 9 4.38 -2.48 0.11
N PHE B 10 4.21 -1.23 -0.36
CA PHE B 10 5.33 -0.36 -0.73
C PHE B 10 6.11 0.16 0.48
N ALA B 11 5.38 0.50 1.56
CA ALA B 11 5.99 1.02 2.79
C ALA B 11 6.73 -0.08 3.57
N CYS B 12 6.31 -1.34 3.38
CA CYS B 12 6.93 -2.49 4.04
C CYS B 12 8.27 -2.88 3.40
N MET B 13 8.47 -2.47 2.14
CA MET B 13 9.70 -2.76 1.40
C MET B 13 10.75 -1.69 1.61
N LEU B 14 10.29 -0.46 1.95
CA LEU B 14 11.19 0.68 2.18
C LEU B 14 11.73 0.71 3.61
N MET B 15 11.09 -0.06 4.51
CA MET B 15 11.50 -0.14 5.91
C MET B 15 12.59 -1.20 6.13
N ARG B 16 12.59 -2.21 5.25
CA ARG B 16 13.58 -3.30 5.31
C ARG B 16 14.87 -2.93 4.56
N LYS B 17 14.94 -1.68 4.09
CA LYS B 17 16.10 -1.19 3.36
C LYS B 17 17.02 -0.39 4.29
N ALA A 1 -2.43 -13.25 -23.15
CA ALA A 1 -1.94 -12.10 -22.35
C ALA A 1 -1.61 -12.52 -20.93
N ASP A 2 -0.45 -12.08 -20.43
CA ASP A 2 0.00 -12.41 -19.08
C ASP A 2 0.03 -11.17 -18.18
N GLN A 3 0.54 -10.06 -18.73
CA GLN A 3 0.62 -8.80 -17.99
C GLN A 3 -0.46 -7.83 -18.45
N LEU A 4 -0.96 -7.02 -17.51
CA LEU A 4 -2.00 -6.03 -17.80
C LEU A 4 -1.40 -4.64 -18.02
N THR A 5 -2.14 -3.79 -18.74
CA THR A 5 -1.72 -2.43 -19.04
C THR A 5 -2.50 -1.41 -18.21
N GLU A 6 -3.17 -0.49 -18.89
CA GLU A 6 -4.00 0.58 -18.29
C GLU A 6 -5.00 0.07 -17.23
N GLU A 7 -5.14 -1.26 -17.12
CA GLU A 7 -6.04 -1.91 -16.17
C GLU A 7 -5.40 -1.89 -14.79
N GLN A 8 -4.21 -2.51 -14.73
CA GLN A 8 -3.39 -2.57 -13.54
C GLN A 8 -2.70 -1.23 -13.33
N ILE A 9 -2.40 -0.57 -14.47
CA ILE A 9 -1.74 0.73 -14.48
C ILE A 9 -2.62 1.81 -13.83
N ALA A 10 -3.95 1.62 -13.91
CA ALA A 10 -4.92 2.56 -13.32
C ALA A 10 -4.95 2.47 -11.79
N GLU A 11 -4.53 1.30 -11.26
CA GLU A 11 -4.48 1.05 -9.81
C GLU A 11 -3.27 1.74 -9.19
N PHE A 12 -2.25 1.92 -10.04
CA PHE A 12 -0.97 2.55 -9.73
C PHE A 12 -1.13 4.07 -9.62
N LYS A 13 -1.82 4.64 -10.63
CA LYS A 13 -2.12 6.08 -10.66
C LYS A 13 -3.05 6.40 -9.50
N GLU A 14 -3.95 5.43 -9.24
CA GLU A 14 -4.89 5.51 -8.13
C GLU A 14 -4.15 5.26 -6.81
N ALA A 15 -3.12 4.39 -6.86
CA ALA A 15 -2.30 4.08 -5.66
C ALA A 15 -1.33 5.23 -5.33
N PHE A 16 -0.95 5.99 -6.36
CA PHE A 16 -0.02 7.12 -6.23
C PHE A 16 -0.67 8.35 -5.58
N SER A 17 -2.01 8.49 -5.72
CA SER A 17 -2.76 9.63 -5.17
C SER A 17 -2.85 9.64 -3.64
N LEU A 18 -2.47 8.52 -3.01
CA LEU A 18 -2.49 8.43 -1.55
C LEU A 18 -1.30 9.21 -0.96
N PHE A 19 -0.13 9.03 -1.60
CA PHE A 19 1.11 9.71 -1.21
C PHE A 19 1.28 11.04 -1.95
N ASP A 20 0.47 11.27 -3.02
CA ASP A 20 0.56 12.48 -3.82
C ASP A 20 -0.59 13.43 -3.50
N LYS A 21 -0.51 14.02 -2.30
CA LYS A 21 -1.51 14.97 -1.80
C LYS A 21 -1.40 16.36 -2.48
N ASP A 22 -0.40 16.52 -3.36
CA ASP A 22 -0.17 17.79 -4.07
C ASP A 22 -0.78 17.77 -5.48
N GLY A 23 -0.72 16.61 -6.14
CA GLY A 23 -1.25 16.46 -7.50
C GLY A 23 -0.31 16.96 -8.59
N ASP A 24 1.01 16.86 -8.34
CA ASP A 24 2.03 17.30 -9.30
C ASP A 24 2.79 16.10 -9.88
N GLY A 25 2.67 14.95 -9.22
CA GLY A 25 3.34 13.72 -9.64
C GLY A 25 4.68 13.57 -9.01
N THR A 26 4.67 13.78 -7.70
CA THR A 26 5.83 13.70 -6.87
C THR A 26 5.45 13.26 -5.48
N ILE A 27 6.31 12.45 -4.88
CA ILE A 27 6.11 11.99 -3.52
C ILE A 27 7.38 12.39 -2.82
N THR A 28 7.26 13.52 -2.16
CA THR A 28 8.37 14.14 -1.51
C THR A 28 8.77 13.39 -0.26
N THR A 29 9.99 13.68 0.18
CA THR A 29 10.55 13.05 1.37
C THR A 29 9.72 13.32 2.62
N LYS A 30 9.11 14.51 2.66
CA LYS A 30 8.26 14.92 3.79
C LYS A 30 6.88 14.25 3.76
N GLU A 31 6.31 14.15 2.57
CA GLU A 31 4.99 13.53 2.36
C GLU A 31 4.98 12.04 2.70
N LEU A 32 6.15 11.40 2.56
CA LEU A 32 6.32 9.97 2.85
C LEU A 32 6.29 9.69 4.35
N GLY A 33 7.04 10.49 5.12
CA GLY A 33 7.07 10.33 6.56
C GLY A 33 5.77 10.77 7.22
N THR A 34 5.01 11.65 6.53
CA THR A 34 3.70 12.11 7.03
C THR A 34 2.77 10.90 7.06
N VAL A 35 3.03 10.00 6.11
CA VAL A 35 2.34 8.73 5.99
C VAL A 35 2.88 7.77 7.08
N MET A 36 4.14 8.02 7.48
CA MET A 36 4.85 7.24 8.50
C MET A 36 4.34 7.56 9.91
N ARG A 37 4.13 8.85 10.18
CA ARG A 37 3.65 9.32 11.49
C ARG A 37 2.23 8.83 11.81
N SER A 38 1.49 8.47 10.76
CA SER A 38 0.12 7.96 10.91
C SER A 38 0.10 6.43 10.83
N LEU A 39 1.18 5.85 10.31
CA LEU A 39 1.31 4.40 10.17
C LEU A 39 2.11 3.80 11.35
N GLY A 40 2.81 4.66 12.11
CA GLY A 40 3.58 4.20 13.27
C GLY A 40 5.09 4.17 13.07
N GLN A 41 5.59 4.97 12.13
CA GLN A 41 7.03 5.06 11.86
C GLN A 41 7.52 6.50 11.96
N ASN A 42 8.66 6.68 12.63
CA ASN A 42 9.26 8.00 12.81
C ASN A 42 10.70 8.02 12.27
N PRO A 43 10.89 8.08 10.91
CA PRO A 43 12.22 8.11 10.28
C PRO A 43 12.88 9.50 10.32
N THR A 44 14.17 9.54 9.97
CA THR A 44 14.95 10.79 9.95
C THR A 44 15.01 11.36 8.53
N GLU A 45 15.58 12.56 8.39
CA GLU A 45 15.71 13.24 7.08
C GLU A 45 16.57 12.42 6.11
N ALA A 46 17.67 11.85 6.65
CA ALA A 46 18.57 11.01 5.87
C ALA A 46 17.93 9.66 5.55
N GLU A 47 16.97 9.27 6.41
CA GLU A 47 16.21 8.02 6.26
C GLU A 47 15.13 8.12 5.18
N LEU A 48 14.58 9.33 5.02
CA LEU A 48 13.54 9.59 4.00
C LEU A 48 14.15 9.66 2.60
N GLN A 49 15.36 10.21 2.51
CA GLN A 49 16.10 10.33 1.24
C GLN A 49 16.64 8.97 0.77
N ASP A 50 16.69 8.02 1.71
CA ASP A 50 17.16 6.66 1.43
C ASP A 50 16.13 5.89 0.58
N MET A 51 14.84 6.01 0.99
CA MET A 51 13.72 5.36 0.29
C MET A 51 13.46 6.04 -1.07
N ILE A 52 13.71 7.36 -1.14
CA ILE A 52 13.52 8.15 -2.35
C ILE A 52 14.58 7.85 -3.41
N ASN A 53 15.86 7.98 -3.03
CA ASN A 53 16.99 7.77 -3.95
C ASN A 53 17.04 6.36 -4.56
N GLU A 54 16.16 5.47 -4.06
CA GLU A 54 16.06 4.11 -4.56
C GLU A 54 15.22 4.08 -5.84
N VAL A 55 14.15 4.87 -5.82
CA VAL A 55 13.23 5.00 -6.96
C VAL A 55 13.50 6.28 -7.73
N ASP A 56 13.78 7.37 -7.01
CA ASP A 56 14.07 8.67 -7.60
C ASP A 56 15.14 8.58 -8.72
N ALA A 57 14.72 8.93 -9.94
CA ALA A 57 15.61 8.93 -11.11
C ALA A 57 16.47 10.20 -11.15
N ASP A 58 16.02 11.25 -10.45
CA ASP A 58 16.72 12.53 -10.38
C ASP A 58 17.57 12.67 -9.11
N GLY A 59 17.02 12.20 -7.98
CA GLY A 59 17.70 12.27 -6.69
C GLY A 59 17.59 13.63 -6.03
N ASN A 60 16.35 14.07 -5.80
CA ASN A 60 16.08 15.37 -5.16
C ASN A 60 15.14 15.24 -3.95
N GLY A 61 14.68 14.01 -3.68
CA GLY A 61 13.77 13.74 -2.57
C GLY A 61 12.32 13.68 -2.99
N THR A 62 12.08 13.33 -4.26
CA THR A 62 10.74 13.23 -4.79
C THR A 62 10.65 12.04 -5.74
N ILE A 63 9.53 11.34 -5.66
CA ILE A 63 9.29 10.17 -6.50
C ILE A 63 8.27 10.53 -7.58
N ASP A 64 8.42 9.92 -8.76
CA ASP A 64 7.51 10.20 -9.86
C ASP A 64 6.76 8.93 -10.30
N PHE A 65 5.85 9.08 -11.29
CA PHE A 65 5.05 7.96 -11.82
C PHE A 65 5.85 6.92 -12.62
N PRO A 66 6.83 7.30 -13.50
CA PRO A 66 7.60 6.33 -14.32
C PRO A 66 8.33 5.25 -13.50
N GLU A 67 9.15 5.67 -12.53
CA GLU A 67 9.91 4.72 -11.70
C GLU A 67 9.08 4.12 -10.55
N PHE A 68 7.86 4.65 -10.30
CA PHE A 68 7.01 4.12 -9.23
C PHE A 68 6.63 2.67 -9.50
N LEU A 69 6.24 2.41 -10.74
CA LEU A 69 5.88 1.09 -11.23
C LEU A 69 7.13 0.22 -11.40
N THR A 70 8.29 0.89 -11.37
CA THR A 70 9.60 0.26 -11.53
C THR A 70 10.04 -0.56 -10.31
N MET A 71 9.80 -0.01 -9.11
CA MET A 71 10.20 -0.68 -7.86
C MET A 71 9.31 -1.87 -7.48
N MET A 72 8.00 -1.77 -7.76
CA MET A 72 7.04 -2.84 -7.42
C MET A 72 7.25 -4.09 -8.27
N ALA A 73 7.46 -3.90 -9.57
CA ALA A 73 7.68 -5.00 -10.52
C ALA A 73 9.05 -5.69 -10.36
N ARG A 74 9.92 -5.11 -9.52
CA ARG A 74 11.26 -5.65 -9.29
C ARG A 74 11.25 -6.93 -8.43
N LYS A 75 10.94 -6.77 -7.13
CA LYS A 75 10.91 -7.91 -6.18
C LYS A 75 9.67 -8.77 -6.33
N MET A 76 8.72 -8.33 -7.16
CA MET A 76 7.49 -9.10 -7.41
C MET A 76 7.76 -10.16 -8.50
N LYS A 77 9.05 -10.36 -8.82
CA LYS A 77 9.45 -11.32 -9.85
C LYS A 77 10.14 -12.57 -9.27
N ASP A 78 10.24 -12.67 -7.93
CA ASP A 78 10.89 -13.81 -7.29
C ASP A 78 9.89 -14.84 -6.77
N THR A 79 8.63 -14.43 -6.77
CA THR A 79 7.48 -15.24 -6.31
C THR A 79 7.57 -15.65 -4.83
N ASP A 80 8.70 -15.34 -4.20
CA ASP A 80 8.92 -15.60 -2.79
C ASP A 80 8.58 -14.31 -2.05
N SER A 81 7.74 -13.50 -2.72
CA SER A 81 7.31 -12.20 -2.23
C SER A 81 6.29 -12.29 -1.09
N GLU A 82 6.00 -13.53 -0.64
CA GLU A 82 5.06 -13.79 0.47
C GLU A 82 5.55 -13.18 1.78
N GLU A 83 6.87 -12.98 1.87
CA GLU A 83 7.50 -12.39 3.03
C GLU A 83 7.28 -10.87 3.06
N GLU A 84 6.88 -10.32 1.90
CA GLU A 84 6.58 -8.90 1.73
C GLU A 84 5.15 -8.59 2.19
N ILE A 85 4.19 -9.48 1.84
CA ILE A 85 2.77 -9.31 2.19
C ILE A 85 2.49 -9.56 3.66
N ARG A 86 3.25 -10.46 4.30
CA ARG A 86 3.09 -10.73 5.73
C ARG A 86 3.20 -9.43 6.54
N GLU A 87 3.85 -8.44 5.90
CA GLU A 87 4.05 -7.11 6.46
C GLU A 87 2.79 -6.24 6.40
N ALA A 88 2.01 -6.40 5.31
CA ALA A 88 0.77 -5.64 5.15
C ALA A 88 -0.33 -6.18 6.08
N PHE A 89 -0.09 -7.39 6.61
CA PHE A 89 -1.01 -8.07 7.52
C PHE A 89 -1.03 -7.43 8.91
N ARG A 90 0.13 -6.97 9.39
CA ARG A 90 0.22 -6.35 10.70
C ARG A 90 -0.39 -4.93 10.72
N VAL A 91 -0.30 -4.24 9.58
CA VAL A 91 -0.86 -2.87 9.43
C VAL A 91 -2.39 -2.93 9.27
N PHE A 92 -2.88 -4.01 8.62
CA PHE A 92 -4.31 -4.21 8.40
C PHE A 92 -4.96 -4.90 9.60
N ASP A 93 -4.39 -6.03 9.98
CA ASP A 93 -4.86 -6.81 11.11
C ASP A 93 -4.01 -6.46 12.35
N LYS A 94 -4.44 -5.40 13.05
CA LYS A 94 -3.73 -4.88 14.25
C LYS A 94 -3.75 -5.82 15.46
N ASP A 95 -4.89 -6.46 15.72
CA ASP A 95 -5.03 -7.34 16.89
C ASP A 95 -4.83 -8.81 16.55
N GLY A 96 -4.42 -9.05 15.31
CA GLY A 96 -4.18 -10.40 14.78
C GLY A 96 -5.26 -11.40 15.08
N ASN A 97 -6.46 -11.16 14.57
CA ASN A 97 -7.56 -12.09 14.72
C ASN A 97 -7.38 -13.20 13.69
N GLY A 98 -6.15 -13.28 13.14
CA GLY A 98 -5.83 -14.26 12.11
C GLY A 98 -6.23 -13.80 10.71
N TYR A 99 -7.19 -12.86 10.67
CA TYR A 99 -7.71 -12.30 9.42
C TYR A 99 -7.96 -10.79 9.59
N ILE A 100 -8.56 -10.13 8.57
CA ILE A 100 -8.78 -8.68 8.64
C ILE A 100 -10.27 -8.32 8.77
N SER A 101 -10.67 -7.94 9.99
CA SER A 101 -12.04 -7.55 10.29
C SER A 101 -12.32 -6.09 9.89
N ALA A 102 -13.61 -5.75 9.77
CA ALA A 102 -14.06 -4.40 9.39
C ALA A 102 -13.78 -3.37 10.49
N ALA A 103 -13.82 -3.80 11.75
CA ALA A 103 -13.59 -2.93 12.91
C ALA A 103 -12.16 -2.37 12.96
N GLU A 104 -11.18 -3.20 12.56
CA GLU A 104 -9.77 -2.80 12.55
C GLU A 104 -9.45 -1.91 11.35
N LEU A 105 -10.14 -2.15 10.23
CA LEU A 105 -9.98 -1.36 9.00
C LEU A 105 -10.42 0.08 9.22
N ARG A 106 -11.49 0.23 10.02
CA ARG A 106 -12.07 1.53 10.35
C ARG A 106 -11.03 2.41 11.05
N HIS A 107 -10.39 1.83 12.09
CA HIS A 107 -9.35 2.50 12.88
C HIS A 107 -8.22 3.07 12.01
N VAL A 108 -7.92 2.37 10.91
CA VAL A 108 -6.86 2.79 9.99
C VAL A 108 -7.27 4.00 9.15
N MET A 109 -8.53 4.02 8.77
CA MET A 109 -9.11 5.10 7.97
C MET A 109 -9.39 6.34 8.83
N THR A 110 -9.83 6.09 10.08
CA THR A 110 -10.14 7.14 11.05
C THR A 110 -8.87 7.76 11.65
N ASN A 111 -7.78 6.96 11.68
CA ASN A 111 -6.49 7.42 12.24
C ASN A 111 -5.79 8.38 11.29
N LEU A 112 -6.15 8.31 10.00
CA LEU A 112 -5.60 9.15 8.97
C LEU A 112 -6.27 10.53 8.93
N GLY A 113 -7.29 10.71 9.78
CA GLY A 113 -8.02 11.98 9.83
C GLY A 113 -9.17 12.04 8.85
N GLU A 114 -9.81 10.89 8.60
CA GLU A 114 -10.95 10.81 7.67
C GLU A 114 -12.08 9.96 8.27
N LYS A 115 -13.31 10.23 7.81
CA LYS A 115 -14.48 9.50 8.30
C LYS A 115 -15.28 8.91 7.13
N LEU A 116 -15.43 7.59 7.12
CA LEU A 116 -16.17 6.88 6.08
C LEU A 116 -17.35 6.11 6.67
N THR A 117 -18.34 5.80 5.83
CA THR A 117 -19.54 5.06 6.25
C THR A 117 -19.32 3.55 6.22
N ASP A 118 -20.20 2.81 6.91
CA ASP A 118 -20.13 1.35 6.98
C ASP A 118 -20.51 0.66 5.66
N GLU A 119 -21.41 1.30 4.91
CA GLU A 119 -21.88 0.81 3.61
C GLU A 119 -20.77 0.75 2.56
N GLU A 120 -19.84 1.72 2.64
CA GLU A 120 -18.71 1.80 1.70
C GLU A 120 -17.63 0.78 2.05
N VAL A 121 -17.53 0.48 3.34
CA VAL A 121 -16.57 -0.48 3.88
C VAL A 121 -16.90 -1.90 3.41
N ASP A 122 -18.20 -2.25 3.45
CA ASP A 122 -18.68 -3.57 3.01
C ASP A 122 -18.28 -3.87 1.56
N GLU A 123 -18.17 -2.80 0.77
CA GLU A 123 -17.76 -2.86 -0.64
C GLU A 123 -16.32 -3.34 -0.79
N MET A 124 -15.47 -3.06 0.22
CA MET A 124 -14.05 -3.43 0.19
C MET A 124 -13.88 -4.92 0.44
N ILE A 125 -14.82 -5.44 1.24
CA ILE A 125 -14.85 -6.84 1.65
C ILE A 125 -15.35 -7.77 0.56
N ARG A 126 -16.25 -7.29 -0.26
CA ARG A 126 -16.79 -8.08 -1.36
C ARG A 126 -15.72 -8.25 -2.44
N GLU A 127 -14.72 -7.37 -2.34
CA GLU A 127 -13.58 -7.33 -3.26
C GLU A 127 -12.48 -8.28 -2.80
N ALA A 128 -12.43 -8.52 -1.48
CA ALA A 128 -11.43 -9.40 -0.88
C ALA A 128 -12.04 -10.67 -0.29
N ASP A 129 -13.24 -10.56 0.31
CA ASP A 129 -13.90 -11.74 0.91
C ASP A 129 -14.68 -12.52 -0.15
N ILE A 130 -14.22 -13.75 -0.34
CA ILE A 130 -14.80 -14.69 -1.33
C ILE A 130 -16.09 -15.31 -0.82
N ASP A 131 -16.08 -15.65 0.46
CA ASP A 131 -17.26 -16.21 1.12
C ASP A 131 -17.98 -15.11 1.90
N GLY A 132 -17.39 -13.90 1.83
CA GLY A 132 -17.93 -12.72 2.47
C GLY A 132 -18.22 -12.88 3.96
N ASP A 133 -17.18 -13.27 4.69
CA ASP A 133 -17.28 -13.49 6.15
C ASP A 133 -17.03 -12.20 6.95
N GLY A 134 -16.59 -11.13 6.26
CA GLY A 134 -16.33 -9.85 6.92
C GLY A 134 -14.91 -9.71 7.46
N GLN A 135 -14.09 -10.75 7.25
CA GLN A 135 -12.69 -10.75 7.72
C GLN A 135 -11.75 -11.13 6.57
N VAL A 136 -10.57 -10.48 6.50
CA VAL A 136 -9.64 -10.75 5.40
C VAL A 136 -8.38 -11.51 5.82
N ASN A 137 -8.25 -12.72 5.28
CA ASN A 137 -7.10 -13.58 5.56
C ASN A 137 -5.97 -13.32 4.59
N TYR A 138 -4.78 -13.76 5.01
CA TYR A 138 -3.52 -13.60 4.24
C TYR A 138 -3.55 -14.32 2.88
N GLU A 139 -4.31 -15.42 2.82
CA GLU A 139 -4.44 -16.27 1.62
C GLU A 139 -5.31 -15.58 0.59
N GLU A 140 -6.34 -14.94 1.12
CA GLU A 140 -7.28 -14.15 0.33
C GLU A 140 -6.59 -12.85 -0.03
N PHE A 141 -5.71 -12.45 0.90
CA PHE A 141 -4.91 -11.24 0.78
C PHE A 141 -3.84 -11.34 -0.30
N VAL A 142 -3.20 -12.51 -0.36
CA VAL A 142 -2.14 -12.80 -1.34
C VAL A 142 -2.70 -12.77 -2.78
N GLN A 143 -3.88 -13.38 -2.93
CA GLN A 143 -4.57 -13.46 -4.23
C GLN A 143 -4.97 -12.07 -4.77
N MET A 144 -5.17 -11.11 -3.85
CA MET A 144 -5.56 -9.73 -4.20
C MET A 144 -4.51 -9.01 -5.06
N MET A 145 -3.25 -9.46 -4.94
CA MET A 145 -2.13 -8.87 -5.69
C MET A 145 -1.99 -9.52 -7.07
N THR A 146 -2.26 -10.83 -7.15
CA THR A 146 -2.16 -11.59 -8.39
C THR A 146 -3.52 -11.68 -9.11
N ALA A 147 -4.52 -10.95 -8.59
CA ALA A 147 -5.87 -10.95 -9.18
C ALA A 147 -5.98 -9.95 -10.33
N LYS A 148 -6.93 -10.20 -11.24
CA LYS A 148 -7.16 -9.34 -12.41
C LYS A 148 -8.21 -8.27 -12.09
N LEU B 1 -10.60 -4.06 -0.86
CA LEU B 1 -9.12 -4.00 -0.65
C LEU B 1 -8.39 -4.39 -1.93
N LYS B 2 -7.63 -3.44 -2.51
CA LYS B 2 -6.85 -3.67 -3.73
C LYS B 2 -5.91 -2.49 -4.01
N VAL B 3 -6.42 -1.26 -3.78
CA VAL B 3 -5.64 -0.04 -4.00
C VAL B 3 -4.86 0.33 -2.73
N LEU B 4 -5.50 0.13 -1.57
CA LEU B 4 -4.88 0.42 -0.26
C LEU B 4 -3.89 -0.68 0.15
N VAL B 5 -3.84 -1.76 -0.64
CA VAL B 5 -2.94 -2.90 -0.39
C VAL B 5 -1.56 -2.65 -1.02
N LYS B 6 -1.54 -1.97 -2.16
CA LYS B 6 -0.31 -1.65 -2.90
C LYS B 6 0.47 -0.50 -2.26
N ALA B 7 -0.25 0.40 -1.58
CA ALA B 7 0.35 1.57 -0.92
C ALA B 7 1.13 1.20 0.34
N VAL B 8 0.56 0.31 1.16
CA VAL B 8 1.20 -0.16 2.41
C VAL B 8 2.31 -1.19 2.12
N LEU B 9 2.10 -2.01 1.09
CA LEU B 9 3.05 -3.08 0.69
C LEU B 9 4.40 -2.52 0.18
N PHE B 10 4.36 -1.38 -0.51
CA PHE B 10 5.57 -0.75 -1.07
C PHE B 10 6.46 -0.11 0.01
N ALA B 11 5.83 0.53 1.00
CA ALA B 11 6.55 1.20 2.11
C ALA B 11 7.20 0.20 3.09
N CYS B 12 6.66 -1.02 3.15
CA CYS B 12 7.16 -2.07 4.04
C CYS B 12 8.45 -2.72 3.53
N MET B 13 8.76 -2.54 2.25
CA MET B 13 9.95 -3.13 1.64
C MET B 13 11.15 -2.16 1.66
N LEU B 14 10.87 -0.87 1.44
CA LEU B 14 11.91 0.17 1.42
C LEU B 14 12.31 0.62 2.83
N MET B 15 11.60 0.13 3.85
CA MET B 15 11.88 0.46 5.25
C MET B 15 12.89 -0.52 5.85
N ARG B 16 12.83 -1.77 5.37
CA ARG B 16 13.73 -2.84 5.82
C ARG B 16 15.03 -2.85 4.98
N LYS B 17 15.20 -1.80 4.16
CA LYS B 17 16.37 -1.66 3.30
C LYS B 17 17.45 -0.82 3.98
N ALA A 1 0.27 -14.12 -21.78
CA ALA A 1 0.68 -12.83 -21.19
C ALA A 1 1.36 -13.01 -19.84
N ASP A 2 2.51 -12.36 -19.67
CA ASP A 2 3.27 -12.44 -18.42
C ASP A 2 3.01 -11.23 -17.53
N GLN A 3 2.97 -10.04 -18.15
CA GLN A 3 2.73 -8.79 -17.42
C GLN A 3 1.56 -8.03 -18.03
N LEU A 4 0.84 -7.29 -17.17
CA LEU A 4 -0.31 -6.51 -17.59
C LEU A 4 0.09 -5.06 -17.93
N THR A 5 -0.73 -4.40 -18.76
CA THR A 5 -0.48 -3.04 -19.18
C THR A 5 -1.40 -2.05 -18.46
N GLU A 6 -2.24 -1.38 -19.25
CA GLU A 6 -3.23 -0.37 -18.78
C GLU A 6 -4.13 -0.88 -17.63
N GLU A 7 -4.05 -2.18 -17.34
CA GLU A 7 -4.84 -2.82 -16.28
C GLU A 7 -4.21 -2.51 -14.93
N GLN A 8 -2.94 -2.92 -14.80
CA GLN A 8 -2.12 -2.68 -13.63
C GLN A 8 -1.62 -1.25 -13.64
N ILE A 9 -1.45 -0.72 -14.86
CA ILE A 9 -1.00 0.65 -15.08
C ILE A 9 -2.03 1.67 -14.56
N ALA A 10 -3.32 1.28 -14.59
CA ALA A 10 -4.43 2.12 -14.13
C ALA A 10 -4.44 2.22 -12.60
N GLU A 11 -4.09 1.11 -11.94
CA GLU A 11 -4.04 1.02 -10.47
C GLU A 11 -2.81 1.71 -9.88
N PHE A 12 -1.77 1.85 -10.72
CA PHE A 12 -0.49 2.48 -10.37
C PHE A 12 -0.63 4.00 -10.30
N LYS A 13 -1.22 4.58 -11.37
CA LYS A 13 -1.47 6.02 -11.44
C LYS A 13 -2.48 6.38 -10.37
N GLU A 14 -3.40 5.44 -10.14
CA GLU A 14 -4.42 5.55 -9.10
C GLU A 14 -3.76 5.34 -7.73
N ALA A 15 -2.75 4.46 -7.69
CA ALA A 15 -2.00 4.18 -6.45
C ALA A 15 -1.04 5.33 -6.08
N PHE A 16 -0.60 6.07 -7.11
CA PHE A 16 0.33 7.20 -6.94
C PHE A 16 -0.35 8.45 -6.36
N SER A 17 -1.68 8.53 -6.47
CA SER A 17 -2.45 9.68 -5.98
C SER A 17 -2.52 9.75 -4.45
N LEU A 18 -2.42 8.59 -3.79
CA LEU A 18 -2.44 8.54 -2.32
C LEU A 18 -1.17 9.16 -1.74
N PHE A 19 -0.05 8.94 -2.46
CA PHE A 19 1.25 9.48 -2.08
C PHE A 19 1.49 10.86 -2.73
N ASP A 20 0.71 11.18 -3.77
CA ASP A 20 0.84 12.45 -4.47
C ASP A 20 -0.40 13.30 -4.22
N LYS A 21 -0.44 13.89 -3.04
CA LYS A 21 -1.54 14.76 -2.61
C LYS A 21 -1.51 16.15 -3.29
N ASP A 22 -0.50 16.36 -4.14
CA ASP A 22 -0.33 17.63 -4.87
C ASP A 22 -0.90 17.54 -6.28
N GLY A 23 -0.83 16.34 -6.87
CA GLY A 23 -1.34 16.10 -8.23
C GLY A 23 -0.39 16.55 -9.34
N ASP A 24 0.91 16.54 -9.04
CA ASP A 24 1.94 16.94 -10.02
C ASP A 24 2.78 15.74 -10.47
N GLY A 25 2.71 14.65 -9.70
CA GLY A 25 3.46 13.44 -9.98
C GLY A 25 4.78 13.41 -9.28
N THR A 26 4.67 13.53 -7.96
CA THR A 26 5.80 13.54 -7.07
C THR A 26 5.44 12.96 -5.72
N ILE A 27 6.40 12.27 -5.12
CA ILE A 27 6.22 11.70 -3.80
C ILE A 27 7.42 12.19 -3.03
N THR A 28 7.23 13.36 -2.45
CA THR A 28 8.28 14.05 -1.75
C THR A 28 8.60 13.38 -0.43
N THR A 29 9.79 13.69 0.07
CA THR A 29 10.30 13.15 1.31
C THR A 29 9.37 13.40 2.49
N LYS A 30 8.79 14.61 2.55
CA LYS A 30 7.87 15.00 3.63
C LYS A 30 6.49 14.37 3.44
N GLU A 31 6.10 14.14 2.18
CA GLU A 31 4.81 13.54 1.83
C GLU A 31 4.82 12.02 2.06
N LEU A 32 6.02 11.43 2.01
CA LEU A 32 6.21 9.99 2.21
C LEU A 32 6.04 9.60 3.68
N GLY A 33 6.63 10.42 4.58
CA GLY A 33 6.51 10.16 6.02
C GLY A 33 5.12 10.47 6.55
N THR A 34 4.43 11.45 5.92
CA THR A 34 3.05 11.79 6.30
C THR A 34 2.18 10.57 6.07
N VAL A 35 2.54 9.85 5.00
CA VAL A 35 1.93 8.59 4.63
C VAL A 35 2.46 7.48 5.56
N MET A 36 3.74 7.65 5.99
CA MET A 36 4.42 6.70 6.88
C MET A 36 3.93 6.80 8.34
N ARG A 37 3.13 7.84 8.63
CA ARG A 37 2.60 8.07 9.98
C ARG A 37 1.41 7.14 10.29
N SER A 38 0.66 6.80 9.24
CA SER A 38 -0.50 5.90 9.35
C SER A 38 -0.06 4.43 9.30
N LEU A 39 1.25 4.23 9.07
CA LEU A 39 1.84 2.90 9.00
C LEU A 39 2.35 2.43 10.38
N GLY A 40 2.59 3.40 11.27
CA GLY A 40 3.07 3.11 12.61
C GLY A 40 4.55 3.43 12.80
N GLN A 41 5.14 4.13 11.82
CA GLN A 41 6.56 4.49 11.88
C GLN A 41 6.75 5.99 11.73
N ASN A 42 7.80 6.52 12.36
CA ASN A 42 8.13 7.95 12.31
C ASN A 42 9.57 8.16 11.79
N PRO A 43 9.76 8.24 10.43
CA PRO A 43 11.09 8.44 9.82
C PRO A 43 11.60 9.88 9.97
N THR A 44 12.90 10.06 9.78
CA THR A 44 13.55 11.38 9.90
C THR A 44 13.73 12.01 8.50
N GLU A 45 14.19 13.28 8.47
CA GLU A 45 14.41 14.01 7.22
C GLU A 45 15.53 13.37 6.39
N ALA A 46 16.60 12.96 7.07
CA ALA A 46 17.73 12.28 6.41
C ALA A 46 17.35 10.86 6.01
N GLU A 47 16.38 10.29 6.74
CA GLU A 47 15.85 8.95 6.50
C GLU A 47 14.90 8.91 5.30
N LEU A 48 14.15 10.02 5.11
CA LEU A 48 13.20 10.14 4.00
C LEU A 48 13.93 10.38 2.67
N GLN A 49 15.06 11.10 2.74
CA GLN A 49 15.90 11.39 1.56
C GLN A 49 16.65 10.15 1.09
N ASP A 50 16.90 9.23 2.03
CA ASP A 50 17.59 7.98 1.78
C ASP A 50 16.71 7.01 0.97
N MET A 51 15.42 6.96 1.33
CA MET A 51 14.43 6.09 0.65
C MET A 51 14.10 6.63 -0.76
N ILE A 52 14.06 7.96 -0.88
CA ILE A 52 13.78 8.66 -2.14
C ILE A 52 14.82 8.35 -3.21
N ASN A 53 16.10 8.51 -2.87
CA ASN A 53 17.21 8.29 -3.82
C ASN A 53 17.26 6.86 -4.40
N GLU A 54 16.40 5.98 -3.88
CA GLU A 54 16.29 4.61 -4.33
C GLU A 54 15.52 4.53 -5.66
N VAL A 55 14.41 5.27 -5.71
CA VAL A 55 13.57 5.33 -6.92
C VAL A 55 13.72 6.67 -7.64
N ASP A 56 14.00 7.74 -6.89
CA ASP A 56 14.22 9.07 -7.46
C ASP A 56 15.23 9.06 -8.64
N ALA A 57 14.74 9.43 -9.82
CA ALA A 57 15.58 9.50 -11.03
C ALA A 57 16.40 10.80 -11.07
N ASP A 58 15.84 11.87 -10.49
CA ASP A 58 16.49 13.18 -10.44
C ASP A 58 17.35 13.36 -9.18
N GLY A 59 16.85 12.87 -8.04
CA GLY A 59 17.57 12.98 -6.77
C GLY A 59 17.42 14.34 -6.11
N ASN A 60 16.17 14.74 -5.85
CA ASN A 60 15.86 16.02 -5.21
C ASN A 60 14.92 15.85 -3.99
N GLY A 61 14.57 14.60 -3.69
CA GLY A 61 13.68 14.30 -2.57
C GLY A 61 12.24 14.08 -3.01
N THR A 62 12.05 13.77 -4.30
CA THR A 62 10.73 13.52 -4.83
C THR A 62 10.79 12.37 -5.81
N ILE A 63 9.78 11.52 -5.71
CA ILE A 63 9.68 10.35 -6.54
C ILE A 63 8.61 10.57 -7.62
N ASP A 64 8.92 10.17 -8.85
CA ASP A 64 8.00 10.35 -9.96
C ASP A 64 7.27 9.05 -10.29
N PHE A 65 6.23 9.15 -11.13
CA PHE A 65 5.40 8.01 -11.54
C PHE A 65 6.12 6.98 -12.45
N PRO A 66 7.05 7.37 -13.39
CA PRO A 66 7.72 6.40 -14.29
C PRO A 66 8.56 5.35 -13.54
N GLU A 67 9.37 5.79 -12.57
CA GLU A 67 10.23 4.89 -11.80
C GLU A 67 9.47 4.19 -10.66
N PHE A 68 8.20 4.56 -10.44
CA PHE A 68 7.38 3.93 -9.39
C PHE A 68 7.09 2.47 -9.73
N LEU A 69 6.89 2.24 -11.02
CA LEU A 69 6.65 0.91 -11.57
C LEU A 69 7.95 0.10 -11.57
N THR A 70 9.07 0.82 -11.40
CA THR A 70 10.41 0.26 -11.37
C THR A 70 10.71 -0.51 -10.06
N MET A 71 10.19 0.02 -8.94
CA MET A 71 10.40 -0.58 -7.62
C MET A 71 9.55 -1.85 -7.39
N MET A 72 8.37 -1.91 -8.02
CA MET A 72 7.47 -3.05 -7.88
C MET A 72 8.00 -4.32 -8.58
N ALA A 73 8.46 -4.16 -9.82
CA ALA A 73 9.00 -5.27 -10.62
C ALA A 73 10.38 -5.77 -10.11
N ARG A 74 10.97 -5.04 -9.16
CA ARG A 74 12.29 -5.38 -8.60
C ARG A 74 12.22 -6.58 -7.65
N LYS A 75 11.59 -6.39 -6.48
CA LYS A 75 11.48 -7.45 -5.47
C LYS A 75 10.42 -8.50 -5.81
N MET A 76 9.64 -8.23 -6.86
CA MET A 76 8.61 -9.17 -7.32
C MET A 76 9.25 -10.23 -8.23
N LYS A 77 10.59 -10.28 -8.24
CA LYS A 77 11.34 -11.22 -9.07
C LYS A 77 12.01 -12.33 -8.26
N ASP A 78 11.83 -12.32 -6.93
CA ASP A 78 12.46 -13.35 -6.07
C ASP A 78 11.49 -14.48 -5.73
N THR A 79 10.24 -14.27 -6.09
CA THR A 79 9.12 -15.22 -5.86
C THR A 79 8.87 -15.52 -4.38
N ASP A 80 9.74 -15.00 -3.52
CA ASP A 80 9.60 -15.14 -2.08
C ASP A 80 8.91 -13.86 -1.58
N SER A 81 8.20 -13.23 -2.52
CA SER A 81 7.49 -11.98 -2.29
C SER A 81 6.21 -12.17 -1.47
N GLU A 82 5.90 -13.43 -1.14
CA GLU A 82 4.72 -13.79 -0.34
C GLU A 82 4.91 -13.41 1.13
N GLU A 83 6.17 -13.27 1.55
CA GLU A 83 6.51 -12.90 2.91
C GLU A 83 6.28 -11.40 3.14
N GLU A 84 6.15 -10.65 2.03
CA GLU A 84 5.89 -9.21 2.05
C GLU A 84 4.40 -8.91 2.30
N ILE A 85 3.52 -9.83 1.86
CA ILE A 85 2.06 -9.67 2.04
C ILE A 85 1.66 -9.88 3.47
N ARG A 86 2.42 -10.70 4.17
CA ARG A 86 2.17 -10.94 5.56
C ARG A 86 2.41 -9.65 6.36
N GLU A 87 3.18 -8.75 5.72
CA GLU A 87 3.51 -7.46 6.29
C GLU A 87 2.35 -6.46 6.19
N ALA A 88 1.60 -6.53 5.08
CA ALA A 88 0.46 -5.65 4.86
C ALA A 88 -0.74 -6.07 5.74
N PHE A 89 -0.77 -7.36 6.09
CA PHE A 89 -1.84 -7.95 6.90
C PHE A 89 -1.76 -7.52 8.37
N ARG A 90 -0.55 -7.19 8.86
CA ARG A 90 -0.36 -6.77 10.24
C ARG A 90 -0.90 -5.34 10.48
N VAL A 91 -0.95 -4.55 9.40
CA VAL A 91 -1.45 -3.17 9.43
C VAL A 91 -2.99 -3.17 9.48
N PHE A 92 -3.61 -4.13 8.77
CA PHE A 92 -5.07 -4.25 8.73
C PHE A 92 -5.58 -5.05 9.92
N ASP A 93 -5.08 -6.27 10.05
CA ASP A 93 -5.43 -7.15 11.14
C ASP A 93 -4.34 -7.04 12.23
N LYS A 94 -4.55 -6.10 13.16
CA LYS A 94 -3.58 -5.81 14.24
C LYS A 94 -3.40 -6.94 15.25
N ASP A 95 -4.51 -7.55 15.69
CA ASP A 95 -4.46 -8.63 16.68
C ASP A 95 -4.31 -10.01 16.04
N GLY A 96 -4.20 -10.00 14.72
CA GLY A 96 -4.05 -11.21 13.91
C GLY A 96 -5.00 -12.33 14.25
N ASN A 97 -6.29 -12.07 14.15
CA ASN A 97 -7.29 -13.10 14.39
C ASN A 97 -7.35 -14.01 13.16
N GLY A 98 -6.30 -13.89 12.31
CA GLY A 98 -6.21 -14.67 11.07
C GLY A 98 -7.08 -14.09 9.95
N TYR A 99 -8.00 -13.19 10.32
CA TYR A 99 -8.91 -12.54 9.39
C TYR A 99 -8.94 -11.02 9.64
N ILE A 100 -9.40 -10.25 8.64
CA ILE A 100 -9.45 -8.79 8.78
C ILE A 100 -10.83 -8.32 9.27
N SER A 101 -10.86 -7.86 10.53
CA SER A 101 -12.10 -7.38 11.17
C SER A 101 -12.42 -5.95 10.77
N ALA A 102 -13.71 -5.60 10.85
CA ALA A 102 -14.21 -4.26 10.51
C ALA A 102 -13.75 -3.19 11.50
N ALA A 103 -13.59 -3.59 12.77
CA ALA A 103 -13.16 -2.67 13.83
C ALA A 103 -11.71 -2.21 13.67
N GLU A 104 -10.86 -3.12 13.15
CA GLU A 104 -9.44 -2.83 12.94
C GLU A 104 -9.21 -1.97 11.68
N LEU A 105 -10.03 -2.21 10.63
CA LEU A 105 -9.96 -1.45 9.39
C LEU A 105 -10.25 0.04 9.63
N ARG A 106 -11.18 0.30 10.55
CA ARG A 106 -11.56 1.66 10.93
C ARG A 106 -10.35 2.43 11.46
N HIS A 107 -9.65 1.82 12.41
CA HIS A 107 -8.44 2.40 13.04
C HIS A 107 -7.40 2.83 12.02
N VAL A 108 -7.32 2.09 10.91
CA VAL A 108 -6.38 2.40 9.83
C VAL A 108 -6.83 3.63 9.04
N MET A 109 -8.14 3.75 8.97
CA MET A 109 -8.82 4.86 8.30
C MET A 109 -8.80 6.12 9.16
N THR A 110 -9.02 5.92 10.47
CA THR A 110 -9.03 7.00 11.46
C THR A 110 -7.62 7.50 11.80
N ASN A 111 -6.62 6.61 11.66
CA ASN A 111 -5.23 6.95 11.96
C ASN A 111 -4.63 7.85 10.87
N LEU A 112 -5.26 7.84 9.70
CA LEU A 112 -4.84 8.64 8.56
C LEU A 112 -5.30 10.10 8.68
N GLY A 113 -6.10 10.38 9.72
CA GLY A 113 -6.62 11.72 9.94
C GLY A 113 -7.98 11.96 9.31
N GLU A 114 -8.76 10.88 9.18
CA GLU A 114 -10.10 10.94 8.59
C GLU A 114 -11.09 10.13 9.42
N LYS A 115 -12.36 10.57 9.41
CA LYS A 115 -13.42 9.90 10.16
C LYS A 115 -14.46 9.28 9.23
N LEU A 116 -14.48 7.94 9.19
CA LEU A 116 -15.41 7.19 8.35
C LEU A 116 -16.31 6.28 9.19
N THR A 117 -17.47 5.92 8.63
CA THR A 117 -18.44 5.05 9.31
C THR A 117 -18.21 3.58 8.96
N ASP A 118 -18.91 2.69 9.70
CA ASP A 118 -18.81 1.23 9.50
C ASP A 118 -19.48 0.77 8.20
N GLU A 119 -20.46 1.56 7.72
CA GLU A 119 -21.19 1.27 6.48
C GLU A 119 -20.28 1.19 5.26
N GLU A 120 -19.21 1.98 5.27
CA GLU A 120 -18.23 2.02 4.17
C GLU A 120 -17.30 0.81 4.21
N VAL A 121 -17.07 0.33 5.43
CA VAL A 121 -16.21 -0.83 5.69
C VAL A 121 -16.85 -2.13 5.14
N ASP A 122 -18.19 -2.16 5.14
CA ASP A 122 -18.95 -3.30 4.62
C ASP A 122 -18.73 -3.46 3.12
N GLU A 123 -18.48 -2.32 2.46
CA GLU A 123 -18.21 -2.24 1.02
C GLU A 123 -16.90 -2.94 0.63
N MET A 124 -15.93 -2.95 1.56
CA MET A 124 -14.62 -3.55 1.32
C MET A 124 -14.70 -5.07 1.37
N ILE A 125 -15.65 -5.53 2.18
CA ILE A 125 -15.91 -6.94 2.41
C ILE A 125 -16.57 -7.60 1.21
N ARG A 126 -17.67 -7.03 0.76
CA ARG A 126 -18.43 -7.54 -0.38
C ARG A 126 -17.57 -7.57 -1.65
N GLU A 127 -16.47 -6.80 -1.59
CA GLU A 127 -15.53 -6.65 -2.70
C GLU A 127 -14.61 -7.85 -2.86
N ALA A 128 -14.40 -8.61 -1.77
CA ALA A 128 -13.50 -9.78 -1.80
C ALA A 128 -14.03 -10.97 -0.98
N ASP A 129 -15.05 -10.74 -0.11
CA ASP A 129 -15.62 -11.79 0.74
C ASP A 129 -16.14 -13.01 -0.06
N ILE A 130 -15.36 -14.09 -0.01
CA ILE A 130 -15.66 -15.34 -0.72
C ILE A 130 -16.72 -16.16 0.01
N ASP A 131 -16.60 -16.21 1.33
CA ASP A 131 -17.55 -16.91 2.18
C ASP A 131 -18.45 -15.91 2.89
N GLY A 132 -18.19 -14.62 2.62
CA GLY A 132 -18.98 -13.52 3.18
C GLY A 132 -19.14 -13.54 4.68
N ASP A 133 -18.00 -13.62 5.39
CA ASP A 133 -17.97 -13.64 6.85
C ASP A 133 -17.78 -12.25 7.45
N GLY A 134 -17.48 -11.26 6.60
CA GLY A 134 -17.29 -9.88 7.04
C GLY A 134 -15.87 -9.56 7.48
N GLN A 135 -14.92 -10.46 7.17
CA GLN A 135 -13.51 -10.25 7.53
C GLN A 135 -12.60 -10.60 6.36
N VAL A 136 -11.43 -9.94 6.27
CA VAL A 136 -10.50 -10.21 5.17
C VAL A 136 -9.27 -11.03 5.56
N ASN A 137 -9.09 -12.16 4.89
CA ASN A 137 -7.97 -13.07 5.12
C ASN A 137 -6.82 -12.82 4.16
N TYR A 138 -5.65 -13.33 4.57
CA TYR A 138 -4.40 -13.22 3.81
C TYR A 138 -4.45 -13.88 2.41
N GLU A 139 -5.29 -14.92 2.32
CA GLU A 139 -5.46 -15.71 1.08
C GLU A 139 -6.29 -14.90 0.10
N GLU A 140 -7.30 -14.23 0.67
CA GLU A 140 -8.18 -13.33 -0.06
C GLU A 140 -7.38 -12.08 -0.38
N PHE A 141 -6.47 -11.79 0.56
CA PHE A 141 -5.57 -10.66 0.48
C PHE A 141 -4.49 -10.84 -0.58
N VAL A 142 -4.15 -12.11 -0.84
CA VAL A 142 -3.15 -12.50 -1.82
C VAL A 142 -3.68 -12.27 -3.24
N GLN A 143 -4.95 -12.63 -3.44
CA GLN A 143 -5.65 -12.50 -4.73
C GLN A 143 -5.77 -11.04 -5.19
N MET A 144 -5.78 -10.10 -4.23
CA MET A 144 -5.89 -8.66 -4.52
C MET A 144 -4.72 -8.13 -5.36
N MET A 145 -3.56 -8.79 -5.24
CA MET A 145 -2.35 -8.41 -5.99
C MET A 145 -2.31 -9.07 -7.37
N THR A 146 -2.82 -10.30 -7.45
CA THR A 146 -2.86 -11.07 -8.70
C THR A 146 -4.19 -10.91 -9.44
N ALA A 147 -5.05 -10.01 -8.93
CA ALA A 147 -6.37 -9.76 -9.54
C ALA A 147 -6.27 -8.81 -10.74
N LYS A 148 -7.21 -8.96 -11.68
CA LYS A 148 -7.26 -8.14 -12.89
C LYS A 148 -8.20 -6.95 -12.72
N LEU B 1 -11.04 -3.01 -0.88
CA LEU B 1 -9.56 -3.21 -0.81
C LEU B 1 -9.01 -3.72 -2.13
N LYS B 2 -8.37 -2.83 -2.91
CA LYS B 2 -7.77 -3.17 -4.20
C LYS B 2 -6.66 -2.17 -4.56
N VAL B 3 -6.94 -0.88 -4.36
CA VAL B 3 -5.98 0.20 -4.65
C VAL B 3 -5.10 0.49 -3.44
N LEU B 4 -5.74 0.67 -2.28
CA LEU B 4 -5.06 0.96 -1.01
C LEU B 4 -4.28 -0.25 -0.47
N VAL B 5 -4.37 -1.39 -1.17
CA VAL B 5 -3.68 -2.64 -0.79
C VAL B 5 -2.23 -2.62 -1.32
N LYS B 6 -2.03 -1.95 -2.47
CA LYS B 6 -0.72 -1.84 -3.12
C LYS B 6 0.18 -0.81 -2.41
N ALA B 7 -0.44 0.19 -1.78
CA ALA B 7 0.27 1.27 -1.06
C ALA B 7 0.90 0.77 0.25
N VAL B 8 0.24 -0.20 0.91
CA VAL B 8 0.72 -0.76 2.18
C VAL B 8 1.90 -1.71 1.97
N LEU B 9 1.89 -2.43 0.83
CA LEU B 9 2.96 -3.38 0.47
C LEU B 9 4.28 -2.65 0.17
N PHE B 10 4.18 -1.40 -0.33
CA PHE B 10 5.35 -0.58 -0.67
C PHE B 10 6.19 -0.23 0.56
N ALA B 11 5.53 -0.09 1.72
CA ALA B 11 6.20 0.24 2.99
C ALA B 11 7.11 -0.90 3.46
N CYS B 12 6.80 -2.13 3.01
CA CYS B 12 7.58 -3.32 3.36
C CYS B 12 8.89 -3.40 2.57
N MET B 13 8.88 -2.81 1.36
CA MET B 13 10.05 -2.81 0.48
C MET B 13 10.95 -1.58 0.72
N LEU B 14 10.41 -0.59 1.44
CA LEU B 14 11.15 0.64 1.75
C LEU B 14 11.93 0.52 3.06
N MET B 15 11.30 -0.11 4.06
CA MET B 15 11.91 -0.30 5.38
C MET B 15 12.70 -1.61 5.46
N ARG B 16 12.87 -2.27 4.30
CA ARG B 16 13.62 -3.54 4.22
C ARG B 16 15.11 -3.30 3.95
N LYS B 17 15.46 -2.06 3.59
CA LYS B 17 16.84 -1.69 3.30
C LYS B 17 17.53 -1.12 4.54
N ALA A 1 2.21 -16.92 -16.27
CA ALA A 1 1.90 -15.87 -15.26
C ALA A 1 1.00 -14.79 -15.85
N ASP A 2 1.31 -14.37 -17.11
CA ASP A 2 0.55 -13.33 -17.84
C ASP A 2 0.61 -11.97 -17.12
N GLN A 3 1.12 -10.96 -17.85
CA GLN A 3 1.25 -9.61 -17.31
C GLN A 3 0.15 -8.70 -17.86
N LEU A 4 -0.30 -7.76 -17.02
CA LEU A 4 -1.33 -6.81 -17.39
C LEU A 4 -0.73 -5.46 -17.80
N THR A 5 -1.48 -4.72 -18.63
CA THR A 5 -1.04 -3.41 -19.13
C THR A 5 -1.82 -2.28 -18.47
N GLU A 6 -2.50 -1.49 -19.31
CA GLU A 6 -3.33 -0.33 -18.90
C GLU A 6 -4.37 -0.67 -17.80
N GLU A 7 -4.51 -1.97 -17.52
CA GLU A 7 -5.46 -2.46 -16.50
C GLU A 7 -4.86 -2.26 -15.12
N GLN A 8 -3.68 -2.85 -14.94
CA GLN A 8 -2.89 -2.75 -13.72
C GLN A 8 -2.18 -1.40 -13.68
N ILE A 9 -1.89 -0.89 -14.89
CA ILE A 9 -1.24 0.40 -15.06
C ILE A 9 -2.14 1.56 -14.61
N ALA A 10 -3.47 1.36 -14.72
CA ALA A 10 -4.47 2.36 -14.31
C ALA A 10 -4.54 2.47 -12.78
N GLU A 11 -4.23 1.37 -12.09
CA GLU A 11 -4.24 1.30 -10.63
C GLU A 11 -3.03 1.99 -10.00
N PHE A 12 -1.95 2.11 -10.80
CA PHE A 12 -0.68 2.74 -10.39
C PHE A 12 -0.84 4.26 -10.35
N LYS A 13 -1.38 4.83 -11.44
CA LYS A 13 -1.64 6.27 -11.54
C LYS A 13 -2.65 6.65 -10.46
N GLU A 14 -3.58 5.73 -10.23
CA GLU A 14 -4.58 5.85 -9.20
C GLU A 14 -3.94 5.63 -7.82
N ALA A 15 -2.94 4.73 -7.78
CA ALA A 15 -2.21 4.44 -6.52
C ALA A 15 -1.23 5.57 -6.15
N PHE A 16 -0.80 6.34 -7.17
CA PHE A 16 0.15 7.44 -7.00
C PHE A 16 -0.51 8.68 -6.36
N SER A 17 -1.83 8.81 -6.51
CA SER A 17 -2.58 9.97 -5.98
C SER A 17 -2.71 9.95 -4.45
N LEU A 18 -2.45 8.79 -3.82
CA LEU A 18 -2.51 8.68 -2.36
C LEU A 18 -1.30 9.37 -1.73
N PHE A 19 -0.13 9.17 -2.36
CA PHE A 19 1.12 9.77 -1.92
C PHE A 19 1.37 11.14 -2.59
N ASP A 20 0.60 11.45 -3.66
CA ASP A 20 0.76 12.70 -4.39
C ASP A 20 -0.41 13.64 -4.10
N LYS A 21 -0.43 14.16 -2.88
CA LYS A 21 -1.46 15.10 -2.41
C LYS A 21 -1.27 16.52 -2.99
N ASP A 22 -0.20 16.71 -3.77
CA ASP A 22 0.11 18.01 -4.38
C ASP A 22 -0.41 18.09 -5.82
N GLY A 23 -0.34 16.97 -6.55
CA GLY A 23 -0.80 16.90 -7.93
C GLY A 23 0.22 17.43 -8.95
N ASP A 24 1.51 17.27 -8.64
CA ASP A 24 2.59 17.72 -9.53
C ASP A 24 3.35 16.54 -10.13
N GLY A 25 3.17 15.35 -9.53
CA GLY A 25 3.85 14.15 -9.99
C GLY A 25 5.15 13.93 -9.29
N THR A 26 5.05 13.96 -7.97
CA THR A 26 6.17 13.81 -7.08
C THR A 26 5.74 13.19 -5.77
N ILE A 27 6.63 12.39 -5.20
CA ILE A 27 6.38 11.78 -3.92
C ILE A 27 7.56 12.19 -3.09
N THR A 28 7.33 13.27 -2.38
CA THR A 28 8.35 13.90 -1.62
C THR A 28 8.73 13.13 -0.38
N THR A 29 9.88 13.48 0.16
CA THR A 29 10.41 12.85 1.34
C THR A 29 9.49 13.01 2.56
N LYS A 30 8.77 14.14 2.58
CA LYS A 30 7.82 14.46 3.67
C LYS A 30 6.51 13.65 3.54
N GLU A 31 6.03 13.51 2.30
CA GLU A 31 4.78 12.78 2.02
C GLU A 31 4.88 11.28 2.35
N LEU A 32 6.12 10.74 2.27
CA LEU A 32 6.37 9.33 2.57
C LEU A 32 6.31 9.05 4.08
N GLY A 33 6.92 9.95 4.87
CA GLY A 33 6.89 9.79 6.32
C GLY A 33 5.52 10.09 6.91
N THR A 34 4.73 10.92 6.19
CA THR A 34 3.35 11.24 6.61
C THR A 34 2.55 9.94 6.60
N VAL A 35 2.94 9.07 5.66
CA VAL A 35 2.39 7.75 5.51
C VAL A 35 2.97 6.85 6.62
N MET A 36 4.22 7.19 7.05
CA MET A 36 4.94 6.46 8.11
C MET A 36 4.36 6.70 9.50
N ARG A 37 3.64 7.82 9.66
CA ARG A 37 3.02 8.19 10.94
C ARG A 37 1.73 7.39 11.19
N SER A 38 1.04 7.02 10.10
CA SER A 38 -0.20 6.23 10.18
C SER A 38 0.11 4.74 10.31
N LEU A 39 1.40 4.40 10.12
CA LEU A 39 1.89 3.03 10.22
C LEU A 39 2.37 2.72 11.64
N GLY A 40 2.77 3.76 12.36
CA GLY A 40 3.26 3.62 13.73
C GLY A 40 4.78 3.74 13.85
N GLN A 41 5.39 4.38 12.85
CA GLN A 41 6.85 4.57 12.83
C GLN A 41 7.21 6.05 12.69
N ASN A 42 8.37 6.41 13.26
CA ASN A 42 8.88 7.79 13.21
C ASN A 42 10.26 7.84 12.52
N PRO A 43 10.30 8.08 11.17
CA PRO A 43 11.58 8.16 10.43
C PRO A 43 12.31 9.49 10.60
N THR A 44 13.58 9.51 10.21
CA THR A 44 14.42 10.71 10.30
C THR A 44 14.48 11.43 8.95
N GLU A 45 15.07 12.63 8.93
CA GLU A 45 15.20 13.44 7.70
C GLU A 45 16.17 12.78 6.71
N ALA A 46 17.29 12.26 7.25
CA ALA A 46 18.29 11.56 6.45
C ALA A 46 17.77 10.19 6.00
N GLU A 47 16.84 9.65 6.81
CA GLU A 47 16.20 8.36 6.56
C GLU A 47 15.13 8.44 5.46
N LEU A 48 14.48 9.62 5.34
CA LEU A 48 13.43 9.82 4.33
C LEU A 48 14.03 9.99 2.94
N GLN A 49 15.14 10.74 2.85
CA GLN A 49 15.85 10.97 1.59
C GLN A 49 16.62 9.74 1.12
N ASP A 50 16.84 8.80 2.04
CA ASP A 50 17.55 7.55 1.78
C ASP A 50 16.66 6.61 0.94
N MET A 51 15.37 6.53 1.30
CA MET A 51 14.38 5.69 0.60
C MET A 51 14.06 6.26 -0.78
N ILE A 52 14.08 7.59 -0.89
CA ILE A 52 13.80 8.32 -2.14
C ILE A 52 14.84 8.02 -3.22
N ASN A 53 16.13 8.11 -2.86
CA ASN A 53 17.25 7.89 -3.80
C ASN A 53 17.23 6.50 -4.45
N GLU A 54 16.33 5.63 -3.97
CA GLU A 54 16.17 4.28 -4.49
C GLU A 54 15.41 4.30 -5.82
N VAL A 55 14.34 5.10 -5.86
CA VAL A 55 13.50 5.26 -7.06
C VAL A 55 13.69 6.64 -7.70
N ASP A 56 14.02 7.65 -6.89
CA ASP A 56 14.26 9.02 -7.38
C ASP A 56 15.19 9.06 -8.61
N ALA A 57 14.62 9.51 -9.74
CA ALA A 57 15.37 9.64 -11.00
C ALA A 57 16.23 10.92 -11.03
N ASP A 58 15.73 11.97 -10.35
CA ASP A 58 16.41 13.27 -10.30
C ASP A 58 17.37 13.36 -9.10
N GLY A 59 16.96 12.80 -7.95
CA GLY A 59 17.77 12.82 -6.74
C GLY A 59 17.70 14.14 -5.99
N ASN A 60 16.47 14.53 -5.62
CA ASN A 60 16.24 15.79 -4.87
C ASN A 60 15.28 15.57 -3.68
N GLY A 61 14.88 14.32 -3.46
CA GLY A 61 13.96 13.98 -2.38
C GLY A 61 12.52 13.84 -2.86
N THR A 62 12.33 13.56 -4.15
CA THR A 62 11.02 13.41 -4.72
C THR A 62 11.03 12.26 -5.71
N ILE A 63 9.99 11.46 -5.65
CA ILE A 63 9.84 10.30 -6.51
C ILE A 63 8.81 10.60 -7.60
N ASP A 64 9.07 10.12 -8.81
CA ASP A 64 8.15 10.37 -9.93
C ASP A 64 7.34 9.12 -10.27
N PHE A 65 6.30 9.31 -11.09
CA PHE A 65 5.40 8.22 -11.50
C PHE A 65 6.04 7.16 -12.45
N PRO A 66 6.98 7.53 -13.40
CA PRO A 66 7.57 6.54 -14.33
C PRO A 66 8.36 5.42 -13.61
N GLU A 67 9.23 5.81 -12.67
CA GLU A 67 10.03 4.84 -11.92
C GLU A 67 9.26 4.19 -10.76
N PHE A 68 7.98 4.58 -10.57
CA PHE A 68 7.14 4.02 -9.50
C PHE A 68 6.83 2.55 -9.79
N LEU A 69 6.55 2.28 -11.06
CA LEU A 69 6.25 0.93 -11.55
C LEU A 69 7.53 0.08 -11.60
N THR A 70 8.67 0.77 -11.46
CA THR A 70 9.99 0.17 -11.49
C THR A 70 10.28 -0.66 -10.22
N MET A 71 9.96 -0.10 -9.05
CA MET A 71 10.19 -0.74 -7.75
C MET A 71 9.19 -1.88 -7.47
N MET A 72 7.94 -1.69 -7.90
CA MET A 72 6.87 -2.69 -7.68
C MET A 72 7.08 -3.96 -8.49
N ALA A 73 7.39 -3.80 -9.78
CA ALA A 73 7.62 -4.92 -10.70
C ALA A 73 8.94 -5.67 -10.42
N ARG A 74 9.79 -5.09 -9.57
CA ARG A 74 11.10 -5.68 -9.23
C ARG A 74 10.98 -6.90 -8.31
N LYS A 75 10.54 -6.67 -7.05
CA LYS A 75 10.40 -7.75 -6.07
C LYS A 75 9.16 -8.61 -6.30
N MET A 76 8.30 -8.18 -7.22
CA MET A 76 7.09 -8.94 -7.56
C MET A 76 7.45 -10.04 -8.58
N LYS A 77 8.76 -10.21 -8.83
CA LYS A 77 9.25 -11.20 -9.79
C LYS A 77 9.96 -12.40 -9.13
N ASP A 78 10.06 -12.40 -7.79
CA ASP A 78 10.74 -13.49 -7.08
C ASP A 78 9.77 -14.53 -6.53
N THR A 79 8.49 -14.18 -6.59
CA THR A 79 7.37 -15.03 -6.11
C THR A 79 7.45 -15.36 -4.61
N ASP A 80 8.56 -14.96 -3.98
CA ASP A 80 8.76 -15.14 -2.55
C ASP A 80 8.35 -13.83 -1.88
N SER A 81 7.46 -13.11 -2.59
CA SER A 81 6.94 -11.82 -2.18
C SER A 81 5.95 -11.92 -1.01
N GLU A 82 5.77 -13.14 -0.49
CA GLU A 82 4.86 -13.40 0.65
C GLU A 82 5.39 -12.75 1.93
N GLU A 83 6.70 -12.51 1.96
CA GLU A 83 7.37 -11.87 3.08
C GLU A 83 7.10 -10.35 3.10
N GLU A 84 6.68 -9.82 1.94
CA GLU A 84 6.34 -8.40 1.79
C GLU A 84 4.90 -8.13 2.27
N ILE A 85 3.98 -9.07 1.94
CA ILE A 85 2.56 -8.96 2.30
C ILE A 85 2.29 -9.19 3.78
N ARG A 86 3.12 -10.03 4.43
CA ARG A 86 2.98 -10.28 5.86
C ARG A 86 3.02 -8.95 6.64
N GLU A 87 3.66 -7.96 5.98
CA GLU A 87 3.78 -6.60 6.47
C GLU A 87 2.49 -5.81 6.31
N ALA A 88 1.78 -6.02 5.19
CA ALA A 88 0.51 -5.33 4.93
C ALA A 88 -0.63 -5.91 5.79
N PHE A 89 -0.56 -7.23 6.01
CA PHE A 89 -1.55 -7.96 6.82
C PHE A 89 -1.42 -7.66 8.31
N ARG A 90 -0.20 -7.43 8.78
CA ARG A 90 0.05 -7.14 10.19
C ARG A 90 -0.40 -5.73 10.58
N VAL A 91 -0.41 -4.81 9.59
CA VAL A 91 -0.86 -3.42 9.80
C VAL A 91 -2.40 -3.35 9.85
N PHE A 92 -3.05 -4.23 9.06
CA PHE A 92 -4.52 -4.29 9.00
C PHE A 92 -5.11 -5.18 10.08
N ASP A 93 -4.54 -6.37 10.20
CA ASP A 93 -4.95 -7.35 11.18
C ASP A 93 -4.02 -7.26 12.41
N LYS A 94 -4.28 -6.22 13.23
CA LYS A 94 -3.47 -5.92 14.44
C LYS A 94 -3.56 -6.98 15.54
N ASP A 95 -4.77 -7.52 15.76
CA ASP A 95 -4.98 -8.51 16.83
C ASP A 95 -4.99 -9.94 16.31
N GLY A 96 -4.70 -10.08 15.02
CA GLY A 96 -4.67 -11.37 14.33
C GLY A 96 -5.83 -12.27 14.61
N ASN A 97 -7.01 -11.89 14.11
CA ASN A 97 -8.20 -12.71 14.25
C ASN A 97 -8.15 -13.79 13.16
N GLY A 98 -6.94 -13.96 12.58
CA GLY A 98 -6.74 -14.91 11.49
C GLY A 98 -7.01 -14.29 10.14
N TYR A 99 -7.87 -13.26 10.12
CA TYR A 99 -8.26 -12.54 8.90
C TYR A 99 -8.38 -11.03 9.20
N ILE A 100 -8.77 -10.22 8.19
CA ILE A 100 -8.88 -8.76 8.35
C ILE A 100 -10.29 -8.32 8.76
N SER A 101 -10.43 -7.94 10.04
CA SER A 101 -11.72 -7.53 10.60
C SER A 101 -12.06 -6.07 10.26
N ALA A 102 -13.36 -5.76 10.27
CA ALA A 102 -13.89 -4.42 9.96
C ALA A 102 -13.54 -3.39 11.04
N ALA A 103 -13.44 -3.85 12.30
CA ALA A 103 -13.12 -2.98 13.43
C ALA A 103 -11.70 -2.43 13.35
N GLU A 104 -10.75 -3.28 12.94
CA GLU A 104 -9.34 -2.91 12.80
C GLU A 104 -9.11 -2.12 11.51
N LEU A 105 -9.88 -2.43 10.46
CA LEU A 105 -9.80 -1.74 9.16
C LEU A 105 -10.14 -0.26 9.31
N ARG A 106 -11.13 0.03 10.17
CA ARG A 106 -11.56 1.40 10.45
C ARG A 106 -10.41 2.25 10.98
N HIS A 107 -9.72 1.71 12.00
CA HIS A 107 -8.57 2.36 12.64
C HIS A 107 -7.49 2.76 11.64
N VAL A 108 -7.33 1.95 10.60
CA VAL A 108 -6.35 2.21 9.54
C VAL A 108 -6.80 3.36 8.65
N MET A 109 -8.10 3.44 8.51
CA MET A 109 -8.78 4.47 7.72
C MET A 109 -8.83 5.80 8.48
N THR A 110 -9.12 5.69 9.79
CA THR A 110 -9.21 6.85 10.69
C THR A 110 -7.83 7.39 11.07
N ASN A 111 -6.80 6.54 11.05
CA ASN A 111 -5.43 6.93 11.39
C ASN A 111 -4.79 7.76 10.27
N LEU A 112 -5.34 7.62 9.05
CA LEU A 112 -4.87 8.32 7.88
C LEU A 112 -5.39 9.76 7.82
N GLY A 113 -6.26 10.11 8.77
CA GLY A 113 -6.85 11.45 8.84
C GLY A 113 -8.15 11.56 8.04
N GLU A 114 -8.92 10.47 8.00
CA GLU A 114 -10.19 10.43 7.28
C GLU A 114 -11.28 9.76 8.13
N LYS A 115 -12.53 10.16 7.89
CA LYS A 115 -13.67 9.61 8.62
C LYS A 115 -14.74 9.08 7.66
N LEU A 116 -14.84 7.76 7.58
CA LEU A 116 -15.83 7.10 6.70
C LEU A 116 -16.79 6.22 7.52
N THR A 117 -17.96 5.94 6.92
CA THR A 117 -18.99 5.12 7.57
C THR A 117 -18.71 3.60 7.42
N ASP A 118 -19.42 2.79 8.20
CA ASP A 118 -19.27 1.33 8.19
C ASP A 118 -19.81 0.69 6.91
N GLU A 119 -20.78 1.37 6.27
CA GLU A 119 -21.40 0.91 5.02
C GLU A 119 -20.38 0.71 3.89
N GLU A 120 -19.33 1.52 3.90
CA GLU A 120 -18.26 1.45 2.89
C GLU A 120 -17.31 0.28 3.15
N VAL A 121 -17.17 -0.03 4.44
CA VAL A 121 -16.32 -1.14 4.91
C VAL A 121 -16.90 -2.50 4.48
N ASP A 122 -18.23 -2.57 4.40
CA ASP A 122 -18.94 -3.78 3.98
C ASP A 122 -18.64 -4.11 2.51
N GLU A 123 -18.38 -3.04 1.74
CA GLU A 123 -18.05 -3.12 0.32
C GLU A 123 -16.68 -3.77 0.07
N MET A 124 -15.75 -3.61 1.04
CA MET A 124 -14.40 -4.14 0.91
C MET A 124 -14.40 -5.64 1.14
N ILE A 125 -15.35 -6.05 1.98
CA ILE A 125 -15.54 -7.43 2.38
C ILE A 125 -16.13 -8.28 1.27
N ARG A 126 -17.15 -7.78 0.60
CA ARG A 126 -17.77 -8.48 -0.49
C ARG A 126 -16.82 -8.53 -1.71
N GLU A 127 -15.82 -7.64 -1.66
CA GLU A 127 -14.83 -7.50 -2.70
C GLU A 127 -13.65 -8.47 -2.52
N ALA A 128 -13.43 -8.91 -1.28
CA ALA A 128 -12.31 -9.81 -0.97
C ALA A 128 -12.72 -11.04 -0.16
N ASP A 129 -13.90 -11.03 0.48
CA ASP A 129 -14.34 -12.18 1.28
C ASP A 129 -15.11 -13.19 0.41
N ILE A 130 -14.51 -14.37 0.32
CA ILE A 130 -15.02 -15.50 -0.48
C ILE A 130 -16.18 -16.21 0.21
N ASP A 131 -16.05 -16.37 1.52
CA ASP A 131 -17.10 -16.98 2.32
C ASP A 131 -17.89 -15.88 3.04
N GLY A 132 -17.46 -14.62 2.78
CA GLY A 132 -18.11 -13.43 3.33
C GLY A 132 -18.30 -13.46 4.84
N ASP A 133 -17.19 -13.66 5.55
CA ASP A 133 -17.20 -13.71 7.02
C ASP A 133 -17.01 -12.32 7.64
N GLY A 134 -16.70 -11.32 6.81
CA GLY A 134 -16.49 -9.96 7.29
C GLY A 134 -15.04 -9.63 7.59
N GLN A 135 -14.15 -10.63 7.47
CA GLN A 135 -12.73 -10.44 7.73
C GLN A 135 -11.91 -10.97 6.55
N VAL A 136 -10.81 -10.28 6.19
CA VAL A 136 -10.00 -10.70 5.04
C VAL A 136 -8.67 -11.37 5.40
N ASN A 137 -8.42 -12.51 4.74
CA ASN A 137 -7.20 -13.30 4.95
C ASN A 137 -6.08 -12.86 4.02
N TYR A 138 -4.87 -13.25 4.42
CA TYR A 138 -3.62 -12.96 3.69
C TYR A 138 -3.51 -13.69 2.34
N GLU A 139 -4.13 -14.88 2.29
CA GLU A 139 -4.10 -15.77 1.11
C GLU A 139 -5.01 -15.20 0.04
N GLU A 140 -6.15 -14.69 0.51
CA GLU A 140 -7.13 -14.02 -0.34
C GLU A 140 -6.56 -12.65 -0.70
N PHE A 141 -5.80 -12.13 0.28
CA PHE A 141 -5.12 -10.84 0.17
C PHE A 141 -4.07 -10.87 -0.94
N VAL A 142 -3.41 -12.01 -1.07
CA VAL A 142 -2.38 -12.26 -2.08
C VAL A 142 -2.97 -12.17 -3.49
N GLN A 143 -4.15 -12.77 -3.64
CA GLN A 143 -4.90 -12.78 -4.92
C GLN A 143 -5.44 -11.40 -5.29
N MET A 144 -5.69 -10.55 -4.27
CA MET A 144 -6.21 -9.19 -4.47
C MET A 144 -5.27 -8.30 -5.31
N MET A 145 -3.98 -8.67 -5.38
CA MET A 145 -2.98 -7.92 -6.15
C MET A 145 -3.20 -8.07 -7.67
N THR A 146 -3.74 -9.22 -8.07
CA THR A 146 -4.01 -9.52 -9.47
C THR A 146 -5.46 -9.15 -9.86
N ALA A 147 -6.19 -8.55 -8.91
CA ALA A 147 -7.58 -8.15 -9.12
C ALA A 147 -7.67 -6.72 -9.68
N LYS A 148 -8.77 -6.44 -10.38
CA LYS A 148 -9.00 -5.11 -10.98
C LYS A 148 -9.83 -4.22 -10.04
N LEU B 1 -10.73 -3.09 -0.82
CA LEU B 1 -9.26 -3.30 -0.86
C LEU B 1 -8.80 -3.69 -2.27
N LYS B 2 -8.20 -2.72 -2.99
CA LYS B 2 -7.70 -2.94 -4.35
C LYS B 2 -6.62 -1.91 -4.72
N VAL B 3 -6.90 -0.62 -4.43
CA VAL B 3 -5.95 0.46 -4.72
C VAL B 3 -5.13 0.81 -3.48
N LEU B 4 -5.74 0.67 -2.29
CA LEU B 4 -5.08 0.95 -1.01
C LEU B 4 -4.20 -0.23 -0.55
N VAL B 5 -4.15 -1.28 -1.37
CA VAL B 5 -3.35 -2.49 -1.09
C VAL B 5 -1.92 -2.34 -1.64
N LYS B 6 -1.79 -1.57 -2.72
CA LYS B 6 -0.49 -1.34 -3.38
C LYS B 6 0.41 -0.39 -2.56
N ALA B 7 -0.24 0.50 -1.79
CA ALA B 7 0.46 1.49 -0.94
C ALA B 7 1.13 0.84 0.27
N VAL B 8 0.51 -0.24 0.79
CA VAL B 8 1.02 -0.96 1.97
C VAL B 8 2.27 -1.79 1.63
N LEU B 9 2.23 -2.48 0.47
CA LEU B 9 3.34 -3.30 0.00
C LEU B 9 4.52 -2.43 -0.47
N PHE B 10 4.20 -1.27 -1.03
CA PHE B 10 5.19 -0.31 -1.52
C PHE B 10 5.90 0.42 -0.36
N ALA B 11 5.11 0.84 0.63
CA ALA B 11 5.63 1.55 1.81
C ALA B 11 6.42 0.65 2.76
N CYS B 12 6.04 -0.64 2.84
CA CYS B 12 6.69 -1.61 3.73
C CYS B 12 8.04 -2.10 3.17
N MET B 13 8.22 -2.00 1.85
CA MET B 13 9.47 -2.43 1.19
C MET B 13 10.56 -1.37 1.28
N LEU B 14 10.15 -0.11 1.53
CA LEU B 14 11.08 1.02 1.64
C LEU B 14 11.57 1.21 3.08
N MET B 15 10.91 0.51 4.03
CA MET B 15 11.26 0.59 5.45
C MET B 15 12.30 -0.49 5.83
N ARG B 16 12.67 -1.32 4.85
CA ARG B 16 13.65 -2.39 5.07
C ARG B 16 15.09 -1.90 4.82
N LYS B 17 15.22 -0.66 4.33
CA LYS B 17 16.53 -0.06 4.05
C LYS B 17 16.98 0.83 5.20
N ALA A 1 -0.51 -11.57 -21.77
CA ALA A 1 -0.87 -12.97 -21.42
C ALA A 1 -0.16 -13.42 -20.15
N ASP A 2 1.13 -13.06 -20.02
CA ASP A 2 1.93 -13.43 -18.86
C ASP A 2 2.05 -12.26 -17.87
N GLN A 3 2.28 -11.05 -18.41
CA GLN A 3 2.41 -9.84 -17.60
C GLN A 3 1.21 -8.92 -17.81
N LEU A 4 0.83 -8.20 -16.75
CA LEU A 4 -0.30 -7.27 -16.80
C LEU A 4 0.17 -5.85 -17.12
N THR A 5 -0.59 -5.18 -17.98
CA THR A 5 -0.28 -3.81 -18.40
C THR A 5 -1.22 -2.79 -17.78
N GLU A 6 -2.05 -2.20 -18.63
CA GLU A 6 -3.06 -1.17 -18.26
C GLU A 6 -4.00 -1.62 -17.11
N GLU A 7 -3.89 -2.90 -16.72
CA GLU A 7 -4.70 -3.48 -15.64
C GLU A 7 -4.14 -3.05 -14.30
N GLN A 8 -2.87 -3.44 -14.10
CA GLN A 8 -2.11 -3.10 -12.91
C GLN A 8 -1.64 -1.65 -12.99
N ILE A 9 -1.42 -1.21 -14.24
CA ILE A 9 -0.98 0.16 -14.53
C ILE A 9 -2.03 1.21 -14.12
N ALA A 10 -3.32 0.85 -14.29
CA ALA A 10 -4.44 1.74 -13.93
C ALA A 10 -4.60 1.86 -12.41
N GLU A 11 -4.32 0.75 -11.71
CA GLU A 11 -4.42 0.68 -10.25
C GLU A 11 -3.23 1.37 -9.58
N PHE A 12 -2.13 1.48 -10.34
CA PHE A 12 -0.87 2.08 -9.92
C PHE A 12 -0.99 3.60 -9.90
N LYS A 13 -1.47 4.17 -11.01
CA LYS A 13 -1.69 5.62 -11.14
C LYS A 13 -2.79 6.03 -10.17
N GLU A 14 -3.74 5.09 -9.98
CA GLU A 14 -4.83 5.26 -9.03
C GLU A 14 -4.29 5.09 -7.60
N ALA A 15 -3.30 4.17 -7.45
CA ALA A 15 -2.67 3.93 -6.13
C ALA A 15 -1.69 5.07 -5.77
N PHE A 16 -1.24 5.81 -6.79
CA PHE A 16 -0.30 6.92 -6.62
C PHE A 16 -0.96 8.18 -6.02
N SER A 17 -2.30 8.26 -6.09
CA SER A 17 -3.04 9.41 -5.58
C SER A 17 -3.07 9.49 -4.05
N LEU A 18 -3.10 8.33 -3.38
CA LEU A 18 -3.11 8.28 -1.91
C LEU A 18 -1.76 8.76 -1.36
N PHE A 19 -0.70 8.53 -2.15
CA PHE A 19 0.66 8.96 -1.81
C PHE A 19 0.95 10.36 -2.36
N ASP A 20 0.17 10.78 -3.39
CA ASP A 20 0.33 12.08 -4.02
C ASP A 20 -0.93 12.90 -3.80
N LYS A 21 -0.98 13.54 -2.64
CA LYS A 21 -2.12 14.39 -2.23
C LYS A 21 -2.12 15.75 -2.97
N ASP A 22 -1.13 15.96 -3.86
CA ASP A 22 -1.02 17.19 -4.64
C ASP A 22 -1.65 17.04 -6.02
N GLY A 23 -1.55 15.82 -6.59
CA GLY A 23 -2.12 15.53 -7.91
C GLY A 23 -1.23 15.98 -9.07
N ASP A 24 0.08 16.04 -8.84
CA ASP A 24 1.05 16.44 -9.87
C ASP A 24 1.91 15.26 -10.32
N GLY A 25 1.90 14.18 -9.53
CA GLY A 25 2.68 12.99 -9.82
C GLY A 25 4.02 13.02 -9.15
N THR A 26 3.95 13.20 -7.83
CA THR A 26 5.10 13.29 -6.98
C THR A 26 4.79 12.76 -5.60
N ILE A 27 5.79 12.12 -5.00
CA ILE A 27 5.66 11.61 -3.65
C ILE A 27 6.86 12.17 -2.93
N THR A 28 6.63 13.33 -2.33
CA THR A 28 7.67 14.09 -1.70
C THR A 28 8.09 13.44 -0.39
N THR A 29 9.30 13.82 0.04
CA THR A 29 9.91 13.32 1.24
C THR A 29 9.04 13.52 2.48
N LYS A 30 8.36 14.69 2.53
CA LYS A 30 7.47 15.02 3.65
C LYS A 30 6.15 14.25 3.60
N GLU A 31 5.71 13.91 2.38
CA GLU A 31 4.48 13.15 2.16
C GLU A 31 4.65 11.65 2.47
N LEU A 32 5.90 11.17 2.37
CA LEU A 32 6.24 9.77 2.63
C LEU A 32 6.21 9.47 4.13
N GLY A 33 6.78 10.38 4.94
CA GLY A 33 6.79 10.20 6.39
C GLY A 33 5.42 10.42 7.02
N THR A 34 4.60 11.29 6.39
CA THR A 34 3.23 11.52 6.87
C THR A 34 2.46 10.21 6.76
N VAL A 35 2.79 9.49 5.70
CA VAL A 35 2.25 8.17 5.43
C VAL A 35 2.95 7.15 6.36
N MET A 36 4.24 7.43 6.66
CA MET A 36 5.08 6.59 7.51
C MET A 36 4.72 6.70 9.01
N ARG A 37 4.02 7.77 9.38
CA ARG A 37 3.60 8.01 10.77
C ARG A 37 2.39 7.16 11.15
N SER A 38 1.51 6.90 10.17
CA SER A 38 0.31 6.08 10.37
C SER A 38 0.62 4.58 10.30
N LEU A 39 1.85 4.27 9.88
CA LEU A 39 2.33 2.89 9.77
C LEU A 39 2.94 2.38 11.07
N GLY A 40 3.36 3.33 11.94
CA GLY A 40 3.95 2.99 13.21
C GLY A 40 5.47 3.17 13.26
N GLN A 41 6.01 3.88 12.26
CA GLN A 41 7.45 4.14 12.18
C GLN A 41 7.76 5.62 12.11
N ASN A 42 8.85 6.03 12.76
CA ASN A 42 9.29 7.42 12.78
C ASN A 42 10.74 7.53 12.26
N PRO A 43 10.95 7.69 10.92
CA PRO A 43 12.30 7.82 10.32
C PRO A 43 12.92 9.19 10.56
N THR A 44 14.22 9.32 10.22
CA THR A 44 14.95 10.58 10.40
C THR A 44 15.04 11.35 9.08
N GLU A 45 15.52 12.60 9.15
CA GLU A 45 15.66 13.47 7.97
C GLU A 45 16.51 12.82 6.88
N ALA A 46 17.58 12.12 7.30
CA ALA A 46 18.47 11.41 6.36
C ALA A 46 17.77 10.17 5.79
N GLU A 47 16.81 9.64 6.56
CA GLU A 47 16.03 8.46 6.18
C GLU A 47 14.94 8.78 5.14
N LEU A 48 14.51 10.04 5.11
CA LEU A 48 13.48 10.51 4.18
C LEU A 48 14.05 10.65 2.75
N GLN A 49 15.19 11.33 2.63
CA GLN A 49 15.88 11.54 1.35
C GLN A 49 16.57 10.26 0.86
N ASP A 50 16.75 9.31 1.78
CA ASP A 50 17.38 8.03 1.47
C ASP A 50 16.44 7.14 0.63
N MET A 51 15.16 7.11 1.03
CA MET A 51 14.13 6.32 0.33
C MET A 51 13.78 6.92 -1.03
N ILE A 52 13.77 8.27 -1.10
CA ILE A 52 13.47 9.00 -2.33
C ILE A 52 14.54 8.84 -3.39
N ASN A 53 15.81 9.10 -3.02
CA ASN A 53 16.94 9.02 -3.96
C ASN A 53 17.13 7.63 -4.58
N GLU A 54 16.34 6.66 -4.11
CA GLU A 54 16.36 5.30 -4.61
C GLU A 54 15.56 5.20 -5.91
N VAL A 55 14.41 5.87 -5.93
CA VAL A 55 13.52 5.91 -7.09
C VAL A 55 13.54 7.28 -7.79
N ASP A 56 13.71 8.35 -7.00
CA ASP A 56 13.77 9.73 -7.52
C ASP A 56 14.66 9.85 -8.79
N ALA A 57 14.02 10.14 -9.92
CA ALA A 57 14.71 10.31 -11.21
C ALA A 57 15.32 11.72 -11.33
N ASP A 58 14.63 12.70 -10.73
CA ASP A 58 15.07 14.11 -10.77
C ASP A 58 16.06 14.43 -9.64
N GLY A 59 15.81 13.86 -8.44
CA GLY A 59 16.67 14.08 -7.28
C GLY A 59 16.39 15.40 -6.57
N ASN A 60 15.14 15.59 -6.15
CA ASN A 60 14.72 16.81 -5.44
C ASN A 60 13.88 16.48 -4.19
N GLY A 61 13.71 15.17 -3.93
CA GLY A 61 12.94 14.70 -2.78
C GLY A 61 11.52 14.33 -3.15
N THR A 62 11.30 13.93 -4.40
CA THR A 62 9.99 13.55 -4.88
C THR A 62 10.10 12.37 -5.82
N ILE A 63 9.13 11.48 -5.71
CA ILE A 63 9.07 10.28 -6.52
C ILE A 63 7.99 10.44 -7.58
N ASP A 64 8.22 9.91 -8.77
CA ASP A 64 7.25 10.04 -9.85
C ASP A 64 6.54 8.70 -10.11
N PHE A 65 5.44 8.76 -10.88
CA PHE A 65 4.63 7.57 -11.21
C PHE A 65 5.31 6.54 -12.16
N PRO A 66 6.17 6.96 -13.16
CA PRO A 66 6.80 6.00 -14.08
C PRO A 66 7.78 5.05 -13.39
N GLU A 67 8.67 5.59 -12.54
CA GLU A 67 9.66 4.78 -11.83
C GLU A 67 9.09 4.09 -10.58
N PHE A 68 7.85 4.45 -10.19
CA PHE A 68 7.20 3.82 -9.03
C PHE A 68 6.96 2.34 -9.29
N LEU A 69 6.55 2.05 -10.52
CA LEU A 69 6.31 0.70 -11.00
C LEU A 69 7.63 -0.05 -11.21
N THR A 70 8.72 0.73 -11.25
CA THR A 70 10.07 0.24 -11.45
C THR A 70 10.61 -0.53 -10.22
N MET A 71 10.34 0.01 -9.03
CA MET A 71 10.79 -0.59 -7.76
C MET A 71 9.99 -1.85 -7.38
N MET A 72 8.65 -1.78 -7.58
CA MET A 72 7.74 -2.89 -7.24
C MET A 72 7.91 -4.09 -8.18
N ALA A 73 8.00 -3.82 -9.48
CA ALA A 73 8.14 -4.87 -10.51
C ALA A 73 9.51 -5.55 -10.49
N ARG A 74 10.49 -4.94 -9.78
CA ARG A 74 11.84 -5.48 -9.68
C ARG A 74 11.91 -6.69 -8.75
N LYS A 75 11.64 -6.49 -7.46
CA LYS A 75 11.67 -7.56 -6.46
C LYS A 75 10.43 -8.47 -6.50
N MET A 76 9.51 -8.17 -7.42
CA MET A 76 8.29 -8.97 -7.58
C MET A 76 8.58 -10.25 -8.40
N LYS A 77 9.86 -10.42 -8.81
CA LYS A 77 10.25 -11.59 -9.61
C LYS A 77 11.12 -12.59 -8.83
N ASP A 78 11.19 -12.43 -7.50
CA ASP A 78 12.01 -13.33 -6.67
C ASP A 78 11.21 -14.48 -6.10
N THR A 79 9.90 -14.40 -6.30
CA THR A 79 8.91 -15.41 -5.84
C THR A 79 8.88 -15.57 -4.31
N ASP A 80 9.80 -14.90 -3.63
CA ASP A 80 9.86 -14.89 -2.18
C ASP A 80 9.11 -13.64 -1.71
N SER A 81 8.22 -13.17 -2.61
CA SER A 81 7.43 -11.98 -2.39
C SER A 81 6.26 -12.20 -1.42
N GLU A 82 6.10 -13.46 -0.99
CA GLU A 82 5.05 -13.86 -0.05
C GLU A 82 5.36 -13.37 1.37
N GLU A 83 6.65 -13.08 1.62
CA GLU A 83 7.10 -12.58 2.91
C GLU A 83 6.72 -11.10 3.10
N GLU A 84 6.39 -10.45 1.97
CA GLU A 84 5.99 -9.03 1.96
C GLU A 84 4.50 -8.89 2.32
N ILE A 85 3.69 -9.90 1.95
CA ILE A 85 2.24 -9.89 2.26
C ILE A 85 1.98 -10.16 3.72
N ARG A 86 2.87 -10.90 4.35
CA ARG A 86 2.77 -11.17 5.75
C ARG A 86 2.97 -9.87 6.52
N GLU A 87 3.65 -8.93 5.85
CA GLU A 87 3.92 -7.62 6.39
C GLU A 87 2.70 -6.70 6.32
N ALA A 88 1.95 -6.79 5.21
CA ALA A 88 0.74 -5.99 5.01
C ALA A 88 -0.41 -6.53 5.89
N PHE A 89 -0.21 -7.76 6.39
CA PHE A 89 -1.18 -8.45 7.24
C PHE A 89 -1.24 -7.82 8.63
N ARG A 90 -0.08 -7.47 9.19
CA ARG A 90 -0.02 -6.87 10.52
C ARG A 90 -0.54 -5.41 10.52
N VAL A 91 -0.44 -4.77 9.35
CA VAL A 91 -0.92 -3.39 9.16
C VAL A 91 -2.45 -3.37 9.02
N PHE A 92 -3.01 -4.46 8.47
CA PHE A 92 -4.46 -4.60 8.28
C PHE A 92 -5.11 -5.18 9.53
N ASP A 93 -4.71 -6.40 9.91
CA ASP A 93 -5.23 -7.04 11.12
C ASP A 93 -4.25 -6.83 12.28
N LYS A 94 -4.51 -5.77 13.07
CA LYS A 94 -3.66 -5.38 14.21
C LYS A 94 -3.65 -6.41 15.33
N ASP A 95 -4.82 -6.95 15.67
CA ASP A 95 -4.94 -7.94 16.74
C ASP A 95 -4.83 -9.37 16.20
N GLY A 96 -4.71 -9.44 14.88
CA GLY A 96 -4.59 -10.71 14.14
C GLY A 96 -5.56 -11.77 14.54
N ASN A 97 -6.84 -11.57 14.22
CA ASN A 97 -7.86 -12.58 14.49
C ASN A 97 -7.76 -13.67 13.41
N GLY A 98 -6.58 -13.71 12.75
CA GLY A 98 -6.35 -14.67 11.67
C GLY A 98 -6.73 -14.08 10.31
N TYR A 99 -7.67 -13.13 10.34
CA TYR A 99 -8.17 -12.44 9.15
C TYR A 99 -8.31 -10.94 9.42
N ILE A 100 -8.89 -10.18 8.48
CA ILE A 100 -9.03 -8.72 8.65
C ILE A 100 -10.49 -8.28 8.77
N SER A 101 -10.86 -7.90 10.01
CA SER A 101 -12.22 -7.45 10.32
C SER A 101 -12.42 -5.97 9.96
N ALA A 102 -13.69 -5.56 9.86
CA ALA A 102 -14.07 -4.17 9.51
C ALA A 102 -13.72 -3.17 10.61
N ALA A 103 -13.77 -3.63 11.87
CA ALA A 103 -13.48 -2.78 13.05
C ALA A 103 -12.02 -2.32 13.07
N GLU A 104 -11.09 -3.20 12.66
CA GLU A 104 -9.66 -2.89 12.62
C GLU A 104 -9.30 -2.01 11.42
N LEU A 105 -10.05 -2.18 10.32
CA LEU A 105 -9.84 -1.39 9.09
C LEU A 105 -10.11 0.09 9.35
N ARG A 106 -11.12 0.37 10.18
CA ARG A 106 -11.49 1.73 10.57
C ARG A 106 -10.32 2.46 11.21
N HIS A 107 -9.69 1.79 12.18
CA HIS A 107 -8.52 2.32 12.91
C HIS A 107 -7.41 2.79 11.97
N VAL A 108 -7.26 2.08 10.85
CA VAL A 108 -6.24 2.43 9.84
C VAL A 108 -6.64 3.68 9.06
N MET A 109 -7.94 3.81 8.91
CA MET A 109 -8.57 4.94 8.22
C MET A 109 -8.61 6.19 9.12
N THR A 110 -8.93 5.96 10.40
CA THR A 110 -9.02 7.01 11.41
C THR A 110 -7.63 7.49 11.87
N ASN A 111 -6.62 6.61 11.76
CA ASN A 111 -5.25 6.94 12.17
C ASN A 111 -4.59 7.91 11.17
N LEU A 112 -5.18 7.98 9.97
CA LEU A 112 -4.70 8.83 8.91
C LEU A 112 -5.22 10.27 9.07
N GLY A 113 -6.10 10.48 10.06
CA GLY A 113 -6.67 11.80 10.32
C GLY A 113 -7.94 12.07 9.52
N GLU A 114 -8.71 11.00 9.25
CA GLU A 114 -9.95 11.10 8.49
C GLU A 114 -11.07 10.29 9.15
N LYS A 115 -12.31 10.70 8.91
CA LYS A 115 -13.48 10.03 9.47
C LYS A 115 -14.40 9.51 8.37
N LEU A 116 -14.56 8.18 8.30
CA LEU A 116 -15.41 7.55 7.30
C LEU A 116 -16.53 6.73 7.95
N THR A 117 -17.60 6.48 7.19
CA THR A 117 -18.76 5.73 7.68
C THR A 117 -18.60 4.23 7.43
N ASP A 118 -19.46 3.42 8.07
CA ASP A 118 -19.44 1.95 7.95
C ASP A 118 -19.92 1.47 6.58
N GLU A 119 -20.77 2.29 5.93
CA GLU A 119 -21.32 1.97 4.60
C GLU A 119 -20.24 1.93 3.50
N GLU A 120 -19.22 2.78 3.64
CA GLU A 120 -18.11 2.86 2.68
C GLU A 120 -17.12 1.72 2.90
N VAL A 121 -17.03 1.29 4.15
CA VAL A 121 -16.15 0.19 4.57
C VAL A 121 -16.63 -1.14 4.00
N ASP A 122 -17.95 -1.36 4.03
CA ASP A 122 -18.58 -2.59 3.50
C ASP A 122 -18.23 -2.82 2.02
N GLU A 123 -18.02 -1.70 1.31
CA GLU A 123 -17.64 -1.69 -0.10
C GLU A 123 -16.24 -2.27 -0.34
N MET A 124 -15.36 -2.12 0.67
CA MET A 124 -13.97 -2.59 0.58
C MET A 124 -13.91 -4.11 0.74
N ILE A 125 -14.86 -4.60 1.53
CA ILE A 125 -14.99 -6.02 1.87
C ILE A 125 -15.57 -6.84 0.73
N ARG A 126 -16.44 -6.25 -0.06
CA ARG A 126 -17.05 -6.93 -1.18
C ARG A 126 -16.00 -7.14 -2.27
N GLU A 127 -14.94 -6.34 -2.16
CA GLU A 127 -13.81 -6.35 -3.07
C GLU A 127 -12.77 -7.41 -2.66
N ALA A 128 -12.72 -7.69 -1.34
CA ALA A 128 -11.79 -8.67 -0.79
C ALA A 128 -12.50 -9.92 -0.29
N ASP A 129 -13.69 -9.76 0.31
CA ASP A 129 -14.43 -10.91 0.83
C ASP A 129 -15.29 -11.55 -0.26
N ILE A 130 -14.95 -12.80 -0.55
CA ILE A 130 -15.60 -13.62 -1.59
C ILE A 130 -16.95 -14.15 -1.13
N ASP A 131 -16.99 -14.56 0.13
CA ASP A 131 -18.22 -15.06 0.74
C ASP A 131 -18.82 -13.96 1.61
N GLY A 132 -18.12 -12.80 1.64
CA GLY A 132 -18.55 -11.64 2.38
C GLY A 132 -18.82 -11.90 3.85
N ASP A 133 -17.82 -12.44 4.54
CA ASP A 133 -17.93 -12.76 5.97
C ASP A 133 -17.55 -11.55 6.85
N GLY A 134 -17.03 -10.48 6.23
CA GLY A 134 -16.65 -9.28 6.96
C GLY A 134 -15.22 -9.31 7.50
N GLN A 135 -14.49 -10.39 7.20
CA GLN A 135 -13.10 -10.55 7.65
C GLN A 135 -12.20 -10.90 6.48
N VAL A 136 -10.98 -10.34 6.44
CA VAL A 136 -10.07 -10.59 5.31
C VAL A 136 -8.87 -11.49 5.67
N ASN A 137 -8.84 -12.66 5.04
CA ASN A 137 -7.78 -13.63 5.25
C ASN A 137 -6.64 -13.43 4.25
N TYR A 138 -5.49 -14.00 4.60
CA TYR A 138 -4.26 -13.93 3.80
C TYR A 138 -4.41 -14.56 2.40
N GLU A 139 -5.29 -15.56 2.31
CA GLU A 139 -5.55 -16.33 1.08
C GLU A 139 -6.40 -15.47 0.15
N GLU A 140 -7.36 -14.78 0.77
CA GLU A 140 -8.24 -13.84 0.09
C GLU A 140 -7.42 -12.63 -0.26
N PHE A 141 -6.44 -12.38 0.62
CA PHE A 141 -5.49 -11.29 0.50
C PHE A 141 -4.56 -11.48 -0.70
N VAL A 142 -4.14 -12.73 -0.90
CA VAL A 142 -3.27 -13.12 -2.01
C VAL A 142 -3.95 -12.87 -3.36
N GLN A 143 -5.24 -13.20 -3.41
CA GLN A 143 -6.08 -13.02 -4.61
C GLN A 143 -6.16 -11.55 -5.07
N MET A 144 -6.00 -10.62 -4.11
CA MET A 144 -6.05 -9.17 -4.39
C MET A 144 -4.92 -8.71 -5.32
N MET A 145 -3.78 -9.41 -5.24
CA MET A 145 -2.60 -9.09 -6.07
C MET A 145 -2.66 -9.80 -7.43
N THR A 146 -3.33 -10.95 -7.47
CA THR A 146 -3.48 -11.74 -8.69
C THR A 146 -4.78 -11.41 -9.45
N ALA A 147 -5.56 -10.47 -8.90
CA ALA A 147 -6.83 -10.06 -9.50
C ALA A 147 -6.65 -8.87 -10.44
N LYS A 148 -7.56 -8.74 -11.41
CA LYS A 148 -7.52 -7.65 -12.39
C LYS A 148 -8.35 -6.45 -11.93
N LEU B 1 -10.71 -4.06 -1.10
CA LEU B 1 -9.26 -3.70 -1.03
C LEU B 1 -8.51 -4.20 -2.26
N LYS B 2 -7.80 -3.27 -2.93
CA LYS B 2 -7.03 -3.57 -4.14
C LYS B 2 -5.97 -2.48 -4.38
N VAL B 3 -6.39 -1.21 -4.20
CA VAL B 3 -5.51 -0.06 -4.37
C VAL B 3 -4.64 0.16 -3.13
N LEU B 4 -5.30 0.21 -1.97
CA LEU B 4 -4.64 0.39 -0.67
C LEU B 4 -3.77 -0.83 -0.29
N VAL B 5 -3.94 -1.94 -1.03
CA VAL B 5 -3.17 -3.18 -0.78
C VAL B 5 -1.74 -3.05 -1.34
N LYS B 6 -1.61 -2.33 -2.46
CA LYS B 6 -0.31 -2.11 -3.13
C LYS B 6 0.53 -1.06 -2.38
N ALA B 7 -0.15 -0.13 -1.71
CA ALA B 7 0.50 0.96 -0.95
C ALA B 7 1.23 0.46 0.30
N VAL B 8 0.69 -0.60 0.92
CA VAL B 8 1.28 -1.18 2.15
C VAL B 8 2.56 -1.98 1.84
N LEU B 9 2.58 -2.65 0.68
CA LEU B 9 3.74 -3.46 0.25
C LEU B 9 5.00 -2.62 0.04
N PHE B 10 4.81 -1.35 -0.35
CA PHE B 10 5.93 -0.42 -0.59
C PHE B 10 6.62 0.01 0.72
N ALA B 11 5.80 0.26 1.76
CA ALA B 11 6.31 0.68 3.08
C ALA B 11 7.02 -0.47 3.82
N CYS B 12 6.64 -1.72 3.48
CA CYS B 12 7.23 -2.91 4.10
C CYS B 12 8.64 -3.22 3.56
N MET B 13 8.90 -2.79 2.32
CA MET B 13 10.19 -3.00 1.67
C MET B 13 11.15 -1.84 1.94
N LEU B 14 10.58 -0.67 2.24
CA LEU B 14 11.37 0.55 2.52
C LEU B 14 11.88 0.56 3.97
N MET B 15 11.35 -0.34 4.81
CA MET B 15 11.74 -0.45 6.22
C MET B 15 12.94 -1.40 6.37
N ARG B 16 13.06 -2.34 5.43
CA ARG B 16 14.15 -3.32 5.42
C ARG B 16 15.38 -2.75 4.69
N LYS B 17 15.30 -1.48 4.28
CA LYS B 17 16.39 -0.81 3.59
C LYS B 17 17.19 0.07 4.55
N ALA A 1 -0.67 -14.50 -22.37
CA ALA A 1 -0.45 -13.35 -21.47
C ALA A 1 -0.32 -13.80 -20.02
N ASP A 2 0.55 -13.11 -19.27
CA ASP A 2 0.79 -13.43 -17.86
C ASP A 2 0.67 -12.19 -16.98
N GLN A 3 1.21 -11.06 -17.47
CA GLN A 3 1.16 -9.79 -16.74
C GLN A 3 0.12 -8.87 -17.33
N LEU A 4 -0.46 -8.01 -16.47
CA LEU A 4 -1.48 -7.04 -16.88
C LEU A 4 -0.86 -5.70 -17.26
N THR A 5 -1.54 -4.97 -18.15
CA THR A 5 -1.08 -3.67 -18.62
C THR A 5 -1.90 -2.53 -18.03
N GLU A 6 -2.56 -1.78 -18.91
CA GLU A 6 -3.43 -0.63 -18.56
C GLU A 6 -4.48 -0.93 -17.48
N GLU A 7 -4.62 -2.22 -17.15
CA GLU A 7 -5.59 -2.69 -16.13
C GLU A 7 -5.02 -2.42 -14.74
N GLN A 8 -3.84 -3.01 -14.51
CA GLN A 8 -3.08 -2.84 -13.28
C GLN A 8 -2.40 -1.48 -13.27
N ILE A 9 -2.08 -1.01 -14.49
CA ILE A 9 -1.44 0.28 -14.70
C ILE A 9 -2.37 1.44 -14.31
N ALA A 10 -3.69 1.23 -14.46
CA ALA A 10 -4.70 2.23 -14.10
C ALA A 10 -4.85 2.37 -12.58
N GLU A 11 -4.63 1.25 -11.86
CA GLU A 11 -4.72 1.21 -10.40
C GLU A 11 -3.49 1.83 -9.72
N PHE A 12 -2.37 1.86 -10.44
CA PHE A 12 -1.08 2.41 -9.97
C PHE A 12 -1.13 3.93 -9.93
N LYS A 13 -1.59 4.53 -11.05
CA LYS A 13 -1.72 5.99 -11.16
C LYS A 13 -2.76 6.44 -10.14
N GLU A 14 -3.77 5.58 -9.96
CA GLU A 14 -4.82 5.77 -8.97
C GLU A 14 -4.25 5.52 -7.57
N ALA A 15 -3.31 4.54 -7.49
CA ALA A 15 -2.65 4.21 -6.21
C ALA A 15 -1.61 5.27 -5.81
N PHE A 16 -1.13 6.03 -6.80
CA PHE A 16 -0.13 7.07 -6.60
C PHE A 16 -0.73 8.33 -5.94
N SER A 17 -2.06 8.49 -6.04
CA SER A 17 -2.76 9.65 -5.48
C SER A 17 -2.83 9.60 -3.94
N LEU A 18 -2.52 8.44 -3.35
CA LEU A 18 -2.52 8.29 -1.89
C LEU A 18 -1.29 8.99 -1.30
N PHE A 19 -0.15 8.79 -1.97
CA PHE A 19 1.13 9.38 -1.58
C PHE A 19 1.34 10.76 -2.25
N ASP A 20 0.50 11.08 -3.26
CA ASP A 20 0.62 12.34 -4.00
C ASP A 20 -0.57 13.24 -3.68
N LYS A 21 -0.51 13.83 -2.49
CA LYS A 21 -1.55 14.75 -2.00
C LYS A 21 -1.48 16.14 -2.67
N ASP A 22 -0.49 16.32 -3.55
CA ASP A 22 -0.31 17.58 -4.28
C ASP A 22 -0.94 17.52 -5.68
N GLY A 23 -0.92 16.31 -6.28
CA GLY A 23 -1.49 16.11 -7.62
C GLY A 23 -0.57 16.53 -8.75
N ASP A 24 0.74 16.47 -8.51
CA ASP A 24 1.75 16.83 -9.51
C ASP A 24 2.52 15.60 -10.00
N GLY A 25 2.45 14.51 -9.23
CA GLY A 25 3.15 13.27 -9.55
C GLY A 25 4.49 13.20 -8.90
N THR A 26 4.46 13.33 -7.60
CA THR A 26 5.63 13.32 -6.77
C THR A 26 5.31 12.78 -5.39
N ILE A 27 6.27 12.05 -4.83
CA ILE A 27 6.13 11.51 -3.49
C ILE A 27 7.38 11.97 -2.78
N THR A 28 7.25 13.15 -2.19
CA THR A 28 8.35 13.80 -1.55
C THR A 28 8.69 13.14 -0.24
N THR A 29 9.91 13.40 0.20
CA THR A 29 10.45 12.85 1.43
C THR A 29 9.57 13.14 2.64
N LYS A 30 8.96 14.32 2.65
CA LYS A 30 8.06 14.74 3.75
C LYS A 30 6.69 14.06 3.68
N GLU A 31 6.24 13.75 2.45
CA GLU A 31 4.94 13.10 2.23
C GLU A 31 4.98 11.61 2.56
N LEU A 32 6.18 11.00 2.46
CA LEU A 32 6.38 9.57 2.75
C LEU A 32 6.30 9.29 4.24
N GLY A 33 6.97 10.13 5.05
CA GLY A 33 6.94 9.96 6.50
C GLY A 33 5.60 10.33 7.11
N THR A 34 4.83 11.20 6.41
CA THR A 34 3.49 11.58 6.85
C THR A 34 2.62 10.32 6.83
N VAL A 35 2.97 9.45 5.89
CA VAL A 35 2.36 8.16 5.72
C VAL A 35 2.91 7.22 6.80
N MET A 36 4.16 7.50 7.23
CA MET A 36 4.86 6.72 8.27
C MET A 36 4.32 6.99 9.67
N ARG A 37 3.64 8.14 9.86
CA ARG A 37 3.09 8.54 11.15
C ARG A 37 1.78 7.77 11.46
N SER A 38 1.01 7.47 10.41
CA SER A 38 -0.25 6.73 10.55
C SER A 38 0.01 5.21 10.61
N LEU A 39 1.26 4.83 10.32
CA LEU A 39 1.70 3.43 10.33
C LEU A 39 2.31 3.06 11.69
N GLY A 40 2.81 4.08 12.41
CA GLY A 40 3.43 3.86 13.72
C GLY A 40 4.95 3.94 13.67
N GLN A 41 5.49 4.66 12.68
CA GLN A 41 6.94 4.83 12.53
C GLN A 41 7.33 6.29 12.50
N ASN A 42 8.53 6.59 13.00
CA ASN A 42 9.05 7.96 13.04
C ASN A 42 10.40 8.03 12.31
N PRO A 43 10.42 8.28 10.95
CA PRO A 43 11.65 8.36 10.16
C PRO A 43 12.36 9.71 10.31
N THR A 44 13.64 9.74 9.89
CA THR A 44 14.46 10.96 9.95
C THR A 44 14.54 11.61 8.56
N GLU A 45 15.13 12.83 8.50
CA GLU A 45 15.28 13.57 7.25
C GLU A 45 16.27 12.88 6.31
N ALA A 46 17.39 12.41 6.89
CA ALA A 46 18.42 11.68 6.13
C ALA A 46 17.92 10.28 5.75
N GLU A 47 16.98 9.77 6.56
CA GLU A 47 16.36 8.47 6.35
C GLU A 47 15.32 8.50 5.23
N LEU A 48 14.63 9.64 5.09
CA LEU A 48 13.60 9.82 4.06
C LEU A 48 14.25 10.03 2.68
N GLN A 49 15.38 10.74 2.66
CA GLN A 49 16.14 11.00 1.43
C GLN A 49 16.88 9.77 0.94
N ASP A 50 17.11 8.82 1.85
CA ASP A 50 17.78 7.56 1.55
C ASP A 50 16.87 6.64 0.71
N MET A 51 15.59 6.58 1.11
CA MET A 51 14.57 5.75 0.43
C MET A 51 14.21 6.35 -0.93
N ILE A 52 14.17 7.69 -1.00
CA ILE A 52 13.83 8.43 -2.22
C ILE A 52 14.85 8.21 -3.35
N ASN A 53 16.14 8.38 -3.04
CA ASN A 53 17.23 8.25 -4.02
C ASN A 53 17.29 6.86 -4.70
N GLU A 54 16.47 5.93 -4.21
CA GLU A 54 16.38 4.59 -4.75
C GLU A 54 15.52 4.58 -6.02
N VAL A 55 14.40 5.30 -5.97
CA VAL A 55 13.48 5.42 -7.10
C VAL A 55 13.54 6.80 -7.75
N ASP A 56 13.85 7.83 -6.95
CA ASP A 56 13.98 9.22 -7.45
C ASP A 56 14.79 9.32 -8.76
N ALA A 57 14.11 9.70 -9.84
CA ALA A 57 14.73 9.88 -11.15
C ALA A 57 15.47 11.21 -11.27
N ASP A 58 14.93 12.24 -10.61
CA ASP A 58 15.51 13.60 -10.62
C ASP A 58 16.55 13.80 -9.51
N GLY A 59 16.30 13.21 -8.34
CA GLY A 59 17.21 13.32 -7.20
C GLY A 59 17.07 14.64 -6.45
N ASN A 60 15.84 14.92 -5.98
CA ASN A 60 15.55 16.14 -5.22
C ASN A 60 14.69 15.84 -3.97
N GLY A 61 14.41 14.55 -3.74
CA GLY A 61 13.60 14.12 -2.60
C GLY A 61 12.16 13.87 -2.97
N THR A 62 11.92 13.50 -4.24
CA THR A 62 10.58 13.23 -4.71
C THR A 62 10.60 12.05 -5.67
N ILE A 63 9.58 11.22 -5.54
CA ILE A 63 9.44 10.03 -6.36
C ILE A 63 8.35 10.28 -7.41
N ASP A 64 8.58 9.80 -8.63
CA ASP A 64 7.61 10.00 -9.70
C ASP A 64 6.87 8.71 -10.03
N PHE A 65 5.80 8.83 -10.82
CA PHE A 65 4.96 7.68 -11.21
C PHE A 65 5.65 6.67 -12.19
N PRO A 66 6.54 7.10 -13.15
CA PRO A 66 7.18 6.15 -14.09
C PRO A 66 8.04 5.09 -13.41
N GLU A 67 8.93 5.53 -12.49
CA GLU A 67 9.81 4.60 -11.77
C GLU A 67 9.12 3.92 -10.58
N PHE A 68 7.85 4.29 -10.31
CA PHE A 68 7.08 3.70 -9.22
C PHE A 68 6.79 2.22 -9.50
N LEU A 69 6.43 1.96 -10.75
CA LEU A 69 6.14 0.62 -11.25
C LEU A 69 7.45 -0.17 -11.41
N THR A 70 8.56 0.55 -11.35
CA THR A 70 9.90 0.01 -11.49
C THR A 70 10.35 -0.80 -10.26
N MET A 71 10.17 -0.22 -9.07
CA MET A 71 10.56 -0.86 -7.80
C MET A 71 9.62 -2.00 -7.39
N MET A 72 8.32 -1.86 -7.70
CA MET A 72 7.31 -2.86 -7.34
C MET A 72 7.44 -4.16 -8.14
N ALA A 73 7.49 -4.04 -9.47
CA ALA A 73 7.60 -5.19 -10.38
C ALA A 73 8.97 -5.88 -10.34
N ARG A 74 9.98 -5.21 -9.75
CA ARG A 74 11.35 -5.74 -9.68
C ARG A 74 11.48 -6.86 -8.63
N LYS A 75 11.26 -6.52 -7.35
CA LYS A 75 11.37 -7.49 -6.25
C LYS A 75 10.17 -8.43 -6.17
N MET A 76 9.14 -8.15 -6.95
CA MET A 76 7.95 -9.01 -6.99
C MET A 76 8.19 -10.19 -7.95
N LYS A 77 9.43 -10.28 -8.45
CA LYS A 77 9.82 -11.32 -9.39
C LYS A 77 10.78 -12.36 -8.78
N ASP A 78 10.82 -12.44 -7.43
CA ASP A 78 11.72 -13.39 -6.75
C ASP A 78 10.96 -14.54 -6.12
N THR A 79 9.64 -14.47 -6.20
CA THR A 79 8.70 -15.49 -5.65
C THR A 79 8.83 -15.66 -4.12
N ASP A 80 9.79 -14.95 -3.54
CA ASP A 80 9.99 -14.95 -2.10
C ASP A 80 9.30 -13.71 -1.55
N SER A 81 8.28 -13.27 -2.32
CA SER A 81 7.50 -12.08 -2.03
C SER A 81 6.52 -12.29 -0.85
N GLU A 82 6.59 -13.48 -0.23
CA GLU A 82 5.74 -13.82 0.92
C GLU A 82 6.21 -13.08 2.18
N GLU A 83 7.49 -12.69 2.17
CA GLU A 83 8.10 -11.96 3.28
C GLU A 83 7.67 -10.49 3.27
N GLU A 84 7.20 -10.03 2.10
CA GLU A 84 6.71 -8.65 1.92
C GLU A 84 5.25 -8.53 2.39
N ILE A 85 4.44 -9.56 2.09
CA ILE A 85 3.00 -9.58 2.45
C ILE A 85 2.78 -9.81 3.94
N ARG A 86 3.68 -10.55 4.60
CA ARG A 86 3.57 -10.77 6.04
C ARG A 86 3.54 -9.42 6.76
N GLU A 87 4.14 -8.43 6.10
CA GLU A 87 4.19 -7.05 6.56
C GLU A 87 2.87 -6.32 6.35
N ALA A 88 2.25 -6.53 5.18
CA ALA A 88 0.97 -5.89 4.85
C ALA A 88 -0.18 -6.49 5.66
N PHE A 89 -0.01 -7.77 6.03
CA PHE A 89 -1.01 -8.52 6.82
C PHE A 89 -1.06 -8.07 8.27
N ARG A 90 0.11 -7.79 8.85
CA ARG A 90 0.19 -7.37 10.24
C ARG A 90 -0.31 -5.93 10.46
N VAL A 91 -0.24 -5.11 9.41
CA VAL A 91 -0.73 -3.72 9.45
C VAL A 91 -2.26 -3.71 9.33
N PHE A 92 -2.81 -4.73 8.66
CA PHE A 92 -4.25 -4.86 8.45
C PHE A 92 -4.89 -5.58 9.65
N ASP A 93 -4.46 -6.82 9.88
CA ASP A 93 -4.97 -7.61 10.99
C ASP A 93 -4.05 -7.55 12.20
N LYS A 94 -4.34 -6.63 13.13
CA LYS A 94 -3.55 -6.51 14.37
C LYS A 94 -3.77 -7.75 15.24
N ASP A 95 -5.02 -8.20 15.27
CA ASP A 95 -5.40 -9.42 15.97
C ASP A 95 -5.76 -10.46 14.93
N GLY A 96 -6.82 -10.14 14.21
CA GLY A 96 -7.38 -10.92 13.10
C GLY A 96 -7.82 -12.33 13.42
N ASN A 97 -6.91 -13.08 14.04
CA ASN A 97 -7.09 -14.49 14.40
C ASN A 97 -7.03 -15.33 13.11
N GLY A 98 -6.26 -14.81 12.14
CA GLY A 98 -6.10 -15.45 10.84
C GLY A 98 -7.04 -14.86 9.80
N TYR A 99 -7.63 -13.70 10.12
CA TYR A 99 -8.57 -13.00 9.22
C TYR A 99 -8.36 -11.48 9.36
N ILE A 100 -9.10 -10.68 8.57
CA ILE A 100 -8.96 -9.23 8.66
C ILE A 100 -10.29 -8.54 9.01
N SER A 101 -10.34 -7.94 10.20
CA SER A 101 -11.54 -7.25 10.69
C SER A 101 -11.67 -5.85 10.09
N ALA A 102 -12.92 -5.39 9.98
CA ALA A 102 -13.24 -4.07 9.42
C ALA A 102 -12.81 -2.92 10.32
N ALA A 103 -12.82 -3.15 11.65
CA ALA A 103 -12.42 -2.14 12.63
C ALA A 103 -10.94 -1.75 12.49
N GLU A 104 -10.10 -2.73 12.16
CA GLU A 104 -8.66 -2.51 11.99
C GLU A 104 -8.34 -1.87 10.64
N LEU A 105 -9.08 -2.23 9.59
CA LEU A 105 -8.88 -1.66 8.24
C LEU A 105 -9.46 -0.24 8.17
N ARG A 106 -10.53 0.00 8.94
CA ARG A 106 -11.16 1.32 9.03
C ARG A 106 -10.25 2.30 9.78
N HIS A 107 -9.70 1.83 10.91
CA HIS A 107 -8.79 2.62 11.75
C HIS A 107 -7.58 3.13 10.97
N VAL A 108 -7.14 2.33 10.00
CA VAL A 108 -5.99 2.68 9.13
C VAL A 108 -6.32 3.93 8.32
N MET A 109 -7.54 3.98 7.88
CA MET A 109 -8.09 5.09 7.10
C MET A 109 -8.41 6.29 8.00
N THR A 110 -8.87 5.97 9.22
CA THR A 110 -9.23 6.98 10.23
C THR A 110 -7.98 7.60 10.88
N ASN A 111 -6.88 6.83 10.90
CA ASN A 111 -5.60 7.26 11.48
C ASN A 111 -4.90 8.29 10.59
N LEU A 112 -5.30 8.32 9.30
CA LEU A 112 -4.75 9.22 8.32
C LEU A 112 -5.34 10.63 8.43
N GLY A 113 -6.33 10.79 9.32
CA GLY A 113 -6.98 12.09 9.52
C GLY A 113 -8.24 12.25 8.67
N GLU A 114 -8.96 11.14 8.48
CA GLU A 114 -10.20 11.14 7.69
C GLU A 114 -11.29 10.33 8.40
N LYS A 115 -12.56 10.70 8.14
CA LYS A 115 -13.71 10.02 8.75
C LYS A 115 -14.62 9.45 7.67
N LEU A 116 -14.86 8.14 7.74
CA LEU A 116 -15.72 7.45 6.79
C LEU A 116 -16.90 6.78 7.50
N THR A 117 -17.97 6.50 6.74
CA THR A 117 -19.18 5.87 7.28
C THR A 117 -19.07 4.35 7.25
N ASP A 118 -19.91 3.68 8.06
CA ASP A 118 -19.95 2.21 8.16
C ASP A 118 -20.55 1.56 6.91
N GLU A 119 -21.50 2.26 6.28
CA GLU A 119 -22.18 1.78 5.06
C GLU A 119 -21.22 1.58 3.89
N GLU A 120 -20.18 2.44 3.82
CA GLU A 120 -19.17 2.38 2.77
C GLU A 120 -18.17 1.25 3.02
N VAL A 121 -17.96 0.98 4.31
CA VAL A 121 -17.05 -0.07 4.78
C VAL A 121 -17.46 -1.45 4.23
N ASP A 122 -18.76 -1.75 4.29
CA ASP A 122 -19.33 -3.01 3.78
C ASP A 122 -18.98 -3.24 2.32
N GLU A 123 -18.83 -2.13 1.59
CA GLU A 123 -18.47 -2.13 0.16
C GLU A 123 -17.03 -2.62 -0.06
N MET A 124 -16.15 -2.38 0.93
CA MET A 124 -14.74 -2.78 0.82
C MET A 124 -14.59 -4.28 1.03
N ILE A 125 -15.50 -4.79 1.85
CA ILE A 125 -15.55 -6.20 2.22
C ILE A 125 -16.16 -7.06 1.12
N ARG A 126 -17.15 -6.53 0.42
CA ARG A 126 -17.83 -7.23 -0.68
C ARG A 126 -16.83 -7.51 -1.81
N GLU A 127 -15.73 -6.76 -1.73
CA GLU A 127 -14.63 -6.80 -2.66
C GLU A 127 -13.64 -7.92 -2.32
N ALA A 128 -13.72 -8.42 -1.08
CA ALA A 128 -12.83 -9.49 -0.61
C ALA A 128 -13.58 -10.64 0.07
N ASP A 129 -14.75 -10.37 0.66
CA ASP A 129 -15.57 -11.41 1.34
C ASP A 129 -15.87 -12.65 0.44
N ILE A 130 -14.97 -13.62 0.51
CA ILE A 130 -15.07 -14.88 -0.27
C ILE A 130 -16.06 -15.85 0.36
N ASP A 131 -16.00 -15.95 1.68
CA ASP A 131 -16.88 -16.82 2.45
C ASP A 131 -17.94 -15.96 3.15
N GLY A 132 -17.84 -14.64 2.92
CA GLY A 132 -18.76 -13.67 3.46
C GLY A 132 -18.91 -13.69 4.97
N ASP A 133 -17.77 -13.61 5.65
CA ASP A 133 -17.73 -13.59 7.12
C ASP A 133 -17.46 -12.18 7.66
N GLY A 134 -17.12 -11.25 6.75
CA GLY A 134 -16.84 -9.86 7.13
C GLY A 134 -15.39 -9.61 7.51
N GLN A 135 -14.51 -10.57 7.17
CA GLN A 135 -13.08 -10.46 7.47
C GLN A 135 -12.23 -10.78 6.24
N VAL A 136 -10.98 -10.26 6.20
CA VAL A 136 -10.10 -10.51 5.04
C VAL A 136 -8.97 -11.49 5.34
N ASN A 137 -8.80 -12.44 4.43
CA ASN A 137 -7.77 -13.47 4.55
C ASN A 137 -6.52 -13.13 3.73
N TYR A 138 -5.43 -13.81 4.11
CA TYR A 138 -4.11 -13.66 3.48
C TYR A 138 -4.04 -14.21 2.05
N GLU A 139 -4.86 -15.23 1.80
CA GLU A 139 -4.91 -15.93 0.49
C GLU A 139 -5.60 -15.06 -0.54
N GLU A 140 -6.64 -14.37 -0.05
CA GLU A 140 -7.39 -13.41 -0.85
C GLU A 140 -6.56 -12.16 -0.98
N PHE A 141 -5.79 -11.95 0.10
CA PHE A 141 -4.87 -10.83 0.22
C PHE A 141 -3.73 -10.88 -0.81
N VAL A 142 -3.15 -12.06 -0.95
CA VAL A 142 -2.03 -12.33 -1.87
C VAL A 142 -2.42 -12.04 -3.33
N GLN A 143 -3.58 -12.56 -3.72
CA GLN A 143 -4.13 -12.42 -5.08
C GLN A 143 -4.62 -10.99 -5.38
N MET A 144 -5.01 -10.25 -4.33
CA MET A 144 -5.53 -8.88 -4.45
C MET A 144 -4.53 -7.90 -5.12
N MET A 145 -3.24 -8.25 -5.12
CA MET A 145 -2.20 -7.41 -5.73
C MET A 145 -2.03 -7.70 -7.23
N THR A 146 -2.15 -8.99 -7.59
CA THR A 146 -2.01 -9.42 -8.98
C THR A 146 -3.38 -9.53 -9.70
N ALA A 147 -4.46 -9.18 -8.98
CA ALA A 147 -5.80 -9.23 -9.53
C ALA A 147 -6.20 -7.88 -10.13
N LYS A 148 -6.73 -7.92 -11.37
CA LYS A 148 -7.16 -6.72 -12.12
C LYS A 148 -6.00 -5.78 -12.42
N LEU B 1 -11.36 -3.10 -0.49
CA LEU B 1 -9.88 -3.09 -0.43
C LEU B 1 -9.27 -3.73 -1.69
N LYS B 2 -8.51 -2.93 -2.44
CA LYS B 2 -7.84 -3.39 -3.68
C LYS B 2 -6.66 -2.48 -4.03
N VAL B 3 -6.88 -1.16 -3.92
CA VAL B 3 -5.84 -0.15 -4.22
C VAL B 3 -5.01 0.16 -2.97
N LEU B 4 -5.67 0.19 -1.81
CA LEU B 4 -5.02 0.46 -0.52
C LEU B 4 -4.25 -0.77 0.00
N VAL B 5 -4.32 -1.89 -0.75
CA VAL B 5 -3.65 -3.14 -0.38
C VAL B 5 -2.15 -3.09 -0.74
N LYS B 6 -1.84 -2.61 -1.95
CA LYS B 6 -0.46 -2.51 -2.44
C LYS B 6 0.30 -1.31 -1.82
N ALA B 7 -0.45 -0.25 -1.45
CA ALA B 7 0.13 0.96 -0.84
C ALA B 7 0.80 0.66 0.51
N VAL B 8 0.16 -0.22 1.30
CA VAL B 8 0.68 -0.63 2.62
C VAL B 8 1.85 -1.62 2.46
N LEU B 9 1.74 -2.48 1.43
CA LEU B 9 2.75 -3.49 1.11
C LEU B 9 4.02 -2.84 0.53
N PHE B 10 3.81 -1.75 -0.23
CA PHE B 10 4.91 -0.99 -0.86
C PHE B 10 5.69 -0.17 0.17
N ALA B 11 4.98 0.31 1.21
CA ALA B 11 5.58 1.12 2.28
C ALA B 11 6.49 0.30 3.20
N CYS B 12 6.17 -1.00 3.34
CA CYS B 12 6.95 -1.93 4.18
C CYS B 12 8.26 -2.37 3.52
N MET B 13 8.35 -2.16 2.19
CA MET B 13 9.54 -2.55 1.42
C MET B 13 10.61 -1.44 1.41
N LEU B 14 10.20 -0.21 1.78
CA LEU B 14 11.10 0.93 1.81
C LEU B 14 11.79 1.09 3.19
N MET B 15 11.25 0.41 4.20
CA MET B 15 11.79 0.46 5.56
C MET B 15 12.80 -0.67 5.82
N ARG B 16 12.97 -1.56 4.84
CA ARG B 16 13.90 -2.68 4.94
C ARG B 16 15.30 -2.30 4.41
N LYS B 17 15.42 -1.08 3.87
CA LYS B 17 16.68 -0.58 3.32
C LYS B 17 17.39 0.30 4.34
N ALA A 1 -2.22 -17.72 -14.56
CA ALA A 1 -2.37 -16.30 -14.13
C ALA A 1 -2.08 -15.34 -15.27
N ASP A 2 -2.75 -14.19 -15.26
CA ASP A 2 -2.57 -13.17 -16.30
C ASP A 2 -2.28 -11.80 -15.67
N GLN A 3 -1.46 -11.00 -16.35
CA GLN A 3 -1.09 -9.67 -15.87
C GLN A 3 -1.86 -8.59 -16.64
N LEU A 4 -2.19 -7.50 -15.94
CA LEU A 4 -2.91 -6.39 -16.53
C LEU A 4 -1.98 -5.22 -16.86
N THR A 5 -2.44 -4.35 -17.76
CA THR A 5 -1.66 -3.19 -18.20
C THR A 5 -2.24 -1.89 -17.63
N GLU A 6 -2.68 -1.02 -18.54
CA GLU A 6 -3.27 0.31 -18.20
C GLU A 6 -4.43 0.22 -17.20
N GLU A 7 -4.88 -1.01 -16.90
CA GLU A 7 -5.99 -1.26 -15.97
C GLU A 7 -5.48 -1.18 -14.54
N GLN A 8 -4.47 -2.01 -14.27
CA GLN A 8 -3.79 -2.07 -12.98
C GLN A 8 -2.84 -0.89 -12.85
N ILE A 9 -2.35 -0.43 -14.01
CA ILE A 9 -1.44 0.71 -14.08
C ILE A 9 -2.17 2.03 -13.72
N ALA A 10 -3.47 2.08 -14.02
CA ALA A 10 -4.31 3.26 -13.73
C ALA A 10 -4.58 3.40 -12.23
N GLU A 11 -4.50 2.27 -11.50
CA GLU A 11 -4.72 2.24 -10.05
C GLU A 11 -3.49 2.76 -9.31
N PHE A 12 -2.35 2.69 -10.00
CA PHE A 12 -1.05 3.12 -9.54
C PHE A 12 -0.95 4.65 -9.56
N LYS A 13 -1.31 5.23 -10.72
CA LYS A 13 -1.32 6.69 -10.90
C LYS A 13 -2.38 7.27 -9.98
N GLU A 14 -3.46 6.50 -9.81
CA GLU A 14 -4.54 6.83 -8.91
C GLU A 14 -4.08 6.63 -7.46
N ALA A 15 -3.22 5.60 -7.25
CA ALA A 15 -2.66 5.32 -5.91
C ALA A 15 -1.57 6.34 -5.54
N PHE A 16 -1.03 7.01 -6.58
CA PHE A 16 0.03 8.01 -6.43
C PHE A 16 -0.51 9.34 -5.88
N SER A 17 -1.84 9.56 -6.00
CA SER A 17 -2.49 10.79 -5.56
C SER A 17 -2.56 10.91 -4.03
N LEU A 18 -2.57 9.76 -3.33
CA LEU A 18 -2.60 9.72 -1.87
C LEU A 18 -1.28 10.24 -1.30
N PHE A 19 -0.19 9.90 -2.00
CA PHE A 19 1.16 10.33 -1.62
C PHE A 19 1.52 11.67 -2.29
N ASP A 20 0.79 12.02 -3.36
CA ASP A 20 1.02 13.26 -4.10
C ASP A 20 -0.23 14.16 -4.00
N LYS A 21 -0.30 14.86 -2.87
CA LYS A 21 -1.42 15.78 -2.58
C LYS A 21 -1.34 17.09 -3.40
N ASP A 22 -0.29 17.19 -4.24
CA ASP A 22 -0.08 18.37 -5.08
C ASP A 22 -0.66 18.17 -6.50
N GLY A 23 -0.62 16.91 -6.97
CA GLY A 23 -1.15 16.57 -8.29
C GLY A 23 -0.18 16.86 -9.42
N ASP A 24 1.12 16.81 -9.13
CA ASP A 24 2.17 17.05 -10.12
C ASP A 24 2.94 15.77 -10.46
N GLY A 25 2.78 14.75 -9.60
CA GLY A 25 3.47 13.48 -9.78
C GLY A 25 4.79 13.44 -9.07
N THR A 26 4.69 13.67 -7.77
CA THR A 26 5.83 13.71 -6.89
C THR A 26 5.46 13.22 -5.50
N ILE A 27 6.39 12.53 -4.86
CA ILE A 27 6.20 12.07 -3.50
C ILE A 27 7.39 12.61 -2.78
N THR A 28 7.17 13.76 -2.18
CA THR A 28 8.20 14.50 -1.54
C THR A 28 8.62 13.87 -0.23
N THR A 29 9.79 14.28 0.21
CA THR A 29 10.39 13.79 1.44
C THR A 29 9.49 14.03 2.65
N LYS A 30 8.83 15.19 2.67
CA LYS A 30 7.93 15.58 3.76
C LYS A 30 6.58 14.84 3.67
N GLU A 31 6.16 14.51 2.45
CA GLU A 31 4.90 13.80 2.20
C GLU A 31 4.99 12.31 2.54
N LEU A 32 6.20 11.75 2.38
CA LEU A 32 6.46 10.33 2.66
C LEU A 32 6.48 10.06 4.16
N GLY A 33 7.11 10.96 4.93
CA GLY A 33 7.17 10.82 6.37
C GLY A 33 5.84 11.10 7.05
N THR A 34 5.03 12.02 6.47
CA THR A 34 3.70 12.33 7.00
C THR A 34 2.85 11.06 6.92
N VAL A 35 3.09 10.32 5.84
CA VAL A 35 2.47 9.03 5.60
C VAL A 35 3.16 7.97 6.48
N MET A 36 4.47 8.20 6.76
CA MET A 36 5.28 7.31 7.58
C MET A 36 4.96 7.42 9.08
N ARG A 37 4.37 8.56 9.49
CA ARG A 37 4.00 8.80 10.89
C ARG A 37 2.72 8.06 11.28
N SER A 38 1.82 7.89 10.31
CA SER A 38 0.54 7.19 10.52
C SER A 38 0.71 5.66 10.40
N LEU A 39 1.89 5.25 9.94
CA LEU A 39 2.23 3.82 9.76
C LEU A 39 2.82 3.23 11.05
N GLY A 40 3.33 4.09 11.93
CA GLY A 40 3.92 3.66 13.19
C GLY A 40 5.43 3.71 13.20
N GLN A 41 6.01 4.53 12.31
CA GLN A 41 7.47 4.68 12.20
C GLN A 41 7.88 6.15 12.36
N ASN A 42 8.88 6.37 13.21
CA ASN A 42 9.40 7.72 13.45
C ASN A 42 10.83 7.86 12.88
N PRO A 43 10.96 8.13 11.54
CA PRO A 43 12.27 8.28 10.88
C PRO A 43 12.91 9.66 11.12
N THR A 44 14.19 9.78 10.77
CA THR A 44 14.94 11.02 10.94
C THR A 44 15.07 11.75 9.60
N GLU A 45 15.60 12.99 9.63
CA GLU A 45 15.78 13.82 8.42
C GLU A 45 16.62 13.11 7.35
N ALA A 46 17.66 12.39 7.79
CA ALA A 46 18.52 11.62 6.90
C ALA A 46 17.80 10.38 6.35
N GLU A 47 16.80 9.92 7.13
CA GLU A 47 15.98 8.75 6.79
C GLU A 47 14.94 9.07 5.72
N LEU A 48 14.60 10.37 5.58
CA LEU A 48 13.60 10.83 4.59
C LEU A 48 14.18 10.80 3.18
N GLN A 49 15.35 11.42 3.00
CA GLN A 49 16.06 11.47 1.71
C GLN A 49 16.69 10.12 1.35
N ASP A 50 16.74 9.22 2.33
CA ASP A 50 17.31 7.88 2.17
C ASP A 50 16.40 6.99 1.29
N MET A 51 15.09 6.97 1.64
CA MET A 51 14.09 6.19 0.90
C MET A 51 13.80 6.77 -0.50
N ILE A 52 13.96 8.10 -0.61
CA ILE A 52 13.73 8.83 -1.87
C ILE A 52 14.77 8.46 -2.93
N ASN A 53 16.06 8.58 -2.57
CA ASN A 53 17.18 8.29 -3.48
C ASN A 53 17.19 6.84 -3.98
N GLU A 54 16.26 6.03 -3.46
CA GLU A 54 16.13 4.63 -3.84
C GLU A 54 15.37 4.51 -5.16
N VAL A 55 14.28 5.28 -5.28
CA VAL A 55 13.45 5.30 -6.49
C VAL A 55 13.63 6.61 -7.26
N ASP A 56 13.96 7.70 -6.54
CA ASP A 56 14.19 9.01 -7.16
C ASP A 56 15.18 8.94 -8.34
N ALA A 57 14.68 9.27 -9.54
CA ALA A 57 15.49 9.29 -10.76
C ALA A 57 16.31 10.58 -10.87
N ASP A 58 15.77 11.67 -10.30
CA ASP A 58 16.41 12.98 -10.31
C ASP A 58 17.31 13.18 -9.08
N GLY A 59 16.83 12.74 -7.92
CA GLY A 59 17.58 12.88 -6.67
C GLY A 59 17.48 14.26 -6.05
N ASN A 60 16.24 14.69 -5.77
CA ASN A 60 16.00 16.01 -5.16
C ASN A 60 15.05 15.90 -3.95
N GLY A 61 14.66 14.67 -3.60
CA GLY A 61 13.77 14.44 -2.47
C GLY A 61 12.32 14.26 -2.89
N THR A 62 12.11 13.88 -4.17
CA THR A 62 10.78 13.69 -4.70
C THR A 62 10.78 12.50 -5.65
N ILE A 63 9.74 11.69 -5.54
CA ILE A 63 9.59 10.52 -6.37
C ILE A 63 8.54 10.75 -7.44
N ASP A 64 8.73 10.14 -8.61
CA ASP A 64 7.78 10.30 -9.70
C ASP A 64 7.00 9.00 -9.94
N PHE A 65 5.91 9.11 -10.72
CA PHE A 65 5.03 7.96 -11.02
C PHE A 65 5.67 6.87 -11.95
N PRO A 66 6.56 7.20 -12.94
CA PRO A 66 7.16 6.18 -13.83
C PRO A 66 8.03 5.16 -13.11
N GLU A 67 8.88 5.62 -12.17
CA GLU A 67 9.77 4.73 -11.43
C GLU A 67 9.07 4.01 -10.26
N PHE A 68 7.82 4.42 -9.95
CA PHE A 68 7.04 3.78 -8.88
C PHE A 68 6.75 2.32 -9.23
N LEU A 69 6.44 2.11 -10.50
CA LEU A 69 6.17 0.80 -11.07
C LEU A 69 7.47 -0.02 -11.20
N THR A 70 8.59 0.70 -11.11
CA THR A 70 9.93 0.13 -11.23
C THR A 70 10.30 -0.75 -10.02
N MET A 71 10.14 -0.20 -8.81
CA MET A 71 10.46 -0.91 -7.57
C MET A 71 9.40 -1.96 -7.21
N MET A 72 8.13 -1.67 -7.52
CA MET A 72 7.00 -2.58 -7.23
C MET A 72 7.03 -3.84 -8.10
N ALA A 73 7.03 -3.64 -9.42
CA ALA A 73 7.05 -4.75 -10.40
C ALA A 73 8.39 -5.49 -10.45
N ARG A 74 9.40 -5.00 -9.73
CA ARG A 74 10.73 -5.60 -9.71
C ARG A 74 10.77 -6.90 -8.89
N LYS A 75 10.72 -6.79 -7.56
CA LYS A 75 10.76 -7.95 -6.66
C LYS A 75 9.44 -8.69 -6.56
N MET A 76 8.43 -8.21 -7.29
CA MET A 76 7.12 -8.85 -7.30
C MET A 76 7.13 -10.11 -8.18
N LYS A 77 8.26 -10.32 -8.88
CA LYS A 77 8.40 -11.48 -9.79
C LYS A 77 9.40 -12.54 -9.27
N ASP A 78 9.77 -12.46 -7.98
CA ASP A 78 10.74 -13.41 -7.41
C ASP A 78 10.06 -14.58 -6.71
N THR A 79 8.74 -14.54 -6.68
CA THR A 79 7.87 -15.57 -6.05
C THR A 79 8.13 -15.73 -4.55
N ASP A 80 9.13 -15.01 -4.04
CA ASP A 80 9.47 -15.00 -2.63
C ASP A 80 8.80 -13.76 -2.02
N SER A 81 7.73 -13.33 -2.73
CA SER A 81 6.95 -12.16 -2.38
C SER A 81 6.06 -12.38 -1.15
N GLU A 82 6.19 -13.56 -0.51
CA GLU A 82 5.43 -13.92 0.69
C GLU A 82 5.95 -13.16 1.91
N GLU A 83 7.22 -12.75 1.84
CA GLU A 83 7.88 -11.99 2.90
C GLU A 83 7.42 -10.52 2.89
N GLU A 84 6.88 -10.10 1.73
CA GLU A 84 6.36 -8.74 1.55
C GLU A 84 4.93 -8.62 2.11
N ILE A 85 4.13 -9.68 1.88
CA ILE A 85 2.72 -9.72 2.33
C ILE A 85 2.60 -9.92 3.84
N ARG A 86 3.54 -10.64 4.45
CA ARG A 86 3.53 -10.82 5.91
C ARG A 86 3.52 -9.44 6.59
N GLU A 87 4.10 -8.48 5.85
CA GLU A 87 4.18 -7.09 6.24
C GLU A 87 2.86 -6.35 6.06
N ALA A 88 2.14 -6.65 4.96
CA ALA A 88 0.85 -6.02 4.69
C ALA A 88 -0.25 -6.61 5.59
N PHE A 89 -0.09 -7.89 5.93
CA PHE A 89 -1.03 -8.62 6.79
C PHE A 89 -0.94 -8.18 8.25
N ARG A 90 0.28 -7.87 8.70
CA ARG A 90 0.51 -7.45 10.07
C ARG A 90 -0.01 -6.02 10.36
N VAL A 91 -0.01 -5.18 9.32
CA VAL A 91 -0.51 -3.79 9.42
C VAL A 91 -2.05 -3.78 9.40
N PHE A 92 -2.64 -4.75 8.67
CA PHE A 92 -4.10 -4.87 8.55
C PHE A 92 -4.70 -5.65 9.71
N ASP A 93 -4.07 -6.77 10.02
CA ASP A 93 -4.49 -7.65 11.10
C ASP A 93 -3.67 -7.35 12.37
N LYS A 94 -4.06 -6.26 13.05
CA LYS A 94 -3.37 -5.79 14.27
C LYS A 94 -3.52 -6.73 15.48
N ASP A 95 -4.71 -7.29 15.68
CA ASP A 95 -4.97 -8.17 16.84
C ASP A 95 -5.11 -9.64 16.47
N GLY A 96 -4.80 -9.96 15.22
CA GLY A 96 -4.89 -11.32 14.69
C GLY A 96 -6.17 -12.06 15.04
N ASN A 97 -7.26 -11.63 14.42
CA ASN A 97 -8.54 -12.31 14.61
C ASN A 97 -8.57 -13.54 13.71
N GLY A 98 -7.35 -13.98 13.30
CA GLY A 98 -7.21 -15.12 12.41
C GLY A 98 -7.17 -14.68 10.95
N TYR A 99 -7.89 -13.60 10.66
CA TYR A 99 -7.97 -13.02 9.31
C TYR A 99 -7.99 -11.48 9.43
N ILE A 100 -8.44 -10.77 8.38
CA ILE A 100 -8.48 -9.30 8.42
C ILE A 100 -9.90 -8.75 8.55
N SER A 101 -10.23 -8.27 9.76
CA SER A 101 -11.55 -7.72 10.05
C SER A 101 -11.67 -6.28 9.55
N ALA A 102 -12.92 -5.87 9.26
CA ALA A 102 -13.21 -4.53 8.74
C ALA A 102 -12.91 -3.42 9.74
N ALA A 103 -13.05 -3.72 11.04
CA ALA A 103 -12.80 -2.75 12.11
C ALA A 103 -11.33 -2.30 12.14
N GLU A 104 -10.42 -3.26 11.88
CA GLU A 104 -8.98 -2.99 11.88
C GLU A 104 -8.52 -2.30 10.59
N LEU A 105 -9.11 -2.69 9.44
CA LEU A 105 -8.76 -2.07 8.15
C LEU A 105 -9.33 -0.64 8.06
N ARG A 106 -10.49 -0.43 8.73
CA ARG A 106 -11.13 0.88 8.82
C ARG A 106 -10.24 1.87 9.56
N HIS A 107 -9.78 1.45 10.75
CA HIS A 107 -8.90 2.26 11.63
C HIS A 107 -7.66 2.77 10.91
N VAL A 108 -7.14 1.97 9.99
CA VAL A 108 -5.95 2.34 9.21
C VAL A 108 -6.26 3.53 8.30
N MET A 109 -7.47 3.50 7.80
CA MET A 109 -8.02 4.55 6.93
C MET A 109 -8.42 5.79 7.74
N THR A 110 -8.96 5.54 8.94
CA THR A 110 -9.41 6.58 9.86
C THR A 110 -8.23 7.27 10.56
N ASN A 111 -7.11 6.53 10.71
CA ASN A 111 -5.90 7.04 11.35
C ASN A 111 -5.14 8.01 10.44
N LEU A 112 -5.46 7.96 9.15
CA LEU A 112 -4.85 8.80 8.14
C LEU A 112 -5.48 10.20 8.12
N GLY A 113 -6.56 10.38 8.89
CA GLY A 113 -7.26 11.66 8.95
C GLY A 113 -8.42 11.75 7.96
N GLU A 114 -9.13 10.64 7.78
CA GLU A 114 -10.27 10.58 6.86
C GLU A 114 -11.45 9.85 7.50
N LYS A 115 -12.66 10.21 7.07
CA LYS A 115 -13.89 9.61 7.59
C LYS A 115 -14.64 8.87 6.49
N LEU A 116 -14.85 7.57 6.70
CA LEU A 116 -15.56 6.72 5.74
C LEU A 116 -16.80 6.10 6.36
N THR A 117 -17.75 5.68 5.50
CA THR A 117 -19.01 5.07 5.94
C THR A 117 -18.88 3.54 6.01
N ASP A 118 -19.80 2.91 6.76
CA ASP A 118 -19.83 1.45 6.93
C ASP A 118 -20.27 0.72 5.65
N GLU A 119 -21.18 1.35 4.89
CA GLU A 119 -21.71 0.79 3.64
C GLU A 119 -20.65 0.72 2.54
N GLU A 120 -19.74 1.71 2.52
CA GLU A 120 -18.66 1.78 1.52
C GLU A 120 -17.53 0.82 1.85
N VAL A 121 -17.35 0.58 3.15
CA VAL A 121 -16.33 -0.33 3.67
C VAL A 121 -16.68 -1.79 3.37
N ASP A 122 -17.98 -2.12 3.45
CA ASP A 122 -18.50 -3.46 3.17
C ASP A 122 -18.17 -3.88 1.73
N GLU A 123 -18.11 -2.86 0.85
CA GLU A 123 -17.78 -3.02 -0.56
C GLU A 123 -16.35 -3.53 -0.77
N MET A 124 -15.45 -3.20 0.18
CA MET A 124 -14.04 -3.61 0.09
C MET A 124 -13.88 -5.09 0.43
N ILE A 125 -14.78 -5.54 1.31
CA ILE A 125 -14.80 -6.91 1.80
C ILE A 125 -15.37 -7.88 0.77
N ARG A 126 -16.31 -7.42 -0.02
CA ARG A 126 -16.91 -8.24 -1.06
C ARG A 126 -15.90 -8.47 -2.18
N GLU A 127 -14.89 -7.60 -2.19
CA GLU A 127 -13.81 -7.60 -3.16
C GLU A 127 -12.70 -8.56 -2.71
N ALA A 128 -12.57 -8.73 -1.39
CA ALA A 128 -11.56 -9.59 -0.82
C ALA A 128 -12.16 -10.84 -0.20
N ASP A 129 -13.32 -10.71 0.47
CA ASP A 129 -13.98 -11.87 1.10
C ASP A 129 -14.84 -12.62 0.08
N ILE A 130 -14.42 -13.87 -0.18
CA ILE A 130 -15.07 -14.77 -1.15
C ILE A 130 -16.33 -15.39 -0.58
N ASP A 131 -16.26 -15.76 0.69
CA ASP A 131 -17.40 -16.33 1.39
C ASP A 131 -18.06 -15.23 2.23
N GLY A 132 -17.47 -14.03 2.14
CA GLY A 132 -17.96 -12.85 2.83
C GLY A 132 -18.12 -13.02 4.34
N ASP A 133 -17.03 -13.42 4.99
CA ASP A 133 -17.01 -13.64 6.44
C ASP A 133 -16.71 -12.33 7.20
N GLY A 134 -16.34 -11.27 6.46
CA GLY A 134 -16.03 -9.98 7.06
C GLY A 134 -14.57 -9.83 7.46
N GLN A 135 -13.79 -10.91 7.33
CA GLN A 135 -12.37 -10.89 7.69
C GLN A 135 -11.53 -11.44 6.53
N VAL A 136 -10.35 -10.83 6.29
CA VAL A 136 -9.49 -11.23 5.17
C VAL A 136 -8.26 -12.04 5.58
N ASN A 137 -8.11 -13.19 4.92
CA ASN A 137 -6.98 -14.08 5.16
C ASN A 137 -5.87 -13.83 4.14
N TYR A 138 -4.68 -14.31 4.48
CA TYR A 138 -3.47 -14.17 3.67
C TYR A 138 -3.59 -14.81 2.27
N GLU A 139 -4.40 -15.88 2.21
CA GLU A 139 -4.63 -16.65 0.98
C GLU A 139 -5.55 -15.88 0.04
N GLU A 140 -6.55 -15.26 0.67
CA GLU A 140 -7.50 -14.38 -0.01
C GLU A 140 -6.78 -13.09 -0.35
N PHE A 141 -5.82 -12.78 0.53
CA PHE A 141 -4.96 -11.62 0.40
C PHE A 141 -4.03 -11.71 -0.81
N VAL A 142 -3.47 -12.91 -0.99
CA VAL A 142 -2.56 -13.22 -2.10
C VAL A 142 -3.27 -13.02 -3.45
N GLN A 143 -4.53 -13.48 -3.51
CA GLN A 143 -5.38 -13.38 -4.70
C GLN A 143 -5.78 -11.93 -5.00
N MET A 144 -5.84 -11.10 -3.93
CA MET A 144 -6.21 -9.68 -4.04
C MET A 144 -5.19 -8.87 -4.87
N MET A 145 -3.97 -9.39 -5.00
CA MET A 145 -2.90 -8.74 -5.77
C MET A 145 -2.96 -9.12 -7.25
N THR A 146 -3.28 -10.40 -7.50
CA THR A 146 -3.38 -10.92 -8.87
C THR A 146 -4.82 -10.93 -9.39
N ALA A 147 -5.75 -10.33 -8.61
CA ALA A 147 -7.17 -10.26 -8.99
C ALA A 147 -7.42 -9.23 -10.09
N LYS A 148 -8.44 -9.51 -10.93
CA LYS A 148 -8.80 -8.63 -12.03
C LYS A 148 -9.96 -7.71 -11.64
N LEU B 1 -10.84 -4.15 -0.65
CA LEU B 1 -9.37 -4.04 -0.54
C LEU B 1 -8.71 -4.32 -1.89
N LYS B 2 -7.96 -3.32 -2.40
CA LYS B 2 -7.25 -3.44 -3.69
C LYS B 2 -6.32 -2.23 -3.89
N VAL B 3 -6.82 -1.04 -3.52
CA VAL B 3 -6.06 0.21 -3.64
C VAL B 3 -5.15 0.43 -2.43
N LEU B 4 -5.75 0.33 -1.24
CA LEU B 4 -5.03 0.50 0.04
C LEU B 4 -4.11 -0.69 0.36
N VAL B 5 -4.14 -1.72 -0.51
CA VAL B 5 -3.32 -2.93 -0.35
C VAL B 5 -1.94 -2.74 -1.01
N LYS B 6 -1.92 -1.98 -2.11
CA LYS B 6 -0.69 -1.70 -2.86
C LYS B 6 0.20 -0.65 -2.16
N ALA B 7 -0.43 0.25 -1.39
CA ALA B 7 0.27 1.31 -0.66
C ALA B 7 1.06 0.76 0.54
N VAL B 8 0.52 -0.30 1.16
CA VAL B 8 1.17 -0.94 2.34
C VAL B 8 2.37 -1.81 1.90
N LEU B 9 2.25 -2.44 0.72
CA LEU B 9 3.32 -3.28 0.15
C LEU B 9 4.50 -2.42 -0.32
N PHE B 10 4.19 -1.22 -0.81
CA PHE B 10 5.19 -0.26 -1.28
C PHE B 10 5.96 0.38 -0.11
N ALA B 11 5.23 0.66 0.98
CA ALA B 11 5.81 1.27 2.19
C ALA B 11 6.70 0.29 2.97
N CYS B 12 6.31 -0.99 2.96
CA CYS B 12 7.06 -2.04 3.66
C CYS B 12 8.33 -2.46 2.91
N MET B 13 8.40 -2.11 1.62
CA MET B 13 9.55 -2.45 0.76
C MET B 13 10.66 -1.40 0.86
N LEU B 14 10.32 -0.23 1.42
CA LEU B 14 11.27 0.87 1.60
C LEU B 14 11.96 0.81 2.96
N MET B 15 11.36 0.09 3.91
CA MET B 15 11.92 -0.06 5.25
C MET B 15 12.58 -1.41 5.45
N ARG B 16 12.04 -2.45 4.78
CA ARG B 16 12.58 -3.81 4.87
C ARG B 16 13.68 -4.04 3.81
N LYS B 17 14.31 -2.95 3.37
CA LYS B 17 15.38 -3.02 2.37
C LYS B 17 16.77 -3.13 3.03
N ALA A 1 -8.79 -11.46 -22.05
CA ALA A 1 -7.55 -10.63 -22.00
C ALA A 1 -6.40 -11.43 -21.40
N ASP A 2 -5.21 -11.28 -22.00
CA ASP A 2 -4.01 -11.97 -21.54
C ASP A 2 -3.12 -11.05 -20.70
N GLN A 3 -2.94 -9.81 -21.18
CA GLN A 3 -2.12 -8.82 -20.47
C GLN A 3 -2.85 -7.48 -20.39
N LEU A 4 -2.63 -6.76 -19.28
CA LEU A 4 -3.25 -5.47 -19.07
C LEU A 4 -2.21 -4.35 -19.04
N THR A 5 -2.50 -3.27 -19.77
CA THR A 5 -1.61 -2.12 -19.87
C THR A 5 -2.16 -0.94 -19.10
N GLU A 6 -2.57 0.09 -19.84
CA GLU A 6 -3.15 1.34 -19.30
C GLU A 6 -4.34 1.10 -18.35
N GLU A 7 -4.80 -0.15 -18.26
CA GLU A 7 -5.93 -0.56 -17.40
C GLU A 7 -5.44 -0.69 -15.96
N GLN A 8 -4.45 -1.56 -15.80
CA GLN A 8 -3.78 -1.82 -14.53
C GLN A 8 -2.83 -0.68 -14.22
N ILE A 9 -2.33 -0.06 -15.29
CA ILE A 9 -1.39 1.06 -15.21
C ILE A 9 -2.11 2.33 -14.68
N ALA A 10 -3.42 2.43 -14.95
CA ALA A 10 -4.24 3.57 -14.49
C ALA A 10 -4.48 3.51 -12.98
N GLU A 11 -4.39 2.29 -12.41
CA GLU A 11 -4.58 2.06 -10.98
C GLU A 11 -3.35 2.51 -10.17
N PHE A 12 -2.20 2.57 -10.86
CA PHE A 12 -0.91 2.98 -10.31
C PHE A 12 -0.87 4.49 -10.09
N LYS A 13 -1.22 5.23 -11.16
CA LYS A 13 -1.27 6.70 -11.13
C LYS A 13 -2.37 7.11 -10.15
N GLU A 14 -3.43 6.29 -10.13
CA GLU A 14 -4.55 6.46 -9.22
C GLU A 14 -4.11 6.05 -7.81
N ALA A 15 -3.24 5.03 -7.73
CA ALA A 15 -2.70 4.57 -6.42
C ALA A 15 -1.65 5.55 -5.89
N PHE A 16 -1.13 6.39 -6.79
CA PHE A 16 -0.10 7.39 -6.46
C PHE A 16 -0.67 8.59 -5.69
N SER A 17 -1.99 8.79 -5.77
CA SER A 17 -2.68 9.91 -5.10
C SER A 17 -2.76 9.77 -3.59
N LEU A 18 -2.47 8.56 -3.07
CA LEU A 18 -2.48 8.30 -1.63
C LEU A 18 -1.24 8.94 -0.98
N PHE A 19 -0.10 8.77 -1.66
CA PHE A 19 1.18 9.32 -1.22
C PHE A 19 1.42 10.74 -1.79
N ASP A 20 0.61 11.13 -2.80
CA ASP A 20 0.74 12.43 -3.45
C ASP A 20 -0.44 13.32 -3.06
N LYS A 21 -0.36 13.84 -1.83
CA LYS A 21 -1.38 14.73 -1.26
C LYS A 21 -1.31 16.15 -1.86
N ASP A 22 -0.34 16.37 -2.77
CA ASP A 22 -0.15 17.67 -3.44
C ASP A 22 -0.85 17.70 -4.80
N GLY A 23 -0.91 16.53 -5.46
CA GLY A 23 -1.54 16.42 -6.78
C GLY A 23 -0.65 16.86 -7.94
N ASP A 24 0.67 16.78 -7.74
CA ASP A 24 1.63 17.16 -8.79
C ASP A 24 2.38 15.94 -9.33
N GLY A 25 2.34 14.83 -8.57
CA GLY A 25 3.01 13.60 -8.95
C GLY A 25 4.38 13.51 -8.36
N THR A 26 4.40 13.60 -7.04
CA THR A 26 5.60 13.56 -6.25
C THR A 26 5.33 12.96 -4.88
N ILE A 27 6.32 12.23 -4.39
CA ILE A 27 6.23 11.63 -3.07
C ILE A 27 7.50 12.07 -2.39
N THR A 28 7.41 13.23 -1.79
CA THR A 28 8.53 13.88 -1.18
C THR A 28 8.91 13.20 0.12
N THR A 29 10.13 13.46 0.54
CA THR A 29 10.70 12.89 1.74
C THR A 29 9.84 13.13 2.98
N LYS A 30 9.26 14.34 3.09
CA LYS A 30 8.40 14.71 4.21
C LYS A 30 7.01 14.08 4.12
N GLU A 31 6.53 13.88 2.89
CA GLU A 31 5.22 13.27 2.63
C GLU A 31 5.25 11.75 2.83
N LEU A 32 6.44 11.16 2.67
CA LEU A 32 6.63 9.71 2.83
C LEU A 32 6.56 9.30 4.31
N GLY A 33 7.24 10.07 5.17
CA GLY A 33 7.21 9.78 6.60
C GLY A 33 5.87 10.09 7.25
N THR A 34 5.15 11.08 6.69
CA THR A 34 3.81 11.43 7.19
C THR A 34 2.91 10.22 6.99
N VAL A 35 3.16 9.55 5.87
CA VAL A 35 2.50 8.31 5.51
C VAL A 35 3.09 7.15 6.35
N MET A 36 4.40 7.29 6.67
CA MET A 36 5.13 6.29 7.46
C MET A 36 4.78 6.33 8.96
N ARG A 37 4.15 7.43 9.41
CA ARG A 37 3.75 7.58 10.81
C ARG A 37 2.48 6.79 11.15
N SER A 38 1.64 6.57 10.12
CA SER A 38 0.39 5.81 10.26
C SER A 38 0.65 4.31 10.12
N LEU A 39 1.90 3.97 9.77
CA LEU A 39 2.34 2.58 9.59
C LEU A 39 2.86 1.98 10.90
N GLY A 40 3.27 2.86 11.83
CA GLY A 40 3.79 2.43 13.12
C GLY A 40 5.30 2.55 13.23
N GLN A 41 5.90 3.37 12.35
CA GLN A 41 7.35 3.58 12.33
C GLN A 41 7.69 5.06 12.46
N ASN A 42 8.83 5.34 13.10
CA ASN A 42 9.31 6.71 13.30
C ASN A 42 10.65 6.93 12.57
N PRO A 43 10.61 7.27 11.24
CA PRO A 43 11.83 7.51 10.44
C PRO A 43 12.45 8.88 10.70
N THR A 44 13.73 9.03 10.32
CA THR A 44 14.47 10.27 10.49
C THR A 44 14.44 11.10 9.20
N GLU A 45 14.91 12.36 9.27
CA GLU A 45 14.95 13.26 8.12
C GLU A 45 15.97 12.81 7.07
N ALA A 46 17.16 12.41 7.55
CA ALA A 46 18.23 11.91 6.68
C ALA A 46 17.89 10.51 6.16
N GLU A 47 17.02 9.82 6.92
CA GLU A 47 16.54 8.48 6.59
C GLU A 47 15.49 8.49 5.47
N LEU A 48 14.80 9.63 5.31
CA LEU A 48 13.77 9.79 4.27
C LEU A 48 14.38 9.94 2.88
N GLN A 49 15.56 10.60 2.82
CA GLN A 49 16.29 10.81 1.55
C GLN A 49 16.94 9.53 1.05
N ASP A 50 17.11 8.57 1.96
CA ASP A 50 17.71 7.27 1.66
C ASP A 50 16.74 6.42 0.81
N MET A 51 15.47 6.38 1.22
CA MET A 51 14.42 5.62 0.51
C MET A 51 14.06 6.26 -0.84
N ILE A 52 14.08 7.60 -0.87
CA ILE A 52 13.77 8.38 -2.09
C ILE A 52 14.74 8.10 -3.23
N ASN A 53 16.04 8.20 -2.96
CA ASN A 53 17.09 7.99 -3.98
C ASN A 53 17.07 6.59 -4.62
N GLU A 54 16.21 5.71 -4.08
CA GLU A 54 16.04 4.36 -4.58
C GLU A 54 15.20 4.36 -5.86
N VAL A 55 14.10 5.12 -5.82
CA VAL A 55 13.19 5.24 -6.96
C VAL A 55 13.33 6.61 -7.64
N ASP A 56 13.68 7.65 -6.86
CA ASP A 56 13.89 9.00 -7.40
C ASP A 56 14.82 9.00 -8.64
N ALA A 57 14.25 9.43 -9.78
CA ALA A 57 14.99 9.52 -11.04
C ALA A 57 15.84 10.80 -11.10
N ASP A 58 15.34 11.86 -10.45
CA ASP A 58 16.02 13.17 -10.42
C ASP A 58 16.97 13.29 -9.23
N GLY A 59 16.56 12.77 -8.06
CA GLY A 59 17.37 12.81 -6.86
C GLY A 59 17.29 14.16 -6.14
N ASN A 60 16.07 14.56 -5.77
CA ASN A 60 15.83 15.83 -5.07
C ASN A 60 14.97 15.64 -3.81
N GLY A 61 14.61 14.38 -3.52
CA GLY A 61 13.79 14.05 -2.36
C GLY A 61 12.33 13.87 -2.72
N THR A 62 12.04 13.59 -3.99
CA THR A 62 10.69 13.40 -4.45
C THR A 62 10.63 12.27 -5.46
N ILE A 63 9.62 11.44 -5.30
CA ILE A 63 9.41 10.29 -6.15
C ILE A 63 8.27 10.57 -7.13
N ASP A 64 8.46 10.19 -8.40
CA ASP A 64 7.44 10.42 -9.42
C ASP A 64 6.71 9.11 -9.75
N PHE A 65 5.58 9.23 -10.48
CA PHE A 65 4.75 8.07 -10.86
C PHE A 65 5.41 7.11 -11.89
N PRO A 66 6.24 7.57 -12.89
CA PRO A 66 6.87 6.67 -13.88
C PRO A 66 7.75 5.57 -13.25
N GLU A 67 8.65 5.97 -12.32
CA GLU A 67 9.55 5.02 -11.65
C GLU A 67 8.86 4.27 -10.50
N PHE A 68 7.60 4.60 -10.21
CA PHE A 68 6.84 3.93 -9.15
C PHE A 68 6.53 2.50 -9.55
N LEU A 69 6.27 2.35 -10.85
CA LEU A 69 5.99 1.05 -11.48
C LEU A 69 7.28 0.23 -11.57
N THR A 70 8.41 0.93 -11.42
CA THR A 70 9.75 0.36 -11.47
C THR A 70 10.04 -0.54 -10.26
N MET A 71 9.68 -0.05 -9.06
CA MET A 71 9.90 -0.77 -7.80
C MET A 71 8.92 -1.95 -7.61
N MET A 72 7.98 -2.13 -8.55
CA MET A 72 6.97 -3.20 -8.48
C MET A 72 7.60 -4.58 -8.71
N ALA A 73 8.37 -4.71 -9.79
CA ALA A 73 9.05 -5.96 -10.16
C ALA A 73 10.23 -6.30 -9.22
N ARG A 74 10.62 -5.31 -8.41
CA ARG A 74 11.73 -5.45 -7.46
C ARG A 74 11.35 -6.31 -6.26
N LYS A 75 10.22 -5.95 -5.61
CA LYS A 75 9.71 -6.69 -4.45
C LYS A 75 9.04 -8.00 -4.84
N MET A 76 8.94 -8.25 -6.15
CA MET A 76 8.38 -9.49 -6.67
C MET A 76 9.43 -10.61 -6.61
N LYS A 77 10.62 -10.25 -6.11
CA LYS A 77 11.75 -11.17 -5.98
C LYS A 77 12.02 -11.52 -4.50
N ASP A 78 10.96 -11.44 -3.67
CA ASP A 78 11.07 -11.72 -2.24
C ASP A 78 10.88 -13.20 -1.90
N THR A 79 11.22 -14.05 -2.88
CA THR A 79 11.11 -15.52 -2.78
C THR A 79 9.89 -15.97 -2.01
N ASP A 80 8.84 -16.16 -2.80
CA ASP A 80 7.49 -16.57 -2.37
C ASP A 80 6.66 -15.33 -2.30
N SER A 81 7.39 -14.19 -2.29
CA SER A 81 6.81 -12.83 -2.19
C SER A 81 5.80 -12.72 -1.03
N GLU A 82 5.55 -13.85 -0.38
CA GLU A 82 4.63 -13.95 0.74
C GLU A 82 5.23 -13.32 2.00
N GLU A 83 6.55 -13.26 2.03
CA GLU A 83 7.29 -12.67 3.15
C GLU A 83 7.15 -11.13 3.16
N GLU A 84 6.75 -10.57 2.00
CA GLU A 84 6.52 -9.13 1.85
C GLU A 84 5.12 -8.72 2.35
N ILE A 85 4.12 -9.57 2.05
CA ILE A 85 2.71 -9.32 2.43
C ILE A 85 2.45 -9.53 3.92
N ARG A 86 3.25 -10.36 4.59
CA ARG A 86 3.11 -10.56 6.03
C ARG A 86 3.17 -9.21 6.75
N GLU A 87 3.89 -8.28 6.11
CA GLU A 87 4.03 -6.90 6.59
C GLU A 87 2.78 -6.07 6.29
N ALA A 88 2.09 -6.41 5.20
CA ALA A 88 0.86 -5.71 4.80
C ALA A 88 -0.32 -6.13 5.68
N PHE A 89 -0.30 -7.40 6.13
CA PHE A 89 -1.36 -7.96 6.98
C PHE A 89 -1.33 -7.42 8.40
N ARG A 90 -0.14 -7.12 8.90
CA ARG A 90 0.02 -6.59 10.25
C ARG A 90 -0.43 -5.12 10.35
N VAL A 91 -0.44 -4.43 9.19
CA VAL A 91 -0.89 -3.03 9.11
C VAL A 91 -2.42 -2.97 9.12
N PHE A 92 -3.06 -3.97 8.48
CA PHE A 92 -4.53 -4.06 8.41
C PHE A 92 -5.10 -4.72 9.67
N ASP A 93 -4.58 -5.89 9.98
CA ASP A 93 -4.99 -6.67 11.14
C ASP A 93 -4.00 -6.40 12.30
N LYS A 94 -4.26 -5.31 13.02
CA LYS A 94 -3.39 -4.85 14.14
C LYS A 94 -3.36 -5.80 15.35
N ASP A 95 -4.52 -6.34 15.72
CA ASP A 95 -4.62 -7.21 16.90
C ASP A 95 -4.52 -8.69 16.54
N GLY A 96 -4.30 -8.94 15.27
CA GLY A 96 -4.18 -10.31 14.71
C GLY A 96 -5.23 -11.28 15.18
N ASN A 97 -6.48 -11.00 14.85
CA ASN A 97 -7.57 -11.90 15.18
C ASN A 97 -7.57 -13.05 14.16
N GLY A 98 -6.41 -13.17 13.45
CA GLY A 98 -6.26 -14.19 12.41
C GLY A 98 -6.85 -13.77 11.08
N TYR A 99 -7.77 -12.79 11.13
CA TYR A 99 -8.45 -12.24 9.95
C TYR A 99 -8.45 -10.71 10.00
N ILE A 100 -8.97 -10.07 8.93
CA ILE A 100 -9.00 -8.61 8.87
C ILE A 100 -10.37 -8.06 9.30
N SER A 101 -10.38 -7.42 10.48
CA SER A 101 -11.61 -6.86 11.06
C SER A 101 -11.95 -5.49 10.46
N ALA A 102 -13.25 -5.18 10.44
CA ALA A 102 -13.77 -3.92 9.90
C ALA A 102 -13.40 -2.72 10.77
N ALA A 103 -13.29 -2.96 12.09
CA ALA A 103 -12.96 -1.90 13.06
C ALA A 103 -11.54 -1.35 12.87
N GLU A 104 -10.59 -2.23 12.51
CA GLU A 104 -9.20 -1.84 12.29
C GLU A 104 -9.01 -1.14 10.94
N LEU A 105 -9.77 -1.60 9.92
CA LEU A 105 -9.71 -1.01 8.58
C LEU A 105 -10.17 0.44 8.58
N ARG A 106 -11.17 0.74 9.43
CA ARG A 106 -11.71 2.08 9.56
C ARG A 106 -10.65 3.04 10.11
N HIS A 107 -9.99 2.62 11.20
CA HIS A 107 -8.94 3.40 11.86
C HIS A 107 -7.81 3.78 10.91
N VAL A 108 -7.50 2.88 9.96
CA VAL A 108 -6.44 3.12 8.97
C VAL A 108 -6.88 4.15 7.94
N MET A 109 -8.17 4.14 7.69
CA MET A 109 -8.83 5.04 6.75
C MET A 109 -9.02 6.44 7.37
N THR A 110 -9.42 6.42 8.65
CA THR A 110 -9.66 7.64 9.43
C THR A 110 -8.36 8.33 9.87
N ASN A 111 -7.28 7.53 10.02
CA ASN A 111 -5.97 8.05 10.45
C ASN A 111 -5.27 8.81 9.33
N LEU A 112 -5.69 8.55 8.08
CA LEU A 112 -5.15 9.18 6.91
C LEU A 112 -5.76 10.57 6.66
N GLY A 113 -6.75 10.95 7.50
CA GLY A 113 -7.41 12.24 7.37
C GLY A 113 -8.63 12.20 6.47
N GLU A 114 -9.34 11.07 6.48
CA GLU A 114 -10.54 10.88 5.67
C GLU A 114 -11.67 10.24 6.49
N LYS A 115 -12.92 10.54 6.11
CA LYS A 115 -14.09 9.99 6.79
C LYS A 115 -14.97 9.20 5.81
N LEU A 116 -15.05 7.89 6.04
CA LEU A 116 -15.85 7.00 5.19
C LEU A 116 -16.93 6.30 6.00
N THR A 117 -17.98 5.82 5.31
CA THR A 117 -19.10 5.12 5.94
C THR A 117 -18.86 3.60 5.98
N ASP A 118 -19.71 2.89 6.73
CA ASP A 118 -19.62 1.42 6.88
C ASP A 118 -20.03 0.68 5.60
N GLU A 119 -20.87 1.34 4.79
CA GLU A 119 -21.37 0.78 3.52
C GLU A 119 -20.25 0.45 2.53
N GLU A 120 -19.16 1.24 2.59
CA GLU A 120 -18.00 1.07 1.71
C GLU A 120 -17.13 -0.10 2.18
N VAL A 121 -17.14 -0.31 3.49
CA VAL A 121 -16.37 -1.39 4.15
C VAL A 121 -16.93 -2.77 3.78
N ASP A 122 -18.25 -2.83 3.54
CA ASP A 122 -18.94 -4.06 3.15
C ASP A 122 -18.52 -4.49 1.74
N GLU A 123 -18.19 -3.49 0.92
CA GLU A 123 -17.74 -3.66 -0.46
C GLU A 123 -16.36 -4.35 -0.53
N MET A 124 -15.52 -4.13 0.50
CA MET A 124 -14.17 -4.68 0.55
C MET A 124 -14.21 -6.16 0.88
N ILE A 125 -15.24 -6.50 1.65
CA ILE A 125 -15.50 -7.85 2.13
C ILE A 125 -16.02 -8.78 1.05
N ARG A 126 -16.94 -8.29 0.24
CA ARG A 126 -17.50 -9.06 -0.85
C ARG A 126 -16.46 -9.23 -1.96
N GLU A 127 -15.46 -8.35 -1.90
CA GLU A 127 -14.38 -8.29 -2.86
C GLU A 127 -13.24 -9.25 -2.51
N ALA A 128 -13.06 -9.53 -1.21
CA ALA A 128 -11.98 -10.39 -0.74
C ALA A 128 -12.45 -11.57 0.12
N ASP A 129 -13.70 -11.54 0.62
CA ASP A 129 -14.20 -12.65 1.45
C ASP A 129 -14.86 -13.73 0.60
N ILE A 130 -14.24 -14.91 0.65
CA ILE A 130 -14.67 -16.10 -0.12
C ILE A 130 -15.87 -16.78 0.53
N ASP A 131 -15.84 -16.84 1.86
CA ASP A 131 -16.92 -17.42 2.63
C ASP A 131 -17.77 -16.29 3.22
N GLY A 132 -17.35 -15.05 2.92
CA GLY A 132 -18.05 -13.85 3.36
C GLY A 132 -18.27 -13.78 4.86
N ASP A 133 -17.17 -13.88 5.61
CA ASP A 133 -17.21 -13.83 7.08
C ASP A 133 -17.14 -12.38 7.61
N GLY A 134 -16.88 -11.42 6.71
CA GLY A 134 -16.78 -10.01 7.09
C GLY A 134 -15.38 -9.58 7.48
N GLN A 135 -14.44 -10.53 7.47
CA GLN A 135 -13.04 -10.24 7.82
C GLN A 135 -12.09 -10.78 6.75
N VAL A 136 -10.95 -10.12 6.53
CA VAL A 136 -10.00 -10.56 5.49
C VAL A 136 -8.75 -11.27 6.00
N ASN A 137 -8.44 -12.40 5.37
CA ASN A 137 -7.29 -13.22 5.72
C ASN A 137 -6.10 -12.94 4.81
N TYR A 138 -4.93 -13.34 5.29
CA TYR A 138 -3.64 -13.17 4.62
C TYR A 138 -3.48 -14.04 3.35
N GLU A 139 -4.16 -15.19 3.37
CA GLU A 139 -4.10 -16.20 2.29
C GLU A 139 -4.89 -15.70 1.10
N GLU A 140 -6.03 -15.08 1.41
CA GLU A 140 -6.89 -14.46 0.42
C GLU A 140 -6.25 -13.15 0.02
N PHE A 141 -5.58 -12.55 1.01
CA PHE A 141 -4.85 -11.30 0.86
C PHE A 141 -3.69 -11.43 -0.14
N VAL A 142 -3.06 -12.61 -0.13
CA VAL A 142 -1.95 -12.95 -1.01
C VAL A 142 -2.38 -12.92 -2.48
N GLN A 143 -3.57 -13.49 -2.72
CA GLN A 143 -4.17 -13.55 -4.07
C GLN A 143 -4.68 -12.17 -4.55
N MET A 144 -5.03 -11.30 -3.58
CA MET A 144 -5.57 -9.96 -3.87
C MET A 144 -4.52 -8.98 -4.43
N MET A 145 -3.23 -9.22 -4.14
CA MET A 145 -2.16 -8.34 -4.63
C MET A 145 -1.78 -8.63 -6.10
N THR A 146 -2.04 -9.88 -6.54
CA THR A 146 -1.74 -10.30 -7.91
C THR A 146 -2.98 -10.13 -8.82
N ALA A 147 -4.04 -9.52 -8.29
CA ALA A 147 -5.28 -9.28 -9.05
C ALA A 147 -5.15 -8.11 -10.02
N LYS A 148 -5.45 -8.38 -11.29
CA LYS A 148 -5.36 -7.38 -12.35
C LYS A 148 -6.74 -6.81 -12.67
N LEU B 1 -10.66 -4.13 -1.28
CA LEU B 1 -9.19 -4.12 -1.14
C LEU B 1 -8.51 -4.52 -2.45
N LYS B 2 -7.86 -3.55 -3.10
CA LYS B 2 -7.14 -3.76 -4.37
C LYS B 2 -6.17 -2.62 -4.65
N VAL B 3 -6.63 -1.39 -4.37
CA VAL B 3 -5.84 -0.16 -4.56
C VAL B 3 -4.96 0.13 -3.33
N LEU B 4 -5.62 0.15 -2.16
CA LEU B 4 -4.96 0.41 -0.88
C LEU B 4 -4.01 -0.74 -0.46
N VAL B 5 -4.12 -1.89 -1.15
CA VAL B 5 -3.27 -3.06 -0.87
C VAL B 5 -1.87 -2.88 -1.48
N LYS B 6 -1.81 -2.16 -2.61
CA LYS B 6 -0.55 -1.89 -3.31
C LYS B 6 0.28 -0.81 -2.59
N ALA B 7 -0.41 0.11 -1.89
CA ALA B 7 0.23 1.21 -1.16
C ALA B 7 1.00 0.73 0.07
N VAL B 8 0.46 -0.30 0.75
CA VAL B 8 1.09 -0.88 1.95
C VAL B 8 2.29 -1.77 1.57
N LEU B 9 2.19 -2.45 0.42
CA LEU B 9 3.26 -3.33 -0.09
C LEU B 9 4.56 -2.57 -0.38
N PHE B 10 4.43 -1.28 -0.75
CA PHE B 10 5.58 -0.42 -1.06
C PHE B 10 6.40 -0.05 0.18
N ALA B 11 5.70 0.08 1.33
CA ALA B 11 6.36 0.42 2.61
C ALA B 11 7.20 -0.73 3.15
N CYS B 12 6.92 -1.96 2.67
CA CYS B 12 7.63 -3.16 3.08
C CYS B 12 9.01 -3.26 2.40
N MET B 13 9.13 -2.63 1.22
CA MET B 13 10.37 -2.62 0.45
C MET B 13 11.25 -1.43 0.82
N LEU B 14 10.60 -0.29 1.12
CA LEU B 14 11.30 0.95 1.49
C LEU B 14 11.93 0.87 2.89
N MET B 15 11.32 0.05 3.77
CA MET B 15 11.82 -0.13 5.14
C MET B 15 12.75 -1.35 5.24
N ARG B 16 13.08 -1.95 4.08
CA ARG B 16 13.96 -3.11 4.02
C ARG B 16 15.44 -2.70 3.93
N LYS B 17 15.68 -1.41 3.65
CA LYS B 17 17.04 -0.87 3.53
C LYS B 17 17.47 -0.18 4.83
N ALA A 1 -0.49 -11.78 -21.81
CA ALA A 1 -0.67 -13.23 -21.55
C ALA A 1 -0.32 -13.60 -20.11
N ASP A 2 0.76 -13.02 -19.60
CA ASP A 2 1.21 -13.27 -18.22
C ASP A 2 1.33 -11.97 -17.43
N GLN A 3 1.93 -10.95 -18.07
CA GLN A 3 2.11 -9.64 -17.44
C GLN A 3 1.09 -8.62 -17.97
N LEU A 4 0.67 -7.71 -17.09
CA LEU A 4 -0.30 -6.68 -17.45
C LEU A 4 0.39 -5.36 -17.75
N THR A 5 -0.21 -4.56 -18.64
CA THR A 5 0.32 -3.27 -19.03
C THR A 5 -0.50 -2.12 -18.44
N GLU A 6 -1.04 -1.29 -19.32
CA GLU A 6 -1.88 -0.11 -18.96
C GLU A 6 -3.04 -0.44 -18.01
N GLU A 7 -3.24 -1.75 -17.75
CA GLU A 7 -4.31 -2.24 -16.85
C GLU A 7 -3.85 -2.07 -15.40
N GLN A 8 -2.72 -2.72 -15.11
CA GLN A 8 -2.06 -2.66 -13.82
C GLN A 8 -1.32 -1.34 -13.66
N ILE A 9 -0.85 -0.83 -14.81
CA ILE A 9 -0.13 0.43 -14.88
C ILE A 9 -1.03 1.63 -14.52
N ALA A 10 -2.33 1.51 -14.82
CA ALA A 10 -3.33 2.55 -14.51
C ALA A 10 -3.62 2.63 -13.01
N GLU A 11 -3.42 1.50 -12.31
CA GLU A 11 -3.66 1.41 -10.87
C GLU A 11 -2.50 2.04 -10.08
N PHE A 12 -1.36 2.11 -10.76
CA PHE A 12 -0.10 2.67 -10.26
C PHE A 12 -0.17 4.19 -10.23
N LYS A 13 -0.55 4.77 -11.38
CA LYS A 13 -0.72 6.23 -11.52
C LYS A 13 -1.85 6.68 -10.60
N GLU A 14 -2.85 5.79 -10.49
CA GLU A 14 -3.98 5.99 -9.61
C GLU A 14 -3.53 5.81 -8.16
N ALA A 15 -2.62 4.84 -7.94
CA ALA A 15 -2.07 4.57 -6.59
C ALA A 15 -1.06 5.66 -6.17
N PHE A 16 -0.59 6.44 -7.16
CA PHE A 16 0.39 7.51 -6.95
C PHE A 16 -0.23 8.76 -6.28
N SER A 17 -1.56 8.93 -6.43
CA SER A 17 -2.27 10.10 -5.87
C SER A 17 -2.41 10.04 -4.35
N LEU A 18 -2.05 8.90 -3.75
CA LEU A 18 -2.10 8.74 -2.29
C LEU A 18 -0.91 9.44 -1.65
N PHE A 19 0.27 9.24 -2.27
CA PHE A 19 1.53 9.86 -1.82
C PHE A 19 1.77 11.21 -2.51
N ASP A 20 0.98 11.52 -3.56
CA ASP A 20 1.14 12.76 -4.32
C ASP A 20 -0.02 13.72 -4.00
N LYS A 21 0.02 14.27 -2.79
CA LYS A 21 -0.98 15.22 -2.29
C LYS A 21 -0.83 16.62 -2.92
N ASP A 22 0.22 16.81 -3.74
CA ASP A 22 0.47 18.08 -4.40
C ASP A 22 -0.04 18.11 -5.84
N GLY A 23 0.02 16.94 -6.51
CA GLY A 23 -0.44 16.82 -7.89
C GLY A 23 0.57 17.29 -8.94
N ASP A 24 1.85 17.14 -8.62
CA ASP A 24 2.94 17.53 -9.52
C ASP A 24 3.68 16.32 -10.10
N GLY A 25 3.55 15.18 -9.41
CA GLY A 25 4.20 13.94 -9.83
C GLY A 25 5.53 13.75 -9.15
N THR A 26 5.46 13.86 -7.83
CA THR A 26 6.60 13.73 -6.97
C THR A 26 6.21 13.17 -5.62
N ILE A 27 7.07 12.34 -5.07
CA ILE A 27 6.86 11.77 -3.75
C ILE A 27 8.14 12.05 -3.00
N THR A 28 8.18 13.28 -2.49
CA THR A 28 9.35 13.80 -1.83
C THR A 28 9.53 13.20 -0.45
N THR A 29 10.60 13.62 0.20
CA THR A 29 10.97 13.17 1.53
C THR A 29 9.92 13.53 2.58
N LYS A 30 9.37 14.75 2.48
CA LYS A 30 8.37 15.24 3.43
C LYS A 30 6.98 14.64 3.22
N GLU A 31 6.64 14.29 1.98
CA GLU A 31 5.34 13.71 1.64
C GLU A 31 5.26 12.22 2.02
N LEU A 32 6.41 11.54 1.98
CA LEU A 32 6.50 10.11 2.32
C LEU A 32 6.37 9.91 3.83
N GLY A 33 7.02 10.78 4.61
CA GLY A 33 6.95 10.69 6.07
C GLY A 33 5.60 11.11 6.62
N THR A 34 4.93 12.08 5.95
CA THR A 34 3.59 12.52 6.37
C THR A 34 2.64 11.34 6.24
N VAL A 35 2.89 10.54 5.20
CA VAL A 35 2.18 9.30 4.94
C VAL A 35 2.70 8.22 5.90
N MET A 36 3.98 8.35 6.28
CA MET A 36 4.66 7.41 7.19
C MET A 36 4.23 7.58 8.65
N ARG A 37 3.67 8.76 8.99
CA ARG A 37 3.23 9.07 10.35
C ARG A 37 1.88 8.40 10.66
N SER A 38 1.06 8.20 9.61
CA SER A 38 -0.26 7.56 9.75
C SER A 38 -0.13 6.03 9.72
N LEU A 39 1.07 5.55 9.41
CA LEU A 39 1.37 4.11 9.34
C LEU A 39 1.80 3.56 10.71
N GLY A 40 2.26 4.46 11.59
CA GLY A 40 2.70 4.07 12.92
C GLY A 40 4.21 4.05 13.08
N GLN A 41 4.91 4.78 12.20
CA GLN A 41 6.38 4.86 12.23
C GLN A 41 6.85 6.30 12.32
N ASN A 42 8.04 6.49 12.93
CA ASN A 42 8.63 7.82 13.10
C ASN A 42 9.54 8.16 11.90
N PRO A 43 9.23 9.23 11.10
CA PRO A 43 10.04 9.61 9.93
C PRO A 43 11.37 10.30 10.31
N THR A 44 12.47 9.73 9.82
CA THR A 44 13.81 10.27 10.07
C THR A 44 14.42 10.78 8.76
N GLU A 45 15.39 11.69 8.88
CA GLU A 45 16.07 12.27 7.71
C GLU A 45 16.96 11.25 6.98
N ALA A 46 17.52 10.30 7.75
CA ALA A 46 18.40 9.27 7.19
C ALA A 46 17.60 8.24 6.42
N GLU A 47 16.40 7.97 6.95
CA GLU A 47 15.47 7.01 6.40
C GLU A 47 14.71 7.55 5.18
N LEU A 48 14.21 8.78 5.31
CA LEU A 48 13.46 9.46 4.24
C LEU A 48 14.34 9.72 3.01
N GLN A 49 15.58 10.16 3.24
CA GLN A 49 16.55 10.43 2.17
C GLN A 49 17.08 9.14 1.55
N ASP A 50 16.89 8.03 2.27
CA ASP A 50 17.32 6.70 1.82
C ASP A 50 16.43 6.21 0.66
N MET A 51 15.10 6.35 0.83
CA MET A 51 14.12 5.94 -0.18
C MET A 51 14.17 6.89 -1.39
N ILE A 52 14.44 8.18 -1.12
CA ILE A 52 14.55 9.22 -2.14
C ILE A 52 15.63 8.89 -3.16
N ASN A 53 16.85 8.63 -2.68
CA ASN A 53 17.99 8.30 -3.55
C ASN A 53 17.83 6.93 -4.23
N GLU A 54 16.79 6.19 -3.82
CA GLU A 54 16.49 4.87 -4.34
C GLU A 54 15.65 4.96 -5.63
N VAL A 55 14.66 5.86 -5.60
CA VAL A 55 13.75 6.05 -6.75
C VAL A 55 13.92 7.40 -7.46
N ASP A 56 14.61 8.38 -6.82
CA ASP A 56 14.84 9.72 -7.42
C ASP A 56 15.26 9.65 -8.91
N ALA A 57 14.27 9.85 -9.79
CA ALA A 57 14.47 9.82 -11.24
C ALA A 57 15.04 11.12 -11.82
N ASP A 58 14.55 12.27 -11.30
CA ASP A 58 14.99 13.59 -11.78
C ASP A 58 16.27 14.09 -11.10
N GLY A 59 16.66 13.45 -9.98
CA GLY A 59 17.86 13.83 -9.26
C GLY A 59 17.67 15.04 -8.35
N ASN A 60 16.41 15.46 -8.16
CA ASN A 60 16.08 16.60 -7.31
C ASN A 60 15.73 16.15 -5.88
N GLY A 61 15.50 14.85 -5.75
CA GLY A 61 15.16 14.24 -4.46
C GLY A 61 13.68 14.06 -4.29
N THR A 62 13.08 13.33 -5.22
CA THR A 62 11.66 13.01 -5.17
C THR A 62 11.43 11.62 -5.74
N ILE A 63 10.30 11.04 -5.39
CA ILE A 63 9.92 9.72 -5.86
C ILE A 63 8.83 9.88 -6.93
N ASP A 64 9.23 9.71 -8.20
CA ASP A 64 8.32 9.90 -9.34
C ASP A 64 7.60 8.61 -9.75
N PHE A 65 6.58 8.76 -10.61
CA PHE A 65 5.75 7.64 -11.11
C PHE A 65 6.49 6.66 -12.07
N PRO A 66 7.45 7.10 -12.94
CA PRO A 66 8.14 6.17 -13.87
C PRO A 66 8.98 5.12 -13.13
N GLU A 67 9.81 5.56 -12.17
CA GLU A 67 10.64 4.65 -11.39
C GLU A 67 9.88 3.98 -10.24
N PHE A 68 8.57 4.25 -10.14
CA PHE A 68 7.73 3.65 -9.09
C PHE A 68 7.50 2.17 -9.38
N LEU A 69 7.30 1.89 -10.66
CA LEU A 69 7.09 0.54 -11.18
C LEU A 69 8.42 -0.24 -11.16
N THR A 70 9.51 0.51 -10.99
CA THR A 70 10.87 0.00 -10.95
C THR A 70 11.13 -0.85 -9.69
N MET A 71 10.79 -0.30 -8.52
CA MET A 71 10.99 -0.97 -7.23
C MET A 71 9.97 -2.10 -6.99
N MET A 72 8.73 -1.89 -7.44
CA MET A 72 7.64 -2.86 -7.26
C MET A 72 7.83 -4.12 -8.13
N ALA A 73 8.04 -3.92 -9.44
CA ALA A 73 8.22 -5.01 -10.40
C ALA A 73 9.57 -5.75 -10.24
N ARG A 74 10.50 -5.16 -9.48
CA ARG A 74 11.83 -5.74 -9.27
C ARG A 74 11.80 -6.96 -8.32
N LYS A 75 11.42 -6.72 -7.05
CA LYS A 75 11.36 -7.80 -6.04
C LYS A 75 10.14 -8.69 -6.20
N MET A 76 9.22 -8.28 -7.09
CA MET A 76 8.02 -9.08 -7.37
C MET A 76 8.35 -10.18 -8.39
N LYS A 77 9.66 -10.29 -8.72
CA LYS A 77 10.12 -11.27 -9.70
C LYS A 77 10.93 -12.41 -9.07
N ASP A 78 11.07 -12.40 -7.74
CA ASP A 78 11.86 -13.44 -7.05
C ASP A 78 10.97 -14.52 -6.42
N THR A 79 9.66 -14.35 -6.59
CA THR A 79 8.61 -15.26 -6.06
C THR A 79 8.62 -15.38 -4.53
N ASP A 80 9.59 -14.71 -3.90
CA ASP A 80 9.70 -14.65 -2.46
C ASP A 80 9.04 -13.35 -2.01
N SER A 81 8.13 -12.88 -2.89
CA SER A 81 7.39 -11.64 -2.70
C SER A 81 6.31 -11.75 -1.62
N GLU A 82 6.10 -12.98 -1.12
CA GLU A 82 5.12 -13.24 -0.06
C GLU A 82 5.61 -12.75 1.27
N GLU A 83 6.84 -12.31 1.25
CA GLU A 83 7.50 -11.74 2.38
C GLU A 83 7.04 -10.29 2.60
N GLU A 84 6.54 -9.69 1.51
CA GLU A 84 6.03 -8.31 1.54
C GLU A 84 4.59 -8.23 2.07
N ILE A 85 3.74 -9.19 1.65
CA ILE A 85 2.32 -9.23 2.07
C ILE A 85 2.15 -9.67 3.51
N ARG A 86 3.04 -10.54 4.00
CA ARG A 86 3.00 -10.97 5.41
C ARG A 86 3.09 -9.72 6.31
N GLU A 87 3.75 -8.70 5.75
CA GLU A 87 3.93 -7.40 6.37
C GLU A 87 2.67 -6.54 6.29
N ALA A 88 1.92 -6.68 5.19
CA ALA A 88 0.68 -5.94 5.00
C ALA A 88 -0.45 -6.48 5.88
N PHE A 89 -0.29 -7.75 6.29
CA PHE A 89 -1.27 -8.44 7.15
C PHE A 89 -1.24 -7.94 8.59
N ARG A 90 -0.08 -7.47 9.06
CA ARG A 90 0.06 -6.95 10.43
C ARG A 90 -0.63 -5.57 10.58
N VAL A 91 -0.69 -4.82 9.47
CA VAL A 91 -1.32 -3.48 9.44
C VAL A 91 -2.85 -3.61 9.41
N PHE A 92 -3.35 -4.66 8.73
CA PHE A 92 -4.79 -4.91 8.62
C PHE A 92 -5.29 -5.75 9.80
N ASP A 93 -4.61 -6.86 10.04
CA ASP A 93 -4.92 -7.78 11.12
C ASP A 93 -4.00 -7.48 12.33
N LYS A 94 -4.39 -6.47 13.10
CA LYS A 94 -3.62 -6.01 14.28
C LYS A 94 -3.53 -7.01 15.44
N ASP A 95 -4.62 -7.72 15.72
CA ASP A 95 -4.64 -8.67 16.85
C ASP A 95 -4.65 -10.13 16.41
N GLY A 96 -4.41 -10.34 15.12
CA GLY A 96 -4.38 -11.69 14.51
C GLY A 96 -5.50 -12.59 14.91
N ASN A 97 -6.71 -12.29 14.44
CA ASN A 97 -7.86 -13.13 14.67
C ASN A 97 -7.84 -14.27 13.64
N GLY A 98 -6.64 -14.46 13.04
CA GLY A 98 -6.46 -15.48 12.00
C GLY A 98 -6.86 -14.98 10.62
N TYR A 99 -7.74 -13.97 10.60
CA TYR A 99 -8.25 -13.36 9.37
C TYR A 99 -8.18 -11.83 9.51
N ILE A 100 -8.97 -11.08 8.74
CA ILE A 100 -8.95 -9.63 8.84
C ILE A 100 -10.31 -9.05 9.26
N SER A 101 -10.32 -8.39 10.42
CA SER A 101 -11.55 -7.80 10.98
C SER A 101 -11.89 -6.46 10.31
N ALA A 102 -13.19 -6.18 10.24
CA ALA A 102 -13.71 -4.94 9.61
C ALA A 102 -13.38 -3.68 10.41
N ALA A 103 -13.30 -3.82 11.74
CA ALA A 103 -13.00 -2.69 12.63
C ALA A 103 -11.54 -2.22 12.50
N GLU A 104 -10.63 -3.15 12.19
CA GLU A 104 -9.21 -2.86 12.06
C GLU A 104 -8.85 -2.17 10.74
N LEU A 105 -9.57 -2.50 9.65
CA LEU A 105 -9.31 -1.87 8.34
C LEU A 105 -9.86 -0.44 8.33
N ARG A 106 -10.96 -0.24 9.08
CA ARG A 106 -11.60 1.08 9.22
C ARG A 106 -10.67 2.05 9.94
N HIS A 107 -10.12 1.60 11.09
CA HIS A 107 -9.19 2.39 11.91
C HIS A 107 -7.99 2.90 11.13
N VAL A 108 -7.53 2.09 10.17
CA VAL A 108 -6.39 2.43 9.31
C VAL A 108 -6.74 3.62 8.42
N MET A 109 -7.99 3.61 8.00
CA MET A 109 -8.57 4.65 7.14
C MET A 109 -8.90 5.91 7.97
N THR A 110 -9.39 5.67 9.20
CA THR A 110 -9.76 6.73 10.14
C THR A 110 -8.53 7.40 10.76
N ASN A 111 -7.42 6.66 10.84
CA ASN A 111 -6.16 7.16 11.41
C ASN A 111 -5.46 8.13 10.45
N LEU A 112 -5.84 8.07 9.18
CA LEU A 112 -5.30 8.91 8.13
C LEU A 112 -5.90 10.32 8.14
N GLY A 113 -6.90 10.53 9.01
CA GLY A 113 -7.56 11.83 9.11
C GLY A 113 -8.86 11.89 8.32
N GLU A 114 -9.57 10.76 8.24
CA GLU A 114 -10.83 10.67 7.51
C GLU A 114 -11.87 9.91 8.34
N LYS A 115 -13.14 10.31 8.20
CA LYS A 115 -14.24 9.68 8.93
C LYS A 115 -15.15 8.90 7.98
N LEU A 116 -15.33 7.61 8.30
CA LEU A 116 -16.18 6.73 7.49
C LEU A 116 -17.33 6.16 8.33
N THR A 117 -18.39 5.73 7.64
CA THR A 117 -19.57 5.16 8.30
C THR A 117 -19.48 3.64 8.39
N ASP A 118 -20.19 3.06 9.38
CA ASP A 118 -20.21 1.61 9.60
C ASP A 118 -20.99 0.87 8.52
N GLU A 119 -22.06 1.51 8.00
CA GLU A 119 -22.92 0.94 6.96
C GLU A 119 -22.16 0.62 5.66
N GLU A 120 -21.13 1.42 5.38
CA GLU A 120 -20.29 1.26 4.19
C GLU A 120 -19.30 0.10 4.36
N VAL A 121 -18.93 -0.14 5.61
CA VAL A 121 -17.99 -1.19 6.00
C VAL A 121 -18.44 -2.57 5.48
N ASP A 122 -19.73 -2.89 5.70
CA ASP A 122 -20.32 -4.17 5.25
C ASP A 122 -20.17 -4.37 3.74
N GLU A 123 -20.16 -3.25 3.00
CA GLU A 123 -20.01 -3.22 1.55
C GLU A 123 -18.58 -3.59 1.11
N MET A 124 -17.58 -3.30 1.97
CA MET A 124 -16.17 -3.57 1.65
C MET A 124 -15.87 -5.05 1.75
N ILE A 125 -16.59 -5.70 2.65
CA ILE A 125 -16.46 -7.12 2.95
C ILE A 125 -17.11 -8.01 1.90
N ARG A 126 -18.22 -7.54 1.32
CA ARG A 126 -18.95 -8.30 0.30
C ARG A 126 -18.08 -8.50 -0.94
N GLU A 127 -17.05 -7.67 -0.99
CA GLU A 127 -16.07 -7.63 -2.06
C GLU A 127 -14.94 -8.63 -1.82
N ALA A 128 -14.80 -9.09 -0.57
CA ALA A 128 -13.75 -10.04 -0.18
C ALA A 128 -14.30 -11.29 0.48
N ASP A 129 -15.45 -11.17 1.18
CA ASP A 129 -16.09 -12.32 1.88
C ASP A 129 -16.34 -13.53 0.94
N ILE A 130 -15.34 -14.43 0.87
CA ILE A 130 -15.39 -15.62 0.00
C ILE A 130 -16.22 -16.74 0.61
N ASP A 131 -16.02 -16.92 1.91
CA ASP A 131 -16.74 -17.92 2.68
C ASP A 131 -17.79 -17.21 3.54
N GLY A 132 -17.81 -15.87 3.42
CA GLY A 132 -18.75 -15.04 4.14
C GLY A 132 -18.64 -15.14 5.66
N ASP A 133 -17.45 -14.84 6.18
CA ASP A 133 -17.17 -14.89 7.61
C ASP A 133 -17.07 -13.46 8.20
N GLY A 134 -17.07 -12.46 7.31
CA GLY A 134 -16.99 -11.06 7.75
C GLY A 134 -15.56 -10.58 8.01
N GLN A 135 -14.58 -11.42 7.67
CA GLN A 135 -13.16 -11.08 7.87
C GLN A 135 -12.36 -11.35 6.59
N VAL A 136 -11.15 -10.75 6.50
CA VAL A 136 -10.32 -10.93 5.30
C VAL A 136 -9.10 -11.82 5.52
N ASN A 137 -8.91 -12.76 4.58
CA ASN A 137 -7.79 -13.70 4.64
C ASN A 137 -6.64 -13.25 3.74
N TYR A 138 -5.48 -13.84 4.03
CA TYR A 138 -4.22 -13.59 3.32
C TYR A 138 -4.23 -14.10 1.87
N GLU A 139 -5.01 -15.17 1.66
CA GLU A 139 -5.14 -15.86 0.36
C GLU A 139 -5.97 -15.00 -0.58
N GLU A 140 -7.01 -14.40 -0.01
CA GLU A 140 -7.89 -13.48 -0.71
C GLU A 140 -7.14 -12.18 -0.87
N PHE A 141 -6.30 -11.94 0.15
CA PHE A 141 -5.45 -10.76 0.23
C PHE A 141 -4.41 -10.74 -0.89
N VAL A 142 -3.91 -11.93 -1.23
CA VAL A 142 -2.91 -12.12 -2.28
C VAL A 142 -3.53 -11.88 -3.67
N GLN A 143 -4.72 -12.48 -3.85
CA GLN A 143 -5.48 -12.38 -5.10
C GLN A 143 -6.07 -10.97 -5.30
N MET A 144 -6.34 -10.28 -4.18
CA MET A 144 -6.91 -8.92 -4.19
C MET A 144 -5.92 -7.89 -4.77
N MET A 145 -4.63 -8.23 -4.75
CA MET A 145 -3.56 -7.35 -5.26
C MET A 145 -3.43 -7.47 -6.79
N THR A 146 -3.63 -8.69 -7.30
CA THR A 146 -3.55 -8.96 -8.74
C THR A 146 -4.91 -8.86 -9.44
N ALA A 147 -5.96 -8.59 -8.65
CA ALA A 147 -7.32 -8.48 -9.17
C ALA A 147 -7.66 -7.03 -9.53
N LYS A 148 -8.58 -6.88 -10.51
CA LYS A 148 -9.00 -5.56 -10.97
C LYS A 148 -10.30 -5.14 -10.27
N LEU B 1 -8.59 -1.62 0.28
CA LEU B 1 -9.32 -2.83 -0.16
C LEU B 1 -8.56 -3.57 -1.27
N LYS B 2 -8.03 -2.81 -2.23
CA LYS B 2 -7.28 -3.37 -3.37
C LYS B 2 -6.29 -2.35 -3.93
N VAL B 3 -6.75 -1.10 -4.09
CA VAL B 3 -5.91 0.00 -4.60
C VAL B 3 -5.07 0.60 -3.46
N LEU B 4 -5.63 0.54 -2.24
CA LEU B 4 -4.96 1.04 -1.04
C LEU B 4 -4.02 -0.04 -0.47
N VAL B 5 -4.20 -1.28 -0.95
CA VAL B 5 -3.38 -2.43 -0.51
C VAL B 5 -1.97 -2.36 -1.13
N LYS B 6 -1.88 -1.76 -2.33
CA LYS B 6 -0.60 -1.61 -3.05
C LYS B 6 0.35 -0.64 -2.34
N ALA B 7 -0.23 0.37 -1.67
CA ALA B 7 0.52 1.39 -0.92
C ALA B 7 1.13 0.80 0.36
N VAL B 8 0.43 -0.17 0.97
CA VAL B 8 0.89 -0.84 2.20
C VAL B 8 2.01 -1.84 1.87
N LEU B 9 1.88 -2.51 0.71
CA LEU B 9 2.86 -3.48 0.22
C LEU B 9 4.15 -2.77 -0.22
N PHE B 10 3.96 -1.59 -0.83
CA PHE B 10 5.07 -0.75 -1.31
C PHE B 10 5.79 -0.06 -0.15
N ALA B 11 5.02 0.38 0.86
CA ALA B 11 5.57 1.08 2.04
C ALA B 11 6.35 0.15 2.98
N CYS B 12 5.95 -1.13 3.04
CA CYS B 12 6.60 -2.12 3.92
C CYS B 12 7.96 -2.61 3.37
N MET B 13 8.21 -2.37 2.07
CA MET B 13 9.47 -2.77 1.43
C MET B 13 10.55 -1.70 1.59
N LEU B 14 10.13 -0.43 1.67
CA LEU B 14 11.07 0.70 1.83
C LEU B 14 11.34 1.03 3.30
N MET B 15 10.54 0.43 4.19
CA MET B 15 10.69 0.64 5.65
C MET B 15 11.78 -0.27 6.22
N ARG B 16 12.22 -1.24 5.40
CA ARG B 16 13.27 -2.18 5.80
C ARG B 16 14.66 -1.67 5.38
N LYS B 17 14.69 -0.48 4.75
CA LYS B 17 15.94 0.14 4.30
C LYS B 17 16.50 1.09 5.36
N ALA A 1 3.38 -15.78 -22.14
CA ALA A 1 3.65 -14.84 -21.01
C ALA A 1 2.59 -13.75 -20.94
N ASP A 2 2.19 -13.41 -19.70
CA ASP A 2 1.18 -12.38 -19.47
C ASP A 2 1.71 -11.28 -18.56
N GLN A 3 1.44 -10.03 -18.94
CA GLN A 3 1.89 -8.87 -18.17
C GLN A 3 0.73 -7.90 -17.91
N LEU A 4 0.78 -7.24 -16.75
CA LEU A 4 -0.26 -6.28 -16.36
C LEU A 4 0.14 -4.86 -16.76
N THR A 5 -0.69 -4.25 -17.63
CA THR A 5 -0.45 -2.90 -18.12
C THR A 5 -1.43 -1.91 -17.53
N GLU A 6 -2.36 -1.46 -18.36
CA GLU A 6 -3.43 -0.49 -18.00
C GLU A 6 -4.26 -0.91 -16.78
N GLU A 7 -4.02 -2.15 -16.29
CA GLU A 7 -4.73 -2.70 -15.14
C GLU A 7 -4.13 -2.13 -13.86
N GLN A 8 -2.83 -2.39 -13.71
CA GLN A 8 -2.02 -1.91 -12.60
C GLN A 8 -1.69 -0.44 -12.81
N ILE A 9 -1.58 -0.07 -14.10
CA ILE A 9 -1.28 1.30 -14.51
C ILE A 9 -2.42 2.27 -14.11
N ALA A 10 -3.67 1.78 -14.14
CA ALA A 10 -4.84 2.57 -13.77
C ALA A 10 -4.91 2.80 -12.25
N GLU A 11 -4.58 1.74 -11.49
CA GLU A 11 -4.58 1.78 -10.02
C GLU A 11 -3.34 2.49 -9.46
N PHE A 12 -2.30 2.62 -10.30
CA PHE A 12 -1.03 3.27 -9.97
C PHE A 12 -1.18 4.78 -9.93
N LYS A 13 -1.79 5.35 -10.99
CA LYS A 13 -2.04 6.79 -11.09
C LYS A 13 -2.99 7.18 -9.96
N GLU A 14 -3.91 6.24 -9.67
CA GLU A 14 -4.86 6.38 -8.58
C GLU A 14 -4.14 6.17 -7.24
N ALA A 15 -3.15 5.25 -7.25
CA ALA A 15 -2.35 4.96 -6.03
C ALA A 15 -1.33 6.07 -5.73
N PHE A 16 -0.92 6.81 -6.76
CA PHE A 16 0.06 7.89 -6.65
C PHE A 16 -0.52 9.16 -5.99
N SER A 17 -1.84 9.37 -6.15
CA SER A 17 -2.51 10.56 -5.59
C SER A 17 -2.62 10.54 -4.07
N LEU A 18 -2.34 9.38 -3.46
CA LEU A 18 -2.37 9.24 -1.99
C LEU A 18 -1.11 9.88 -1.40
N PHE A 19 0.03 9.61 -2.06
CA PHE A 19 1.33 10.14 -1.67
C PHE A 19 1.63 11.48 -2.36
N ASP A 20 0.81 11.85 -3.37
CA ASP A 20 1.01 13.09 -4.13
C ASP A 20 -0.06 14.12 -3.76
N LYS A 21 0.08 14.66 -2.55
CA LYS A 21 -0.84 15.67 -2.01
C LYS A 21 -0.61 17.07 -2.63
N ASP A 22 0.37 17.16 -3.55
CA ASP A 22 0.70 18.43 -4.21
C ASP A 22 0.10 18.50 -5.62
N GLY A 23 0.08 17.35 -6.32
CA GLY A 23 -0.46 17.29 -7.68
C GLY A 23 0.53 17.73 -8.76
N ASP A 24 1.83 17.54 -8.49
CA ASP A 24 2.89 17.91 -9.44
C ASP A 24 3.59 16.68 -10.02
N GLY A 25 3.39 15.54 -9.37
CA GLY A 25 4.00 14.27 -9.79
C GLY A 25 5.32 14.03 -9.12
N THR A 26 5.27 14.17 -7.81
CA THR A 26 6.41 14.02 -6.94
C THR A 26 5.98 13.52 -5.57
N ILE A 27 6.82 12.67 -5.00
CA ILE A 27 6.59 12.15 -3.66
C ILE A 27 7.88 12.44 -2.93
N THR A 28 7.88 13.60 -2.29
CA THR A 28 9.05 14.10 -1.62
C THR A 28 9.32 13.35 -0.34
N THR A 29 10.55 13.51 0.14
CA THR A 29 11.01 12.85 1.34
C THR A 29 10.12 13.11 2.56
N LYS A 30 9.57 14.33 2.64
CA LYS A 30 8.70 14.72 3.76
C LYS A 30 7.29 14.13 3.64
N GLU A 31 6.76 14.09 2.41
CA GLU A 31 5.42 13.54 2.13
C GLU A 31 5.34 12.04 2.41
N LEU A 32 6.48 11.34 2.28
CA LEU A 32 6.56 9.90 2.53
C LEU A 32 6.49 9.60 4.03
N GLY A 33 7.21 10.38 4.85
CA GLY A 33 7.19 10.20 6.29
C GLY A 33 5.89 10.65 6.92
N THR A 34 5.25 11.68 6.32
CA THR A 34 3.95 12.17 6.80
C THR A 34 2.94 11.04 6.68
N VAL A 35 3.13 10.26 5.62
CA VAL A 35 2.35 9.06 5.34
C VAL A 35 2.86 7.93 6.26
N MET A 36 4.17 7.99 6.59
CA MET A 36 4.82 7.00 7.45
C MET A 36 4.46 7.16 8.93
N ARG A 37 3.86 8.31 9.29
CA ARG A 37 3.46 8.60 10.67
C ARG A 37 2.18 7.86 11.06
N SER A 38 1.29 7.66 10.07
CA SER A 38 0.02 6.95 10.28
C SER A 38 0.23 5.42 10.23
N LEU A 39 1.46 5.02 9.88
CA LEU A 39 1.84 3.61 9.78
C LEU A 39 2.38 3.08 11.11
N GLY A 40 2.85 4.00 11.96
CA GLY A 40 3.40 3.63 13.27
C GLY A 40 4.92 3.71 13.32
N GLN A 41 5.53 4.32 12.30
CA GLN A 41 6.99 4.45 12.23
C GLN A 41 7.40 5.92 12.06
N ASN A 42 8.55 6.27 12.66
CA ASN A 42 9.08 7.62 12.58
C ASN A 42 10.51 7.62 12.00
N PRO A 43 10.65 7.71 10.64
CA PRO A 43 11.98 7.72 9.97
C PRO A 43 12.71 9.05 10.13
N THR A 44 14.02 9.03 9.84
CA THR A 44 14.87 10.22 9.93
C THR A 44 15.04 10.88 8.56
N GLU A 45 15.68 12.07 8.53
CA GLU A 45 15.91 12.81 7.27
C GLU A 45 16.82 12.03 6.33
N ALA A 46 17.86 11.39 6.88
CA ALA A 46 18.80 10.57 6.10
C ALA A 46 18.13 9.27 5.68
N GLU A 47 17.12 8.85 6.46
CA GLU A 47 16.35 7.63 6.21
C GLU A 47 15.32 7.83 5.09
N LEU A 48 14.78 9.06 5.01
CA LEU A 48 13.78 9.40 3.98
C LEU A 48 14.45 9.60 2.61
N GLN A 49 15.66 10.17 2.61
CA GLN A 49 16.45 10.39 1.40
C GLN A 49 17.02 9.09 0.85
N ASP A 50 17.17 8.10 1.75
CA ASP A 50 17.68 6.77 1.41
C ASP A 50 16.62 5.99 0.60
N MET A 51 15.35 6.13 1.00
CA MET A 51 14.22 5.47 0.34
C MET A 51 13.93 6.10 -1.02
N ILE A 52 14.09 7.44 -1.10
CA ILE A 52 13.88 8.21 -2.31
C ILE A 52 14.86 7.85 -3.43
N ASN A 53 16.16 7.85 -3.10
CA ASN A 53 17.23 7.56 -4.08
C ASN A 53 17.11 6.16 -4.72
N GLU A 54 16.14 5.37 -4.25
CA GLU A 54 15.87 4.05 -4.76
C GLU A 54 15.03 4.13 -6.04
N VAL A 55 14.02 5.00 -6.01
CA VAL A 55 13.12 5.22 -7.15
C VAL A 55 13.34 6.61 -7.79
N ASP A 56 13.77 7.60 -6.98
CA ASP A 56 14.05 8.97 -7.47
C ASP A 56 14.78 9.00 -8.82
N ALA A 57 14.05 9.45 -9.86
CA ALA A 57 14.60 9.56 -11.21
C ALA A 57 15.42 10.85 -11.40
N ASP A 58 15.00 11.92 -10.71
CA ASP A 58 15.67 13.23 -10.79
C ASP A 58 16.82 13.36 -9.80
N GLY A 59 16.65 12.79 -8.59
CA GLY A 59 17.67 12.85 -7.55
C GLY A 59 17.69 14.16 -6.79
N ASN A 60 16.53 14.53 -6.20
CA ASN A 60 16.39 15.76 -5.42
C ASN A 60 15.55 15.55 -4.15
N GLY A 61 15.17 14.28 -3.90
CA GLY A 61 14.36 13.93 -2.74
C GLY A 61 12.89 13.80 -3.07
N THR A 62 12.59 13.47 -4.34
CA THR A 62 11.23 13.32 -4.78
C THR A 62 11.12 12.15 -5.73
N ILE A 63 10.00 11.45 -5.63
CA ILE A 63 9.74 10.28 -6.45
C ILE A 63 8.73 10.65 -7.53
N ASP A 64 8.95 10.15 -8.75
CA ASP A 64 8.06 10.46 -9.86
C ASP A 64 7.14 9.27 -10.16
N PHE A 65 6.09 9.52 -10.94
CA PHE A 65 5.10 8.49 -11.30
C PHE A 65 5.64 7.38 -12.25
N PRO A 66 6.54 7.67 -13.25
CA PRO A 66 7.04 6.63 -14.17
C PRO A 66 7.75 5.46 -13.47
N GLU A 67 8.69 5.79 -12.55
CA GLU A 67 9.43 4.78 -11.80
C GLU A 67 8.67 4.22 -10.60
N PHE A 68 7.39 4.63 -10.41
CA PHE A 68 6.57 4.16 -9.28
C PHE A 68 6.37 2.65 -9.32
N LEU A 69 5.75 2.17 -10.41
CA LEU A 69 5.48 0.75 -10.59
C LEU A 69 6.74 -0.05 -10.95
N THR A 70 7.87 0.67 -11.02
CA THR A 70 9.17 0.10 -11.34
C THR A 70 9.74 -0.71 -10.17
N MET A 71 9.64 -0.16 -8.95
CA MET A 71 10.15 -0.81 -7.73
C MET A 71 9.25 -1.98 -7.27
N MET A 72 7.94 -1.83 -7.46
CA MET A 72 6.95 -2.85 -7.05
C MET A 72 7.04 -4.12 -7.91
N ALA A 73 7.05 -3.94 -9.24
CA ALA A 73 7.12 -5.05 -10.19
C ALA A 73 8.50 -5.74 -10.22
N ARG A 74 9.48 -5.14 -9.53
CA ARG A 74 10.85 -5.67 -9.48
C ARG A 74 10.96 -6.91 -8.57
N LYS A 75 10.76 -6.72 -7.26
CA LYS A 75 10.85 -7.81 -6.28
C LYS A 75 9.62 -8.71 -6.28
N MET A 76 8.59 -8.30 -7.02
CA MET A 76 7.35 -9.08 -7.13
C MET A 76 7.53 -10.16 -8.21
N LYS A 77 8.78 -10.32 -8.69
CA LYS A 77 9.10 -11.30 -9.74
C LYS A 77 9.92 -12.48 -9.21
N ASP A 78 10.06 -12.60 -7.88
CA ASP A 78 10.85 -13.69 -7.28
C ASP A 78 9.97 -14.80 -6.72
N THR A 79 8.65 -14.59 -6.82
CA THR A 79 7.61 -15.52 -6.33
C THR A 79 7.69 -15.81 -4.82
N ASP A 80 8.71 -15.23 -4.18
CA ASP A 80 8.89 -15.34 -2.73
C ASP A 80 8.30 -14.07 -2.12
N SER A 81 7.36 -13.48 -2.88
CA SER A 81 6.69 -12.24 -2.53
C SER A 81 5.71 -12.39 -1.35
N GLU A 82 5.63 -13.61 -0.79
CA GLU A 82 4.76 -13.92 0.34
C GLU A 82 5.31 -13.31 1.65
N GLU A 83 6.62 -13.07 1.65
CA GLU A 83 7.31 -12.48 2.79
C GLU A 83 7.06 -10.97 2.85
N GLU A 84 6.62 -10.41 1.71
CA GLU A 84 6.29 -8.99 1.58
C GLU A 84 4.87 -8.71 2.08
N ILE A 85 3.92 -9.61 1.73
CA ILE A 85 2.51 -9.48 2.11
C ILE A 85 2.26 -9.76 3.59
N ARG A 86 3.05 -10.66 4.18
CA ARG A 86 2.93 -10.97 5.62
C ARG A 86 3.08 -9.67 6.44
N GLU A 87 3.71 -8.69 5.80
CA GLU A 87 3.94 -7.37 6.35
C GLU A 87 2.70 -6.49 6.34
N ALA A 88 1.87 -6.64 5.29
CA ALA A 88 0.62 -5.88 5.17
C ALA A 88 -0.43 -6.40 6.15
N PHE A 89 -0.22 -7.64 6.62
CA PHE A 89 -1.14 -8.31 7.55
C PHE A 89 -1.07 -7.73 8.96
N ARG A 90 0.12 -7.28 9.38
CA ARG A 90 0.28 -6.70 10.72
C ARG A 90 -0.35 -5.31 10.83
N VAL A 91 -0.41 -4.60 9.68
CA VAL A 91 -1.01 -3.26 9.60
C VAL A 91 -2.55 -3.35 9.62
N PHE A 92 -3.09 -4.41 9.01
CA PHE A 92 -4.54 -4.62 8.94
C PHE A 92 -5.05 -5.41 10.14
N ASP A 93 -4.38 -6.52 10.42
CA ASP A 93 -4.71 -7.38 11.54
C ASP A 93 -3.81 -7.04 12.75
N LYS A 94 -4.21 -5.98 13.46
CA LYS A 94 -3.46 -5.46 14.62
C LYS A 94 -3.43 -6.40 15.84
N ASP A 95 -4.55 -7.07 16.13
CA ASP A 95 -4.63 -7.94 17.31
C ASP A 95 -4.59 -9.43 16.96
N GLY A 96 -4.34 -9.71 15.69
CA GLY A 96 -4.26 -11.07 15.15
C GLY A 96 -5.39 -11.98 15.56
N ASN A 97 -6.58 -11.70 15.06
CA ASN A 97 -7.74 -12.56 15.32
C ASN A 97 -7.68 -13.74 14.34
N GLY A 98 -6.47 -13.93 13.76
CA GLY A 98 -6.25 -15.00 12.77
C GLY A 98 -6.64 -14.56 11.36
N TYR A 99 -7.54 -13.57 11.28
CA TYR A 99 -8.03 -13.02 10.03
C TYR A 99 -7.98 -11.48 10.07
N ILE A 100 -8.70 -10.81 9.14
CA ILE A 100 -8.71 -9.35 9.12
C ILE A 100 -10.09 -8.78 9.41
N SER A 101 -10.23 -8.14 10.57
CA SER A 101 -11.50 -7.56 11.00
C SER A 101 -11.75 -6.20 10.34
N ALA A 102 -13.03 -5.86 10.17
CA ALA A 102 -13.44 -4.60 9.54
C ALA A 102 -13.14 -3.37 10.39
N ALA A 103 -13.18 -3.55 11.73
CA ALA A 103 -12.91 -2.46 12.66
C ALA A 103 -11.48 -1.95 12.57
N GLU A 104 -10.53 -2.87 12.32
CA GLU A 104 -9.11 -2.55 12.20
C GLU A 104 -8.77 -1.95 10.83
N LEU A 105 -9.43 -2.44 9.76
CA LEU A 105 -9.21 -1.93 8.40
C LEU A 105 -9.88 -0.56 8.22
N ARG A 106 -11.01 -0.36 8.93
CA ARG A 106 -11.75 0.90 8.91
C ARG A 106 -10.95 1.99 9.63
N HIS A 107 -10.43 1.65 10.83
CA HIS A 107 -9.64 2.57 11.66
C HIS A 107 -8.42 3.10 10.94
N VAL A 108 -7.82 2.26 10.08
CA VAL A 108 -6.64 2.64 9.29
C VAL A 108 -6.99 3.74 8.29
N MET A 109 -8.20 3.62 7.78
CA MET A 109 -8.78 4.56 6.83
C MET A 109 -9.24 5.84 7.53
N THR A 110 -9.81 5.66 8.73
CA THR A 110 -10.31 6.75 9.57
C THR A 110 -9.18 7.53 10.25
N ASN A 111 -8.04 6.86 10.48
CA ASN A 111 -6.88 7.46 11.14
C ASN A 111 -6.13 8.41 10.20
N LEU A 112 -6.36 8.24 8.89
CA LEU A 112 -5.75 9.05 7.86
C LEU A 112 -6.43 10.42 7.72
N GLY A 113 -7.53 10.63 8.46
CA GLY A 113 -8.27 11.87 8.40
C GLY A 113 -9.41 11.84 7.40
N GLU A 114 -10.09 10.69 7.30
CA GLU A 114 -11.20 10.52 6.37
C GLU A 114 -12.38 9.84 7.07
N LYS A 115 -13.59 10.28 6.74
CA LYS A 115 -14.82 9.72 7.33
C LYS A 115 -15.47 8.73 6.37
N LEU A 116 -15.60 7.47 6.83
CA LEU A 116 -16.20 6.41 6.04
C LEU A 116 -17.44 5.84 6.73
N THR A 117 -18.36 5.31 5.92
CA THR A 117 -19.61 4.71 6.43
C THR A 117 -19.48 3.20 6.55
N ASP A 118 -20.30 2.61 7.44
CA ASP A 118 -20.31 1.16 7.68
C ASP A 118 -20.92 0.38 6.51
N GLU A 119 -21.91 1.00 5.84
CA GLU A 119 -22.61 0.40 4.69
C GLU A 119 -21.67 0.14 3.50
N GLU A 120 -20.68 1.03 3.34
CA GLU A 120 -19.68 0.93 2.26
C GLU A 120 -18.65 -0.14 2.56
N VAL A 121 -18.39 -0.32 3.87
CA VAL A 121 -17.44 -1.31 4.38
C VAL A 121 -17.75 -2.73 3.87
N ASP A 122 -19.03 -3.09 3.87
CA ASP A 122 -19.51 -4.40 3.40
C ASP A 122 -19.07 -4.67 1.95
N GLU A 123 -18.95 -3.58 1.18
CA GLU A 123 -18.53 -3.62 -0.22
C GLU A 123 -17.04 -3.97 -0.38
N MET A 124 -16.21 -3.58 0.62
CA MET A 124 -14.77 -3.83 0.57
C MET A 124 -14.45 -5.30 0.86
N ILE A 125 -15.32 -5.87 1.69
CA ILE A 125 -15.22 -7.26 2.15
C ILE A 125 -15.65 -8.26 1.08
N ARG A 126 -16.61 -7.87 0.26
CA ARG A 126 -17.09 -8.73 -0.82
C ARG A 126 -16.02 -8.84 -1.91
N GLU A 127 -15.11 -7.87 -1.84
CA GLU A 127 -13.99 -7.74 -2.75
C GLU A 127 -12.80 -8.60 -2.28
N ALA A 128 -12.74 -8.83 -0.96
CA ALA A 128 -11.67 -9.61 -0.35
C ALA A 128 -12.19 -10.93 0.23
N ASP A 129 -13.39 -10.91 0.84
CA ASP A 129 -13.96 -12.12 1.43
C ASP A 129 -14.73 -12.92 0.38
N ILE A 130 -14.21 -14.11 0.10
CA ILE A 130 -14.74 -15.05 -0.90
C ILE A 130 -15.97 -15.79 -0.39
N ASP A 131 -15.90 -16.18 0.87
CA ASP A 131 -16.98 -16.86 1.54
C ASP A 131 -17.74 -15.84 2.37
N GLY A 132 -17.26 -14.58 2.31
CA GLY A 132 -17.88 -13.46 3.00
C GLY A 132 -18.05 -13.66 4.50
N ASP A 133 -16.93 -13.94 5.17
CA ASP A 133 -16.92 -14.18 6.62
C ASP A 133 -16.77 -12.87 7.41
N GLY A 134 -16.50 -11.76 6.70
CA GLY A 134 -16.35 -10.45 7.34
C GLY A 134 -14.92 -10.16 7.80
N GLN A 135 -14.03 -11.14 7.68
CA GLN A 135 -12.63 -10.99 8.09
C GLN A 135 -11.70 -11.45 6.97
N VAL A 136 -10.54 -10.79 6.81
CA VAL A 136 -9.61 -11.14 5.70
C VAL A 136 -8.35 -11.89 6.12
N ASN A 137 -8.08 -12.95 5.35
CA ASN A 137 -6.90 -13.79 5.56
C ASN A 137 -5.79 -13.39 4.58
N TYR A 138 -4.58 -13.82 4.91
CA TYR A 138 -3.37 -13.54 4.11
C TYR A 138 -3.42 -14.17 2.71
N GLU A 139 -4.11 -15.31 2.62
CA GLU A 139 -4.26 -16.08 1.38
C GLU A 139 -5.25 -15.36 0.45
N GLU A 140 -6.30 -14.86 1.11
CA GLU A 140 -7.34 -14.07 0.45
C GLU A 140 -6.74 -12.73 0.10
N PHE A 141 -5.80 -12.33 0.98
CA PHE A 141 -5.04 -11.10 0.86
C PHE A 141 -4.11 -11.13 -0.35
N VAL A 142 -3.51 -12.30 -0.56
CA VAL A 142 -2.60 -12.56 -1.69
C VAL A 142 -3.31 -12.31 -3.03
N GLN A 143 -4.55 -12.77 -3.09
CA GLN A 143 -5.42 -12.63 -4.27
C GLN A 143 -5.87 -11.17 -4.46
N MET A 144 -5.94 -10.41 -3.35
CA MET A 144 -6.37 -9.00 -3.36
C MET A 144 -5.49 -8.12 -4.28
N MET A 145 -4.22 -8.52 -4.45
CA MET A 145 -3.28 -7.79 -5.31
C MET A 145 -3.40 -8.21 -6.78
N THR A 146 -3.91 -9.42 -7.02
CA THR A 146 -4.10 -9.96 -8.36
C THR A 146 -5.52 -9.70 -8.89
N ALA A 147 -6.29 -8.91 -8.13
CA ALA A 147 -7.68 -8.57 -8.49
C ALA A 147 -7.72 -7.38 -9.45
N LYS A 148 -8.78 -7.33 -10.28
CA LYS A 148 -8.98 -6.27 -11.26
C LYS A 148 -9.86 -5.16 -10.68
N LEU B 1 -11.27 -2.97 -0.37
CA LEU B 1 -9.78 -3.01 -0.31
C LEU B 1 -9.19 -3.43 -1.67
N LYS B 2 -8.49 -2.50 -2.31
CA LYS B 2 -7.84 -2.75 -3.63
C LYS B 2 -6.81 -1.66 -3.95
N VAL B 3 -7.18 -0.40 -3.69
CA VAL B 3 -6.30 0.75 -3.94
C VAL B 3 -5.42 1.06 -2.72
N LEU B 4 -6.08 1.21 -1.57
CA LEU B 4 -5.42 1.52 -0.29
C LEU B 4 -4.53 0.36 0.23
N VAL B 5 -4.56 -0.77 -0.48
CA VAL B 5 -3.77 -1.96 -0.11
C VAL B 5 -2.36 -1.90 -0.70
N LYS B 6 -2.24 -1.24 -1.87
CA LYS B 6 -0.95 -1.10 -2.58
C LYS B 6 -0.02 -0.10 -1.87
N ALA B 7 -0.61 0.87 -1.16
CA ALA B 7 0.14 1.90 -0.43
C ALA B 7 0.83 1.32 0.82
N VAL B 8 0.20 0.31 1.43
CA VAL B 8 0.74 -0.35 2.64
C VAL B 8 1.90 -1.30 2.28
N LEU B 9 1.79 -1.94 1.10
CA LEU B 9 2.81 -2.88 0.61
C LEU B 9 4.11 -2.16 0.21
N PHE B 10 3.99 -0.90 -0.23
CA PHE B 10 5.13 -0.08 -0.65
C PHE B 10 5.98 0.38 0.54
N ALA B 11 5.31 0.64 1.68
CA ALA B 11 5.96 1.11 2.91
C ALA B 11 6.78 -0.01 3.59
N CYS B 12 6.33 -1.27 3.41
CA CYS B 12 6.99 -2.44 3.99
C CYS B 12 8.26 -2.84 3.24
N MET B 13 8.33 -2.47 1.95
CA MET B 13 9.49 -2.78 1.10
C MET B 13 10.55 -1.69 1.14
N LEU B 14 10.20 -0.50 1.65
CA LEU B 14 11.12 0.62 1.74
C LEU B 14 11.88 0.64 3.07
N MET B 15 11.37 -0.10 4.07
CA MET B 15 11.99 -0.19 5.40
C MET B 15 12.99 -1.35 5.48
N ARG B 16 12.93 -2.25 4.49
CA ARG B 16 13.84 -3.42 4.44
C ARG B 16 15.15 -3.09 3.72
N LYS B 17 15.25 -1.84 3.24
CA LYS B 17 16.45 -1.38 2.53
C LYS B 17 17.33 -0.54 3.45
N ALA A 1 -2.48 -14.85 -18.60
CA ALA A 1 -1.48 -13.74 -18.56
C ALA A 1 -0.76 -13.70 -17.22
N ASP A 2 0.50 -13.25 -17.25
CA ASP A 2 1.33 -13.14 -16.06
C ASP A 2 1.34 -11.72 -15.51
N GLN A 3 1.47 -10.74 -16.41
CA GLN A 3 1.49 -9.32 -16.03
C GLN A 3 0.43 -8.54 -16.80
N LEU A 4 -0.13 -7.52 -16.13
CA LEU A 4 -1.16 -6.67 -16.72
C LEU A 4 -0.58 -5.32 -17.15
N THR A 5 -1.27 -4.65 -18.08
CA THR A 5 -0.84 -3.36 -18.60
C THR A 5 -1.69 -2.23 -18.02
N GLU A 6 -2.36 -1.49 -18.91
CA GLU A 6 -3.23 -0.34 -18.56
C GLU A 6 -4.29 -0.66 -17.48
N GLU A 7 -4.44 -1.95 -17.16
CA GLU A 7 -5.40 -2.43 -16.15
C GLU A 7 -4.84 -2.19 -14.76
N GLN A 8 -3.65 -2.76 -14.54
CA GLN A 8 -2.89 -2.61 -13.30
C GLN A 8 -2.23 -1.24 -13.26
N ILE A 9 -1.93 -0.74 -14.47
CA ILE A 9 -1.30 0.57 -14.65
C ILE A 9 -2.22 1.72 -14.22
N ALA A 10 -3.54 1.53 -14.46
CA ALA A 10 -4.56 2.53 -14.09
C ALA A 10 -4.78 2.58 -12.57
N GLU A 11 -4.62 1.42 -11.91
CA GLU A 11 -4.78 1.29 -10.46
C GLU A 11 -3.56 1.84 -9.71
N PHE A 12 -2.43 1.86 -10.43
CA PHE A 12 -1.12 2.33 -9.95
C PHE A 12 -1.11 3.85 -9.89
N LYS A 13 -1.50 4.47 -11.01
CA LYS A 13 -1.59 5.94 -11.11
C LYS A 13 -2.66 6.43 -10.14
N GLU A 14 -3.70 5.60 -10.00
CA GLU A 14 -4.78 5.83 -9.07
C GLU A 14 -4.30 5.57 -7.64
N ALA A 15 -3.39 4.57 -7.51
CA ALA A 15 -2.80 4.25 -6.18
C ALA A 15 -1.77 5.29 -5.75
N PHE A 16 -1.27 6.07 -6.73
CA PHE A 16 -0.27 7.12 -6.50
C PHE A 16 -0.88 8.37 -5.85
N SER A 17 -2.20 8.57 -6.00
CA SER A 17 -2.90 9.75 -5.47
C SER A 17 -3.03 9.74 -3.94
N LEU A 18 -2.74 8.60 -3.30
CA LEU A 18 -2.80 8.50 -1.83
C LEU A 18 -1.61 9.24 -1.23
N PHE A 19 -0.43 9.01 -1.80
CA PHE A 19 0.82 9.65 -1.38
C PHE A 19 1.08 10.96 -2.15
N ASP A 20 0.28 11.22 -3.21
CA ASP A 20 0.44 12.42 -4.03
C ASP A 20 -0.56 13.49 -3.61
N LYS A 21 -0.31 14.04 -2.43
CA LYS A 21 -1.13 15.10 -1.85
C LYS A 21 -0.91 16.47 -2.53
N ASP A 22 0.03 16.51 -3.48
CA ASP A 22 0.36 17.74 -4.21
C ASP A 22 -0.36 17.79 -5.57
N GLY A 23 -0.49 16.62 -6.22
CA GLY A 23 -1.16 16.52 -7.52
C GLY A 23 -0.29 16.90 -8.70
N ASP A 24 1.04 16.85 -8.51
CA ASP A 24 2.00 17.18 -9.57
C ASP A 24 2.75 15.94 -10.05
N GLY A 25 2.59 14.83 -9.33
CA GLY A 25 3.26 13.57 -9.66
C GLY A 25 4.58 13.44 -8.97
N THR A 26 4.51 13.67 -7.65
CA THR A 26 5.64 13.62 -6.79
C THR A 26 5.25 13.19 -5.39
N ILE A 27 6.13 12.41 -4.77
CA ILE A 27 5.94 11.97 -3.41
C ILE A 27 7.20 12.37 -2.70
N THR A 28 7.13 13.54 -2.07
CA THR A 28 8.28 14.14 -1.45
C THR A 28 8.66 13.43 -0.17
N THR A 29 9.89 13.68 0.24
CA THR A 29 10.47 13.09 1.43
C THR A 29 9.65 13.36 2.69
N LYS A 30 9.15 14.60 2.81
CA LYS A 30 8.36 15.02 3.97
C LYS A 30 6.92 14.47 3.93
N GLU A 31 6.42 14.20 2.72
CA GLU A 31 5.07 13.66 2.52
C GLU A 31 4.99 12.18 2.84
N LEU A 32 6.12 11.47 2.65
CA LEU A 32 6.22 10.03 2.93
C LEU A 32 6.25 9.76 4.43
N GLY A 33 7.00 10.59 5.18
CA GLY A 33 7.09 10.45 6.62
C GLY A 33 5.82 10.86 7.34
N THR A 34 5.11 11.87 6.78
CA THR A 34 3.82 12.31 7.34
C THR A 34 2.86 11.14 7.31
N VAL A 35 2.98 10.36 6.24
CA VAL A 35 2.24 9.14 6.04
C VAL A 35 2.86 8.03 6.91
N MET A 36 4.19 8.12 7.13
CA MET A 36 4.94 7.16 7.92
C MET A 36 4.71 7.30 9.44
N ARG A 37 4.07 8.41 9.84
CA ARG A 37 3.77 8.68 11.26
C ARG A 37 2.56 7.86 11.74
N SER A 38 1.59 7.66 10.83
CA SER A 38 0.37 6.89 11.12
C SER A 38 0.65 5.38 11.04
N LEU A 39 1.86 5.02 10.59
CA LEU A 39 2.29 3.64 10.45
C LEU A 39 2.91 3.11 11.75
N GLY A 40 3.40 4.05 12.58
CA GLY A 40 4.01 3.69 13.86
C GLY A 40 5.53 3.80 13.84
N GLN A 41 6.06 4.57 12.88
CA GLN A 41 7.51 4.76 12.76
C GLN A 41 7.89 6.24 12.78
N ASN A 42 9.11 6.51 13.25
CA ASN A 42 9.64 7.88 13.35
C ASN A 42 10.35 8.28 12.05
N PRO A 43 10.06 9.51 11.47
CA PRO A 43 10.70 9.96 10.22
C PRO A 43 12.13 10.49 10.42
N THR A 44 13.09 9.82 9.77
CA THR A 44 14.49 10.22 9.84
C THR A 44 14.98 10.68 8.47
N GLU A 45 16.04 11.48 8.45
CA GLU A 45 16.62 11.99 7.20
C GLU A 45 17.31 10.89 6.39
N ALA A 46 17.85 9.88 7.10
CA ALA A 46 18.56 8.76 6.46
C ALA A 46 17.57 7.82 5.80
N GLU A 47 16.41 7.68 6.47
CA GLU A 47 15.34 6.81 6.02
C GLU A 47 14.53 7.42 4.87
N LEU A 48 14.19 8.71 5.02
CA LEU A 48 13.41 9.46 4.02
C LEU A 48 14.15 9.54 2.66
N GLN A 49 15.46 9.83 2.72
CA GLN A 49 16.32 9.92 1.54
C GLN A 49 16.63 8.54 0.94
N ASP A 50 16.49 7.50 1.77
CA ASP A 50 16.74 6.11 1.39
C ASP A 50 15.63 5.59 0.46
N MET A 51 14.36 5.84 0.84
CA MET A 51 13.20 5.42 0.06
C MET A 51 13.07 6.22 -1.25
N ILE A 52 13.42 7.52 -1.17
CA ILE A 52 13.36 8.42 -2.32
C ILE A 52 14.47 8.13 -3.34
N ASN A 53 15.74 8.24 -2.92
CA ASN A 53 16.89 8.02 -3.82
C ASN A 53 16.91 6.62 -4.45
N GLU A 54 16.00 5.76 -4.00
CA GLU A 54 15.86 4.41 -4.51
C GLU A 54 15.03 4.42 -5.79
N VAL A 55 13.98 5.27 -5.79
CA VAL A 55 13.08 5.41 -6.94
C VAL A 55 13.23 6.79 -7.61
N ASP A 56 13.54 7.84 -6.81
CA ASP A 56 13.72 9.21 -7.32
C ASP A 56 14.50 9.25 -8.66
N ALA A 57 13.79 9.64 -9.72
CA ALA A 57 14.38 9.74 -11.07
C ALA A 57 15.17 11.04 -11.26
N ASP A 58 14.64 12.12 -10.65
CA ASP A 58 15.27 13.45 -10.74
C ASP A 58 16.33 13.67 -9.66
N GLY A 59 16.09 13.12 -8.46
CA GLY A 59 17.02 13.24 -7.34
C GLY A 59 16.92 14.58 -6.61
N ASN A 60 15.71 14.90 -6.13
CA ASN A 60 15.45 16.13 -5.37
C ASN A 60 14.64 15.86 -4.10
N GLY A 61 14.35 14.58 -3.84
CA GLY A 61 13.58 14.17 -2.67
C GLY A 61 12.12 13.95 -2.99
N THR A 62 11.83 13.55 -4.24
CA THR A 62 10.48 13.29 -4.68
C THR A 62 10.43 12.09 -5.59
N ILE A 63 9.37 11.32 -5.47
CA ILE A 63 9.15 10.13 -6.25
C ILE A 63 8.10 10.40 -7.32
N ASP A 64 8.29 9.84 -8.51
CA ASP A 64 7.34 10.05 -9.59
C ASP A 64 6.54 8.77 -9.87
N PHE A 65 5.42 8.93 -10.60
CA PHE A 65 4.52 7.81 -10.93
C PHE A 65 5.11 6.76 -11.93
N PRO A 66 5.98 7.14 -12.93
CA PRO A 66 6.53 6.16 -13.89
C PRO A 66 7.44 5.10 -13.25
N GLU A 67 8.37 5.53 -12.38
CA GLU A 67 9.28 4.62 -11.70
C GLU A 67 8.65 3.93 -10.47
N PHE A 68 7.42 4.33 -10.12
CA PHE A 68 6.71 3.72 -8.98
C PHE A 68 6.47 2.23 -9.22
N LEU A 69 5.97 1.93 -10.42
CA LEU A 69 5.70 0.58 -10.87
C LEU A 69 7.00 -0.18 -11.18
N THR A 70 8.09 0.59 -11.25
CA THR A 70 9.43 0.10 -11.56
C THR A 70 10.05 -0.70 -10.39
N MET A 71 10.03 -0.11 -9.20
CA MET A 71 10.61 -0.74 -7.99
C MET A 71 9.74 -1.87 -7.43
N MET A 72 8.41 -1.73 -7.55
CA MET A 72 7.46 -2.74 -7.05
C MET A 72 7.52 -4.05 -7.85
N ALA A 73 7.48 -3.92 -9.19
CA ALA A 73 7.51 -5.07 -10.10
C ALA A 73 8.90 -5.76 -10.15
N ARG A 74 9.91 -5.13 -9.55
CA ARG A 74 11.28 -5.67 -9.54
C ARG A 74 11.44 -6.86 -8.59
N LYS A 75 11.35 -6.60 -7.27
CA LYS A 75 11.50 -7.66 -6.25
C LYS A 75 10.26 -8.55 -6.13
N MET A 76 9.18 -8.18 -6.84
CA MET A 76 7.95 -8.97 -6.84
C MET A 76 8.08 -10.12 -7.86
N LYS A 77 9.29 -10.29 -8.41
CA LYS A 77 9.57 -11.32 -9.42
C LYS A 77 10.45 -12.46 -8.86
N ASP A 78 10.61 -12.53 -7.53
CA ASP A 78 11.45 -13.57 -6.92
C ASP A 78 10.63 -14.69 -6.29
N THR A 79 9.31 -14.52 -6.33
CA THR A 79 8.32 -15.48 -5.78
C THR A 79 8.47 -15.70 -4.26
N ASP A 80 9.49 -15.08 -3.67
CA ASP A 80 9.74 -15.14 -2.24
C ASP A 80 9.12 -13.88 -1.64
N SER A 81 8.12 -13.36 -2.37
CA SER A 81 7.41 -12.13 -2.02
C SER A 81 6.46 -12.31 -0.82
N GLU A 82 6.49 -13.49 -0.20
CA GLU A 82 5.65 -13.82 0.97
C GLU A 82 6.16 -13.07 2.21
N GLU A 83 7.45 -12.73 2.20
CA GLU A 83 8.08 -12.00 3.28
C GLU A 83 7.69 -10.51 3.25
N GLU A 84 7.19 -10.08 2.09
CA GLU A 84 6.73 -8.70 1.88
C GLU A 84 5.29 -8.52 2.39
N ILE A 85 4.44 -9.54 2.14
CA ILE A 85 3.02 -9.52 2.55
C ILE A 85 2.84 -9.71 4.05
N ARG A 86 3.74 -10.46 4.70
CA ARG A 86 3.67 -10.66 6.16
C ARG A 86 3.64 -9.29 6.85
N GLU A 87 4.23 -8.30 6.16
CA GLU A 87 4.28 -6.91 6.59
C GLU A 87 2.96 -6.20 6.37
N ALA A 88 2.31 -6.47 5.23
CA ALA A 88 1.01 -5.86 4.91
C ALA A 88 -0.11 -6.45 5.76
N PHE A 89 0.01 -7.75 6.06
CA PHE A 89 -0.97 -8.49 6.87
C PHE A 89 -0.92 -8.10 8.35
N ARG A 90 0.28 -7.80 8.85
CA ARG A 90 0.46 -7.42 10.25
C ARG A 90 -0.06 -6.00 10.55
N VAL A 91 -0.02 -5.12 9.53
CA VAL A 91 -0.52 -3.74 9.66
C VAL A 91 -2.07 -3.71 9.59
N PHE A 92 -2.64 -4.65 8.81
CA PHE A 92 -4.09 -4.75 8.65
C PHE A 92 -4.73 -5.58 9.76
N ASP A 93 -4.12 -6.73 10.03
CA ASP A 93 -4.57 -7.64 11.06
C ASP A 93 -3.74 -7.40 12.34
N LYS A 94 -4.15 -6.36 13.08
CA LYS A 94 -3.45 -5.93 14.32
C LYS A 94 -3.56 -6.93 15.48
N ASP A 95 -4.73 -7.54 15.68
CA ASP A 95 -4.94 -8.46 16.80
C ASP A 95 -5.05 -9.93 16.37
N GLY A 96 -4.78 -10.16 15.09
CA GLY A 96 -4.84 -11.51 14.50
C GLY A 96 -6.07 -12.30 14.84
N ASN A 97 -7.21 -11.90 14.29
CA ASN A 97 -8.45 -12.62 14.50
C ASN A 97 -8.48 -13.80 13.52
N GLY A 98 -7.26 -14.16 13.03
CA GLY A 98 -7.12 -15.23 12.07
C GLY A 98 -7.15 -14.72 10.63
N TYR A 99 -7.91 -13.63 10.43
CA TYR A 99 -8.07 -13.00 9.12
C TYR A 99 -8.06 -11.47 9.30
N ILE A 100 -8.55 -10.70 8.29
CA ILE A 100 -8.55 -9.24 8.39
C ILE A 100 -9.94 -8.65 8.60
N SER A 101 -10.15 -8.10 9.81
CA SER A 101 -11.44 -7.52 10.19
C SER A 101 -11.61 -6.11 9.63
N ALA A 102 -12.87 -5.70 9.44
CA ALA A 102 -13.22 -4.39 8.89
C ALA A 102 -12.89 -3.23 9.84
N ALA A 103 -12.97 -3.50 11.14
CA ALA A 103 -12.68 -2.49 12.18
C ALA A 103 -11.22 -2.03 12.15
N GLU A 104 -10.31 -2.98 11.87
CA GLU A 104 -8.87 -2.70 11.80
C GLU A 104 -8.48 -2.02 10.50
N LEU A 105 -9.13 -2.41 9.39
CA LEU A 105 -8.85 -1.81 8.07
C LEU A 105 -9.44 -0.40 8.00
N ARG A 106 -10.57 -0.20 8.72
CA ARG A 106 -11.25 1.10 8.81
C ARG A 106 -10.36 2.12 9.52
N HIS A 107 -9.79 1.71 10.67
CA HIS A 107 -8.89 2.56 11.49
C HIS A 107 -7.70 3.09 10.70
N VAL A 108 -7.21 2.28 9.76
CA VAL A 108 -6.08 2.64 8.90
C VAL A 108 -6.47 3.77 7.95
N MET A 109 -7.70 3.69 7.54
CA MET A 109 -8.33 4.67 6.63
C MET A 109 -8.70 5.95 7.40
N THR A 110 -9.20 5.76 8.62
CA THR A 110 -9.61 6.86 9.51
C THR A 110 -8.42 7.58 10.14
N ASN A 111 -7.28 6.85 10.29
CA ASN A 111 -6.07 7.42 10.89
C ASN A 111 -5.35 8.35 9.91
N LEU A 112 -5.69 8.26 8.63
CA LEU A 112 -5.13 9.06 7.58
C LEU A 112 -5.75 10.47 7.53
N GLY A 113 -6.79 10.67 8.35
CA GLY A 113 -7.48 11.96 8.39
C GLY A 113 -8.71 12.01 7.50
N GLU A 114 -9.40 10.88 7.39
CA GLU A 114 -10.60 10.78 6.57
C GLU A 114 -11.71 10.03 7.31
N LYS A 115 -12.93 10.57 7.25
CA LYS A 115 -14.09 9.96 7.92
C LYS A 115 -14.91 9.15 6.92
N LEU A 116 -15.06 7.86 7.20
CA LEU A 116 -15.82 6.95 6.36
C LEU A 116 -16.98 6.32 7.13
N THR A 117 -18.04 5.94 6.39
CA THR A 117 -19.23 5.32 6.99
C THR A 117 -19.13 3.79 6.98
N ASP A 118 -19.93 3.14 7.84
CA ASP A 118 -19.95 1.68 7.97
C ASP A 118 -20.59 0.99 6.76
N GLU A 119 -21.54 1.68 6.12
CA GLU A 119 -22.26 1.17 4.93
C GLU A 119 -21.34 0.94 3.74
N GLU A 120 -20.31 1.80 3.61
CA GLU A 120 -19.33 1.71 2.51
C GLU A 120 -18.33 0.58 2.78
N VAL A 121 -18.08 0.35 4.08
CA VAL A 121 -17.17 -0.69 4.56
C VAL A 121 -17.53 -2.07 4.00
N ASP A 122 -18.84 -2.35 3.95
CA ASP A 122 -19.37 -3.63 3.43
C ASP A 122 -18.96 -3.86 1.98
N GLU A 123 -18.79 -2.75 1.25
CA GLU A 123 -18.38 -2.76 -0.16
C GLU A 123 -16.90 -3.16 -0.34
N MET A 124 -16.06 -2.85 0.66
CA MET A 124 -14.63 -3.16 0.60
C MET A 124 -14.39 -4.65 0.84
N ILE A 125 -15.28 -5.21 1.66
CA ILE A 125 -15.24 -6.61 2.06
C ILE A 125 -15.74 -7.54 0.98
N ARG A 126 -16.72 -7.08 0.20
CA ARG A 126 -17.27 -7.87 -0.89
C ARG A 126 -16.23 -8.00 -2.01
N GLU A 127 -15.25 -7.10 -1.93
CA GLU A 127 -14.15 -7.01 -2.88
C GLU A 127 -13.02 -7.96 -2.50
N ALA A 128 -12.94 -8.28 -1.20
CA ALA A 128 -11.92 -9.18 -0.68
C ALA A 128 -12.49 -10.44 -0.04
N ASP A 129 -13.66 -10.33 0.62
CA ASP A 129 -14.27 -11.49 1.25
C ASP A 129 -15.11 -12.29 0.24
N ILE A 130 -14.59 -13.47 -0.09
CA ILE A 130 -15.20 -14.40 -1.07
C ILE A 130 -16.38 -15.14 -0.49
N ASP A 131 -16.21 -15.55 0.76
CA ASP A 131 -17.24 -16.24 1.49
C ASP A 131 -18.00 -15.22 2.34
N GLY A 132 -17.54 -13.96 2.23
CA GLY A 132 -18.13 -12.82 2.94
C GLY A 132 -18.28 -13.04 4.43
N ASP A 133 -17.17 -13.40 5.08
CA ASP A 133 -17.14 -13.65 6.53
C ASP A 133 -16.88 -12.35 7.33
N GLY A 134 -16.55 -11.27 6.61
CA GLY A 134 -16.28 -9.99 7.25
C GLY A 134 -14.81 -9.78 7.60
N GLN A 135 -14.00 -10.82 7.41
CA GLN A 135 -12.56 -10.75 7.71
C GLN A 135 -11.75 -11.24 6.49
N VAL A 136 -10.55 -10.66 6.27
CA VAL A 136 -9.73 -11.00 5.09
C VAL A 136 -8.53 -11.90 5.40
N ASN A 137 -8.40 -12.94 4.57
CA ASN A 137 -7.32 -13.92 4.68
C ASN A 137 -6.11 -13.54 3.81
N TYR A 138 -4.99 -14.22 4.08
CA TYR A 138 -3.71 -14.04 3.36
C TYR A 138 -3.76 -14.55 1.92
N GLU A 139 -4.60 -15.58 1.72
CA GLU A 139 -4.76 -16.27 0.43
C GLU A 139 -5.57 -15.38 -0.50
N GLU A 140 -6.54 -14.70 0.12
CA GLU A 140 -7.40 -13.74 -0.56
C GLU A 140 -6.59 -12.47 -0.75
N PHE A 141 -5.71 -12.25 0.23
CA PHE A 141 -4.81 -11.11 0.27
C PHE A 141 -3.80 -11.14 -0.87
N VAL A 142 -3.22 -12.32 -1.10
CA VAL A 142 -2.23 -12.54 -2.15
C VAL A 142 -2.83 -12.28 -3.54
N GLN A 143 -4.05 -12.78 -3.73
CA GLN A 143 -4.81 -12.62 -4.98
C GLN A 143 -5.28 -11.18 -5.20
N MET A 144 -5.47 -10.44 -4.09
CA MET A 144 -5.93 -9.03 -4.12
C MET A 144 -4.94 -8.09 -4.83
N MET A 145 -3.66 -8.51 -4.92
CA MET A 145 -2.62 -7.71 -5.58
C MET A 145 -2.75 -7.74 -7.11
N THR A 146 -3.17 -8.89 -7.64
CA THR A 146 -3.36 -9.07 -9.08
C THR A 146 -4.81 -8.79 -9.50
N ALA A 147 -5.65 -8.36 -8.55
CA ALA A 147 -7.05 -8.06 -8.80
C ALA A 147 -7.25 -6.59 -9.19
N LYS A 148 -8.32 -6.34 -9.95
CA LYS A 148 -8.65 -4.98 -10.41
C LYS A 148 -9.71 -4.36 -9.50
N LEU B 1 -10.67 -3.12 -0.57
CA LEU B 1 -9.19 -3.23 -0.50
C LEU B 1 -8.62 -3.69 -1.84
N LYS B 2 -7.86 -2.79 -2.50
CA LYS B 2 -7.22 -3.07 -3.80
C LYS B 2 -6.15 -2.03 -4.13
N VAL B 3 -6.49 -0.75 -3.88
CA VAL B 3 -5.58 0.38 -4.13
C VAL B 3 -4.65 0.63 -2.94
N LEU B 4 -5.27 0.78 -1.76
CA LEU B 4 -4.55 1.03 -0.50
C LEU B 4 -3.71 -0.19 -0.05
N VAL B 5 -3.84 -1.30 -0.76
CA VAL B 5 -3.10 -2.53 -0.44
C VAL B 5 -1.71 -2.54 -1.11
N LYS B 6 -1.62 -1.91 -2.29
CA LYS B 6 -0.37 -1.85 -3.06
C LYS B 6 0.64 -0.84 -2.48
N ALA B 7 0.12 0.30 -1.98
CA ALA B 7 0.96 1.37 -1.43
C ALA B 7 1.57 1.00 -0.07
N VAL B 8 0.80 0.28 0.76
CA VAL B 8 1.27 -0.14 2.11
C VAL B 8 2.26 -1.32 1.99
N LEU B 9 2.02 -2.20 1.02
CA LEU B 9 2.87 -3.38 0.76
C LEU B 9 4.21 -2.96 0.16
N PHE B 10 4.16 -1.92 -0.69
CA PHE B 10 5.33 -1.36 -1.37
C PHE B 10 6.22 -0.56 -0.41
N ALA B 11 5.57 0.18 0.52
CA ALA B 11 6.29 1.01 1.50
C ALA B 11 7.01 0.18 2.57
N CYS B 12 6.56 -1.07 2.76
CA CYS B 12 7.14 -1.99 3.75
C CYS B 12 8.47 -2.59 3.28
N MET B 13 8.73 -2.51 1.97
CA MET B 13 9.97 -3.06 1.38
C MET B 13 11.12 -2.04 1.39
N LEU B 14 10.79 -0.77 1.18
CA LEU B 14 11.79 0.31 1.15
C LEU B 14 12.03 0.90 2.55
N MET B 15 11.19 0.54 3.51
CA MET B 15 11.32 1.03 4.90
C MET B 15 12.34 0.17 5.68
N ARG B 16 12.44 -1.12 5.31
CA ARG B 16 13.36 -2.05 5.94
C ARG B 16 14.71 -2.05 5.20
N LYS B 17 14.93 -1.01 4.38
CA LYS B 17 16.16 -0.86 3.59
C LYS B 17 17.23 -0.11 4.40
N ALA A 1 0.28 -13.97 -20.24
CA ALA A 1 0.98 -12.68 -19.96
C ALA A 1 1.95 -12.83 -18.79
N ASP A 2 3.11 -12.17 -18.89
CA ASP A 2 4.13 -12.22 -17.84
C ASP A 2 4.06 -10.99 -16.93
N GLN A 3 3.88 -9.81 -17.55
CA GLN A 3 3.78 -8.55 -16.80
C GLN A 3 2.60 -7.74 -17.28
N LEU A 4 1.98 -7.00 -16.34
CA LEU A 4 0.82 -6.16 -16.63
C LEU A 4 1.23 -4.71 -16.82
N THR A 5 0.67 -4.08 -17.86
CA THR A 5 0.97 -2.68 -18.19
C THR A 5 -0.21 -1.75 -17.85
N GLU A 6 -0.80 -1.17 -18.89
CA GLU A 6 -1.95 -0.23 -18.79
C GLU A 6 -3.12 -0.76 -17.95
N GLU A 7 -3.07 -2.04 -17.57
CA GLU A 7 -4.11 -2.68 -16.78
C GLU A 7 -3.95 -2.30 -15.31
N GLN A 8 -2.79 -2.65 -14.77
CA GLN A 8 -2.40 -2.35 -13.40
C GLN A 8 -1.96 -0.89 -13.29
N ILE A 9 -1.42 -0.37 -14.40
CA ILE A 9 -0.92 1.00 -14.50
C ILE A 9 -1.99 2.04 -14.07
N ALA A 10 -3.26 1.74 -14.38
CA ALA A 10 -4.39 2.60 -14.04
C ALA A 10 -4.70 2.59 -12.54
N GLU A 11 -4.52 1.42 -11.91
CA GLU A 11 -4.76 1.24 -10.47
C GLU A 11 -3.61 1.81 -9.65
N PHE A 12 -2.43 1.85 -10.29
CA PHE A 12 -1.18 2.35 -9.73
C PHE A 12 -1.19 3.87 -9.67
N LYS A 13 -1.57 4.49 -10.80
CA LYS A 13 -1.69 5.95 -10.89
C LYS A 13 -2.80 6.40 -9.95
N GLU A 14 -3.82 5.54 -9.85
CA GLU A 14 -4.94 5.74 -8.95
C GLU A 14 -4.48 5.46 -7.51
N ALA A 15 -3.57 4.47 -7.37
CA ALA A 15 -3.01 4.13 -6.04
C ALA A 15 -1.98 5.18 -5.58
N PHE A 16 -1.51 5.98 -6.54
CA PHE A 16 -0.52 7.04 -6.31
C PHE A 16 -1.15 8.27 -5.61
N SER A 17 -2.48 8.40 -5.69
CA SER A 17 -3.20 9.54 -5.09
C SER A 17 -3.24 9.49 -3.56
N LEU A 18 -2.88 8.34 -2.97
CA LEU A 18 -2.84 8.19 -1.51
C LEU A 18 -1.63 8.94 -0.94
N PHE A 19 -0.48 8.78 -1.62
CA PHE A 19 0.77 9.42 -1.25
C PHE A 19 0.94 10.78 -1.95
N ASP A 20 0.08 11.06 -2.95
CA ASP A 20 0.16 12.30 -3.71
C ASP A 20 -1.05 13.19 -3.40
N LYS A 21 -0.97 13.83 -2.24
CA LYS A 21 -2.01 14.75 -1.76
C LYS A 21 -2.01 16.10 -2.51
N ASP A 22 -1.07 16.25 -3.47
CA ASP A 22 -0.94 17.46 -4.27
C ASP A 22 -1.59 17.30 -5.64
N GLY A 23 -1.52 16.08 -6.19
CA GLY A 23 -2.11 15.77 -7.49
C GLY A 23 -1.23 16.18 -8.68
N ASP A 24 0.09 16.14 -8.47
CA ASP A 24 1.06 16.49 -9.52
C ASP A 24 1.83 15.26 -10.02
N GLY A 25 1.81 14.20 -9.21
CA GLY A 25 2.52 12.96 -9.53
C GLY A 25 3.90 12.94 -8.95
N THR A 26 3.92 13.17 -7.65
CA THR A 26 5.13 13.22 -6.87
C THR A 26 4.86 12.77 -5.45
N ILE A 27 5.84 12.11 -4.86
CA ILE A 27 5.75 11.68 -3.48
C ILE A 27 6.98 12.23 -2.85
N THR A 28 6.81 13.40 -2.28
CA THR A 28 7.87 14.16 -1.73
C THR A 28 8.38 13.55 -0.44
N THR A 29 9.59 13.96 -0.07
CA THR A 29 10.24 13.48 1.13
C THR A 29 9.41 13.79 2.39
N LYS A 30 8.73 14.93 2.37
CA LYS A 30 7.88 15.38 3.48
C LYS A 30 6.54 14.62 3.53
N GLU A 31 6.01 14.31 2.35
CA GLU A 31 4.73 13.59 2.21
C GLU A 31 4.86 12.10 2.56
N LEU A 32 6.08 11.56 2.39
CA LEU A 32 6.36 10.14 2.69
C LEU A 32 6.38 9.88 4.18
N GLY A 33 7.03 10.76 4.94
CA GLY A 33 7.10 10.62 6.39
C GLY A 33 5.77 10.93 7.07
N THR A 34 4.99 11.86 6.50
CA THR A 34 3.66 12.21 7.03
C THR A 34 2.79 10.96 6.96
N VAL A 35 3.00 10.21 5.88
CA VAL A 35 2.36 8.94 5.64
C VAL A 35 3.04 7.86 6.52
N MET A 36 4.36 8.05 6.75
CA MET A 36 5.17 7.13 7.55
C MET A 36 4.89 7.25 9.06
N ARG A 37 4.25 8.34 9.48
CA ARG A 37 3.91 8.59 10.89
C ARG A 37 2.69 7.77 11.33
N SER A 38 1.76 7.54 10.38
CA SER A 38 0.55 6.75 10.65
C SER A 38 0.82 5.25 10.56
N LEU A 39 2.03 4.91 10.12
CA LEU A 39 2.48 3.52 9.98
C LEU A 39 3.09 2.99 11.29
N GLY A 40 3.55 3.92 12.14
CA GLY A 40 4.15 3.56 13.41
C GLY A 40 5.67 3.70 13.42
N GLN A 41 6.21 4.47 12.45
CA GLN A 41 7.64 4.68 12.35
C GLN A 41 7.98 6.17 12.35
N ASN A 42 9.04 6.53 13.07
CA ASN A 42 9.50 7.92 13.18
C ASN A 42 10.73 8.15 12.28
N PRO A 43 10.54 8.60 11.00
CA PRO A 43 11.64 8.86 10.06
C PRO A 43 12.36 10.18 10.31
N THR A 44 13.59 10.29 9.77
CA THR A 44 14.38 11.50 9.90
C THR A 44 14.42 12.25 8.55
N GLU A 45 14.99 13.47 8.55
CA GLU A 45 15.08 14.29 7.33
C GLU A 45 16.06 13.67 6.33
N ALA A 46 17.22 13.22 6.83
CA ALA A 46 18.24 12.57 5.99
C ALA A 46 17.79 11.17 5.58
N GLU A 47 16.89 10.59 6.41
CA GLU A 47 16.33 9.26 6.18
C GLU A 47 15.24 9.27 5.10
N LEU A 48 14.60 10.43 4.88
CA LEU A 48 13.54 10.58 3.88
C LEU A 48 14.12 10.63 2.45
N GLN A 49 15.27 11.31 2.31
CA GLN A 49 15.96 11.43 1.02
C GLN A 49 16.64 10.12 0.62
N ASP A 50 16.84 9.24 1.60
CA ASP A 50 17.46 7.94 1.40
C ASP A 50 16.49 6.99 0.65
N MET A 51 15.21 6.99 1.09
CA MET A 51 14.16 6.16 0.48
C MET A 51 13.76 6.68 -0.90
N ILE A 52 13.79 8.02 -1.07
CA ILE A 52 13.45 8.68 -2.32
C ILE A 52 14.45 8.36 -3.44
N ASN A 53 15.75 8.54 -3.17
CA ASN A 53 16.82 8.30 -4.15
C ASN A 53 16.87 6.85 -4.65
N GLU A 54 16.01 5.99 -4.06
CA GLU A 54 15.90 4.60 -4.42
C GLU A 54 15.06 4.44 -5.70
N VAL A 55 13.98 5.23 -5.77
CA VAL A 55 13.08 5.23 -6.92
C VAL A 55 13.16 6.54 -7.71
N ASP A 56 13.43 7.65 -6.99
CA ASP A 56 13.57 8.98 -7.62
C ASP A 56 14.44 8.96 -8.90
N ALA A 57 13.80 9.24 -10.03
CA ALA A 57 14.49 9.29 -11.34
C ALA A 57 15.20 10.64 -11.54
N ASP A 58 14.65 11.69 -10.93
CA ASP A 58 15.21 13.05 -11.03
C ASP A 58 16.24 13.33 -9.92
N GLY A 59 15.94 12.85 -8.71
CA GLY A 59 16.83 13.05 -7.56
C GLY A 59 16.70 14.42 -6.91
N ASN A 60 15.47 14.75 -6.48
CA ASN A 60 15.19 16.04 -5.83
C ASN A 60 14.35 15.86 -4.56
N GLY A 61 14.06 14.60 -4.21
CA GLY A 61 13.26 14.29 -3.03
C GLY A 61 11.80 14.05 -3.36
N THR A 62 11.53 13.63 -4.60
CA THR A 62 10.18 13.36 -5.05
C THR A 62 10.17 12.12 -5.92
N ILE A 63 9.18 11.28 -5.69
CA ILE A 63 9.01 10.03 -6.41
C ILE A 63 7.87 10.17 -7.41
N ASP A 64 8.02 9.55 -8.59
CA ASP A 64 6.99 9.63 -9.62
C ASP A 64 6.24 8.30 -9.77
N PHE A 65 5.08 8.36 -10.43
CA PHE A 65 4.22 7.18 -10.65
C PHE A 65 4.79 6.11 -11.62
N PRO A 66 5.57 6.46 -12.70
CA PRO A 66 6.10 5.44 -13.64
C PRO A 66 7.07 4.46 -12.99
N GLU A 67 8.00 4.96 -12.17
CA GLU A 67 8.99 4.12 -11.49
C GLU A 67 8.43 3.45 -10.22
N PHE A 68 7.17 3.74 -9.87
CA PHE A 68 6.50 3.16 -8.70
C PHE A 68 6.48 1.63 -8.76
N LEU A 69 5.86 1.12 -9.82
CA LEU A 69 5.74 -0.32 -10.07
C LEU A 69 7.07 -0.93 -10.55
N THR A 70 8.06 -0.07 -10.72
CA THR A 70 9.39 -0.44 -11.20
C THR A 70 10.22 -1.17 -10.12
N MET A 71 10.23 -0.63 -8.90
CA MET A 71 10.99 -1.20 -7.78
C MET A 71 10.33 -2.46 -7.19
N MET A 72 9.00 -2.44 -7.04
CA MET A 72 8.25 -3.57 -6.45
C MET A 72 8.21 -4.81 -7.36
N ALA A 73 8.10 -4.59 -8.67
CA ALA A 73 8.04 -5.69 -9.65
C ALA A 73 9.36 -6.44 -9.81
N ARG A 74 10.45 -5.86 -9.28
CA ARG A 74 11.79 -6.47 -9.35
C ARG A 74 11.94 -7.65 -8.40
N LYS A 75 11.84 -7.38 -7.08
CA LYS A 75 11.97 -8.42 -6.04
C LYS A 75 10.73 -9.30 -5.93
N MET A 76 9.68 -8.94 -6.68
CA MET A 76 8.43 -9.71 -6.69
C MET A 76 8.56 -10.91 -7.65
N LYS A 77 9.79 -11.14 -8.15
CA LYS A 77 10.08 -12.21 -9.10
C LYS A 77 10.88 -13.35 -8.46
N ASP A 78 11.03 -13.34 -7.13
CA ASP A 78 11.82 -14.38 -6.43
C ASP A 78 10.92 -15.42 -5.77
N THR A 79 9.61 -15.24 -5.94
CA THR A 79 8.55 -16.13 -5.40
C THR A 79 8.57 -16.20 -3.86
N ASP A 80 9.53 -15.52 -3.25
CA ASP A 80 9.63 -15.44 -1.80
C ASP A 80 8.99 -14.12 -1.38
N SER A 81 8.10 -13.65 -2.28
CA SER A 81 7.38 -12.40 -2.13
C SER A 81 6.28 -12.45 -1.05
N GLU A 82 6.08 -13.65 -0.48
CA GLU A 82 5.09 -13.88 0.57
C GLU A 82 5.48 -13.18 1.87
N GLU A 83 6.76 -12.84 1.98
CA GLU A 83 7.30 -12.14 3.14
C GLU A 83 6.91 -10.65 3.09
N GLU A 84 6.48 -10.20 1.89
CA GLU A 84 6.03 -8.83 1.67
C GLU A 84 4.57 -8.64 2.13
N ILE A 85 3.73 -9.66 1.83
CA ILE A 85 2.30 -9.61 2.18
C ILE A 85 2.05 -9.80 3.67
N ARG A 86 2.90 -10.59 4.34
CA ARG A 86 2.79 -10.78 5.80
C ARG A 86 2.82 -9.41 6.49
N GLU A 87 3.48 -8.47 5.80
CA GLU A 87 3.61 -7.08 6.21
C GLU A 87 2.32 -6.30 6.00
N ALA A 88 1.64 -6.56 4.87
CA ALA A 88 0.39 -5.89 4.55
C ALA A 88 -0.77 -6.43 5.42
N PHE A 89 -0.74 -7.74 5.67
CA PHE A 89 -1.76 -8.42 6.48
C PHE A 89 -1.63 -8.10 7.97
N ARG A 90 -0.41 -7.86 8.44
CA ARG A 90 -0.18 -7.55 9.85
C ARG A 90 -0.65 -6.12 10.21
N VAL A 91 -0.64 -5.23 9.20
CA VAL A 91 -1.10 -3.83 9.38
C VAL A 91 -2.63 -3.77 9.41
N PHE A 92 -3.28 -4.61 8.58
CA PHE A 92 -4.75 -4.67 8.51
C PHE A 92 -5.32 -5.52 9.64
N ASP A 93 -4.82 -6.75 9.73
CA ASP A 93 -5.22 -7.70 10.75
C ASP A 93 -4.20 -7.66 11.90
N LYS A 94 -4.40 -6.70 12.82
CA LYS A 94 -3.49 -6.47 13.96
C LYS A 94 -3.46 -7.60 15.00
N ASP A 95 -4.63 -8.17 15.32
CA ASP A 95 -4.72 -9.23 16.33
C ASP A 95 -4.71 -10.63 15.73
N GLY A 96 -4.55 -10.68 14.42
CA GLY A 96 -4.52 -11.93 13.65
C GLY A 96 -5.60 -12.92 13.99
N ASN A 97 -6.85 -12.52 13.80
CA ASN A 97 -7.98 -13.41 14.03
C ASN A 97 -8.08 -14.36 12.82
N GLY A 98 -6.98 -14.40 12.04
CA GLY A 98 -6.92 -15.22 10.83
C GLY A 98 -7.58 -14.54 9.63
N TYR A 99 -8.43 -13.54 9.91
CA TYR A 99 -9.14 -12.78 8.88
C TYR A 99 -8.98 -11.27 9.11
N ILE A 100 -9.53 -10.45 8.20
CA ILE A 100 -9.42 -8.99 8.32
C ILE A 100 -10.70 -8.38 8.91
N SER A 101 -10.59 -7.87 10.14
CA SER A 101 -11.71 -7.26 10.85
C SER A 101 -11.95 -5.82 10.41
N ALA A 102 -13.23 -5.42 10.44
CA ALA A 102 -13.66 -4.06 10.04
C ALA A 102 -13.20 -2.99 11.03
N ALA A 103 -13.09 -3.37 12.31
CA ALA A 103 -12.68 -2.46 13.38
C ALA A 103 -11.21 -2.03 13.25
N GLU A 104 -10.36 -2.93 12.73
CA GLU A 104 -8.94 -2.66 12.55
C GLU A 104 -8.68 -1.78 11.32
N LEU A 105 -9.46 -1.99 10.25
CA LEU A 105 -9.35 -1.20 9.01
C LEU A 105 -9.71 0.26 9.26
N ARG A 106 -10.68 0.49 10.15
CA ARG A 106 -11.13 1.83 10.51
C ARG A 106 -10.00 2.63 11.15
N HIS A 107 -9.32 1.99 12.11
CA HIS A 107 -8.18 2.59 12.84
C HIS A 107 -7.09 3.09 11.89
N VAL A 108 -6.90 2.39 10.77
CA VAL A 108 -5.91 2.76 9.77
C VAL A 108 -6.32 4.03 9.04
N MET A 109 -7.62 4.13 8.84
CA MET A 109 -8.27 5.26 8.17
C MET A 109 -8.36 6.47 9.11
N THR A 110 -8.66 6.18 10.39
CA THR A 110 -8.78 7.20 11.43
C THR A 110 -7.41 7.72 11.88
N ASN A 111 -6.37 6.88 11.75
CA ASN A 111 -5.00 7.24 12.15
C ASN A 111 -4.37 8.20 11.15
N LEU A 112 -4.93 8.23 9.93
CA LEU A 112 -4.47 9.08 8.86
C LEU A 112 -5.00 10.52 9.00
N GLY A 113 -5.87 10.73 9.99
CA GLY A 113 -6.47 12.05 10.23
C GLY A 113 -7.76 12.26 9.47
N GLU A 114 -8.54 11.19 9.28
CA GLU A 114 -9.81 11.24 8.56
C GLU A 114 -10.89 10.46 9.32
N LYS A 115 -12.15 10.87 9.12
CA LYS A 115 -13.29 10.22 9.77
C LYS A 115 -14.36 9.83 8.76
N LEU A 116 -14.47 8.53 8.49
CA LEU A 116 -15.45 8.00 7.54
C LEU A 116 -16.40 7.01 8.23
N THR A 117 -17.57 6.80 7.61
CA THR A 117 -18.59 5.88 8.15
C THR A 117 -18.28 4.41 7.82
N ASP A 118 -18.97 3.50 8.54
CA ASP A 118 -18.79 2.04 8.38
C ASP A 118 -19.36 1.53 7.04
N GLU A 119 -20.35 2.26 6.50
CA GLU A 119 -21.02 1.92 5.24
C GLU A 119 -20.04 1.72 4.07
N GLU A 120 -18.92 2.47 4.10
CA GLU A 120 -17.88 2.38 3.06
C GLU A 120 -17.02 1.13 3.23
N VAL A 121 -16.88 0.71 4.49
CA VAL A 121 -16.11 -0.47 4.88
C VAL A 121 -16.75 -1.75 4.32
N ASP A 122 -18.09 -1.74 4.21
CA ASP A 122 -18.86 -2.87 3.68
C ASP A 122 -18.50 -3.11 2.20
N GLU A 123 -18.15 -2.01 1.53
CA GLU A 123 -17.76 -2.00 0.11
C GLU A 123 -16.44 -2.75 -0.14
N MET A 124 -15.55 -2.73 0.87
CA MET A 124 -14.23 -3.36 0.76
C MET A 124 -14.36 -4.88 0.87
N ILE A 125 -15.36 -5.26 1.64
CA ILE A 125 -15.69 -6.65 1.92
C ILE A 125 -16.31 -7.37 0.74
N ARG A 126 -17.17 -6.67 0.01
CA ARG A 126 -17.83 -7.22 -1.16
C ARG A 126 -16.82 -7.34 -2.31
N GLU A 127 -15.72 -6.60 -2.13
CA GLU A 127 -14.65 -6.53 -3.11
C GLU A 127 -13.61 -7.65 -2.92
N ALA A 128 -13.49 -8.13 -1.67
CA ALA A 128 -12.51 -9.19 -1.36
C ALA A 128 -13.12 -10.40 -0.66
N ASP A 129 -14.34 -10.29 -0.11
CA ASP A 129 -14.96 -11.44 0.58
C ASP A 129 -15.81 -12.26 -0.39
N ILE A 130 -15.38 -13.51 -0.57
CA ILE A 130 -16.00 -14.49 -1.47
C ILE A 130 -17.26 -15.08 -0.87
N ASP A 131 -17.20 -15.36 0.43
CA ASP A 131 -18.34 -15.89 1.16
C ASP A 131 -19.01 -14.76 1.94
N GLY A 132 -18.43 -13.55 1.80
CA GLY A 132 -18.94 -12.33 2.42
C GLY A 132 -19.14 -12.45 3.92
N ASP A 133 -18.07 -12.82 4.62
CA ASP A 133 -18.10 -12.98 6.08
C ASP A 133 -17.82 -11.65 6.81
N GLY A 134 -17.44 -10.62 6.05
CA GLY A 134 -17.15 -9.30 6.64
C GLY A 134 -15.70 -9.13 7.06
N GLN A 135 -14.91 -10.21 6.96
CA GLN A 135 -13.49 -10.18 7.33
C GLN A 135 -12.64 -10.76 6.20
N VAL A 136 -11.46 -10.17 5.96
CA VAL A 136 -10.60 -10.64 4.84
C VAL A 136 -9.38 -11.46 5.26
N ASN A 137 -9.21 -12.59 4.56
CA ASN A 137 -8.11 -13.52 4.81
C ASN A 137 -6.94 -13.29 3.85
N TYR A 138 -5.79 -13.84 4.26
CA TYR A 138 -4.51 -13.75 3.52
C TYR A 138 -4.53 -14.47 2.17
N GLU A 139 -5.34 -15.52 2.07
CA GLU A 139 -5.43 -16.37 0.87
C GLU A 139 -6.18 -15.64 -0.23
N GLU A 140 -7.22 -14.92 0.20
CA GLU A 140 -8.03 -14.08 -0.68
C GLU A 140 -7.24 -12.82 -0.94
N PHE A 141 -6.47 -12.44 0.09
CA PHE A 141 -5.61 -11.28 0.07
C PHE A 141 -4.50 -11.40 -0.97
N VAL A 142 -3.98 -12.62 -1.13
CA VAL A 142 -2.93 -12.94 -2.08
C VAL A 142 -3.44 -12.81 -3.53
N GLN A 143 -4.65 -13.35 -3.74
CA GLN A 143 -5.32 -13.33 -5.04
C GLN A 143 -5.68 -11.90 -5.50
N MET A 144 -5.89 -11.00 -4.53
CA MET A 144 -6.25 -9.60 -4.81
C MET A 144 -5.07 -8.80 -5.38
N MET A 145 -3.84 -9.28 -5.15
CA MET A 145 -2.63 -8.62 -5.65
C MET A 145 -2.32 -9.02 -7.10
N THR A 146 -2.61 -10.28 -7.43
CA THR A 146 -2.37 -10.80 -8.79
C THR A 146 -3.64 -10.74 -9.67
N ALA A 147 -4.70 -10.10 -9.14
CA ALA A 147 -5.97 -9.96 -9.85
C ALA A 147 -6.00 -8.69 -10.69
N LYS A 148 -6.81 -8.71 -11.76
CA LYS A 148 -6.96 -7.58 -12.68
C LYS A 148 -8.16 -6.70 -12.27
N LEU B 1 -11.02 -3.85 -1.03
CA LEU B 1 -9.55 -3.84 -0.91
C LEU B 1 -8.87 -4.28 -2.21
N LYS B 2 -8.08 -3.37 -2.79
CA LYS B 2 -7.34 -3.61 -4.05
C LYS B 2 -6.33 -2.48 -4.27
N VAL B 3 -6.76 -1.25 -4.00
CA VAL B 3 -5.91 -0.06 -4.14
C VAL B 3 -5.19 0.22 -2.80
N LEU B 4 -5.89 -0.06 -1.69
CA LEU B 4 -5.36 0.11 -0.34
C LEU B 4 -4.33 -0.97 0.01
N VAL B 5 -4.30 -2.03 -0.82
CA VAL B 5 -3.39 -3.17 -0.63
C VAL B 5 -2.00 -2.88 -1.23
N LYS B 6 -1.97 -2.05 -2.29
CA LYS B 6 -0.72 -1.69 -2.97
C LYS B 6 0.10 -0.65 -2.19
N ALA B 7 -0.58 0.20 -1.42
CA ALA B 7 0.06 1.25 -0.61
C ALA B 7 0.81 0.68 0.60
N VAL B 8 0.24 -0.37 1.21
CA VAL B 8 0.84 -1.02 2.40
C VAL B 8 2.02 -1.92 2.00
N LEU B 9 1.88 -2.60 0.85
CA LEU B 9 2.92 -3.50 0.31
C LEU B 9 4.12 -2.69 -0.22
N PHE B 10 3.83 -1.47 -0.70
CA PHE B 10 4.83 -0.56 -1.26
C PHE B 10 5.72 0.04 -0.15
N ALA B 11 5.14 0.25 1.04
CA ALA B 11 5.85 0.82 2.20
C ALA B 11 6.86 -0.16 2.81
N CYS B 12 6.64 -1.47 2.57
CA CYS B 12 7.52 -2.53 3.08
C CYS B 12 8.83 -2.65 2.28
N MET B 13 8.82 -2.15 1.03
CA MET B 13 10.00 -2.21 0.15
C MET B 13 10.92 -1.01 0.34
N LEU B 14 10.44 0.02 1.05
CA LEU B 14 11.22 1.24 1.29
C LEU B 14 11.91 1.21 2.66
N MET B 15 11.33 0.46 3.61
CA MET B 15 11.88 0.34 4.97
C MET B 15 12.91 -0.78 5.07
N ARG B 16 13.00 -1.61 4.02
CA ARG B 16 13.95 -2.73 3.97
C ARG B 16 15.32 -2.29 3.45
N LYS B 17 15.42 -1.02 3.05
CA LYS B 17 16.67 -0.46 2.53
C LYS B 17 17.11 0.76 3.35
N ALA A 1 -3.46 -11.37 -21.93
CA ALA A 1 -4.01 -12.63 -21.36
C ALA A 1 -3.17 -13.13 -20.19
N ASP A 2 -1.84 -13.05 -20.35
CA ASP A 2 -0.91 -13.50 -19.32
C ASP A 2 -0.36 -12.32 -18.52
N GLN A 3 0.01 -11.24 -19.22
CA GLN A 3 0.55 -10.04 -18.58
C GLN A 3 -0.51 -8.93 -18.54
N LEU A 4 -0.47 -8.13 -17.47
CA LEU A 4 -1.41 -7.04 -17.28
C LEU A 4 -0.74 -5.69 -17.55
N THR A 5 -1.38 -4.88 -18.40
CA THR A 5 -0.86 -3.56 -18.78
C THR A 5 -1.68 -2.42 -18.14
N GLU A 6 -2.41 -1.70 -18.97
CA GLU A 6 -3.27 -0.56 -18.56
C GLU A 6 -4.28 -0.91 -17.45
N GLU A 7 -4.35 -2.20 -17.10
CA GLU A 7 -5.26 -2.70 -16.06
C GLU A 7 -4.66 -2.42 -14.69
N GLN A 8 -3.46 -2.97 -14.49
CA GLN A 8 -2.68 -2.79 -13.27
C GLN A 8 -2.03 -1.42 -13.27
N ILE A 9 -1.71 -0.95 -14.49
CA ILE A 9 -1.09 0.35 -14.70
C ILE A 9 -2.02 1.51 -14.29
N ALA A 10 -3.34 1.30 -14.48
CA ALA A 10 -4.36 2.31 -14.11
C ALA A 10 -4.52 2.41 -12.59
N GLU A 11 -4.33 1.28 -11.90
CA GLU A 11 -4.43 1.21 -10.44
C GLU A 11 -3.18 1.80 -9.77
N PHE A 12 -2.11 1.92 -10.56
CA PHE A 12 -0.81 2.46 -10.16
C PHE A 12 -0.87 3.98 -10.04
N LYS A 13 -1.35 4.62 -11.12
CA LYS A 13 -1.51 6.08 -11.16
C LYS A 13 -2.56 6.48 -10.13
N GLU A 14 -3.55 5.59 -9.97
CA GLU A 14 -4.60 5.74 -8.99
C GLU A 14 -4.04 5.46 -7.59
N ALA A 15 -3.08 4.50 -7.52
CA ALA A 15 -2.42 4.16 -6.24
C ALA A 15 -1.41 5.23 -5.81
N PHE A 16 -0.93 6.00 -6.80
CA PHE A 16 0.04 7.08 -6.60
C PHE A 16 -0.59 8.32 -5.94
N SER A 17 -1.93 8.45 -6.04
CA SER A 17 -2.66 9.60 -5.49
C SER A 17 -2.73 9.59 -3.95
N LEU A 18 -2.42 8.45 -3.34
CA LEU A 18 -2.42 8.35 -1.87
C LEU A 18 -1.21 9.10 -1.28
N PHE A 19 -0.06 8.91 -1.93
CA PHE A 19 1.19 9.57 -1.54
C PHE A 19 1.37 10.92 -2.26
N ASP A 20 0.56 11.17 -3.29
CA ASP A 20 0.65 12.41 -4.07
C ASP A 20 -0.56 13.30 -3.79
N LYS A 21 -0.53 13.92 -2.62
CA LYS A 21 -1.59 14.83 -2.15
C LYS A 21 -1.55 16.19 -2.87
N ASP A 22 -0.56 16.37 -3.76
CA ASP A 22 -0.40 17.61 -4.52
C ASP A 22 -1.03 17.51 -5.92
N GLY A 23 -1.00 16.29 -6.48
CA GLY A 23 -1.56 16.04 -7.82
C GLY A 23 -0.64 16.44 -8.97
N ASP A 24 0.67 16.41 -8.72
CA ASP A 24 1.66 16.76 -9.74
C ASP A 24 2.46 15.53 -10.18
N GLY A 25 2.41 14.47 -9.38
CA GLY A 25 3.14 13.23 -9.66
C GLY A 25 4.48 13.20 -9.01
N THR A 26 4.44 13.38 -7.69
CA THR A 26 5.60 13.41 -6.86
C THR A 26 5.29 12.89 -5.47
N ILE A 27 6.26 12.20 -4.90
CA ILE A 27 6.13 11.67 -3.55
C ILE A 27 7.35 12.18 -2.85
N THR A 28 7.20 13.37 -2.27
CA THR A 28 8.29 14.05 -1.64
C THR A 28 8.66 13.41 -0.32
N THR A 29 9.86 13.74 0.12
CA THR A 29 10.42 13.21 1.35
C THR A 29 9.52 13.43 2.57
N LYS A 30 8.88 14.60 2.62
CA LYS A 30 7.98 14.96 3.73
C LYS A 30 6.62 14.25 3.66
N GLU A 31 6.18 13.94 2.43
CA GLU A 31 4.90 13.26 2.20
C GLU A 31 4.97 11.76 2.51
N LEU A 32 6.18 11.18 2.35
CA LEU A 32 6.42 9.75 2.60
C LEU A 32 6.44 9.46 4.10
N GLY A 33 7.11 10.34 4.87
CA GLY A 33 7.18 10.16 6.31
C GLY A 33 5.86 10.46 7.01
N THR A 34 5.03 11.31 6.38
CA THR A 34 3.69 11.63 6.91
C THR A 34 2.86 10.35 6.90
N VAL A 35 3.17 9.52 5.90
CA VAL A 35 2.59 8.20 5.73
C VAL A 35 3.24 7.25 6.74
N MET A 36 4.50 7.58 7.12
CA MET A 36 5.30 6.80 8.08
C MET A 36 4.83 7.01 9.51
N ARG A 37 4.36 8.23 9.82
CA ARG A 37 3.88 8.58 11.17
C ARG A 37 2.49 8.02 11.45
N SER A 38 1.71 7.78 10.39
CA SER A 38 0.36 7.24 10.50
C SER A 38 0.37 5.70 10.42
N LEU A 39 1.52 5.15 10.00
CA LEU A 39 1.72 3.71 9.86
C LEU A 39 2.34 3.09 11.11
N GLY A 40 2.98 3.95 11.94
CA GLY A 40 3.61 3.48 13.16
C GLY A 40 5.12 3.42 13.08
N GLN A 41 5.71 4.23 12.18
CA GLN A 41 7.16 4.28 11.99
C GLN A 41 7.68 5.70 12.18
N ASN A 42 8.84 5.82 12.83
CA ASN A 42 9.47 7.12 13.07
C ASN A 42 10.90 7.15 12.49
N PRO A 43 11.07 7.41 11.16
CA PRO A 43 12.39 7.46 10.50
C PRO A 43 13.11 8.79 10.75
N THR A 44 14.40 8.85 10.38
CA THR A 44 15.22 10.04 10.56
C THR A 44 15.34 10.81 9.24
N GLU A 45 15.92 12.03 9.31
CA GLU A 45 16.09 12.89 8.13
C GLU A 45 16.88 12.19 7.02
N ALA A 46 17.90 11.41 7.42
CA ALA A 46 18.72 10.64 6.48
C ALA A 46 17.93 9.46 5.91
N GLU A 47 16.94 9.00 6.69
CA GLU A 47 16.07 7.88 6.32
C GLU A 47 15.01 8.28 5.29
N LEU A 48 14.68 9.58 5.24
CA LEU A 48 13.69 10.12 4.30
C LEU A 48 14.25 10.20 2.87
N GLN A 49 15.44 10.81 2.74
CA GLN A 49 16.12 10.95 1.45
C GLN A 49 16.74 9.62 0.98
N ASP A 50 16.84 8.66 1.90
CA ASP A 50 17.38 7.33 1.61
C ASP A 50 16.39 6.52 0.76
N MET A 51 15.10 6.61 1.13
CA MET A 51 14.01 5.91 0.42
C MET A 51 13.75 6.54 -0.95
N ILE A 52 13.91 7.87 -1.03
CA ILE A 52 13.70 8.63 -2.26
C ILE A 52 14.77 8.36 -3.32
N ASN A 53 16.05 8.51 -2.95
CA ASN A 53 17.18 8.33 -3.87
C ASN A 53 17.24 6.92 -4.50
N GLU A 54 16.35 6.03 -4.05
CA GLU A 54 16.26 4.67 -4.55
C GLU A 54 15.48 4.64 -5.86
N VAL A 55 14.38 5.41 -5.89
CA VAL A 55 13.52 5.51 -7.08
C VAL A 55 13.62 6.89 -7.73
N ASP A 56 13.90 7.93 -6.94
CA ASP A 56 14.05 9.31 -7.45
C ASP A 56 14.91 9.39 -8.72
N ALA A 57 14.26 9.76 -9.83
CA ALA A 57 14.93 9.91 -11.13
C ALA A 57 15.67 11.23 -11.24
N ASP A 58 15.09 12.28 -10.66
CA ASP A 58 15.66 13.64 -10.68
C ASP A 58 16.67 13.86 -9.54
N GLY A 59 16.37 13.31 -8.36
CA GLY A 59 17.25 13.45 -7.20
C GLY A 59 17.09 14.77 -6.48
N ASN A 60 15.85 15.06 -6.06
CA ASN A 60 15.53 16.31 -5.33
C ASN A 60 14.67 16.03 -4.09
N GLY A 61 14.38 14.74 -3.83
CA GLY A 61 13.57 14.34 -2.70
C GLY A 61 12.13 14.07 -3.08
N THR A 62 11.90 13.70 -4.34
CA THR A 62 10.57 13.42 -4.83
C THR A 62 10.60 12.23 -5.78
N ILE A 63 9.59 11.40 -5.65
CA ILE A 63 9.45 10.20 -6.46
C ILE A 63 8.35 10.43 -7.50
N ASP A 64 8.57 9.92 -8.71
CA ASP A 64 7.59 10.09 -9.78
C ASP A 64 6.84 8.78 -10.06
N PHE A 65 5.73 8.88 -10.81
CA PHE A 65 4.87 7.73 -11.14
C PHE A 65 5.52 6.71 -12.14
N PRO A 66 6.38 7.12 -13.14
CA PRO A 66 6.98 6.16 -14.09
C PRO A 66 7.92 5.13 -13.43
N GLU A 67 8.82 5.61 -12.56
CA GLU A 67 9.76 4.72 -11.87
C GLU A 67 9.14 4.04 -10.64
N PHE A 68 7.87 4.36 -10.33
CA PHE A 68 7.18 3.74 -9.20
C PHE A 68 6.92 2.26 -9.48
N LEU A 69 6.61 1.99 -10.75
CA LEU A 69 6.37 0.65 -11.25
C LEU A 69 7.69 -0.14 -11.36
N THR A 70 8.79 0.62 -11.28
CA THR A 70 10.15 0.09 -11.38
C THR A 70 10.58 -0.67 -10.11
N MET A 71 10.26 -0.12 -8.94
CA MET A 71 10.62 -0.73 -7.65
C MET A 71 9.75 -1.96 -7.30
N MET A 72 8.47 -1.92 -7.71
CA MET A 72 7.53 -3.02 -7.42
C MET A 72 7.86 -4.29 -8.23
N ALA A 73 8.06 -4.12 -9.54
CA ALA A 73 8.39 -5.24 -10.45
C ALA A 73 9.81 -5.77 -10.24
N ARG A 74 10.66 -4.99 -9.55
CA ARG A 74 12.05 -5.35 -9.28
C ARG A 74 12.15 -6.45 -8.21
N LYS A 75 11.65 -6.14 -7.00
CA LYS A 75 11.68 -7.09 -5.87
C LYS A 75 10.62 -8.18 -6.00
N MET A 76 9.76 -8.06 -7.02
CA MET A 76 8.72 -9.06 -7.28
C MET A 76 9.32 -10.23 -8.08
N LYS A 77 10.66 -10.20 -8.26
CA LYS A 77 11.36 -11.23 -9.02
C LYS A 77 12.22 -12.14 -8.12
N ASP A 78 12.13 -11.98 -6.80
CA ASP A 78 12.93 -12.80 -5.87
C ASP A 78 12.15 -14.01 -5.34
N THR A 79 10.85 -13.99 -5.61
CA THR A 79 9.88 -15.04 -5.20
C THR A 79 9.79 -15.21 -3.68
N ASP A 80 10.65 -14.51 -2.94
CA ASP A 80 10.63 -14.51 -1.49
C ASP A 80 9.83 -13.30 -1.06
N SER A 81 8.97 -12.84 -1.99
CA SER A 81 8.12 -11.68 -1.84
C SER A 81 6.91 -11.94 -0.92
N GLU A 82 6.82 -13.18 -0.41
CA GLU A 82 5.74 -13.59 0.49
C GLU A 82 5.94 -13.00 1.88
N GLU A 83 7.17 -12.58 2.17
CA GLU A 83 7.51 -11.97 3.44
C GLU A 83 7.02 -10.51 3.49
N GLU A 84 6.70 -9.97 2.30
CA GLU A 84 6.19 -8.60 2.15
C GLU A 84 4.69 -8.54 2.45
N ILE A 85 3.95 -9.63 2.15
CA ILE A 85 2.50 -9.70 2.39
C ILE A 85 2.19 -9.84 3.86
N ARG A 86 3.11 -10.44 4.59
CA ARG A 86 2.99 -10.58 6.01
C ARG A 86 3.02 -9.20 6.64
N GLU A 87 3.65 -8.27 5.91
CA GLU A 87 3.77 -6.89 6.32
C GLU A 87 2.47 -6.12 6.08
N ALA A 88 1.75 -6.47 5.01
CA ALA A 88 0.47 -5.83 4.67
C ALA A 88 -0.64 -6.31 5.60
N PHE A 89 -0.55 -7.57 6.04
CA PHE A 89 -1.53 -8.21 6.93
C PHE A 89 -1.47 -7.66 8.35
N ARG A 90 -0.26 -7.32 8.80
CA ARG A 90 -0.06 -6.80 10.15
C ARG A 90 -0.57 -5.36 10.29
N VAL A 91 -0.59 -4.62 9.17
CA VAL A 91 -1.08 -3.23 9.13
C VAL A 91 -2.63 -3.21 9.13
N PHE A 92 -3.23 -4.21 8.46
CA PHE A 92 -4.69 -4.33 8.39
C PHE A 92 -5.26 -5.03 9.61
N ASP A 93 -4.69 -6.20 9.91
CA ASP A 93 -5.08 -6.99 11.06
C ASP A 93 -4.11 -6.70 12.23
N LYS A 94 -4.42 -5.62 12.96
CA LYS A 94 -3.58 -5.16 14.10
C LYS A 94 -3.53 -6.12 15.28
N ASP A 95 -4.67 -6.74 15.62
CA ASP A 95 -4.75 -7.65 16.76
C ASP A 95 -4.45 -9.10 16.38
N GLY A 96 -4.12 -9.27 15.10
CA GLY A 96 -3.80 -10.58 14.51
C GLY A 96 -4.75 -11.69 14.88
N ASN A 97 -6.04 -11.43 14.73
CA ASN A 97 -7.05 -12.46 14.98
C ASN A 97 -6.99 -13.49 13.85
N GLY A 98 -5.87 -13.43 13.08
CA GLY A 98 -5.67 -14.32 11.93
C GLY A 98 -6.53 -13.95 10.72
N TYR A 99 -7.41 -12.95 10.90
CA TYR A 99 -8.32 -12.48 9.85
C TYR A 99 -8.39 -10.95 9.85
N ILE A 100 -8.90 -10.37 8.74
CA ILE A 100 -9.02 -8.91 8.63
C ILE A 100 -10.46 -8.43 8.85
N SER A 101 -10.75 -8.04 10.09
CA SER A 101 -12.09 -7.56 10.48
C SER A 101 -12.32 -6.10 10.09
N ALA A 102 -13.59 -5.71 9.97
CA ALA A 102 -14.00 -4.35 9.60
C ALA A 102 -13.69 -3.32 10.70
N ALA A 103 -13.74 -3.77 11.97
CA ALA A 103 -13.48 -2.90 13.13
C ALA A 103 -12.05 -2.36 13.15
N GLU A 104 -11.09 -3.20 12.72
CA GLU A 104 -9.68 -2.84 12.66
C GLU A 104 -9.38 -1.96 11.45
N LEU A 105 -10.13 -2.17 10.36
CA LEU A 105 -9.99 -1.39 9.12
C LEU A 105 -10.33 0.08 9.36
N ARG A 106 -11.35 0.30 10.20
CA ARG A 106 -11.80 1.64 10.56
C ARG A 106 -10.67 2.45 11.18
N HIS A 107 -10.00 1.84 12.18
CA HIS A 107 -8.86 2.43 12.90
C HIS A 107 -7.78 2.93 11.94
N VAL A 108 -7.59 2.21 10.83
CA VAL A 108 -6.60 2.58 9.81
C VAL A 108 -7.03 3.84 9.07
N MET A 109 -8.34 3.93 8.92
CA MET A 109 -9.01 5.06 8.26
C MET A 109 -9.07 6.28 9.19
N THR A 110 -9.35 6.01 10.46
CA THR A 110 -9.46 7.03 11.51
C THR A 110 -8.08 7.55 11.94
N ASN A 111 -7.04 6.70 11.82
CA ASN A 111 -5.67 7.06 12.20
C ASN A 111 -5.04 8.02 11.18
N LEU A 112 -5.54 7.95 9.95
CA LEU A 112 -5.07 8.78 8.87
C LEU A 112 -5.72 10.17 8.89
N GLY A 113 -6.63 10.38 9.85
CA GLY A 113 -7.34 11.66 9.98
C GLY A 113 -8.56 11.76 9.09
N GLU A 114 -9.23 10.61 8.87
CA GLU A 114 -10.42 10.55 8.02
C GLU A 114 -11.51 9.70 8.68
N LYS A 115 -12.76 9.98 8.33
CA LYS A 115 -13.92 9.24 8.87
C LYS A 115 -14.82 8.74 7.75
N LEU A 116 -15.04 7.42 7.74
CA LEU A 116 -15.89 6.80 6.72
C LEU A 116 -17.07 6.06 7.38
N THR A 117 -18.13 5.84 6.59
CA THR A 117 -19.34 5.15 7.07
C THR A 117 -19.21 3.63 6.96
N ASP A 118 -20.09 2.91 7.67
CA ASP A 118 -20.10 1.45 7.69
C ASP A 118 -20.59 0.85 6.36
N GLU A 119 -21.48 1.57 5.68
CA GLU A 119 -22.04 1.13 4.39
C GLU A 119 -20.99 1.10 3.27
N GLU A 120 -20.04 2.05 3.33
CA GLU A 120 -18.97 2.14 2.33
C GLU A 120 -17.89 1.09 2.57
N VAL A 121 -17.71 0.75 3.85
CA VAL A 121 -16.74 -0.25 4.28
C VAL A 121 -17.11 -1.65 3.77
N ASP A 122 -18.42 -1.94 3.77
CA ASP A 122 -18.94 -3.23 3.29
C ASP A 122 -18.57 -3.46 1.82
N GLU A 123 -18.44 -2.35 1.08
CA GLU A 123 -18.06 -2.36 -0.34
C GLU A 123 -16.63 -2.86 -0.55
N MET A 124 -15.75 -2.63 0.46
CA MET A 124 -14.35 -3.04 0.39
C MET A 124 -14.20 -4.55 0.59
N ILE A 125 -15.13 -5.07 1.39
CA ILE A 125 -15.20 -6.48 1.76
C ILE A 125 -15.74 -7.36 0.66
N ARG A 126 -16.63 -6.84 -0.15
CA ARG A 126 -17.20 -7.59 -1.27
C ARG A 126 -16.14 -7.76 -2.35
N GLU A 127 -15.12 -6.91 -2.25
CA GLU A 127 -13.99 -6.88 -3.16
C GLU A 127 -12.90 -7.87 -2.72
N ALA A 128 -12.85 -8.12 -1.40
CA ALA A 128 -11.88 -9.03 -0.83
C ALA A 128 -12.51 -10.30 -0.27
N ASP A 129 -13.70 -10.19 0.33
CA ASP A 129 -14.38 -11.36 0.89
C ASP A 129 -15.17 -12.11 -0.17
N ILE A 130 -14.76 -13.35 -0.38
CA ILE A 130 -15.34 -14.26 -1.38
C ILE A 130 -16.66 -14.85 -0.90
N ASP A 131 -16.68 -15.20 0.38
CA ASP A 131 -17.89 -15.73 1.01
C ASP A 131 -18.57 -14.61 1.80
N GLY A 132 -17.95 -13.42 1.74
CA GLY A 132 -18.47 -12.23 2.39
C GLY A 132 -18.74 -12.39 3.87
N ASP A 133 -17.71 -12.80 4.61
CA ASP A 133 -17.81 -13.01 6.06
C ASP A 133 -17.43 -11.73 6.84
N GLY A 134 -16.93 -10.71 6.13
CA GLY A 134 -16.54 -9.45 6.77
C GLY A 134 -15.12 -9.46 7.32
N GLN A 135 -14.36 -10.52 7.02
CA GLN A 135 -12.98 -10.67 7.48
C GLN A 135 -12.06 -11.05 6.32
N VAL A 136 -10.83 -10.49 6.31
CA VAL A 136 -9.90 -10.80 5.23
C VAL A 136 -8.68 -11.60 5.68
N ASN A 137 -8.51 -12.77 5.05
CA ASN A 137 -7.40 -13.67 5.36
C ASN A 137 -6.25 -13.50 4.35
N TYR A 138 -5.15 -14.23 4.59
CA TYR A 138 -3.93 -14.21 3.74
C TYR A 138 -4.17 -14.86 2.37
N GLU A 139 -5.07 -15.83 2.35
CA GLU A 139 -5.41 -16.61 1.15
C GLU A 139 -6.25 -15.75 0.22
N GLU A 140 -7.11 -14.96 0.88
CA GLU A 140 -7.98 -14.00 0.22
C GLU A 140 -7.13 -12.80 -0.15
N PHE A 141 -6.14 -12.55 0.72
CA PHE A 141 -5.19 -11.46 0.57
C PHE A 141 -4.28 -11.66 -0.65
N VAL A 142 -3.82 -12.89 -0.83
CA VAL A 142 -2.95 -13.28 -1.94
C VAL A 142 -3.65 -13.07 -3.29
N GLN A 143 -4.93 -13.46 -3.33
CA GLN A 143 -5.79 -13.32 -4.53
C GLN A 143 -5.97 -11.87 -4.98
N MET A 144 -5.89 -10.93 -4.01
CA MET A 144 -6.03 -9.49 -4.28
C MET A 144 -4.93 -8.94 -5.19
N MET A 145 -3.72 -9.50 -5.04
CA MET A 145 -2.56 -9.09 -5.84
C MET A 145 -2.62 -9.64 -7.27
N THR A 146 -3.17 -10.86 -7.41
CA THR A 146 -3.31 -11.52 -8.70
C THR A 146 -4.70 -11.27 -9.32
N ALA A 147 -5.50 -10.40 -8.68
CA ALA A 147 -6.84 -10.07 -9.16
C ALA A 147 -6.82 -8.92 -10.16
N LYS A 148 -7.86 -8.85 -11.00
CA LYS A 148 -7.99 -7.80 -12.02
C LYS A 148 -8.80 -6.61 -11.48
N LEU B 1 -10.98 -4.14 -1.05
CA LEU B 1 -9.52 -3.90 -0.88
C LEU B 1 -8.75 -4.35 -2.11
N LYS B 2 -8.09 -3.39 -2.79
CA LYS B 2 -7.31 -3.65 -4.01
C LYS B 2 -6.32 -2.50 -4.26
N VAL B 3 -6.80 -1.26 -4.09
CA VAL B 3 -5.97 -0.05 -4.29
C VAL B 3 -5.21 0.28 -3.00
N LEU B 4 -5.89 0.15 -1.86
CA LEU B 4 -5.30 0.42 -0.54
C LEU B 4 -4.35 -0.71 -0.12
N VAL B 5 -4.40 -1.83 -0.85
CA VAL B 5 -3.55 -3.00 -0.57
C VAL B 5 -2.15 -2.81 -1.19
N LYS B 6 -2.10 -2.15 -2.35
CA LYS B 6 -0.84 -1.88 -3.07
C LYS B 6 -0.04 -0.74 -2.43
N ALA B 7 -0.77 0.20 -1.79
CA ALA B 7 -0.15 1.36 -1.12
C ALA B 7 0.67 0.97 0.11
N VAL B 8 0.20 -0.06 0.83
CA VAL B 8 0.86 -0.57 2.05
C VAL B 8 2.10 -1.41 1.68
N LEU B 9 2.01 -2.14 0.57
CA LEU B 9 3.10 -3.00 0.07
C LEU B 9 4.36 -2.21 -0.30
N PHE B 10 4.17 -0.96 -0.74
CA PHE B 10 5.30 -0.09 -1.14
C PHE B 10 6.09 0.42 0.07
N ALA B 11 5.38 0.75 1.16
CA ALA B 11 6.01 1.25 2.38
C ALA B 11 6.77 0.15 3.13
N CYS B 12 6.40 -1.12 2.87
CA CYS B 12 7.03 -2.29 3.48
C CYS B 12 8.40 -2.60 2.85
N MET B 13 8.56 -2.24 1.57
CA MET B 13 9.80 -2.47 0.83
C MET B 13 10.80 -1.33 1.02
N LEU B 14 10.29 -0.15 1.39
CA LEU B 14 11.12 1.04 1.61
C LEU B 14 11.65 1.11 3.05
N MET B 15 11.07 0.29 3.93
CA MET B 15 11.46 0.24 5.34
C MET B 15 12.49 -0.88 5.61
N ARG B 16 12.73 -1.72 4.60
CA ARG B 16 13.69 -2.82 4.71
C ARG B 16 15.11 -2.38 4.32
N LYS B 17 15.23 -1.12 3.89
CA LYS B 17 16.52 -0.54 3.49
C LYS B 17 17.11 0.30 4.62
N ALA A 1 0.29 -15.78 -12.91
CA ALA A 1 -0.07 -16.14 -14.31
C ALA A 1 -0.78 -14.98 -15.00
N ASP A 2 -0.31 -14.66 -16.23
CA ASP A 2 -0.87 -13.56 -17.07
C ASP A 2 -0.68 -12.19 -16.41
N GLN A 3 -0.14 -11.24 -17.18
CA GLN A 3 0.11 -9.88 -16.70
C GLN A 3 -0.94 -8.92 -17.24
N LEU A 4 -1.30 -7.92 -16.42
CA LEU A 4 -2.29 -6.92 -16.79
C LEU A 4 -1.62 -5.62 -17.25
N THR A 5 -2.33 -4.86 -18.08
CA THR A 5 -1.83 -3.59 -18.62
C THR A 5 -2.54 -2.40 -17.99
N GLU A 6 -3.22 -1.63 -18.82
CA GLU A 6 -3.99 -0.41 -18.43
C GLU A 6 -4.98 -0.66 -17.28
N GLU A 7 -5.18 -1.93 -16.92
CA GLU A 7 -6.09 -2.33 -15.85
C GLU A 7 -5.42 -2.10 -14.50
N GLN A 8 -4.26 -2.74 -14.35
CA GLN A 8 -3.41 -2.62 -13.16
C GLN A 8 -2.66 -1.31 -13.21
N ILE A 9 -2.41 -0.84 -14.44
CA ILE A 9 -1.70 0.40 -14.70
C ILE A 9 -2.51 1.63 -14.25
N ALA A 10 -3.85 1.55 -14.42
CA ALA A 10 -4.75 2.64 -14.02
C ALA A 10 -4.89 2.73 -12.50
N GLU A 11 -4.80 1.57 -11.84
CA GLU A 11 -4.90 1.48 -10.36
C GLU A 11 -3.60 1.92 -9.69
N PHE A 12 -2.50 1.89 -10.47
CA PHE A 12 -1.16 2.27 -10.05
C PHE A 12 -1.03 3.78 -9.95
N LYS A 13 -1.41 4.47 -11.04
CA LYS A 13 -1.39 5.95 -11.09
C LYS A 13 -2.41 6.47 -10.08
N GLU A 14 -3.50 5.69 -9.93
CA GLU A 14 -4.53 5.96 -8.96
C GLU A 14 -4.02 5.62 -7.56
N ALA A 15 -3.14 4.60 -7.48
CA ALA A 15 -2.52 4.21 -6.20
C ALA A 15 -1.45 5.22 -5.77
N PHE A 16 -0.92 5.96 -6.76
CA PHE A 16 0.10 6.99 -6.53
C PHE A 16 -0.50 8.27 -5.90
N SER A 17 -1.83 8.43 -6.03
CA SER A 17 -2.53 9.61 -5.49
C SER A 17 -2.60 9.63 -3.96
N LEU A 18 -2.41 8.46 -3.33
CA LEU A 18 -2.42 8.36 -1.86
C LEU A 18 -1.16 9.03 -1.29
N PHE A 19 -0.03 8.79 -1.96
CA PHE A 19 1.26 9.35 -1.59
C PHE A 19 1.52 10.70 -2.29
N ASP A 20 0.68 11.04 -3.28
CA ASP A 20 0.83 12.28 -4.03
C ASP A 20 -0.36 13.21 -3.77
N LYS A 21 -0.32 13.85 -2.60
CA LYS A 21 -1.35 14.79 -2.15
C LYS A 21 -1.28 16.14 -2.88
N ASP A 22 -0.28 16.30 -3.77
CA ASP A 22 -0.09 17.53 -4.53
C ASP A 22 -0.71 17.43 -5.94
N GLY A 23 -0.68 16.21 -6.50
CA GLY A 23 -1.24 15.97 -7.84
C GLY A 23 -0.29 16.34 -8.98
N ASP A 24 1.02 16.26 -8.71
CA ASP A 24 2.04 16.58 -9.71
C ASP A 24 2.80 15.33 -10.15
N GLY A 25 2.72 14.28 -9.33
CA GLY A 25 3.40 13.02 -9.62
C GLY A 25 4.76 12.95 -9.00
N THR A 26 4.77 13.24 -7.71
CA THR A 26 5.96 13.24 -6.91
C THR A 26 5.66 12.88 -5.47
N ILE A 27 6.50 12.03 -4.90
CA ILE A 27 6.33 11.69 -3.49
C ILE A 27 7.59 12.16 -2.82
N THR A 28 7.50 13.37 -2.30
CA THR A 28 8.62 14.04 -1.70
C THR A 28 8.95 13.43 -0.36
N THR A 29 10.18 13.68 0.08
CA THR A 29 10.69 13.17 1.34
C THR A 29 9.81 13.53 2.54
N LYS A 30 9.21 14.73 2.48
CA LYS A 30 8.33 15.23 3.55
C LYS A 30 6.96 14.56 3.51
N GLU A 31 6.48 14.25 2.31
CA GLU A 31 5.17 13.62 2.10
C GLU A 31 5.17 12.12 2.45
N LEU A 32 6.35 11.49 2.36
CA LEU A 32 6.50 10.06 2.65
C LEU A 32 6.41 9.78 4.16
N GLY A 33 7.10 10.61 4.96
CA GLY A 33 7.07 10.45 6.41
C GLY A 33 5.73 10.86 7.02
N THR A 34 5.05 11.85 6.39
CA THR A 34 3.73 12.29 6.85
C THR A 34 2.77 11.11 6.74
N VAL A 35 2.98 10.36 5.66
CA VAL A 35 2.26 9.13 5.38
C VAL A 35 2.80 8.01 6.28
N MET A 36 4.12 8.09 6.58
CA MET A 36 4.82 7.11 7.42
C MET A 36 4.51 7.25 8.92
N ARG A 37 3.90 8.38 9.30
CA ARG A 37 3.53 8.65 10.70
C ARG A 37 2.26 7.91 11.11
N SER A 38 1.34 7.73 10.16
CA SER A 38 0.07 7.03 10.40
C SER A 38 0.24 5.50 10.28
N LEU A 39 1.43 5.08 9.84
CA LEU A 39 1.77 3.67 9.67
C LEU A 39 2.31 3.05 10.98
N GLY A 40 2.73 3.92 11.91
CA GLY A 40 3.27 3.47 13.18
C GLY A 40 4.79 3.56 13.26
N GLN A 41 5.40 4.28 12.30
CA GLN A 41 6.85 4.44 12.26
C GLN A 41 7.24 5.92 12.26
N ASN A 42 8.34 6.23 12.93
CA ASN A 42 8.85 7.60 13.01
C ASN A 42 10.23 7.72 12.33
N PRO A 43 10.27 7.95 10.99
CA PRO A 43 11.54 8.09 10.23
C PRO A 43 12.22 9.45 10.45
N THR A 44 13.51 9.51 10.13
CA THR A 44 14.29 10.74 10.27
C THR A 44 14.34 11.52 8.94
N GLU A 45 14.88 12.75 9.00
CA GLU A 45 14.99 13.62 7.81
C GLU A 45 16.01 13.05 6.81
N ALA A 46 17.16 12.59 7.33
CA ALA A 46 18.20 11.99 6.51
C ALA A 46 17.78 10.60 6.01
N GLU A 47 16.84 10.00 6.77
CA GLU A 47 16.29 8.67 6.46
C GLU A 47 15.27 8.73 5.31
N LEU A 48 14.64 9.91 5.13
CA LEU A 48 13.65 10.12 4.06
C LEU A 48 14.31 10.23 2.68
N GLN A 49 15.49 10.88 2.65
CA GLN A 49 16.26 11.05 1.40
C GLN A 49 16.93 9.75 0.95
N ASP A 50 17.08 8.82 1.90
CA ASP A 50 17.67 7.51 1.65
C ASP A 50 16.70 6.63 0.83
N MET A 51 15.42 6.66 1.21
CA MET A 51 14.36 5.89 0.54
C MET A 51 14.05 6.48 -0.85
N ILE A 52 14.11 7.81 -0.96
CA ILE A 52 13.84 8.54 -2.20
C ILE A 52 14.87 8.22 -3.30
N ASN A 53 16.16 8.31 -2.97
CA ASN A 53 17.25 8.06 -3.93
C ASN A 53 17.23 6.66 -4.55
N GLU A 54 16.32 5.81 -4.05
CA GLU A 54 16.15 4.46 -4.55
C GLU A 54 15.29 4.45 -5.81
N VAL A 55 14.21 5.24 -5.77
CA VAL A 55 13.27 5.35 -6.91
C VAL A 55 13.41 6.70 -7.61
N ASP A 56 13.85 7.73 -6.88
CA ASP A 56 14.06 9.08 -7.44
C ASP A 56 14.88 9.05 -8.74
N ALA A 57 14.24 9.47 -9.84
CA ALA A 57 14.87 9.54 -11.16
C ALA A 57 15.74 10.79 -11.33
N ASP A 58 15.28 11.91 -10.76
CA ASP A 58 15.99 13.20 -10.85
C ASP A 58 16.98 13.40 -9.70
N GLY A 59 16.64 12.88 -8.51
CA GLY A 59 17.49 13.01 -7.34
C GLY A 59 17.38 14.36 -6.64
N ASN A 60 16.16 14.73 -6.25
CA ASN A 60 15.89 16.00 -5.56
C ASN A 60 15.01 15.79 -4.31
N GLY A 61 14.67 14.53 -4.02
CA GLY A 61 13.83 14.20 -2.88
C GLY A 61 12.37 14.00 -3.25
N THR A 62 12.12 13.57 -4.49
CA THR A 62 10.77 13.34 -4.97
C THR A 62 10.77 12.22 -5.99
N ILE A 63 9.68 11.48 -6.00
CA ILE A 63 9.52 10.34 -6.91
C ILE A 63 8.29 10.47 -7.80
N ASP A 64 8.48 10.13 -9.09
CA ASP A 64 7.41 10.20 -10.07
C ASP A 64 6.69 8.84 -10.18
N PHE A 65 5.56 8.82 -10.91
CA PHE A 65 4.73 7.61 -11.10
C PHE A 65 5.39 6.52 -11.98
N PRO A 66 6.22 6.83 -13.04
CA PRO A 66 6.83 5.79 -13.91
C PRO A 66 7.77 4.84 -13.16
N GLU A 67 8.64 5.39 -12.29
CA GLU A 67 9.59 4.56 -11.53
C GLU A 67 8.96 3.90 -10.30
N PHE A 68 7.70 4.24 -9.99
CA PHE A 68 6.97 3.64 -8.86
C PHE A 68 6.84 2.13 -9.05
N LEU A 69 6.52 1.74 -10.28
CA LEU A 69 6.36 0.35 -10.67
C LEU A 69 7.73 -0.36 -10.78
N THR A 70 8.79 0.45 -10.82
CA THR A 70 10.16 -0.01 -10.95
C THR A 70 10.64 -0.83 -9.73
N MET A 71 10.50 -0.24 -8.53
CA MET A 71 10.92 -0.89 -7.29
C MET A 71 9.97 -2.02 -6.83
N MET A 72 8.66 -1.83 -7.06
CA MET A 72 7.64 -2.82 -6.65
C MET A 72 7.69 -4.11 -7.48
N ALA A 73 7.65 -3.97 -8.81
CA ALA A 73 7.68 -5.11 -9.74
C ALA A 73 9.05 -5.80 -9.80
N ARG A 74 10.06 -5.21 -9.17
CA ARG A 74 11.43 -5.76 -9.16
C ARG A 74 11.56 -6.99 -8.26
N LYS A 75 11.44 -6.80 -6.94
CA LYS A 75 11.56 -7.90 -5.97
C LYS A 75 10.29 -8.76 -5.90
N MET A 76 9.24 -8.33 -6.59
CA MET A 76 7.98 -9.08 -6.64
C MET A 76 8.08 -10.17 -7.73
N LYS A 77 9.29 -10.37 -8.26
CA LYS A 77 9.54 -11.35 -9.31
C LYS A 77 10.35 -12.56 -8.82
N ASP A 78 10.60 -12.65 -7.50
CA ASP A 78 11.39 -13.75 -6.94
C ASP A 78 10.50 -14.85 -6.34
N THR A 79 9.19 -14.60 -6.39
CA THR A 79 8.15 -15.52 -5.87
C THR A 79 8.26 -15.76 -4.36
N ASP A 80 9.30 -15.20 -3.75
CA ASP A 80 9.53 -15.29 -2.32
C ASP A 80 8.97 -14.00 -1.70
N SER A 81 8.04 -13.40 -2.46
CA SER A 81 7.39 -12.15 -2.11
C SER A 81 6.37 -12.29 -0.97
N GLU A 82 6.18 -13.54 -0.52
CA GLU A 82 5.25 -13.86 0.58
C GLU A 82 5.73 -13.27 1.91
N GLU A 83 7.04 -12.96 1.97
CA GLU A 83 7.66 -12.36 3.13
C GLU A 83 7.31 -10.87 3.22
N GLU A 84 6.81 -10.32 2.09
CA GLU A 84 6.38 -8.93 2.02
C GLU A 84 4.95 -8.76 2.57
N ILE A 85 4.07 -9.74 2.25
CA ILE A 85 2.66 -9.71 2.71
C ILE A 85 2.53 -10.01 4.20
N ARG A 86 3.43 -10.83 4.75
CA ARG A 86 3.40 -11.12 6.19
C ARG A 86 3.51 -9.80 6.97
N GLU A 87 4.17 -8.83 6.31
CA GLU A 87 4.35 -7.48 6.82
C GLU A 87 3.10 -6.63 6.64
N ALA A 88 2.46 -6.73 5.47
CA ALA A 88 1.23 -5.97 5.19
C ALA A 88 0.04 -6.54 5.97
N PHE A 89 0.19 -7.80 6.43
CA PHE A 89 -0.84 -8.50 7.20
C PHE A 89 -0.97 -7.95 8.62
N ARG A 90 0.16 -7.66 9.26
CA ARG A 90 0.17 -7.13 10.62
C ARG A 90 -0.29 -5.66 10.66
N VAL A 91 -0.10 -4.96 9.54
CA VAL A 91 -0.51 -3.55 9.40
C VAL A 91 -2.03 -3.47 9.18
N PHE A 92 -2.58 -4.50 8.51
CA PHE A 92 -4.02 -4.58 8.23
C PHE A 92 -4.76 -5.17 9.42
N ASP A 93 -4.41 -6.40 9.77
CA ASP A 93 -5.01 -7.11 10.88
C ASP A 93 -4.09 -6.97 12.13
N LYS A 94 -4.37 -5.93 12.92
CA LYS A 94 -3.57 -5.60 14.12
C LYS A 94 -3.67 -6.64 15.25
N ASP A 95 -4.88 -7.12 15.53
CA ASP A 95 -5.10 -8.08 16.62
C ASP A 95 -5.01 -9.54 16.13
N GLY A 96 -4.66 -9.68 14.86
CA GLY A 96 -4.52 -10.99 14.20
C GLY A 96 -5.65 -11.95 14.45
N ASN A 97 -6.82 -11.65 13.91
CA ASN A 97 -7.97 -12.54 14.02
C ASN A 97 -7.83 -13.63 12.95
N GLY A 98 -6.58 -13.75 12.43
CA GLY A 98 -6.28 -14.72 11.38
C GLY A 98 -6.54 -14.15 9.99
N TYR A 99 -7.47 -13.18 9.94
CA TYR A 99 -7.86 -12.51 8.68
C TYR A 99 -8.14 -11.02 8.97
N ILE A 100 -8.40 -10.21 7.93
CA ILE A 100 -8.61 -8.77 8.11
C ILE A 100 -10.10 -8.39 8.30
N SER A 101 -10.43 -8.04 9.54
CA SER A 101 -11.79 -7.65 9.92
C SER A 101 -12.08 -6.18 9.61
N ALA A 102 -13.37 -5.85 9.50
CA ALA A 102 -13.83 -4.49 9.20
C ALA A 102 -13.59 -3.51 10.36
N ALA A 103 -13.64 -4.04 11.59
CA ALA A 103 -13.43 -3.23 12.81
C ALA A 103 -12.00 -2.69 12.92
N GLU A 104 -11.03 -3.51 12.51
CA GLU A 104 -9.61 -3.14 12.56
C GLU A 104 -9.24 -2.20 11.40
N LEU A 105 -9.89 -2.40 10.25
CA LEU A 105 -9.68 -1.57 9.06
C LEU A 105 -10.12 -0.13 9.31
N ARG A 106 -11.21 0.01 10.08
CA ARG A 106 -11.76 1.31 10.46
C ARG A 106 -10.73 2.14 11.20
N HIS A 107 -10.12 1.51 12.24
CA HIS A 107 -9.08 2.13 13.08
C HIS A 107 -7.94 2.72 12.25
N VAL A 108 -7.62 2.07 11.13
CA VAL A 108 -6.56 2.51 10.22
C VAL A 108 -7.00 3.77 9.46
N MET A 109 -8.29 3.80 9.20
CA MET A 109 -8.96 4.91 8.51
C MET A 109 -9.16 6.09 9.45
N THR A 110 -9.55 5.78 10.68
CA THR A 110 -9.80 6.78 11.74
C THR A 110 -8.50 7.35 12.32
N ASN A 111 -7.41 6.55 12.27
CA ASN A 111 -6.10 6.96 12.79
C ASN A 111 -5.43 7.99 11.88
N LEU A 112 -5.88 8.03 10.61
CA LEU A 112 -5.36 8.94 9.61
C LEU A 112 -5.99 10.34 9.73
N GLY A 113 -6.97 10.47 10.64
CA GLY A 113 -7.65 11.74 10.85
C GLY A 113 -8.86 11.92 9.95
N GLU A 114 -9.56 10.82 9.66
CA GLU A 114 -10.74 10.84 8.80
C GLU A 114 -11.87 10.00 9.42
N LYS A 115 -13.11 10.36 9.10
CA LYS A 115 -14.29 9.66 9.61
C LYS A 115 -15.22 9.26 8.47
N LEU A 116 -15.31 7.95 8.21
CA LEU A 116 -16.17 7.41 7.15
C LEU A 116 -17.20 6.44 7.72
N THR A 117 -18.29 6.23 6.96
CA THR A 117 -19.38 5.33 7.38
C THR A 117 -19.05 3.86 7.12
N ASP A 118 -19.81 2.96 7.76
CA ASP A 118 -19.62 1.51 7.64
C ASP A 118 -20.03 0.98 6.27
N GLU A 119 -20.99 1.66 5.63
CA GLU A 119 -21.51 1.29 4.31
C GLU A 119 -20.42 1.25 3.23
N GLU A 120 -19.44 2.14 3.36
CA GLU A 120 -18.31 2.22 2.41
C GLU A 120 -17.29 1.12 2.67
N VAL A 121 -17.19 0.72 3.93
CA VAL A 121 -16.28 -0.33 4.38
C VAL A 121 -16.73 -1.70 3.86
N ASP A 122 -18.04 -1.98 3.96
CA ASP A 122 -18.64 -3.24 3.48
C ASP A 122 -18.33 -3.48 2.00
N GLU A 123 -18.18 -2.37 1.26
CA GLU A 123 -17.87 -2.38 -0.17
C GLU A 123 -16.46 -2.94 -0.43
N MET A 124 -15.55 -2.77 0.55
CA MET A 124 -14.16 -3.23 0.43
C MET A 124 -14.07 -4.74 0.59
N ILE A 125 -14.98 -5.25 1.41
CA ILE A 125 -15.08 -6.67 1.74
C ILE A 125 -15.69 -7.49 0.62
N ARG A 126 -16.61 -6.90 -0.12
CA ARG A 126 -17.24 -7.59 -1.23
C ARG A 126 -16.23 -7.72 -2.38
N GLU A 127 -15.20 -6.89 -2.28
CA GLU A 127 -14.11 -6.82 -3.23
C GLU A 127 -13.02 -7.83 -2.88
N ALA A 128 -12.83 -8.04 -1.56
CA ALA A 128 -11.83 -8.96 -1.04
C ALA A 128 -12.44 -10.28 -0.58
N ASP A 129 -13.62 -10.23 0.06
CA ASP A 129 -14.26 -11.46 0.55
C ASP A 129 -15.11 -12.11 -0.54
N ILE A 130 -14.67 -13.31 -0.94
CA ILE A 130 -15.31 -14.11 -2.00
C ILE A 130 -16.57 -14.79 -1.52
N ASP A 131 -16.49 -15.29 -0.31
CA ASP A 131 -17.61 -15.95 0.34
C ASP A 131 -18.25 -14.96 1.31
N GLY A 132 -17.67 -13.75 1.37
CA GLY A 132 -18.16 -12.68 2.21
C GLY A 132 -18.23 -13.03 3.68
N ASP A 133 -17.06 -13.35 4.25
CA ASP A 133 -16.96 -13.72 5.68
C ASP A 133 -16.74 -12.50 6.58
N GLY A 134 -16.48 -11.33 5.97
CA GLY A 134 -16.27 -10.10 6.74
C GLY A 134 -14.82 -9.88 7.17
N GLN A 135 -13.96 -10.88 6.94
CA GLN A 135 -12.53 -10.79 7.31
C GLN A 135 -11.66 -11.13 6.10
N VAL A 136 -10.46 -10.51 6.01
CA VAL A 136 -9.59 -10.73 4.85
C VAL A 136 -8.37 -11.61 5.16
N ASN A 137 -8.30 -12.75 4.48
CA ASN A 137 -7.21 -13.70 4.65
C ASN A 137 -6.12 -13.47 3.62
N TYR A 138 -4.94 -14.03 3.92
CA TYR A 138 -3.74 -13.93 3.09
C TYR A 138 -3.92 -14.52 1.68
N GLU A 139 -4.77 -15.54 1.59
CA GLU A 139 -5.05 -16.28 0.34
C GLU A 139 -5.91 -15.42 -0.58
N GLU A 140 -6.88 -14.76 0.06
CA GLU A 140 -7.78 -13.82 -0.59
C GLU A 140 -6.99 -12.57 -0.89
N PHE A 141 -6.01 -12.34 -0.01
CA PHE A 141 -5.10 -11.22 -0.10
C PHE A 141 -4.11 -11.37 -1.27
N VAL A 142 -3.70 -12.61 -1.51
CA VAL A 142 -2.77 -12.97 -2.59
C VAL A 142 -3.37 -12.62 -3.97
N GLN A 143 -4.66 -12.97 -4.12
CA GLN A 143 -5.42 -12.71 -5.36
C GLN A 143 -5.69 -11.22 -5.57
N MET A 144 -5.76 -10.47 -4.45
CA MET A 144 -6.03 -9.02 -4.46
C MET A 144 -4.96 -8.22 -5.21
N MET A 145 -3.75 -8.80 -5.35
CA MET A 145 -2.63 -8.15 -6.04
C MET A 145 -2.67 -8.42 -7.55
N THR A 146 -3.13 -9.62 -7.93
CA THR A 146 -3.21 -10.03 -9.32
C THR A 146 -4.59 -9.75 -9.94
N ALA A 147 -5.56 -9.34 -9.10
CA ALA A 147 -6.92 -9.05 -9.57
C ALA A 147 -7.07 -7.58 -9.95
N LYS A 148 -7.47 -7.34 -11.22
CA LYS A 148 -7.68 -5.99 -11.78
C LYS A 148 -6.41 -5.13 -11.71
N LEU B 1 -10.89 -3.84 -1.03
CA LEU B 1 -9.39 -3.71 -1.00
C LEU B 1 -8.80 -4.02 -2.36
N LYS B 2 -8.02 -3.06 -2.89
CA LYS B 2 -7.37 -3.20 -4.21
C LYS B 2 -6.36 -2.07 -4.44
N VAL B 3 -6.74 -0.84 -4.04
CA VAL B 3 -5.88 0.34 -4.19
C VAL B 3 -5.04 0.57 -2.93
N LEU B 4 -5.66 0.34 -1.76
CA LEU B 4 -4.98 0.51 -0.46
C LEU B 4 -3.99 -0.63 -0.18
N VAL B 5 -4.04 -1.67 -1.02
CA VAL B 5 -3.15 -2.85 -0.89
C VAL B 5 -1.77 -2.56 -1.49
N LYS B 6 -1.74 -1.69 -2.51
CA LYS B 6 -0.49 -1.31 -3.20
C LYS B 6 0.34 -0.33 -2.37
N ALA B 7 -0.34 0.48 -1.53
CA ALA B 7 0.31 1.48 -0.67
C ALA B 7 1.07 0.83 0.50
N VAL B 8 0.53 -0.28 1.01
CA VAL B 8 1.16 -1.01 2.14
C VAL B 8 2.37 -1.82 1.65
N LEU B 9 2.24 -2.41 0.45
CA LEU B 9 3.31 -3.20 -0.17
C LEU B 9 4.46 -2.30 -0.64
N PHE B 10 4.11 -1.07 -1.03
CA PHE B 10 5.07 -0.06 -1.50
C PHE B 10 5.93 0.49 -0.36
N ALA B 11 5.27 0.81 0.77
CA ALA B 11 5.96 1.32 1.98
C ALA B 11 6.78 0.23 2.67
N CYS B 12 6.46 -1.03 2.38
CA CYS B 12 7.13 -2.20 2.96
C CYS B 12 8.50 -2.46 2.30
N MET B 13 8.66 -2.01 1.05
CA MET B 13 9.91 -2.20 0.29
C MET B 13 10.88 -1.03 0.49
N LEU B 14 10.38 0.12 0.98
CA LEU B 14 11.21 1.31 1.21
C LEU B 14 11.86 1.30 2.60
N MET B 15 11.26 0.55 3.53
CA MET B 15 11.77 0.45 4.91
C MET B 15 12.75 -0.72 5.07
N ARG B 16 13.18 -1.29 3.93
CA ARG B 16 14.12 -2.41 3.93
C ARG B 16 15.58 -1.92 3.83
N LYS B 17 15.76 -0.64 3.50
CA LYS B 17 17.08 -0.04 3.36
C LYS B 17 17.42 0.81 4.59
N ALA A 1 1.65 -14.58 -17.93
CA ALA A 1 2.15 -14.72 -19.31
C ALA A 1 2.09 -13.39 -20.07
N ASP A 2 0.98 -12.67 -19.90
CA ASP A 2 0.77 -11.38 -20.57
C ASP A 2 0.97 -10.23 -19.58
N GLN A 3 1.39 -9.07 -20.11
CA GLN A 3 1.61 -7.88 -19.30
C GLN A 3 0.47 -6.89 -19.45
N LEU A 4 0.16 -6.18 -18.36
CA LEU A 4 -0.91 -5.19 -18.34
C LEU A 4 -0.35 -3.77 -18.32
N THR A 5 -1.03 -2.88 -19.04
CA THR A 5 -0.63 -1.47 -19.14
C THR A 5 -1.57 -0.56 -18.35
N GLU A 6 -2.31 0.26 -19.09
CA GLU A 6 -3.30 1.23 -18.54
C GLU A 6 -4.32 0.60 -17.57
N GLU A 7 -4.30 -0.74 -17.49
CA GLU A 7 -5.22 -1.50 -16.62
C GLU A 7 -4.72 -1.44 -15.19
N GLN A 8 -3.49 -1.92 -15.01
CA GLN A 8 -2.78 -1.91 -13.74
C GLN A 8 -2.26 -0.50 -13.45
N ILE A 9 -1.88 0.18 -14.55
CA ILE A 9 -1.37 1.55 -14.50
C ILE A 9 -2.40 2.53 -13.88
N ALA A 10 -3.68 2.25 -14.13
CA ALA A 10 -4.79 3.06 -13.62
C ALA A 10 -5.00 2.89 -12.11
N GLU A 11 -4.64 1.69 -11.60
CA GLU A 11 -4.76 1.36 -10.17
C GLU A 11 -3.63 2.00 -9.37
N PHE A 12 -2.49 2.14 -10.06
CA PHE A 12 -1.27 2.73 -9.57
C PHE A 12 -1.39 4.25 -9.49
N LYS A 13 -2.06 4.83 -10.51
CA LYS A 13 -2.33 6.27 -10.57
C LYS A 13 -3.32 6.60 -9.46
N GLU A 14 -4.24 5.65 -9.26
CA GLU A 14 -5.22 5.72 -8.20
C GLU A 14 -4.54 5.44 -6.86
N ALA A 15 -3.54 4.52 -6.89
CA ALA A 15 -2.77 4.18 -5.67
C ALA A 15 -1.75 5.27 -5.32
N PHE A 16 -1.39 6.08 -6.31
CA PHE A 16 -0.41 7.17 -6.16
C PHE A 16 -0.99 8.39 -5.43
N SER A 17 -2.33 8.50 -5.38
CA SER A 17 -3.01 9.61 -4.72
C SER A 17 -2.94 9.56 -3.20
N LEU A 18 -2.75 8.36 -2.64
CA LEU A 18 -2.64 8.18 -1.18
C LEU A 18 -1.34 8.82 -0.67
N PHE A 19 -0.27 8.67 -1.47
CA PHE A 19 1.04 9.23 -1.15
C PHE A 19 1.20 10.64 -1.73
N ASP A 20 0.39 10.96 -2.76
CA ASP A 20 0.43 12.26 -3.42
C ASP A 20 -0.90 12.99 -3.23
N LYS A 21 -1.02 13.63 -2.07
CA LYS A 21 -2.22 14.40 -1.71
C LYS A 21 -2.31 15.74 -2.47
N ASP A 22 -1.34 16.00 -3.36
CA ASP A 22 -1.30 17.22 -4.16
C ASP A 22 -1.88 16.98 -5.56
N GLY A 23 -1.64 15.78 -6.10
CA GLY A 23 -2.13 15.41 -7.43
C GLY A 23 -1.27 15.94 -8.58
N ASP A 24 0.05 15.97 -8.36
CA ASP A 24 1.00 16.43 -9.38
C ASP A 24 1.86 15.27 -9.91
N GLY A 25 1.87 14.16 -9.17
CA GLY A 25 2.65 12.98 -9.54
C GLY A 25 4.01 13.00 -8.95
N THR A 26 4.02 13.19 -7.65
CA THR A 26 5.21 13.25 -6.85
C THR A 26 4.94 12.74 -5.46
N ILE A 27 5.93 12.06 -4.90
CA ILE A 27 5.84 11.55 -3.55
C ILE A 27 7.10 12.03 -2.89
N THR A 28 6.98 13.21 -2.31
CA THR A 28 8.09 13.88 -1.71
C THR A 28 8.50 13.22 -0.41
N THR A 29 9.73 13.49 -0.01
CA THR A 29 10.31 12.96 1.20
C THR A 29 9.44 13.23 2.44
N LYS A 30 8.79 14.41 2.44
CA LYS A 30 7.93 14.83 3.56
C LYS A 30 6.58 14.09 3.56
N GLU A 31 6.05 13.82 2.37
CA GLU A 31 4.76 13.12 2.22
C GLU A 31 4.86 11.62 2.51
N LEU A 32 6.07 11.06 2.32
CA LEU A 32 6.32 9.63 2.57
C LEU A 32 6.37 9.34 4.07
N GLY A 33 7.06 10.20 4.83
CA GLY A 33 7.16 10.01 6.28
C GLY A 33 5.87 10.32 7.00
N THR A 34 5.05 11.24 6.43
CA THR A 34 3.74 11.57 7.00
C THR A 34 2.87 10.31 6.96
N VAL A 35 3.11 9.54 5.90
CA VAL A 35 2.47 8.25 5.68
C VAL A 35 3.14 7.22 6.61
N MET A 36 4.44 7.44 6.88
CA MET A 36 5.27 6.57 7.74
C MET A 36 4.94 6.74 9.24
N ARG A 37 4.42 7.91 9.62
CA ARG A 37 4.06 8.20 11.02
C ARG A 37 2.74 7.53 11.41
N SER A 38 1.90 7.24 10.42
CA SER A 38 0.60 6.58 10.63
C SER A 38 0.79 5.05 10.69
N LEU A 39 1.98 4.61 10.32
CA LEU A 39 2.35 3.19 10.31
C LEU A 39 2.90 2.75 11.68
N GLY A 40 3.44 3.72 12.43
CA GLY A 40 3.99 3.43 13.76
C GLY A 40 5.52 3.42 13.77
N GLN A 41 6.14 4.18 12.87
CA GLN A 41 7.60 4.24 12.78
C GLN A 41 8.08 5.69 12.89
N ASN A 42 9.32 5.85 13.38
CA ASN A 42 9.94 7.17 13.55
C ASN A 42 10.77 7.53 12.30
N PRO A 43 10.31 8.51 11.44
CA PRO A 43 11.03 8.91 10.24
C PRO A 43 12.20 9.86 10.50
N THR A 44 13.34 9.57 9.86
CA THR A 44 14.55 10.38 10.00
C THR A 44 14.89 11.04 8.66
N GLU A 45 15.65 12.14 8.71
CA GLU A 45 16.04 12.86 7.49
C GLU A 45 17.02 12.07 6.63
N ALA A 46 17.77 11.14 7.25
CA ALA A 46 18.75 10.31 6.56
C ALA A 46 18.05 9.24 5.74
N GLU A 47 16.97 8.73 6.33
CA GLU A 47 16.15 7.66 5.75
C GLU A 47 15.23 8.14 4.62
N LEU A 48 14.58 9.29 4.88
CA LEU A 48 13.64 9.93 3.95
C LEU A 48 14.24 10.15 2.55
N GLN A 49 15.43 10.78 2.52
CA GLN A 49 16.15 11.06 1.26
C GLN A 49 16.78 9.79 0.68
N ASP A 50 17.05 8.83 1.55
CA ASP A 50 17.64 7.54 1.16
C ASP A 50 16.63 6.67 0.38
N MET A 51 15.38 6.67 0.86
CA MET A 51 14.28 5.90 0.23
C MET A 51 13.89 6.50 -1.13
N ILE A 52 13.88 7.84 -1.19
CA ILE A 52 13.53 8.57 -2.41
C ILE A 52 14.55 8.34 -3.53
N ASN A 53 15.84 8.50 -3.22
CA ASN A 53 16.93 8.35 -4.20
C ASN A 53 16.98 6.94 -4.84
N GLU A 54 16.13 6.04 -4.33
CA GLU A 54 16.03 4.68 -4.83
C GLU A 54 15.17 4.64 -6.10
N VAL A 55 14.06 5.40 -6.07
CA VAL A 55 13.14 5.48 -7.20
C VAL A 55 13.19 6.86 -7.87
N ASP A 56 13.49 7.92 -7.10
CA ASP A 56 13.61 9.29 -7.61
C ASP A 56 14.39 9.37 -8.95
N ALA A 57 13.66 9.71 -10.02
CA ALA A 57 14.25 9.85 -11.36
C ALA A 57 14.95 11.20 -11.54
N ASP A 58 14.38 12.24 -10.93
CA ASP A 58 14.93 13.61 -11.01
C ASP A 58 16.00 13.87 -9.95
N GLY A 59 15.82 13.31 -8.74
CA GLY A 59 16.77 13.48 -7.65
C GLY A 59 16.61 14.82 -6.92
N ASN A 60 15.40 15.06 -6.43
CA ASN A 60 15.09 16.30 -5.69
C ASN A 60 14.29 16.01 -4.40
N GLY A 61 14.07 14.72 -4.13
CA GLY A 61 13.31 14.29 -2.95
C GLY A 61 11.87 13.98 -3.26
N THR A 62 11.59 13.58 -4.51
CA THR A 62 10.25 13.25 -4.93
C THR A 62 10.26 12.05 -5.86
N ILE A 63 9.23 11.24 -5.72
CA ILE A 63 9.07 10.03 -6.51
C ILE A 63 7.98 10.27 -7.55
N ASP A 64 8.18 9.74 -8.76
CA ASP A 64 7.20 9.94 -9.83
C ASP A 64 6.45 8.65 -10.14
N PHE A 65 5.40 8.77 -10.96
CA PHE A 65 4.53 7.64 -11.34
C PHE A 65 5.23 6.60 -12.27
N PRO A 66 6.07 7.01 -13.28
CA PRO A 66 6.73 6.03 -14.20
C PRO A 66 7.57 4.98 -13.47
N GLU A 67 8.47 5.43 -12.58
CA GLU A 67 9.34 4.51 -11.83
C GLU A 67 8.66 3.89 -10.60
N PHE A 68 7.39 4.26 -10.34
CA PHE A 68 6.64 3.73 -9.19
C PHE A 68 6.50 2.21 -9.29
N LEU A 69 5.84 1.75 -10.35
CA LEU A 69 5.62 0.34 -10.59
C LEU A 69 6.92 -0.36 -11.06
N THR A 70 7.97 0.45 -11.23
CA THR A 70 9.28 0.00 -11.66
C THR A 70 10.04 -0.76 -10.55
N MET A 71 10.06 -0.16 -9.35
CA MET A 71 10.75 -0.75 -8.19
C MET A 71 10.00 -1.94 -7.58
N MET A 72 8.66 -1.85 -7.52
CA MET A 72 7.81 -2.90 -6.94
C MET A 72 7.77 -4.17 -7.80
N ALA A 73 7.66 -4.00 -9.11
CA ALA A 73 7.59 -5.12 -10.07
C ALA A 73 8.94 -5.85 -10.23
N ARG A 74 10.02 -5.29 -9.64
CA ARG A 74 11.35 -5.89 -9.74
C ARG A 74 11.50 -7.14 -8.87
N LYS A 75 11.56 -6.93 -7.54
CA LYS A 75 11.71 -8.04 -6.58
C LYS A 75 10.41 -8.81 -6.32
N MET A 76 9.34 -8.43 -7.03
CA MET A 76 8.05 -9.10 -6.90
C MET A 76 8.04 -10.44 -7.68
N LYS A 77 9.18 -10.75 -8.33
CA LYS A 77 9.30 -11.97 -9.14
C LYS A 77 10.24 -13.01 -8.49
N ASP A 78 10.53 -12.85 -7.18
CA ASP A 78 11.43 -13.78 -6.48
C ASP A 78 10.67 -14.86 -5.73
N THR A 79 9.34 -14.76 -5.78
CA THR A 79 8.40 -15.72 -5.13
C THR A 79 8.55 -15.75 -3.61
N ASP A 80 9.53 -15.02 -3.09
CA ASP A 80 9.76 -14.91 -1.66
C ASP A 80 9.07 -13.62 -1.20
N SER A 81 8.08 -13.22 -2.02
CA SER A 81 7.30 -12.01 -1.82
C SER A 81 6.28 -12.16 -0.68
N GLU A 82 6.19 -13.38 -0.12
CA GLU A 82 5.28 -13.68 0.99
C GLU A 82 5.75 -13.02 2.29
N GLU A 83 7.02 -12.62 2.31
CA GLU A 83 7.61 -11.92 3.45
C GLU A 83 7.14 -10.47 3.50
N GLU A 84 6.57 -10.01 2.36
CA GLU A 84 6.04 -8.65 2.23
C GLU A 84 4.61 -8.57 2.81
N ILE A 85 3.79 -9.61 2.54
CA ILE A 85 2.40 -9.66 3.02
C ILE A 85 2.31 -9.92 4.52
N ARG A 86 3.25 -10.69 5.08
CA ARG A 86 3.27 -10.96 6.52
C ARG A 86 3.31 -9.61 7.27
N GLU A 87 3.91 -8.63 6.59
CA GLU A 87 4.02 -7.27 7.07
C GLU A 87 2.73 -6.48 6.91
N ALA A 88 2.02 -6.73 5.80
CA ALA A 88 0.75 -6.06 5.52
C ALA A 88 -0.36 -6.59 6.43
N PHE A 89 -0.11 -7.77 7.03
CA PHE A 89 -1.06 -8.42 7.94
C PHE A 89 -1.17 -7.71 9.28
N ARG A 90 -0.05 -7.21 9.80
CA ARG A 90 -0.05 -6.50 11.06
C ARG A 90 -0.67 -5.10 10.93
N VAL A 91 -0.58 -4.54 9.72
CA VAL A 91 -1.14 -3.21 9.40
C VAL A 91 -2.67 -3.30 9.24
N PHE A 92 -3.14 -4.42 8.67
CA PHE A 92 -4.58 -4.65 8.46
C PHE A 92 -5.22 -5.27 9.69
N ASP A 93 -4.72 -6.45 10.05
CA ASP A 93 -5.18 -7.17 11.22
C ASP A 93 -4.23 -6.89 12.41
N LYS A 94 -4.56 -5.84 13.18
CA LYS A 94 -3.74 -5.37 14.30
C LYS A 94 -3.67 -6.35 15.49
N ASP A 95 -4.82 -6.92 15.88
CA ASP A 95 -4.87 -7.83 17.03
C ASP A 95 -4.80 -9.30 16.63
N GLY A 96 -4.58 -9.53 15.34
CA GLY A 96 -4.48 -10.86 14.76
C GLY A 96 -5.55 -11.83 15.20
N ASN A 97 -6.79 -11.53 14.86
CA ASN A 97 -7.90 -12.42 15.17
C ASN A 97 -7.89 -13.56 14.15
N GLY A 98 -6.74 -13.70 13.45
CA GLY A 98 -6.58 -14.72 12.42
C GLY A 98 -7.16 -14.28 11.08
N TYR A 99 -8.06 -13.29 11.12
CA TYR A 99 -8.71 -12.74 9.93
C TYR A 99 -8.65 -11.21 9.94
N ILE A 100 -9.07 -10.57 8.83
CA ILE A 100 -9.04 -9.11 8.74
C ILE A 100 -10.43 -8.49 8.95
N SER A 101 -10.66 -7.97 10.16
CA SER A 101 -11.93 -7.36 10.54
C SER A 101 -12.06 -5.92 10.04
N ALA A 102 -13.30 -5.51 9.77
CA ALA A 102 -13.62 -4.16 9.28
C ALA A 102 -13.39 -3.07 10.33
N ALA A 103 -13.58 -3.44 11.62
CA ALA A 103 -13.42 -2.51 12.74
C ALA A 103 -11.98 -1.97 12.83
N GLU A 104 -11.00 -2.83 12.50
CA GLU A 104 -9.59 -2.47 12.53
C GLU A 104 -9.21 -1.63 11.30
N LEU A 105 -9.88 -1.88 10.18
CA LEU A 105 -9.67 -1.15 8.92
C LEU A 105 -10.04 0.31 9.07
N ARG A 106 -11.10 0.57 9.87
CA ARG A 106 -11.58 1.92 10.13
C ARG A 106 -10.49 2.75 10.81
N HIS A 107 -9.90 2.17 11.86
CA HIS A 107 -8.81 2.80 12.64
C HIS A 107 -7.65 3.27 11.75
N VAL A 108 -7.38 2.52 10.69
CA VAL A 108 -6.31 2.84 9.74
C VAL A 108 -6.72 4.04 8.88
N MET A 109 -8.01 4.11 8.64
CA MET A 109 -8.64 5.17 7.86
C MET A 109 -8.76 6.46 8.70
N THR A 110 -9.16 6.27 9.96
CA THR A 110 -9.35 7.37 10.92
C THR A 110 -8.01 7.91 11.45
N ASN A 111 -6.97 7.06 11.48
CA ASN A 111 -5.65 7.46 11.96
C ASN A 111 -4.91 8.33 10.95
N LEU A 112 -5.33 8.24 9.68
CA LEU A 112 -4.77 9.00 8.60
C LEU A 112 -5.31 10.43 8.54
N GLY A 113 -6.29 10.72 9.42
CA GLY A 113 -6.91 12.04 9.47
C GLY A 113 -8.08 12.19 8.51
N GLU A 114 -8.86 11.11 8.35
CA GLU A 114 -10.02 11.10 7.45
C GLU A 114 -11.23 10.44 8.13
N LYS A 115 -12.42 10.86 7.71
CA LYS A 115 -13.67 10.32 8.25
C LYS A 115 -14.60 9.84 7.14
N LEU A 116 -14.74 8.52 7.03
CA LEU A 116 -15.59 7.90 6.01
C LEU A 116 -16.69 7.05 6.65
N THR A 117 -17.77 6.81 5.89
CA THR A 117 -18.91 6.02 6.36
C THR A 117 -18.65 4.50 6.24
N ASP A 118 -19.41 3.72 7.01
CA ASP A 118 -19.29 2.25 7.03
C ASP A 118 -19.82 1.60 5.73
N GLU A 119 -20.78 2.28 5.09
CA GLU A 119 -21.39 1.81 3.84
C GLU A 119 -20.37 1.58 2.72
N GLU A 120 -19.32 2.41 2.70
CA GLU A 120 -18.25 2.32 1.70
C GLU A 120 -17.30 1.17 2.01
N VAL A 121 -17.15 0.90 3.31
CA VAL A 121 -16.30 -0.17 3.82
C VAL A 121 -16.79 -1.55 3.35
N ASP A 122 -18.11 -1.76 3.39
CA ASP A 122 -18.74 -3.01 2.95
C ASP A 122 -18.37 -3.36 1.50
N GLU A 123 -18.14 -2.31 0.70
CA GLU A 123 -17.75 -2.42 -0.71
C GLU A 123 -16.34 -3.04 -0.87
N MET A 124 -15.48 -2.80 0.14
CA MET A 124 -14.09 -3.29 0.10
C MET A 124 -14.03 -4.79 0.38
N ILE A 125 -14.99 -5.22 1.19
CA ILE A 125 -15.14 -6.60 1.63
C ILE A 125 -15.71 -7.51 0.55
N ARG A 126 -16.57 -6.97 -0.29
CA ARG A 126 -17.15 -7.73 -1.37
C ARG A 126 -16.09 -7.98 -2.45
N GLU A 127 -15.06 -7.14 -2.36
CA GLU A 127 -13.91 -7.16 -3.26
C GLU A 127 -12.86 -8.15 -2.76
N ALA A 128 -12.83 -8.33 -1.43
CA ALA A 128 -11.87 -9.22 -0.79
C ALA A 128 -12.52 -10.49 -0.25
N ASP A 129 -13.72 -10.36 0.34
CA ASP A 129 -14.41 -11.53 0.91
C ASP A 129 -15.20 -12.28 -0.16
N ILE A 130 -14.76 -13.52 -0.39
CA ILE A 130 -15.32 -14.44 -1.39
C ILE A 130 -16.62 -15.06 -0.89
N ASP A 131 -16.63 -15.42 0.39
CA ASP A 131 -17.80 -15.99 1.03
C ASP A 131 -18.51 -14.90 1.84
N GLY A 132 -17.91 -13.70 1.78
CA GLY A 132 -18.45 -12.52 2.44
C GLY A 132 -18.66 -12.69 3.95
N ASP A 133 -17.59 -13.08 4.64
CA ASP A 133 -17.63 -13.29 6.10
C ASP A 133 -17.38 -11.98 6.88
N GLY A 134 -16.99 -10.92 6.16
CA GLY A 134 -16.72 -9.62 6.79
C GLY A 134 -15.29 -9.45 7.27
N GLN A 135 -14.49 -10.51 7.19
CA GLN A 135 -13.08 -10.47 7.62
C GLN A 135 -12.18 -11.01 6.51
N VAL A 136 -10.94 -10.48 6.41
CA VAL A 136 -10.04 -10.92 5.33
C VAL A 136 -8.87 -11.79 5.80
N ASN A 137 -8.68 -12.90 5.09
CA ASN A 137 -7.60 -13.85 5.38
C ASN A 137 -6.41 -13.64 4.43
N TYR A 138 -5.30 -14.34 4.71
CA TYR A 138 -4.05 -14.29 3.92
C TYR A 138 -4.19 -14.89 2.52
N GLU A 139 -5.07 -15.89 2.42
CA GLU A 139 -5.30 -16.65 1.18
C GLU A 139 -6.12 -15.79 0.23
N GLU A 140 -7.01 -15.03 0.84
CA GLU A 140 -7.86 -14.07 0.15
C GLU A 140 -7.01 -12.86 -0.17
N PHE A 141 -6.05 -12.65 0.75
CA PHE A 141 -5.08 -11.57 0.65
C PHE A 141 -4.02 -11.81 -0.42
N VAL A 142 -3.73 -13.09 -0.67
CA VAL A 142 -2.75 -13.52 -1.67
C VAL A 142 -3.27 -13.26 -3.09
N GLN A 143 -4.55 -13.57 -3.29
CA GLN A 143 -5.24 -13.40 -4.59
C GLN A 143 -5.26 -11.93 -5.05
N MET A 144 -5.23 -11.01 -4.08
CA MET A 144 -5.26 -9.55 -4.35
C MET A 144 -4.04 -9.07 -5.13
N MET A 145 -2.93 -9.80 -5.02
CA MET A 145 -1.67 -9.46 -5.70
C MET A 145 -1.67 -9.91 -7.17
N THR A 146 -2.42 -10.98 -7.47
CA THR A 146 -2.50 -11.51 -8.84
C THR A 146 -3.81 -11.12 -9.54
N ALA A 147 -4.80 -10.63 -8.77
CA ALA A 147 -6.09 -10.22 -9.32
C ALA A 147 -6.12 -8.72 -9.60
N LYS A 148 -6.94 -8.34 -10.60
CA LYS A 148 -7.08 -6.94 -11.00
C LYS A 148 -8.55 -6.55 -11.07
N LEU B 1 -10.73 -4.27 -1.19
CA LEU B 1 -9.26 -4.16 -1.01
C LEU B 1 -8.54 -4.59 -2.29
N LYS B 2 -7.79 -3.64 -2.89
CA LYS B 2 -7.02 -3.88 -4.14
C LYS B 2 -6.01 -2.75 -4.35
N VAL B 3 -6.45 -1.51 -4.08
CA VAL B 3 -5.60 -0.32 -4.25
C VAL B 3 -4.81 -0.03 -2.97
N LEU B 4 -5.51 -0.13 -1.82
CA LEU B 4 -4.90 0.11 -0.51
C LEU B 4 -3.97 -1.05 -0.09
N VAL B 5 -4.01 -2.15 -0.84
CA VAL B 5 -3.18 -3.33 -0.57
C VAL B 5 -1.76 -3.15 -1.13
N LYS B 6 -1.65 -2.42 -2.25
CA LYS B 6 -0.36 -2.15 -2.91
C LYS B 6 0.45 -1.08 -2.17
N ALA B 7 -0.25 -0.17 -1.48
CA ALA B 7 0.37 0.94 -0.73
C ALA B 7 1.07 0.46 0.54
N VAL B 8 0.54 -0.60 1.17
CA VAL B 8 1.10 -1.18 2.40
C VAL B 8 2.39 -1.98 2.11
N LEU B 9 2.41 -2.66 0.95
CA LEU B 9 3.58 -3.46 0.53
C LEU B 9 4.77 -2.59 0.13
N PHE B 10 4.47 -1.38 -0.38
CA PHE B 10 5.50 -0.42 -0.82
C PHE B 10 6.35 0.11 0.36
N ALA B 11 5.71 0.24 1.53
CA ALA B 11 6.37 0.72 2.75
C ALA B 11 7.34 -0.32 3.34
N CYS B 12 7.03 -1.61 3.13
CA CYS B 12 7.86 -2.71 3.62
C CYS B 12 9.12 -2.93 2.77
N MET B 13 9.10 -2.43 1.53
CA MET B 13 10.23 -2.56 0.60
C MET B 13 11.22 -1.40 0.75
N LEU B 14 10.72 -0.23 1.17
CA LEU B 14 11.56 0.96 1.35
C LEU B 14 12.07 1.09 2.80
N MET B 15 11.46 0.33 3.72
CA MET B 15 11.84 0.35 5.14
C MET B 15 12.90 -0.71 5.44
N ARG B 16 12.83 -1.85 4.74
CA ARG B 16 13.79 -2.94 4.91
C ARG B 16 15.05 -2.74 4.05
N LYS B 17 15.15 -1.54 3.45
CA LYS B 17 16.29 -1.19 2.60
C LYS B 17 17.30 -0.35 3.38
N ALA A 1 -2.48 -10.14 -18.30
CA ALA A 1 -1.78 -11.42 -18.07
C ALA A 1 -0.30 -11.32 -18.48
N ASP A 2 0.57 -11.92 -17.64
CA ASP A 2 2.04 -11.93 -17.85
C ASP A 2 2.69 -10.56 -17.63
N GLN A 3 2.11 -9.52 -18.24
CA GLN A 3 2.62 -8.16 -18.11
C GLN A 3 1.56 -7.23 -17.52
N LEU A 4 2.02 -6.18 -16.83
CA LEU A 4 1.13 -5.19 -16.21
C LEU A 4 0.89 -4.01 -17.16
N THR A 5 -0.35 -3.90 -17.65
CA THR A 5 -0.73 -2.84 -18.58
C THR A 5 -1.64 -1.80 -17.91
N GLU A 6 -2.47 -1.11 -18.73
CA GLU A 6 -3.41 -0.07 -18.25
C GLU A 6 -4.38 -0.55 -17.15
N GLU A 7 -4.38 -1.87 -16.92
CA GLU A 7 -5.24 -2.50 -15.90
C GLU A 7 -4.59 -2.31 -14.54
N GLN A 8 -3.33 -2.74 -14.48
CA GLN A 8 -2.47 -2.63 -13.31
C GLN A 8 -1.97 -1.20 -13.18
N ILE A 9 -1.81 -0.55 -14.35
CA ILE A 9 -1.35 0.82 -14.43
C ILE A 9 -2.43 1.80 -13.90
N ALA A 10 -3.70 1.39 -14.01
CA ALA A 10 -4.83 2.20 -13.53
C ALA A 10 -4.92 2.20 -12.00
N GLU A 11 -4.48 1.08 -11.38
CA GLU A 11 -4.48 0.91 -9.93
C GLU A 11 -3.35 1.69 -9.24
N PHE A 12 -2.22 1.82 -9.95
CA PHE A 12 -1.02 2.52 -9.50
C PHE A 12 -1.23 4.03 -9.55
N LYS A 13 -1.83 4.49 -10.66
CA LYS A 13 -2.16 5.91 -10.84
C LYS A 13 -3.17 6.30 -9.76
N GLU A 14 -4.06 5.33 -9.48
CA GLU A 14 -5.05 5.46 -8.43
C GLU A 14 -4.38 5.31 -7.07
N ALA A 15 -3.36 4.43 -7.00
CA ALA A 15 -2.60 4.19 -5.74
C ALA A 15 -1.63 5.33 -5.42
N PHE A 16 -1.19 6.05 -6.45
CA PHE A 16 -0.23 7.16 -6.32
C PHE A 16 -0.87 8.44 -5.73
N SER A 17 -2.21 8.53 -5.76
CA SER A 17 -2.94 9.71 -5.24
C SER A 17 -2.90 9.80 -3.71
N LEU A 18 -2.73 8.66 -3.02
CA LEU A 18 -2.65 8.64 -1.55
C LEU A 18 -1.35 9.30 -1.10
N PHE A 19 -0.28 9.07 -1.88
CA PHE A 19 1.04 9.65 -1.61
C PHE A 19 1.22 11.00 -2.30
N ASP A 20 0.41 11.26 -3.36
CA ASP A 20 0.49 12.50 -4.12
C ASP A 20 -0.63 13.46 -3.69
N LYS A 21 -0.49 13.96 -2.47
CA LYS A 21 -1.45 14.89 -1.87
C LYS A 21 -1.33 16.32 -2.46
N ASP A 22 -0.34 16.53 -3.34
CA ASP A 22 -0.12 17.84 -3.98
C ASP A 22 -0.70 17.89 -5.40
N GLY A 23 -0.63 16.75 -6.10
CA GLY A 23 -1.15 16.66 -7.48
C GLY A 23 -0.20 17.21 -8.54
N ASP A 24 1.11 17.07 -8.29
CA ASP A 24 2.14 17.54 -9.22
C ASP A 24 2.88 16.36 -9.87
N GLY A 25 2.66 15.16 -9.31
CA GLY A 25 3.31 13.94 -9.81
C GLY A 25 4.65 13.73 -9.19
N THR A 26 4.66 13.91 -7.88
CA THR A 26 5.84 13.78 -7.06
C THR A 26 5.47 13.32 -5.67
N ILE A 27 6.27 12.42 -5.13
CA ILE A 27 6.05 11.93 -3.77
C ILE A 27 7.37 12.06 -3.08
N THR A 28 7.57 13.25 -2.56
CA THR A 28 8.82 13.63 -1.97
C THR A 28 9.07 12.99 -0.62
N THR A 29 10.14 13.44 -0.03
CA THR A 29 10.60 12.95 1.23
C THR A 29 9.62 13.21 2.38
N LYS A 30 9.06 14.42 2.42
CA LYS A 30 8.12 14.83 3.48
C LYS A 30 6.73 14.19 3.32
N GLU A 31 6.35 13.89 2.07
CA GLU A 31 5.06 13.25 1.77
C GLU A 31 5.07 11.76 2.09
N LEU A 32 6.26 11.14 1.96
CA LEU A 32 6.45 9.70 2.24
C LEU A 32 6.43 9.43 3.75
N GLY A 33 7.09 10.31 4.52
CA GLY A 33 7.12 10.16 5.97
C GLY A 33 5.78 10.49 6.61
N THR A 34 4.95 11.29 5.91
CA THR A 34 3.60 11.61 6.39
C THR A 34 2.79 10.33 6.40
N VAL A 35 3.14 9.46 5.46
CA VAL A 35 2.57 8.12 5.34
C VAL A 35 3.20 7.24 6.43
N MET A 36 4.43 7.60 6.84
CA MET A 36 5.20 6.88 7.86
C MET A 36 4.66 7.15 9.27
N ARG A 37 4.23 8.40 9.50
CA ARG A 37 3.69 8.83 10.80
C ARG A 37 2.26 8.32 11.03
N SER A 38 1.56 8.03 9.92
CA SER A 38 0.18 7.51 9.96
C SER A 38 0.19 5.99 10.02
N LEU A 39 1.35 5.40 9.72
CA LEU A 39 1.55 3.95 9.73
C LEU A 39 2.09 3.46 11.09
N GLY A 40 2.72 4.38 11.84
CA GLY A 40 3.27 4.06 13.14
C GLY A 40 4.79 3.91 13.15
N GLN A 41 5.45 4.45 12.12
CA GLN A 41 6.91 4.38 12.01
C GLN A 41 7.50 5.78 11.85
N ASN A 42 8.48 6.09 12.71
CA ASN A 42 9.16 7.39 12.68
C ASN A 42 10.63 7.23 12.24
N PRO A 43 10.93 7.29 10.91
CA PRO A 43 12.30 7.16 10.39
C PRO A 43 13.14 8.43 10.58
N THR A 44 14.43 8.36 10.19
CA THR A 44 15.34 9.50 10.33
C THR A 44 15.39 10.31 9.03
N GLU A 45 16.03 11.50 9.09
CA GLU A 45 16.15 12.38 7.91
C GLU A 45 16.93 11.72 6.78
N ALA A 46 17.99 10.99 7.15
CA ALA A 46 18.82 10.25 6.18
C ALA A 46 18.06 9.04 5.62
N GLU A 47 17.06 8.60 6.40
CA GLU A 47 16.19 7.47 6.04
C GLU A 47 15.15 7.86 4.99
N LEU A 48 14.77 9.14 4.98
CA LEU A 48 13.78 9.69 4.03
C LEU A 48 14.40 9.85 2.63
N GLN A 49 15.61 10.44 2.59
CA GLN A 49 16.34 10.64 1.34
C GLN A 49 16.93 9.33 0.79
N ASP A 50 17.00 8.32 1.68
CA ASP A 50 17.52 7.00 1.33
C ASP A 50 16.52 6.25 0.42
N MET A 51 15.23 6.35 0.78
CA MET A 51 14.14 5.72 0.02
C MET A 51 13.90 6.42 -1.33
N ILE A 52 14.03 7.76 -1.30
CA ILE A 52 13.86 8.59 -2.50
C ILE A 52 14.93 8.33 -3.56
N ASN A 53 16.21 8.41 -3.15
CA ASN A 53 17.36 8.22 -4.06
C ASN A 53 17.39 6.85 -4.74
N GLU A 54 16.47 5.96 -4.34
CA GLU A 54 16.36 4.63 -4.90
C GLU A 54 15.60 4.67 -6.24
N VAL A 55 14.52 5.46 -6.26
CA VAL A 55 13.68 5.62 -7.45
C VAL A 55 13.83 7.03 -8.06
N ASP A 56 14.14 8.04 -7.22
CA ASP A 56 14.33 9.45 -7.65
C ASP A 56 15.11 9.58 -8.99
N ALA A 57 14.37 9.73 -10.09
CA ALA A 57 14.95 9.88 -11.43
C ALA A 57 15.41 11.32 -11.73
N ASP A 58 14.80 12.30 -11.06
CA ASP A 58 15.12 13.72 -11.27
C ASP A 58 16.32 14.20 -10.45
N GLY A 59 16.53 13.61 -9.27
CA GLY A 59 17.65 13.98 -8.40
C GLY A 59 17.39 15.25 -7.58
N ASN A 60 16.13 15.42 -7.14
CA ASN A 60 15.73 16.57 -6.32
C ASN A 60 15.11 16.09 -4.99
N GLY A 61 14.79 14.80 -4.94
CA GLY A 61 14.19 14.18 -3.78
C GLY A 61 12.69 14.04 -3.89
N THR A 62 12.24 13.52 -5.03
CA THR A 62 10.84 13.33 -5.32
C THR A 62 10.70 12.17 -6.28
N ILE A 63 9.72 11.33 -6.03
CA ILE A 63 9.49 10.18 -6.88
C ILE A 63 8.27 10.43 -7.76
N ASP A 64 8.44 10.15 -9.06
CA ASP A 64 7.37 10.35 -10.04
C ASP A 64 6.59 9.07 -10.28
N PHE A 65 5.47 9.19 -11.01
CA PHE A 65 4.59 8.06 -11.32
C PHE A 65 5.20 7.00 -12.29
N PRO A 66 6.02 7.38 -13.33
CA PRO A 66 6.58 6.39 -14.27
C PRO A 66 7.46 5.32 -13.58
N GLU A 67 8.40 5.78 -12.73
CA GLU A 67 9.30 4.87 -12.03
C GLU A 67 8.68 4.24 -10.76
N PHE A 68 7.40 4.54 -10.47
CA PHE A 68 6.72 4.00 -9.29
C PHE A 68 6.60 2.48 -9.35
N LEU A 69 5.91 1.99 -10.38
CA LEU A 69 5.71 0.56 -10.59
C LEU A 69 7.00 -0.14 -11.08
N THR A 70 8.07 0.67 -11.22
CA THR A 70 9.37 0.22 -11.67
C THR A 70 10.10 -0.60 -10.59
N MET A 71 10.20 -0.03 -9.38
CA MET A 71 10.88 -0.68 -8.25
C MET A 71 10.06 -1.82 -7.63
N MET A 72 8.73 -1.67 -7.62
CA MET A 72 7.81 -2.67 -7.04
C MET A 72 7.75 -3.96 -7.87
N ALA A 73 7.63 -3.81 -9.20
CA ALA A 73 7.55 -4.95 -10.13
C ALA A 73 8.87 -5.71 -10.27
N ARG A 74 9.96 -5.16 -9.70
CA ARG A 74 11.29 -5.76 -9.78
C ARG A 74 11.42 -6.97 -8.84
N LYS A 75 11.49 -6.72 -7.53
CA LYS A 75 11.63 -7.78 -6.52
C LYS A 75 10.32 -8.52 -6.23
N MET A 76 9.27 -8.18 -6.97
CA MET A 76 7.97 -8.84 -6.81
C MET A 76 7.97 -10.22 -7.49
N LYS A 77 9.10 -10.56 -8.16
CA LYS A 77 9.24 -11.83 -8.87
C LYS A 77 10.24 -12.78 -8.18
N ASP A 78 10.44 -12.62 -6.86
CA ASP A 78 11.39 -13.46 -6.13
C ASP A 78 10.70 -14.62 -5.40
N THR A 79 9.37 -14.63 -5.50
CA THR A 79 8.48 -15.65 -4.88
C THR A 79 8.60 -15.70 -3.35
N ASP A 80 9.51 -14.90 -2.80
CA ASP A 80 9.68 -14.78 -1.36
C ASP A 80 8.92 -13.55 -0.92
N SER A 81 7.92 -13.20 -1.76
CA SER A 81 7.07 -12.04 -1.57
C SER A 81 6.07 -12.20 -0.41
N GLU A 82 6.10 -13.36 0.24
CA GLU A 82 5.24 -13.67 1.38
C GLU A 82 5.65 -12.87 2.63
N GLU A 83 6.91 -12.43 2.64
CA GLU A 83 7.47 -11.64 3.73
C GLU A 83 6.97 -10.18 3.65
N GLU A 84 6.56 -9.77 2.45
CA GLU A 84 6.02 -8.43 2.20
C GLU A 84 4.54 -8.33 2.59
N ILE A 85 3.77 -9.40 2.28
CA ILE A 85 2.33 -9.44 2.57
C ILE A 85 2.04 -9.63 4.06
N ARG A 86 2.92 -10.37 4.76
CA ARG A 86 2.75 -10.55 6.21
C ARG A 86 2.77 -9.17 6.89
N GLU A 87 3.44 -8.24 6.20
CA GLU A 87 3.54 -6.85 6.61
C GLU A 87 2.25 -6.07 6.34
N ALA A 88 1.57 -6.42 5.24
CA ALA A 88 0.31 -5.78 4.86
C ALA A 88 -0.83 -6.24 5.75
N PHE A 89 -0.80 -7.53 6.13
CA PHE A 89 -1.82 -8.16 6.98
C PHE A 89 -1.77 -7.69 8.43
N ARG A 90 -0.57 -7.37 8.92
CA ARG A 90 -0.39 -6.92 10.29
C ARG A 90 -0.90 -5.49 10.51
N VAL A 91 -0.90 -4.69 9.41
CA VAL A 91 -1.40 -3.31 9.44
C VAL A 91 -2.94 -3.28 9.45
N PHE A 92 -3.56 -4.26 8.75
CA PHE A 92 -5.01 -4.37 8.67
C PHE A 92 -5.57 -5.16 9.85
N ASP A 93 -5.08 -6.39 9.99
CA ASP A 93 -5.49 -7.27 11.08
C ASP A 93 -4.45 -7.18 12.21
N LYS A 94 -4.67 -6.22 13.11
CA LYS A 94 -3.76 -5.96 14.24
C LYS A 94 -3.69 -7.08 15.28
N ASP A 95 -4.84 -7.65 15.64
CA ASP A 95 -4.90 -8.72 16.65
C ASP A 95 -4.73 -10.12 16.05
N GLY A 96 -4.56 -10.14 14.74
CA GLY A 96 -4.38 -11.37 13.96
C GLY A 96 -5.34 -12.48 14.28
N ASN A 97 -6.63 -12.21 14.19
CA ASN A 97 -7.64 -13.24 14.41
C ASN A 97 -7.68 -14.16 13.19
N GLY A 98 -6.60 -14.06 12.37
CA GLY A 98 -6.49 -14.84 11.14
C GLY A 98 -7.28 -14.25 9.98
N TYR A 99 -8.18 -13.30 10.30
CA TYR A 99 -9.02 -12.63 9.31
C TYR A 99 -9.02 -11.11 9.54
N ILE A 100 -9.46 -10.34 8.53
CA ILE A 100 -9.47 -8.87 8.64
C ILE A 100 -10.82 -8.34 9.14
N SER A 101 -10.82 -7.85 10.38
CA SER A 101 -12.03 -7.32 11.02
C SER A 101 -12.33 -5.89 10.59
N ALA A 102 -13.62 -5.54 10.62
CA ALA A 102 -14.12 -4.21 10.24
C ALA A 102 -13.70 -3.12 11.24
N ALA A 103 -13.57 -3.51 12.52
CA ALA A 103 -13.21 -2.58 13.60
C ALA A 103 -11.78 -2.04 13.45
N GLU A 104 -10.86 -2.89 12.97
CA GLU A 104 -9.46 -2.51 12.78
C GLU A 104 -9.27 -1.67 11.51
N LEU A 105 -10.07 -1.97 10.46
CA LEU A 105 -10.03 -1.23 9.19
C LEU A 105 -10.37 0.24 9.38
N ARG A 106 -11.28 0.51 10.34
CA ARG A 106 -11.71 1.87 10.65
C ARG A 106 -10.53 2.69 11.17
N HIS A 107 -9.80 2.12 12.15
CA HIS A 107 -8.62 2.75 12.76
C HIS A 107 -7.57 3.17 11.73
N VAL A 108 -7.45 2.39 10.66
CA VAL A 108 -6.50 2.67 9.58
C VAL A 108 -6.94 3.89 8.77
N MET A 109 -8.24 4.00 8.68
CA MET A 109 -8.93 5.10 7.98
C MET A 109 -8.92 6.37 8.82
N THR A 110 -9.16 6.19 10.13
CA THR A 110 -9.20 7.28 11.11
C THR A 110 -7.80 7.79 11.47
N ASN A 111 -6.79 6.92 11.35
CA ASN A 111 -5.40 7.28 11.66
C ASN A 111 -4.78 8.15 10.57
N LEU A 112 -5.35 8.07 9.36
CA LEU A 112 -4.91 8.83 8.22
C LEU A 112 -5.51 10.25 8.22
N GLY A 113 -6.38 10.52 9.20
CA GLY A 113 -7.02 11.82 9.32
C GLY A 113 -8.29 11.94 8.48
N GLU A 114 -9.01 10.82 8.34
CA GLU A 114 -10.25 10.78 7.55
C GLU A 114 -11.35 10.02 8.30
N LYS A 115 -12.60 10.35 7.98
CA LYS A 115 -13.76 9.70 8.61
C LYS A 115 -14.69 9.11 7.56
N LEU A 116 -14.82 7.78 7.59
CA LEU A 116 -15.67 7.05 6.65
C LEU A 116 -16.77 6.27 7.39
N THR A 117 -17.84 5.95 6.67
CA THR A 117 -18.98 5.20 7.22
C THR A 117 -18.78 3.68 7.09
N ASP A 118 -19.63 2.91 7.78
CA ASP A 118 -19.58 1.43 7.76
C ASP A 118 -20.02 0.85 6.41
N GLU A 119 -20.86 1.60 5.69
CA GLU A 119 -21.38 1.19 4.38
C GLU A 119 -20.26 0.96 3.34
N GLU A 120 -19.18 1.73 3.48
CA GLU A 120 -18.01 1.62 2.58
C GLU A 120 -17.17 0.41 2.90
N VAL A 121 -17.16 0.04 4.17
CA VAL A 121 -16.43 -1.11 4.70
C VAL A 121 -17.01 -2.43 4.17
N ASP A 122 -18.33 -2.43 3.95
CA ASP A 122 -19.05 -3.60 3.41
C ASP A 122 -18.60 -3.90 1.98
N GLU A 123 -18.21 -2.84 1.26
CA GLU A 123 -17.72 -2.91 -0.11
C GLU A 123 -16.38 -3.63 -0.23
N MET A 124 -15.56 -3.55 0.84
CA MET A 124 -14.23 -4.16 0.86
C MET A 124 -14.36 -5.66 1.04
N ILE A 125 -15.43 -6.02 1.75
CA ILE A 125 -15.75 -7.40 2.06
C ILE A 125 -16.28 -8.16 0.86
N ARG A 126 -17.23 -7.57 0.17
CA ARG A 126 -17.82 -8.18 -1.02
C ARG A 126 -16.78 -8.23 -2.15
N GLU A 127 -15.73 -7.42 -1.98
CA GLU A 127 -14.65 -7.30 -2.95
C GLU A 127 -13.55 -8.34 -2.74
N ALA A 128 -13.42 -8.83 -1.50
CA ALA A 128 -12.38 -9.80 -1.16
C ALA A 128 -12.91 -11.05 -0.43
N ASP A 129 -14.15 -11.02 0.06
CA ASP A 129 -14.71 -12.18 0.78
C ASP A 129 -15.42 -13.13 -0.19
N ILE A 130 -14.85 -14.33 -0.28
CA ILE A 130 -15.33 -15.41 -1.16
C ILE A 130 -16.56 -16.10 -0.59
N ASP A 131 -16.52 -16.32 0.72
CA ASP A 131 -17.62 -16.93 1.44
C ASP A 131 -18.42 -15.85 2.15
N GLY A 132 -17.96 -14.59 1.98
CA GLY A 132 -18.61 -13.43 2.55
C GLY A 132 -18.82 -13.50 4.06
N ASP A 133 -17.71 -13.71 4.78
CA ASP A 133 -17.73 -13.82 6.24
C ASP A 133 -17.63 -12.44 6.92
N GLY A 134 -17.37 -11.38 6.13
CA GLY A 134 -17.26 -10.03 6.68
C GLY A 134 -15.85 -9.64 7.09
N GLN A 135 -14.91 -10.58 6.99
CA GLN A 135 -13.52 -10.33 7.37
C GLN A 135 -12.58 -10.77 6.25
N VAL A 136 -11.40 -10.12 6.15
CA VAL A 136 -10.45 -10.47 5.06
C VAL A 136 -9.24 -11.28 5.53
N ASN A 137 -9.03 -12.41 4.85
CA ASN A 137 -7.92 -13.31 5.16
C ASN A 137 -6.71 -13.07 4.25
N TYR A 138 -5.57 -13.56 4.71
CA TYR A 138 -4.26 -13.44 4.04
C TYR A 138 -4.15 -14.21 2.72
N GLU A 139 -4.88 -15.31 2.63
CA GLU A 139 -4.86 -16.23 1.47
C GLU A 139 -5.59 -15.59 0.30
N GLU A 140 -6.70 -14.94 0.64
CA GLU A 140 -7.50 -14.21 -0.32
C GLU A 140 -6.80 -12.90 -0.60
N PHE A 141 -6.14 -12.42 0.45
CA PHE A 141 -5.37 -11.19 0.44
C PHE A 141 -4.19 -11.26 -0.56
N VAL A 142 -3.57 -12.43 -0.60
CA VAL A 142 -2.44 -12.72 -1.49
C VAL A 142 -2.86 -12.65 -2.97
N GLN A 143 -4.03 -13.24 -3.24
CA GLN A 143 -4.63 -13.30 -4.59
C GLN A 143 -5.03 -11.91 -5.12
N MET A 144 -5.35 -10.99 -4.19
CA MET A 144 -5.76 -9.61 -4.54
C MET A 144 -4.68 -8.83 -5.31
N MET A 145 -3.41 -9.17 -5.06
CA MET A 145 -2.28 -8.50 -5.73
C MET A 145 -1.95 -9.16 -7.07
N THR A 146 -2.41 -10.41 -7.26
CA THR A 146 -2.17 -11.16 -8.48
C THR A 146 -3.33 -11.01 -9.48
N ALA A 147 -4.40 -10.32 -9.05
CA ALA A 147 -5.57 -10.10 -9.89
C ALA A 147 -5.48 -8.75 -10.62
N LYS A 148 -5.74 -8.79 -11.93
CA LYS A 148 -5.70 -7.59 -12.77
C LYS A 148 -7.10 -7.08 -13.07
N LEU B 1 -10.78 -3.81 -1.02
CA LEU B 1 -9.31 -3.75 -0.81
C LEU B 1 -8.56 -4.22 -2.06
N LYS B 2 -7.87 -3.28 -2.71
CA LYS B 2 -7.08 -3.55 -3.93
C LYS B 2 -6.13 -2.38 -4.22
N VAL B 3 -6.63 -1.15 -4.02
CA VAL B 3 -5.84 0.06 -4.25
C VAL B 3 -5.06 0.45 -2.97
N LEU B 4 -5.72 0.31 -1.82
CA LEU B 4 -5.12 0.61 -0.51
C LEU B 4 -4.15 -0.50 -0.07
N VAL B 5 -4.15 -1.62 -0.81
CA VAL B 5 -3.29 -2.77 -0.52
C VAL B 5 -1.87 -2.55 -1.09
N LYS B 6 -1.79 -1.82 -2.21
CA LYS B 6 -0.51 -1.52 -2.88
C LYS B 6 0.30 -0.46 -2.13
N ALA B 7 -0.40 0.42 -1.39
CA ALA B 7 0.22 1.50 -0.61
C ALA B 7 0.94 0.96 0.63
N VAL B 8 0.41 -0.13 1.21
CA VAL B 8 0.98 -0.75 2.42
C VAL B 8 2.24 -1.57 2.06
N LEU B 9 2.23 -2.20 0.88
CA LEU B 9 3.37 -3.01 0.40
C LEU B 9 4.56 -2.14 0.00
N PHE B 10 4.27 -0.91 -0.47
CA PHE B 10 5.30 0.05 -0.90
C PHE B 10 6.11 0.59 0.29
N ALA B 11 5.41 0.92 1.38
CA ALA B 11 6.03 1.45 2.60
C ALA B 11 6.82 0.37 3.37
N CYS B 12 6.34 -0.88 3.30
CA CYS B 12 6.98 -2.02 3.98
C CYS B 12 8.23 -2.52 3.24
N MET B 13 8.30 -2.24 1.93
CA MET B 13 9.44 -2.66 1.10
C MET B 13 10.55 -1.61 1.10
N LEU B 14 10.18 -0.34 1.34
CA LEU B 14 11.15 0.77 1.37
C LEU B 14 11.73 0.98 2.78
N MET B 15 11.14 0.31 3.78
CA MET B 15 11.60 0.41 5.17
C MET B 15 12.61 -0.67 5.51
N ARG B 16 12.42 -1.87 4.94
CA ARG B 16 13.31 -3.00 5.16
C ARG B 16 14.45 -3.01 4.12
N LYS B 17 14.63 -1.86 3.43
CA LYS B 17 15.65 -1.70 2.42
C LYS B 17 16.88 -0.98 3.00
N ALA A 1 0.64 -10.22 -22.53
CA ALA A 1 -0.19 -11.45 -22.46
C ALA A 1 -0.53 -11.81 -21.02
N ASP A 2 0.45 -11.68 -20.12
CA ASP A 2 0.27 -11.99 -18.70
C ASP A 2 0.03 -10.72 -17.88
N GLN A 3 0.81 -9.67 -18.17
CA GLN A 3 0.69 -8.39 -17.47
C GLN A 3 -0.02 -7.36 -18.33
N LEU A 4 -0.79 -6.49 -17.68
CA LEU A 4 -1.55 -5.44 -18.37
C LEU A 4 -0.80 -4.10 -18.31
N THR A 5 -1.16 -3.20 -19.23
CA THR A 5 -0.54 -1.88 -19.32
C THR A 5 -1.38 -0.83 -18.60
N GLU A 6 -1.94 0.08 -19.38
CA GLU A 6 -2.79 1.20 -18.89
C GLU A 6 -3.96 0.74 -17.98
N GLU A 7 -4.16 -0.59 -17.89
CA GLU A 7 -5.23 -1.18 -17.08
C GLU A 7 -4.79 -1.20 -15.62
N GLN A 8 -3.65 -1.87 -15.39
CA GLN A 8 -3.01 -1.96 -14.08
C GLN A 8 -2.30 -0.66 -13.77
N ILE A 9 -1.86 0.01 -14.85
CA ILE A 9 -1.17 1.29 -14.77
C ILE A 9 -2.11 2.40 -14.26
N ALA A 10 -3.42 2.24 -14.54
CA ALA A 10 -4.45 3.19 -14.11
C ALA A 10 -4.70 3.10 -12.60
N GLU A 11 -4.48 1.90 -12.04
CA GLU A 11 -4.65 1.65 -10.60
C GLU A 11 -3.45 2.21 -9.82
N PHE A 12 -2.34 2.35 -10.54
CA PHE A 12 -1.06 2.86 -10.05
C PHE A 12 -1.12 4.38 -9.89
N LYS A 13 -1.60 5.06 -10.95
CA LYS A 13 -1.77 6.52 -10.93
C LYS A 13 -2.82 6.86 -9.88
N GLU A 14 -3.81 5.97 -9.77
CA GLU A 14 -4.86 6.07 -8.78
C GLU A 14 -4.31 5.72 -7.40
N ALA A 15 -3.37 4.74 -7.36
CA ALA A 15 -2.73 4.33 -6.10
C ALA A 15 -1.68 5.36 -5.64
N PHE A 16 -1.23 6.20 -6.58
CA PHE A 16 -0.22 7.24 -6.32
C PHE A 16 -0.81 8.45 -5.57
N SER A 17 -2.14 8.62 -5.63
CA SER A 17 -2.82 9.76 -4.98
C SER A 17 -2.85 9.66 -3.45
N LEU A 18 -2.45 8.50 -2.91
CA LEU A 18 -2.41 8.30 -1.45
C LEU A 18 -1.21 9.06 -0.85
N PHE A 19 -0.06 8.89 -1.51
CA PHE A 19 1.18 9.56 -1.11
C PHE A 19 1.37 10.91 -1.82
N ASP A 20 0.54 11.19 -2.83
CA ASP A 20 0.63 12.44 -3.60
C ASP A 20 -0.52 13.37 -3.23
N LYS A 21 -0.40 13.95 -2.03
CA LYS A 21 -1.40 14.89 -1.50
C LYS A 21 -1.32 16.28 -2.16
N ASP A 22 -0.36 16.44 -3.09
CA ASP A 22 -0.18 17.70 -3.82
C ASP A 22 -0.87 17.68 -5.18
N GLY A 23 -0.88 16.50 -5.81
CA GLY A 23 -1.52 16.32 -7.13
C GLY A 23 -0.63 16.75 -8.29
N ASP A 24 0.69 16.68 -8.10
CA ASP A 24 1.66 17.06 -9.14
C ASP A 24 2.40 15.84 -9.68
N GLY A 25 2.33 14.73 -8.93
CA GLY A 25 3.00 13.48 -9.31
C GLY A 25 4.37 13.39 -8.72
N THR A 26 4.39 13.55 -7.40
CA THR A 26 5.59 13.52 -6.61
C THR A 26 5.30 13.01 -5.22
N ILE A 27 6.24 12.26 -4.68
CA ILE A 27 6.12 11.74 -3.33
C ILE A 27 7.39 12.19 -2.67
N THR A 28 7.25 13.33 -2.01
CA THR A 28 8.36 13.98 -1.40
C THR A 28 8.82 13.26 -0.16
N THR A 29 10.03 13.59 0.25
CA THR A 29 10.65 12.99 1.40
C THR A 29 9.85 13.23 2.69
N LYS A 30 9.25 14.42 2.78
CA LYS A 30 8.45 14.82 3.94
C LYS A 30 7.06 14.16 3.93
N GLU A 31 6.53 13.86 2.74
CA GLU A 31 5.21 13.23 2.58
C GLU A 31 5.25 11.72 2.90
N LEU A 32 6.42 11.10 2.69
CA LEU A 32 6.60 9.66 2.94
C LEU A 32 6.66 9.37 4.44
N GLY A 33 7.39 10.20 5.20
CA GLY A 33 7.48 10.02 6.64
C GLY A 33 6.19 10.37 7.35
N THR A 34 5.37 11.24 6.72
CA THR A 34 4.06 11.62 7.27
C THR A 34 3.19 10.35 7.31
N VAL A 35 3.45 9.49 6.33
CA VAL A 35 2.82 8.19 6.21
C VAL A 35 3.47 7.25 7.24
N MET A 36 4.75 7.55 7.59
CA MET A 36 5.53 6.77 8.55
C MET A 36 5.09 7.03 10.00
N ARG A 37 4.60 8.26 10.26
CA ARG A 37 4.15 8.65 11.60
C ARG A 37 2.76 8.09 11.93
N SER A 38 1.97 7.80 10.88
CA SER A 38 0.62 7.24 11.04
C SER A 38 0.66 5.70 11.03
N LEU A 39 1.82 5.15 10.64
CA LEU A 39 2.02 3.70 10.57
C LEU A 39 2.66 3.17 11.86
N GLY A 40 3.29 4.07 12.64
CA GLY A 40 3.93 3.68 13.89
C GLY A 40 5.45 3.64 13.80
N GLN A 41 6.02 4.39 12.84
CA GLN A 41 7.46 4.44 12.64
C GLN A 41 7.97 5.88 12.71
N ASN A 42 9.21 6.04 13.16
CA ASN A 42 9.84 7.36 13.27
C ASN A 42 10.72 7.65 12.02
N PRO A 43 10.27 8.56 11.11
CA PRO A 43 11.01 8.89 9.89
C PRO A 43 12.18 9.86 10.12
N THR A 44 13.31 9.58 9.46
CA THR A 44 14.49 10.43 9.55
C THR A 44 14.78 11.09 8.21
N GLU A 45 15.59 12.17 8.23
CA GLU A 45 15.94 12.91 7.00
C GLU A 45 16.84 12.10 6.08
N ALA A 46 17.85 11.43 6.67
CA ALA A 46 18.77 10.58 5.91
C ALA A 46 18.07 9.30 5.47
N GLU A 47 17.05 8.91 6.25
CA GLU A 47 16.23 7.73 5.99
C GLU A 47 15.22 7.95 4.86
N LEU A 48 14.68 9.17 4.79
CA LEU A 48 13.69 9.53 3.76
C LEU A 48 14.36 9.74 2.40
N GLN A 49 15.56 10.35 2.41
CA GLN A 49 16.34 10.60 1.19
C GLN A 49 16.98 9.31 0.67
N ASP A 50 17.18 8.34 1.57
CA ASP A 50 17.77 7.05 1.23
C ASP A 50 16.77 6.20 0.42
N MET A 51 15.50 6.19 0.87
CA MET A 51 14.42 5.43 0.23
C MET A 51 14.02 6.06 -1.11
N ILE A 52 14.04 7.40 -1.16
CA ILE A 52 13.69 8.16 -2.37
C ILE A 52 14.65 7.90 -3.53
N ASN A 53 15.95 8.00 -3.27
CA ASN A 53 17.00 7.82 -4.29
C ASN A 53 16.96 6.44 -4.98
N GLU A 54 16.09 5.56 -4.47
CA GLU A 54 15.92 4.22 -5.01
C GLU A 54 15.02 4.26 -6.26
N VAL A 55 13.94 5.04 -6.15
CA VAL A 55 12.98 5.20 -7.26
C VAL A 55 13.10 6.59 -7.89
N ASP A 56 13.50 7.60 -7.10
CA ASP A 56 13.69 8.97 -7.60
C ASP A 56 14.48 9.03 -8.92
N ALA A 57 13.81 9.49 -9.98
CA ALA A 57 14.42 9.63 -11.31
C ALA A 57 15.26 10.92 -11.41
N ASP A 58 14.82 11.96 -10.70
CA ASP A 58 15.49 13.27 -10.69
C ASP A 58 16.57 13.36 -9.60
N GLY A 59 16.29 12.78 -8.44
CA GLY A 59 17.23 12.80 -7.31
C GLY A 59 17.21 14.11 -6.53
N ASN A 60 16.02 14.48 -6.03
CA ASN A 60 15.85 15.71 -5.24
C ASN A 60 14.98 15.46 -3.99
N GLY A 61 14.59 14.20 -3.77
CA GLY A 61 13.76 13.83 -2.63
C GLY A 61 12.30 13.72 -2.98
N THR A 62 12.02 13.39 -4.25
CA THR A 62 10.66 13.24 -4.73
C THR A 62 10.56 12.07 -5.68
N ILE A 63 9.51 11.29 -5.51
CA ILE A 63 9.27 10.10 -6.32
C ILE A 63 8.17 10.39 -7.32
N ASP A 64 8.30 9.84 -8.53
CA ASP A 64 7.30 10.07 -9.56
C ASP A 64 6.52 8.78 -9.85
N PHE A 65 5.38 8.91 -10.56
CA PHE A 65 4.50 7.77 -10.90
C PHE A 65 5.10 6.77 -11.93
N PRO A 66 5.92 7.20 -12.95
CA PRO A 66 6.48 6.25 -13.95
C PRO A 66 7.37 5.16 -13.32
N GLU A 67 8.32 5.57 -12.45
CA GLU A 67 9.23 4.62 -11.80
C GLU A 67 8.61 3.93 -10.59
N PHE A 68 7.33 4.24 -10.29
CA PHE A 68 6.63 3.61 -9.16
C PHE A 68 6.36 2.14 -9.45
N LEU A 69 6.02 1.87 -10.71
CA LEU A 69 5.77 0.53 -11.22
C LEU A 69 7.08 -0.26 -11.34
N THR A 70 8.19 0.49 -11.27
CA THR A 70 9.55 -0.04 -11.39
C THR A 70 9.98 -0.83 -10.13
N MET A 71 9.66 -0.29 -8.96
CA MET A 71 10.03 -0.91 -7.68
C MET A 71 9.16 -2.15 -7.33
N MET A 72 7.87 -2.10 -7.70
CA MET A 72 6.93 -3.20 -7.41
C MET A 72 7.21 -4.45 -8.24
N ALA A 73 7.40 -4.27 -9.55
CA ALA A 73 7.66 -5.38 -10.49
C ALA A 73 9.05 -6.00 -10.31
N ARG A 74 9.93 -5.33 -9.54
CA ARG A 74 11.29 -5.80 -9.31
C ARG A 74 11.36 -6.99 -8.35
N LYS A 75 11.01 -6.76 -7.07
CA LYS A 75 11.04 -7.81 -6.05
C LYS A 75 9.87 -8.78 -6.14
N MET A 76 8.89 -8.45 -7.01
CA MET A 76 7.74 -9.33 -7.22
C MET A 76 8.10 -10.44 -8.24
N LYS A 77 9.39 -10.52 -8.56
CA LYS A 77 9.90 -11.49 -9.53
C LYS A 77 10.73 -12.61 -8.87
N ASP A 78 10.82 -12.61 -7.53
CA ASP A 78 11.62 -13.63 -6.83
C ASP A 78 10.75 -14.70 -6.18
N THR A 79 9.44 -14.48 -6.23
CA THR A 79 8.41 -15.38 -5.66
C THR A 79 8.53 -15.56 -4.14
N ASP A 80 9.59 -14.97 -3.57
CA ASP A 80 9.82 -15.00 -2.13
C ASP A 80 9.24 -13.69 -1.58
N SER A 81 8.28 -13.15 -2.34
CA SER A 81 7.60 -11.90 -2.04
C SER A 81 6.57 -12.04 -0.91
N GLU A 82 6.45 -13.26 -0.39
CA GLU A 82 5.53 -13.57 0.71
C GLU A 82 6.01 -12.95 2.03
N GLU A 83 7.29 -12.58 2.06
CA GLU A 83 7.90 -11.95 3.20
C GLU A 83 7.49 -10.47 3.29
N GLU A 84 6.93 -9.96 2.17
CA GLU A 84 6.43 -8.59 2.10
C GLU A 84 5.01 -8.48 2.69
N ILE A 85 4.18 -9.51 2.42
CA ILE A 85 2.79 -9.55 2.90
C ILE A 85 2.70 -9.83 4.39
N ARG A 86 3.64 -10.62 4.94
CA ARG A 86 3.67 -10.89 6.38
C ARG A 86 3.70 -9.56 7.15
N GLU A 87 4.31 -8.57 6.49
CA GLU A 87 4.41 -7.21 7.00
C GLU A 87 3.10 -6.43 6.82
N ALA A 88 2.45 -6.60 5.67
CA ALA A 88 1.18 -5.93 5.39
C ALA A 88 0.04 -6.52 6.23
N PHE A 89 0.30 -7.72 6.79
CA PHE A 89 -0.67 -8.42 7.63
C PHE A 89 -0.83 -7.77 9.00
N ARG A 90 0.28 -7.32 9.59
CA ARG A 90 0.22 -6.67 10.90
C ARG A 90 -0.38 -5.26 10.81
N VAL A 91 -0.26 -4.66 9.63
CA VAL A 91 -0.81 -3.31 9.36
C VAL A 91 -2.33 -3.38 9.16
N PHE A 92 -2.80 -4.53 8.63
CA PHE A 92 -4.23 -4.75 8.40
C PHE A 92 -4.90 -5.31 9.65
N ASP A 93 -4.46 -6.50 10.08
CA ASP A 93 -5.00 -7.14 11.29
C ASP A 93 -4.08 -6.84 12.49
N LYS A 94 -4.41 -5.76 13.20
CA LYS A 94 -3.64 -5.29 14.36
C LYS A 94 -3.70 -6.24 15.57
N ASP A 95 -4.90 -6.75 15.88
CA ASP A 95 -5.08 -7.66 17.02
C ASP A 95 -5.11 -9.12 16.59
N GLY A 96 -4.94 -9.32 15.29
CA GLY A 96 -4.95 -10.66 14.68
C GLY A 96 -6.07 -11.56 15.14
N ASN A 97 -7.29 -11.26 14.72
CA ASN A 97 -8.44 -12.09 15.04
C ASN A 97 -8.41 -13.33 14.13
N GLY A 98 -7.20 -13.63 13.61
CA GLY A 98 -7.01 -14.75 12.69
C GLY A 98 -7.11 -14.30 11.24
N TYR A 99 -7.93 -13.26 11.02
CA TYR A 99 -8.15 -12.69 9.69
C TYR A 99 -8.16 -11.15 9.80
N ILE A 100 -8.73 -10.44 8.80
CA ILE A 100 -8.76 -8.98 8.82
C ILE A 100 -10.19 -8.43 8.92
N SER A 101 -10.52 -7.91 10.11
CA SER A 101 -11.85 -7.35 10.38
C SER A 101 -12.00 -5.94 9.82
N ALA A 102 -13.26 -5.55 9.55
CA ALA A 102 -13.58 -4.23 8.98
C ALA A 102 -13.30 -3.08 9.94
N ALA A 103 -13.45 -3.34 11.26
CA ALA A 103 -13.22 -2.33 12.30
C ALA A 103 -11.76 -1.87 12.32
N GLU A 104 -10.83 -2.81 12.09
CA GLU A 104 -9.39 -2.51 12.08
C GLU A 104 -8.94 -1.85 10.78
N LEU A 105 -9.52 -2.28 9.64
CA LEU A 105 -9.18 -1.68 8.33
C LEU A 105 -9.77 -0.26 8.23
N ARG A 106 -10.92 -0.05 8.89
CA ARG A 106 -11.58 1.25 8.95
C ARG A 106 -10.70 2.28 9.65
N HIS A 107 -10.20 1.89 10.85
CA HIS A 107 -9.32 2.74 11.68
C HIS A 107 -8.09 3.25 10.93
N VAL A 108 -7.58 2.42 10.02
CA VAL A 108 -6.42 2.78 9.20
C VAL A 108 -6.74 3.91 8.25
N MET A 109 -7.96 3.85 7.76
CA MET A 109 -8.52 4.85 6.83
C MET A 109 -8.93 6.12 7.58
N THR A 110 -9.47 5.92 8.79
CA THR A 110 -9.92 7.02 9.67
C THR A 110 -8.74 7.74 10.33
N ASN A 111 -7.62 7.01 10.51
CA ASN A 111 -6.42 7.56 11.15
C ASN A 111 -5.67 8.51 10.20
N LEU A 112 -5.97 8.41 8.91
CA LEU A 112 -5.37 9.22 7.88
C LEU A 112 -6.01 10.62 7.79
N GLY A 113 -7.08 10.83 8.57
CA GLY A 113 -7.77 12.11 8.58
C GLY A 113 -8.97 12.15 7.65
N GLU A 114 -9.67 11.00 7.53
CA GLU A 114 -10.84 10.89 6.67
C GLU A 114 -11.97 10.15 7.40
N LYS A 115 -13.22 10.47 7.02
CA LYS A 115 -14.39 9.86 7.61
C LYS A 115 -15.20 9.09 6.57
N LEU A 116 -15.39 7.78 6.82
CA LEU A 116 -16.14 6.92 5.91
C LEU A 116 -17.36 6.31 6.60
N THR A 117 -18.34 5.88 5.78
CA THR A 117 -19.57 5.27 6.29
C THR A 117 -19.45 3.75 6.37
N ASP A 118 -20.39 3.11 7.09
CA ASP A 118 -20.41 1.65 7.27
C ASP A 118 -20.82 0.92 5.98
N GLU A 119 -21.69 1.55 5.19
CA GLU A 119 -22.17 0.99 3.92
C GLU A 119 -21.08 0.94 2.85
N GLU A 120 -20.17 1.92 2.88
CA GLU A 120 -19.06 2.02 1.93
C GLU A 120 -17.95 1.04 2.26
N VAL A 121 -17.81 0.77 3.57
CA VAL A 121 -16.81 -0.14 4.09
C VAL A 121 -17.15 -1.60 3.75
N ASP A 122 -18.45 -1.93 3.82
CA ASP A 122 -18.96 -3.27 3.50
C ASP A 122 -18.59 -3.67 2.07
N GLU A 123 -18.49 -2.65 1.20
CA GLU A 123 -18.13 -2.80 -0.21
C GLU A 123 -16.69 -3.29 -0.38
N MET A 124 -15.81 -2.95 0.58
CA MET A 124 -14.40 -3.33 0.52
C MET A 124 -14.22 -4.81 0.84
N ILE A 125 -15.12 -5.29 1.70
CA ILE A 125 -15.12 -6.66 2.17
C ILE A 125 -15.67 -7.63 1.14
N ARG A 126 -16.62 -7.18 0.35
CA ARG A 126 -17.20 -8.02 -0.70
C ARG A 126 -16.17 -8.23 -1.81
N GLU A 127 -15.16 -7.36 -1.78
CA GLU A 127 -14.06 -7.37 -2.73
C GLU A 127 -13.00 -8.38 -2.29
N ALA A 128 -12.76 -8.42 -0.97
CA ALA A 128 -11.78 -9.33 -0.38
C ALA A 128 -12.41 -10.58 0.21
N ASP A 129 -13.59 -10.45 0.87
CA ASP A 129 -14.26 -11.60 1.47
C ASP A 129 -15.11 -12.35 0.43
N ILE A 130 -14.69 -13.58 0.16
CA ILE A 130 -15.32 -14.48 -0.83
C ILE A 130 -16.60 -15.09 -0.30
N ASP A 131 -16.54 -15.49 0.97
CA ASP A 131 -17.66 -16.07 1.66
C ASP A 131 -18.33 -14.97 2.51
N GLY A 132 -17.73 -13.76 2.42
CA GLY A 132 -18.24 -12.60 3.13
C GLY A 132 -18.40 -12.78 4.63
N ASP A 133 -17.29 -13.15 5.28
CA ASP A 133 -17.28 -13.38 6.74
C ASP A 133 -17.01 -12.09 7.51
N GLY A 134 -16.66 -11.01 6.79
CA GLY A 134 -16.37 -9.72 7.41
C GLY A 134 -14.92 -9.55 7.83
N GLN A 135 -14.13 -10.62 7.70
CA GLN A 135 -12.70 -10.59 8.06
C GLN A 135 -11.85 -11.14 6.90
N VAL A 136 -10.66 -10.54 6.69
CA VAL A 136 -9.80 -10.97 5.57
C VAL A 136 -8.60 -11.79 6.00
N ASN A 137 -8.46 -12.96 5.37
CA ASN A 137 -7.36 -13.88 5.65
C ASN A 137 -6.19 -13.68 4.66
N TYR A 138 -5.06 -14.34 4.96
CA TYR A 138 -3.84 -14.27 4.13
C TYR A 138 -4.00 -14.92 2.75
N GLU A 139 -4.87 -15.93 2.70
CA GLU A 139 -5.14 -16.71 1.48
C GLU A 139 -5.98 -15.88 0.54
N GLU A 140 -6.88 -15.11 1.16
CA GLU A 140 -7.76 -14.19 0.46
C GLU A 140 -6.94 -12.96 0.11
N PHE A 141 -5.98 -12.69 1.00
CA PHE A 141 -5.05 -11.58 0.88
C PHE A 141 -4.04 -11.78 -0.26
N VAL A 142 -3.52 -13.00 -0.36
CA VAL A 142 -2.56 -13.40 -1.38
C VAL A 142 -3.13 -13.18 -2.79
N GLN A 143 -4.41 -13.53 -2.94
CA GLN A 143 -5.15 -13.40 -4.20
C GLN A 143 -5.24 -11.95 -4.69
N MET A 144 -5.20 -10.98 -3.76
CA MET A 144 -5.30 -9.55 -4.08
C MET A 144 -4.09 -9.03 -4.88
N MET A 145 -2.93 -9.65 -4.69
CA MET A 145 -1.70 -9.25 -5.38
C MET A 145 -1.56 -9.92 -6.76
N THR A 146 -2.35 -10.98 -6.99
CA THR A 146 -2.31 -11.72 -8.26
C THR A 146 -3.63 -11.58 -9.06
N ALA A 147 -4.62 -10.89 -8.47
CA ALA A 147 -5.92 -10.71 -9.12
C ALA A 147 -5.96 -9.40 -9.91
N LYS A 148 -6.73 -9.39 -11.00
CA LYS A 148 -6.87 -8.23 -11.86
C LYS A 148 -8.35 -7.95 -12.15
N LEU B 1 -11.14 -3.92 -0.48
CA LEU B 1 -9.68 -3.73 -0.42
C LEU B 1 -8.99 -4.33 -1.64
N LYS B 2 -8.23 -3.50 -2.37
CA LYS B 2 -7.50 -3.92 -3.57
C LYS B 2 -6.50 -2.84 -3.99
N VAL B 3 -6.92 -1.56 -3.89
CA VAL B 3 -6.08 -0.41 -4.24
C VAL B 3 -5.22 0.00 -3.03
N LEU B 4 -5.82 -0.09 -1.83
CA LEU B 4 -5.15 0.24 -0.58
C LEU B 4 -4.19 -0.88 -0.14
N VAL B 5 -4.26 -2.02 -0.83
CA VAL B 5 -3.41 -3.19 -0.55
C VAL B 5 -2.01 -3.00 -1.17
N LYS B 6 -1.95 -2.25 -2.29
CA LYS B 6 -0.68 -1.98 -2.99
C LYS B 6 0.17 -0.93 -2.25
N ALA B 7 -0.51 0.00 -1.56
CA ALA B 7 0.14 1.08 -0.79
C ALA B 7 0.83 0.57 0.47
N VAL B 8 0.26 -0.48 1.09
CA VAL B 8 0.80 -1.08 2.33
C VAL B 8 2.05 -1.93 2.03
N LEU B 9 2.03 -2.63 0.90
CA LEU B 9 3.15 -3.48 0.47
C LEU B 9 4.33 -2.62 0.00
N PHE B 10 4.02 -1.45 -0.55
CA PHE B 10 5.01 -0.49 -1.05
C PHE B 10 5.77 0.20 0.11
N ALA B 11 5.06 0.42 1.23
CA ALA B 11 5.65 1.06 2.42
C ALA B 11 6.65 0.13 3.14
N CYS B 12 6.34 -1.18 3.14
CA CYS B 12 7.18 -2.19 3.78
C CYS B 12 8.44 -2.52 2.96
N MET B 13 8.43 -2.15 1.68
CA MET B 13 9.55 -2.40 0.76
C MET B 13 10.63 -1.31 0.87
N LEU B 14 10.25 -0.15 1.41
CA LEU B 14 11.16 0.98 1.57
C LEU B 14 11.84 0.97 2.95
N MET B 15 11.22 0.27 3.91
CA MET B 15 11.75 0.18 5.28
C MET B 15 12.81 -0.93 5.42
N ARG B 16 13.14 -1.57 4.29
CA ARG B 16 14.14 -2.65 4.27
C ARG B 16 15.55 -2.10 4.06
N LYS B 17 15.65 -0.80 3.72
CA LYS B 17 16.94 -0.15 3.48
C LYS B 17 17.37 0.65 4.71
#